data_2XSM
#
_entry.id   2XSM
#
_cell.length_a   272.700
_cell.length_b   313.500
_cell.length_c   158.300
_cell.angle_alpha   90.00
_cell.angle_beta   90.00
_cell.angle_gamma   90.00
#
_symmetry.space_group_name_H-M   'P 21 21 2'
#
loop_
_entity.id
_entity.type
_entity.pdbx_description
1 polymer CCT
2 polymer CCT
3 polymer CCT
4 polymer CCT
5 polymer CCT
6 polymer CCT
7 polymer CCT
8 polymer CCT
9 polymer CCT
10 polymer CCT
11 polymer CCT
12 polymer CCT
13 polymer CCT
14 polymer CCT
15 polymer CCT
#
loop_
_entity_poly.entity_id
_entity_poly.type
_entity_poly.pdbx_seq_one_letter_code
_entity_poly.pdbx_strand_id
1 'polypeptide(L)'
;(UNK)(UNK)(UNK)(UNK)(UNK)(UNK)(UNK)(UNK)(UNK)(UNK)(UNK)(UNK)(UNK)(UNK)(UNK)(UNK)
(UNK)(UNK)(UNK)(UNK)(UNK)(UNK)(UNK)(UNK)(UNK)(UNK)(UNK)(UNK)(UNK)(UNK)(UNK)(UNK)
(UNK)(UNK)(UNK)(UNK)(UNK)(UNK)(UNK)(UNK)(UNK)(UNK)(UNK)(UNK)(UNK)(UNK)(UNK)(UNK)
(UNK)(UNK)(UNK)(UNK)(UNK)(UNK)(UNK)(UNK)(UNK)(UNK)(UNK)(UNK)(UNK)(UNK)(UNK)(UNK)
(UNK)(UNK)(UNK)(UNK)(UNK)(UNK)(UNK)(UNK)(UNK)(UNK)(UNK)(UNK)(UNK)(UNK)(UNK)(UNK)
(UNK)(UNK)(UNK)(UNK)(UNK)(UNK)(UNK)(UNK)(UNK)(UNK)(UNK)(UNK)(UNK)(UNK)(UNK)(UNK)
(UNK)(UNK)(UNK)(UNK)(UNK)(UNK)(UNK)(UNK)(UNK)(UNK)(UNK)(UNK)(UNK)(UNK)(UNK)(UNK)
(UNK)(UNK)(UNK)(UNK)(UNK)(UNK)(UNK)(UNK)(UNK)(UNK)(UNK)(UNK)(UNK)(UNK)(UNK)(UNK)
(UNK)(UNK)(UNK)(UNK)(UNK)(UNK)(UNK)(UNK)(UNK)(UNK)(UNK)(UNK)(UNK)(UNK)(UNK)(UNK)
(UNK)(UNK)(UNK)(UNK)(UNK)(UNK)(UNK)(UNK)(UNK)(UNK)(UNK)(UNK)(UNK)(UNK)(UNK)(UNK)
(UNK)(UNK)(UNK)(UNK)(UNK)(UNK)(UNK)(UNK)(UNK)(UNK)(UNK)(UNK)(UNK)(UNK)(UNK)(UNK)
(UNK)(UNK)(UNK)(UNK)(UNK)(UNK)(UNK)(UNK)(UNK)(UNK)(UNK)(UNK)(UNK)(UNK)(UNK)(UNK)
(UNK)(UNK)(UNK)(UNK)(UNK)(UNK)(UNK)(UNK)(UNK)(UNK)(UNK)(UNK)(UNK)(UNK)(UNK)(UNK)
(UNK)(UNK)(UNK)(UNK)(UNK)(UNK)(UNK)(UNK)(UNK)(UNK)(UNK)(UNK)(UNK)(UNK)(UNK)(UNK)
(UNK)(UNK)(UNK)(UNK)(UNK)(UNK)(UNK)(UNK)(UNK)(UNK)(UNK)(UNK)(UNK)(UNK)(UNK)(UNK)
(UNK)(UNK)(UNK)(UNK)(UNK)(UNK)(UNK)(UNK)(UNK)(UNK)(UNK)(UNK)(UNK)(UNK)(UNK)(UNK)
(UNK)(UNK)(UNK)(UNK)(UNK)(UNK)(UNK)(UNK)(UNK)(UNK)(UNK)(UNK)(UNK)(UNK)(UNK)(UNK)
(UNK)(UNK)(UNK)(UNK)(UNK)(UNK)(UNK)(UNK)(UNK)(UNK)(UNK)(UNK)(UNK)(UNK)(UNK)(UNK)
(UNK)(UNK)(UNK)(UNK)(UNK)(UNK)(UNK)(UNK)(UNK)(UNK)(UNK)(UNK)(UNK)(UNK)(UNK)(UNK)
(UNK)(UNK)(UNK)(UNK)(UNK)(UNK)(UNK)(UNK)(UNK)(UNK)(UNK)(UNK)(UNK)(UNK)(UNK)(UNK)
(UNK)(UNK)(UNK)(UNK)(UNK)(UNK)(UNK)(UNK)(UNK)(UNK)(UNK)(UNK)(UNK)(UNK)(UNK)(UNK)
(UNK)(UNK)(UNK)(UNK)(UNK)(UNK)(UNK)(UNK)(UNK)(UNK)(UNK)(UNK)(UNK)(UNK)(UNK)(UNK)
(UNK)(UNK)(UNK)(UNK)(UNK)(UNK)(UNK)(UNK)(UNK)(UNK)(UNK)(UNK)(UNK)(UNK)(UNK)(UNK)
(UNK)(UNK)(UNK)(UNK)(UNK)(UNK)(UNK)(UNK)(UNK)(UNK)(UNK)(UNK)(UNK)(UNK)(UNK)(UNK)
(UNK)(UNK)(UNK)(UNK)(UNK)(UNK)(UNK)(UNK)(UNK)(UNK)(UNK)(UNK)(UNK)(UNK)(UNK)(UNK)
(UNK)(UNK)(UNK)(UNK)(UNK)(UNK)(UNK)(UNK)(UNK)(UNK)(UNK)(UNK)(UNK)(UNK)(UNK)(UNK)
(UNK)(UNK)(UNK)(UNK)(UNK)(UNK)(UNK)(UNK)(UNK)(UNK)(UNK)(UNK)(UNK)(UNK)(UNK)(UNK)
(UNK)(UNK)(UNK)(UNK)(UNK)(UNK)(UNK)(UNK)(UNK)(UNK)(UNK)(UNK)(UNK)(UNK)(UNK)(UNK)
(UNK)(UNK)(UNK)(UNK)(UNK)(UNK)(UNK)(UNK)(UNK)(UNK)(UNK)(UNK)(UNK)(UNK)(UNK)(UNK)
(UNK)(UNK)(UNK)(UNK)(UNK)(UNK)(UNK)(UNK)(UNK)(UNK)(UNK)(UNK)(UNK)(UNK)(UNK)(UNK)
(UNK)(UNK)(UNK)(UNK)(UNK)(UNK)(UNK)(UNK)(UNK)
;
A
2 'polypeptide(L)'
;(UNK)(UNK)(UNK)(UNK)(UNK)(UNK)(UNK)(UNK)(UNK)(UNK)(UNK)(UNK)(UNK)(UNK)(UNK)(UNK)
(UNK)(UNK)(UNK)(UNK)(UNK)(UNK)(UNK)(UNK)(UNK)(UNK)(UNK)(UNK)(UNK)(UNK)(UNK)(UNK)
(UNK)(UNK)(UNK)(UNK)(UNK)(UNK)(UNK)(UNK)(UNK)(UNK)(UNK)(UNK)(UNK)(UNK)(UNK)(UNK)
(UNK)(UNK)(UNK)(UNK)(UNK)(UNK)(UNK)(UNK)(UNK)(UNK)(UNK)(UNK)(UNK)(UNK)(UNK)(UNK)
(UNK)(UNK)(UNK)(UNK)(UNK)(UNK)(UNK)(UNK)(UNK)(UNK)(UNK)(UNK)(UNK)(UNK)(UNK)(UNK)
(UNK)(UNK)(UNK)(UNK)(UNK)(UNK)(UNK)(UNK)(UNK)(UNK)(UNK)(UNK)(UNK)(UNK)(UNK)(UNK)
(UNK)(UNK)(UNK)(UNK)(UNK)(UNK)(UNK)(UNK)(UNK)(UNK)(UNK)(UNK)(UNK)(UNK)(UNK)(UNK)
(UNK)(UNK)(UNK)(UNK)(UNK)(UNK)(UNK)(UNK)(UNK)(UNK)(UNK)(UNK)(UNK)(UNK)(UNK)(UNK)
(UNK)(UNK)(UNK)(UNK)(UNK)(UNK)(UNK)(UNK)(UNK)(UNK)(UNK)(UNK)(UNK)(UNK)(UNK)(UNK)
(UNK)(UNK)(UNK)(UNK)(UNK)(UNK)(UNK)(UNK)(UNK)(UNK)(UNK)(UNK)(UNK)(UNK)(UNK)(UNK)
(UNK)(UNK)(UNK)(UNK)(UNK)(UNK)(UNK)(UNK)(UNK)(UNK)(UNK)(UNK)(UNK)(UNK)(UNK)(UNK)
(UNK)(UNK)(UNK)(UNK)(UNK)(UNK)(UNK)(UNK)(UNK)(UNK)(UNK)(UNK)(UNK)(UNK)(UNK)(UNK)
(UNK)(UNK)(UNK)(UNK)(UNK)(UNK)(UNK)(UNK)(UNK)(UNK)(UNK)(UNK)(UNK)(UNK)(UNK)(UNK)
(UNK)(UNK)(UNK)(UNK)(UNK)(UNK)(UNK)(UNK)(UNK)(UNK)(UNK)(UNK)(UNK)(UNK)(UNK)(UNK)
(UNK)(UNK)(UNK)(UNK)(UNK)(UNK)(UNK)(UNK)(UNK)(UNK)(UNK)(UNK)(UNK)(UNK)(UNK)(UNK)
(UNK)(UNK)(UNK)(UNK)(UNK)(UNK)(UNK)(UNK)(UNK)(UNK)(UNK)(UNK)(UNK)(UNK)(UNK)(UNK)
(UNK)(UNK)(UNK)(UNK)(UNK)(UNK)(UNK)(UNK)(UNK)(UNK)(UNK)(UNK)(UNK)(UNK)(UNK)(UNK)
(UNK)(UNK)(UNK)(UNK)(UNK)(UNK)(UNK)(UNK)(UNK)(UNK)(UNK)(UNK)(UNK)(UNK)(UNK)(UNK)
(UNK)(UNK)(UNK)(UNK)(UNK)(UNK)(UNK)(UNK)(UNK)(UNK)(UNK)(UNK)(UNK)(UNK)(UNK)(UNK)
(UNK)(UNK)(UNK)(UNK)(UNK)(UNK)(UNK)(UNK)(UNK)(UNK)(UNK)(UNK)(UNK)(UNK)(UNK)(UNK)
(UNK)(UNK)(UNK)(UNK)(UNK)(UNK)(UNK)(UNK)(UNK)(UNK)(UNK)(UNK)(UNK)(UNK)(UNK)(UNK)
(UNK)(UNK)(UNK)(UNK)(UNK)(UNK)(UNK)(UNK)(UNK)(UNK)(UNK)(UNK)(UNK)(UNK)(UNK)(UNK)
(UNK)(UNK)(UNK)(UNK)(UNK)(UNK)(UNK)(UNK)(UNK)(UNK)(UNK)(UNK)(UNK)(UNK)(UNK)(UNK)
(UNK)(UNK)(UNK)(UNK)(UNK)(UNK)(UNK)(UNK)(UNK)(UNK)(UNK)(UNK)(UNK)(UNK)(UNK)(UNK)
(UNK)(UNK)(UNK)(UNK)(UNK)(UNK)(UNK)(UNK)(UNK)(UNK)(UNK)(UNK)(UNK)(UNK)(UNK)(UNK)
(UNK)(UNK)(UNK)(UNK)(UNK)(UNK)(UNK)(UNK)(UNK)(UNK)(UNK)(UNK)(UNK)(UNK)(UNK)(UNK)
(UNK)(UNK)(UNK)(UNK)(UNK)(UNK)(UNK)(UNK)(UNK)(UNK)(UNK)(UNK)(UNK)(UNK)(UNK)(UNK)
(UNK)(UNK)(UNK)(UNK)(UNK)(UNK)(UNK)(UNK)(UNK)(UNK)(UNK)(UNK)(UNK)(UNK)(UNK)(UNK)
(UNK)(UNK)(UNK)(UNK)(UNK)(UNK)(UNK)(UNK)(UNK)(UNK)(UNK)(UNK)(UNK)(UNK)(UNK)(UNK)
(UNK)(UNK)(UNK)(UNK)(UNK)(UNK)(UNK)(UNK)(UNK)(UNK)(UNK)(UNK)(UNK)(UNK)
;
B
3 'polypeptide(L)'
;(UNK)(UNK)(UNK)(UNK)(UNK)(UNK)(UNK)(UNK)(UNK)(UNK)(UNK)(UNK)(UNK)(UNK)(UNK)(UNK)
(UNK)(UNK)(UNK)(UNK)(UNK)(UNK)(UNK)(UNK)(UNK)(UNK)(UNK)(UNK)(UNK)(UNK)(UNK)(UNK)
(UNK)(UNK)(UNK)(UNK)(UNK)(UNK)(UNK)(UNK)(UNK)(UNK)(UNK)(UNK)(UNK)(UNK)(UNK)(UNK)
(UNK)(UNK)(UNK)(UNK)(UNK)(UNK)(UNK)(UNK)(UNK)(UNK)(UNK)(UNK)(UNK)(UNK)(UNK)(UNK)
(UNK)(UNK)(UNK)(UNK)(UNK)(UNK)(UNK)(UNK)(UNK)(UNK)(UNK)(UNK)(UNK)(UNK)(UNK)(UNK)
(UNK)(UNK)(UNK)(UNK)(UNK)(UNK)(UNK)(UNK)(UNK)(UNK)(UNK)(UNK)(UNK)(UNK)(UNK)(UNK)
(UNK)(UNK)(UNK)(UNK)(UNK)(UNK)(UNK)(UNK)(UNK)(UNK)(UNK)(UNK)(UNK)(UNK)(UNK)(UNK)
(UNK)(UNK)(UNK)(UNK)(UNK)(UNK)(UNK)(UNK)(UNK)(UNK)(UNK)(UNK)(UNK)(UNK)(UNK)(UNK)
(UNK)(UNK)(UNK)(UNK)(UNK)(UNK)(UNK)(UNK)(UNK)(UNK)(UNK)(UNK)(UNK)(UNK)(UNK)(UNK)
(UNK)(UNK)(UNK)(UNK)(UNK)(UNK)(UNK)(UNK)(UNK)(UNK)(UNK)(UNK)(UNK)(UNK)(UNK)(UNK)
(UNK)(UNK)(UNK)(UNK)(UNK)(UNK)(UNK)(UNK)(UNK)(UNK)(UNK)(UNK)(UNK)(UNK)(UNK)(UNK)
(UNK)(UNK)(UNK)(UNK)(UNK)(UNK)(UNK)(UNK)(UNK)(UNK)(UNK)(UNK)(UNK)(UNK)(UNK)(UNK)
(UNK)(UNK)(UNK)(UNK)(UNK)(UNK)(UNK)(UNK)(UNK)(UNK)(UNK)(UNK)(UNK)(UNK)(UNK)(UNK)
(UNK)(UNK)(UNK)(UNK)(UNK)(UNK)(UNK)(UNK)(UNK)(UNK)(UNK)(UNK)(UNK)(UNK)(UNK)(UNK)
(UNK)(UNK)(UNK)(UNK)(UNK)(UNK)(UNK)(UNK)(UNK)(UNK)(UNK)(UNK)(UNK)(UNK)(UNK)(UNK)
(UNK)(UNK)(UNK)(UNK)(UNK)(UNK)(UNK)(UNK)(UNK)(UNK)(UNK)(UNK)(UNK)(UNK)(UNK)(UNK)
(UNK)(UNK)(UNK)(UNK)(UNK)(UNK)(UNK)(UNK)(UNK)(UNK)(UNK)(UNK)(UNK)(UNK)(UNK)(UNK)
(UNK)(UNK)(UNK)(UNK)(UNK)(UNK)(UNK)(UNK)(UNK)(UNK)(UNK)(UNK)(UNK)(UNK)(UNK)(UNK)
(UNK)(UNK)(UNK)(UNK)(UNK)(UNK)(UNK)(UNK)(UNK)(UNK)(UNK)(UNK)(UNK)(UNK)(UNK)(UNK)
(UNK)(UNK)(UNK)(UNK)(UNK)(UNK)(UNK)(UNK)(UNK)(UNK)(UNK)(UNK)(UNK)(UNK)(UNK)(UNK)
(UNK)(UNK)(UNK)(UNK)(UNK)(UNK)(UNK)(UNK)(UNK)(UNK)(UNK)(UNK)(UNK)(UNK)(UNK)(UNK)
(UNK)(UNK)(UNK)(UNK)(UNK)(UNK)(UNK)(UNK)(UNK)(UNK)(UNK)(UNK)(UNK)(UNK)(UNK)(UNK)
(UNK)(UNK)(UNK)(UNK)(UNK)(UNK)(UNK)(UNK)(UNK)(UNK)(UNK)(UNK)(UNK)(UNK)(UNK)(UNK)
(UNK)(UNK)(UNK)(UNK)(UNK)(UNK)(UNK)(UNK)(UNK)(UNK)(UNK)(UNK)(UNK)(UNK)(UNK)(UNK)
(UNK)(UNK)(UNK)(UNK)(UNK)(UNK)(UNK)(UNK)(UNK)(UNK)(UNK)(UNK)(UNK)(UNK)(UNK)(UNK)
(UNK)(UNK)(UNK)(UNK)(UNK)(UNK)(UNK)(UNK)(UNK)(UNK)(UNK)(UNK)(UNK)(UNK)(UNK)(UNK)
(UNK)(UNK)(UNK)(UNK)(UNK)(UNK)(UNK)(UNK)(UNK)(UNK)(UNK)(UNK)(UNK)(UNK)(UNK)(UNK)
(UNK)(UNK)(UNK)(UNK)(UNK)(UNK)(UNK)(UNK)(UNK)(UNK)(UNK)(UNK)(UNK)(UNK)(UNK)(UNK)
(UNK)(UNK)(UNK)(UNK)(UNK)(UNK)(UNK)
;
C
4 'polypeptide(L)'
;(UNK)(UNK)(UNK)(UNK)(UNK)(UNK)(UNK)(UNK)(UNK)(UNK)(UNK)(UNK)(UNK)(UNK)(UNK)(UNK)
(UNK)(UNK)(UNK)(UNK)(UNK)(UNK)(UNK)(UNK)(UNK)(UNK)(UNK)(UNK)(UNK)(UNK)(UNK)(UNK)
(UNK)(UNK)(UNK)(UNK)(UNK)(UNK)(UNK)(UNK)(UNK)(UNK)(UNK)(UNK)(UNK)(UNK)(UNK)(UNK)
(UNK)(UNK)(UNK)(UNK)(UNK)(UNK)(UNK)(UNK)(UNK)(UNK)(UNK)(UNK)(UNK)(UNK)(UNK)(UNK)
(UNK)(UNK)(UNK)(UNK)(UNK)(UNK)(UNK)(UNK)(UNK)(UNK)(UNK)(UNK)(UNK)(UNK)(UNK)(UNK)
(UNK)(UNK)(UNK)(UNK)(UNK)(UNK)(UNK)(UNK)(UNK)(UNK)(UNK)(UNK)(UNK)(UNK)(UNK)(UNK)
(UNK)(UNK)(UNK)(UNK)(UNK)(UNK)(UNK)(UNK)(UNK)(UNK)(UNK)(UNK)(UNK)(UNK)(UNK)(UNK)
(UNK)(UNK)(UNK)(UNK)(UNK)(UNK)(UNK)(UNK)(UNK)(UNK)(UNK)(UNK)(UNK)(UNK)(UNK)(UNK)
(UNK)(UNK)(UNK)(UNK)(UNK)(UNK)(UNK)(UNK)(UNK)(UNK)(UNK)(UNK)(UNK)(UNK)(UNK)(UNK)
(UNK)(UNK)(UNK)(UNK)(UNK)(UNK)(UNK)(UNK)(UNK)(UNK)(UNK)(UNK)(UNK)(UNK)(UNK)(UNK)
(UNK)(UNK)(UNK)(UNK)(UNK)(UNK)(UNK)(UNK)(UNK)(UNK)(UNK)(UNK)(UNK)(UNK)(UNK)(UNK)
(UNK)(UNK)(UNK)(UNK)(UNK)(UNK)(UNK)(UNK)(UNK)(UNK)(UNK)(UNK)(UNK)(UNK)(UNK)(UNK)
(UNK)(UNK)(UNK)(UNK)(UNK)(UNK)(UNK)(UNK)(UNK)(UNK)(UNK)(UNK)(UNK)(UNK)(UNK)(UNK)
(UNK)(UNK)(UNK)(UNK)(UNK)(UNK)(UNK)(UNK)(UNK)(UNK)(UNK)(UNK)(UNK)(UNK)(UNK)(UNK)
(UNK)(UNK)(UNK)(UNK)(UNK)(UNK)(UNK)(UNK)(UNK)(UNK)(UNK)(UNK)(UNK)(UNK)(UNK)(UNK)
(UNK)(UNK)(UNK)(UNK)(UNK)(UNK)(UNK)(UNK)(UNK)(UNK)(UNK)(UNK)(UNK)(UNK)(UNK)(UNK)
(UNK)(UNK)(UNK)(UNK)(UNK)(UNK)(UNK)(UNK)(UNK)(UNK)(UNK)(UNK)(UNK)(UNK)(UNK)(UNK)
(UNK)(UNK)(UNK)(UNK)(UNK)(UNK)(UNK)(UNK)(UNK)(UNK)(UNK)(UNK)(UNK)(UNK)(UNK)(UNK)
(UNK)(UNK)(UNK)(UNK)(UNK)(UNK)(UNK)(UNK)(UNK)(UNK)(UNK)(UNK)(UNK)(UNK)(UNK)(UNK)
(UNK)(UNK)(UNK)(UNK)(UNK)(UNK)(UNK)(UNK)(UNK)(UNK)(UNK)(UNK)(UNK)(UNK)(UNK)(UNK)
(UNK)(UNK)(UNK)(UNK)(UNK)(UNK)(UNK)(UNK)(UNK)(UNK)(UNK)(UNK)(UNK)(UNK)(UNK)(UNK)
(UNK)(UNK)(UNK)(UNK)(UNK)(UNK)(UNK)(UNK)(UNK)(UNK)(UNK)(UNK)(UNK)(UNK)(UNK)(UNK)
(UNK)(UNK)(UNK)(UNK)(UNK)(UNK)(UNK)(UNK)(UNK)(UNK)(UNK)(UNK)(UNK)(UNK)(UNK)(UNK)
(UNK)(UNK)(UNK)(UNK)(UNK)(UNK)(UNK)(UNK)(UNK)(UNK)(UNK)(UNK)(UNK)(UNK)(UNK)(UNK)
(UNK)(UNK)(UNK)(UNK)(UNK)(UNK)(UNK)(UNK)(UNK)(UNK)(UNK)(UNK)(UNK)(UNK)(UNK)(UNK)
(UNK)(UNK)(UNK)(UNK)(UNK)(UNK)(UNK)(UNK)(UNK)(UNK)(UNK)(UNK)(UNK)(UNK)(UNK)(UNK)
(UNK)(UNK)(UNK)(UNK)(UNK)(UNK)(UNK)(UNK)(UNK)(UNK)(UNK)(UNK)(UNK)(UNK)(UNK)(UNK)
(UNK)(UNK)(UNK)(UNK)(UNK)(UNK)(UNK)(UNK)(UNK)(UNK)(UNK)(UNK)(UNK)(UNK)(UNK)(UNK)
(UNK)(UNK)(UNK)(UNK)(UNK)(UNK)(UNK)(UNK)(UNK)(UNK)(UNK)(UNK)(UNK)(UNK)(UNK)(UNK)
(UNK)(UNK)(UNK)(UNK)(UNK)(UNK)(UNK)
;
D
5 'polypeptide(L)'
;(UNK)(UNK)(UNK)(UNK)(UNK)(UNK)(UNK)(UNK)(UNK)(UNK)(UNK)(UNK)(UNK)(UNK)(UNK)(UNK)
(UNK)(UNK)(UNK)(UNK)(UNK)(UNK)(UNK)(UNK)(UNK)(UNK)(UNK)(UNK)(UNK)(UNK)(UNK)(UNK)
(UNK)(UNK)(UNK)(UNK)(UNK)(UNK)(UNK)(UNK)(UNK)(UNK)(UNK)(UNK)(UNK)(UNK)(UNK)(UNK)
(UNK)(UNK)(UNK)(UNK)(UNK)(UNK)(UNK)(UNK)(UNK)(UNK)(UNK)(UNK)(UNK)(UNK)(UNK)(UNK)
(UNK)(UNK)(UNK)(UNK)(UNK)(UNK)(UNK)(UNK)(UNK)(UNK)(UNK)(UNK)(UNK)(UNK)(UNK)(UNK)
(UNK)(UNK)(UNK)(UNK)(UNK)(UNK)(UNK)(UNK)(UNK)(UNK)(UNK)(UNK)(UNK)(UNK)(UNK)(UNK)
(UNK)(UNK)(UNK)(UNK)(UNK)(UNK)(UNK)(UNK)(UNK)(UNK)(UNK)(UNK)(UNK)(UNK)(UNK)(UNK)
(UNK)(UNK)(UNK)(UNK)(UNK)(UNK)(UNK)(UNK)(UNK)(UNK)(UNK)(UNK)(UNK)(UNK)(UNK)(UNK)
(UNK)(UNK)(UNK)(UNK)(UNK)(UNK)(UNK)(UNK)(UNK)(UNK)(UNK)(UNK)(UNK)(UNK)(UNK)(UNK)
(UNK)(UNK)(UNK)(UNK)(UNK)(UNK)(UNK)(UNK)(UNK)(UNK)(UNK)(UNK)(UNK)(UNK)(UNK)(UNK)
(UNK)(UNK)(UNK)(UNK)(UNK)(UNK)(UNK)(UNK)(UNK)(UNK)(UNK)(UNK)(UNK)(UNK)(UNK)(UNK)
(UNK)(UNK)(UNK)(UNK)(UNK)(UNK)(UNK)(UNK)(UNK)(UNK)(UNK)(UNK)(UNK)(UNK)(UNK)(UNK)
(UNK)(UNK)(UNK)(UNK)(UNK)(UNK)(UNK)(UNK)(UNK)(UNK)(UNK)(UNK)(UNK)(UNK)(UNK)(UNK)
(UNK)(UNK)(UNK)(UNK)(UNK)(UNK)(UNK)(UNK)(UNK)(UNK)(UNK)(UNK)(UNK)(UNK)(UNK)(UNK)
(UNK)(UNK)(UNK)(UNK)(UNK)(UNK)(UNK)(UNK)(UNK)(UNK)(UNK)(UNK)(UNK)(UNK)(UNK)(UNK)
(UNK)(UNK)(UNK)(UNK)(UNK)(UNK)(UNK)(UNK)(UNK)(UNK)(UNK)(UNK)(UNK)(UNK)(UNK)(UNK)
(UNK)(UNK)(UNK)(UNK)(UNK)(UNK)(UNK)(UNK)(UNK)(UNK)(UNK)(UNK)(UNK)(UNK)(UNK)(UNK)
(UNK)(UNK)(UNK)(UNK)(UNK)(UNK)(UNK)(UNK)(UNK)(UNK)(UNK)(UNK)(UNK)(UNK)(UNK)(UNK)
(UNK)(UNK)(UNK)(UNK)(UNK)(UNK)(UNK)(UNK)(UNK)(UNK)(UNK)(UNK)(UNK)(UNK)(UNK)(UNK)
(UNK)(UNK)(UNK)(UNK)(UNK)(UNK)(UNK)(UNK)(UNK)(UNK)(UNK)(UNK)(UNK)(UNK)(UNK)(UNK)
(UNK)(UNK)(UNK)(UNK)(UNK)(UNK)(UNK)(UNK)(UNK)(UNK)(UNK)(UNK)(UNK)(UNK)(UNK)(UNK)
(UNK)(UNK)(UNK)(UNK)(UNK)(UNK)(UNK)(UNK)(UNK)(UNK)(UNK)(UNK)(UNK)(UNK)(UNK)(UNK)
(UNK)(UNK)(UNK)(UNK)(UNK)(UNK)(UNK)(UNK)(UNK)(UNK)(UNK)(UNK)(UNK)(UNK)(UNK)(UNK)
(UNK)(UNK)(UNK)(UNK)(UNK)(UNK)(UNK)(UNK)(UNK)(UNK)(UNK)(UNK)(UNK)(UNK)(UNK)(UNK)
(UNK)(UNK)(UNK)(UNK)(UNK)(UNK)(UNK)(UNK)(UNK)(UNK)(UNK)(UNK)(UNK)(UNK)(UNK)(UNK)
(UNK)(UNK)(UNK)(UNK)(UNK)(UNK)(UNK)(UNK)(UNK)(UNK)(UNK)(UNK)(UNK)(UNK)(UNK)(UNK)
(UNK)(UNK)(UNK)(UNK)(UNK)(UNK)(UNK)(UNK)(UNK)(UNK)(UNK)(UNK)(UNK)(UNK)(UNK)(UNK)
(UNK)(UNK)(UNK)(UNK)(UNK)(UNK)(UNK)(UNK)(UNK)(UNK)(UNK)(UNK)(UNK)(UNK)(UNK)(UNK)
(UNK)(UNK)(UNK)(UNK)(UNK)(UNK)(UNK)(UNK)(UNK)(UNK)(UNK)(UNK)(UNK)(UNK)(UNK)(UNK)
(UNK)(UNK)(UNK)(UNK)(UNK)(UNK)(UNK)(UNK)
;
E
6 'polypeptide(L)'
;(UNK)(UNK)(UNK)(UNK)(UNK)(UNK)(UNK)(UNK)(UNK)(UNK)(UNK)(UNK)(UNK)(UNK)(UNK)(UNK)
(UNK)(UNK)(UNK)(UNK)(UNK)(UNK)(UNK)(UNK)(UNK)(UNK)(UNK)(UNK)(UNK)(UNK)(UNK)(UNK)
(UNK)(UNK)(UNK)(UNK)(UNK)(UNK)(UNK)(UNK)(UNK)(UNK)(UNK)(UNK)(UNK)(UNK)(UNK)(UNK)
(UNK)(UNK)(UNK)(UNK)(UNK)(UNK)(UNK)(UNK)(UNK)(UNK)(UNK)(UNK)(UNK)(UNK)(UNK)(UNK)
(UNK)(UNK)(UNK)(UNK)(UNK)(UNK)(UNK)(UNK)(UNK)(UNK)(UNK)(UNK)(UNK)(UNK)(UNK)(UNK)
(UNK)(UNK)(UNK)(UNK)(UNK)(UNK)(UNK)(UNK)(UNK)(UNK)(UNK)(UNK)(UNK)(UNK)(UNK)(UNK)
(UNK)(UNK)(UNK)(UNK)(UNK)(UNK)(UNK)(UNK)(UNK)(UNK)(UNK)(UNK)(UNK)(UNK)(UNK)(UNK)
(UNK)(UNK)(UNK)(UNK)(UNK)(UNK)(UNK)(UNK)(UNK)(UNK)(UNK)(UNK)(UNK)(UNK)(UNK)(UNK)
(UNK)(UNK)(UNK)(UNK)(UNK)(UNK)(UNK)(UNK)(UNK)(UNK)(UNK)(UNK)(UNK)(UNK)(UNK)(UNK)
(UNK)(UNK)(UNK)(UNK)(UNK)(UNK)(UNK)(UNK)(UNK)(UNK)(UNK)(UNK)(UNK)(UNK)(UNK)(UNK)
(UNK)(UNK)(UNK)(UNK)(UNK)(UNK)(UNK)(UNK)(UNK)(UNK)(UNK)(UNK)(UNK)(UNK)(UNK)(UNK)
(UNK)(UNK)(UNK)(UNK)(UNK)(UNK)(UNK)(UNK)(UNK)(UNK)(UNK)(UNK)(UNK)(UNK)(UNK)(UNK)
(UNK)(UNK)(UNK)(UNK)(UNK)(UNK)(UNK)(UNK)(UNK)(UNK)(UNK)(UNK)(UNK)(UNK)(UNK)(UNK)
(UNK)(UNK)(UNK)(UNK)(UNK)(UNK)(UNK)(UNK)(UNK)(UNK)(UNK)(UNK)(UNK)(UNK)(UNK)(UNK)
(UNK)(UNK)(UNK)(UNK)(UNK)(UNK)(UNK)(UNK)(UNK)(UNK)(UNK)(UNK)(UNK)(UNK)(UNK)(UNK)
(UNK)(UNK)(UNK)(UNK)(UNK)(UNK)(UNK)(UNK)(UNK)(UNK)(UNK)(UNK)(UNK)(UNK)(UNK)(UNK)
(UNK)(UNK)(UNK)(UNK)(UNK)(UNK)(UNK)(UNK)(UNK)(UNK)(UNK)(UNK)(UNK)(UNK)(UNK)(UNK)
(UNK)(UNK)(UNK)(UNK)(UNK)(UNK)(UNK)(UNK)(UNK)(UNK)(UNK)(UNK)(UNK)(UNK)(UNK)(UNK)
(UNK)(UNK)(UNK)(UNK)(UNK)(UNK)(UNK)(UNK)(UNK)(UNK)(UNK)(UNK)(UNK)(UNK)(UNK)(UNK)
(UNK)(UNK)(UNK)(UNK)(UNK)(UNK)(UNK)(UNK)(UNK)(UNK)(UNK)(UNK)(UNK)(UNK)(UNK)(UNK)
(UNK)(UNK)(UNK)(UNK)(UNK)(UNK)(UNK)(UNK)(UNK)(UNK)(UNK)(UNK)(UNK)(UNK)(UNK)(UNK)
(UNK)(UNK)(UNK)(UNK)(UNK)(UNK)(UNK)(UNK)(UNK)(UNK)(UNK)(UNK)(UNK)(UNK)(UNK)(UNK)
(UNK)(UNK)(UNK)(UNK)(UNK)(UNK)(UNK)(UNK)(UNK)(UNK)(UNK)(UNK)(UNK)(UNK)(UNK)(UNK)
(UNK)(UNK)(UNK)(UNK)(UNK)(UNK)(UNK)(UNK)(UNK)(UNK)(UNK)(UNK)(UNK)(UNK)(UNK)(UNK)
(UNK)(UNK)(UNK)(UNK)(UNK)(UNK)(UNK)(UNK)(UNK)(UNK)(UNK)(UNK)(UNK)(UNK)(UNK)(UNK)
(UNK)(UNK)(UNK)(UNK)(UNK)(UNK)(UNK)(UNK)(UNK)(UNK)(UNK)(UNK)(UNK)(UNK)(UNK)(UNK)
(UNK)(UNK)(UNK)(UNK)(UNK)(UNK)(UNK)(UNK)(UNK)(UNK)(UNK)(UNK)(UNK)(UNK)(UNK)(UNK)
(UNK)(UNK)(UNK)(UNK)(UNK)(UNK)(UNK)(UNK)(UNK)(UNK)(UNK)(UNK)(UNK)(UNK)(UNK)(UNK)
(UNK)(UNK)(UNK)(UNK)(UNK)(UNK)(UNK)(UNK)(UNK)(UNK)(UNK)(UNK)(UNK)(UNK)(UNK)(UNK)
(UNK)(UNK)
;
F
7 'polypeptide(L)'
;(UNK)(UNK)(UNK)(UNK)(UNK)(UNK)(UNK)(UNK)(UNK)(UNK)(UNK)(UNK)(UNK)(UNK)(UNK)(UNK)
(UNK)(UNK)(UNK)(UNK)(UNK)(UNK)(UNK)(UNK)(UNK)(UNK)(UNK)(UNK)(UNK)(UNK)(UNK)(UNK)
(UNK)(UNK)(UNK)(UNK)(UNK)(UNK)(UNK)(UNK)(UNK)(UNK)(UNK)(UNK)(UNK)(UNK)(UNK)(UNK)
(UNK)(UNK)(UNK)(UNK)(UNK)(UNK)(UNK)(UNK)(UNK)(UNK)(UNK)(UNK)(UNK)(UNK)(UNK)(UNK)
(UNK)(UNK)(UNK)(UNK)(UNK)(UNK)(UNK)(UNK)(UNK)(UNK)(UNK)(UNK)(UNK)(UNK)(UNK)(UNK)
(UNK)(UNK)(UNK)(UNK)(UNK)(UNK)(UNK)(UNK)(UNK)(UNK)(UNK)(UNK)(UNK)(UNK)(UNK)(UNK)
(UNK)(UNK)(UNK)(UNK)(UNK)(UNK)(UNK)(UNK)(UNK)(UNK)(UNK)(UNK)(UNK)(UNK)(UNK)(UNK)
(UNK)(UNK)(UNK)(UNK)(UNK)(UNK)(UNK)(UNK)(UNK)(UNK)(UNK)(UNK)(UNK)(UNK)(UNK)(UNK)
(UNK)(UNK)(UNK)(UNK)(UNK)(UNK)(UNK)(UNK)(UNK)(UNK)(UNK)(UNK)(UNK)(UNK)(UNK)(UNK)
(UNK)(UNK)(UNK)(UNK)(UNK)(UNK)(UNK)(UNK)(UNK)(UNK)(UNK)(UNK)(UNK)(UNK)(UNK)(UNK)
(UNK)(UNK)(UNK)(UNK)(UNK)(UNK)(UNK)(UNK)(UNK)(UNK)(UNK)(UNK)(UNK)(UNK)(UNK)(UNK)
(UNK)(UNK)(UNK)(UNK)(UNK)(UNK)(UNK)(UNK)(UNK)(UNK)(UNK)(UNK)(UNK)(UNK)(UNK)(UNK)
(UNK)(UNK)(UNK)(UNK)(UNK)(UNK)(UNK)(UNK)(UNK)(UNK)(UNK)(UNK)(UNK)(UNK)(UNK)(UNK)
(UNK)(UNK)(UNK)(UNK)(UNK)(UNK)(UNK)(UNK)(UNK)(UNK)(UNK)(UNK)(UNK)(UNK)(UNK)(UNK)
(UNK)(UNK)(UNK)(UNK)(UNK)(UNK)(UNK)(UNK)(UNK)(UNK)(UNK)(UNK)(UNK)(UNK)(UNK)(UNK)
(UNK)(UNK)(UNK)(UNK)(UNK)(UNK)(UNK)(UNK)(UNK)(UNK)(UNK)(UNK)(UNK)(UNK)(UNK)(UNK)
(UNK)(UNK)(UNK)(UNK)(UNK)(UNK)(UNK)(UNK)(UNK)(UNK)(UNK)(UNK)(UNK)(UNK)(UNK)(UNK)
(UNK)(UNK)(UNK)(UNK)(UNK)(UNK)(UNK)(UNK)(UNK)(UNK)(UNK)(UNK)(UNK)(UNK)(UNK)(UNK)
(UNK)(UNK)(UNK)(UNK)(UNK)(UNK)(UNK)(UNK)(UNK)(UNK)(UNK)(UNK)(UNK)(UNK)(UNK)(UNK)
(UNK)(UNK)(UNK)(UNK)(UNK)(UNK)(UNK)(UNK)(UNK)(UNK)(UNK)(UNK)(UNK)(UNK)(UNK)(UNK)
(UNK)(UNK)(UNK)(UNK)(UNK)(UNK)(UNK)(UNK)(UNK)(UNK)(UNK)(UNK)(UNK)(UNK)(UNK)(UNK)
(UNK)(UNK)(UNK)(UNK)(UNK)(UNK)(UNK)(UNK)(UNK)(UNK)(UNK)(UNK)(UNK)(UNK)(UNK)(UNK)
(UNK)(UNK)(UNK)(UNK)(UNK)(UNK)(UNK)(UNK)(UNK)(UNK)(UNK)(UNK)(UNK)(UNK)(UNK)(UNK)
(UNK)(UNK)(UNK)(UNK)(UNK)(UNK)(UNK)(UNK)(UNK)(UNK)(UNK)(UNK)(UNK)(UNK)(UNK)(UNK)
(UNK)(UNK)(UNK)(UNK)(UNK)(UNK)(UNK)(UNK)(UNK)(UNK)(UNK)(UNK)(UNK)(UNK)(UNK)(UNK)
(UNK)(UNK)(UNK)(UNK)(UNK)(UNK)(UNK)(UNK)(UNK)(UNK)(UNK)(UNK)(UNK)(UNK)(UNK)(UNK)
(UNK)(UNK)(UNK)(UNK)(UNK)(UNK)(UNK)(UNK)(UNK)(UNK)(UNK)(UNK)(UNK)(UNK)(UNK)(UNK)
(UNK)(UNK)(UNK)(UNK)(UNK)(UNK)(UNK)(UNK)(UNK)(UNK)(UNK)(UNK)(UNK)(UNK)(UNK)(UNK)
(UNK)(UNK)(UNK)(UNK)(UNK)(UNK)(UNK)(UNK)(UNK)(UNK)(UNK)(UNK)(UNK)(UNK)(UNK)(UNK)
(UNK)(UNK)(UNK)(UNK)(UNK)(UNK)(UNK)(UNK)(UNK)(UNK)(UNK)(UNK)(UNK)(UNK)(UNK)(UNK)
(UNK)(UNK)(UNK)(UNK)(UNK)
;
G
8 'polypeptide(L)'
;(UNK)(UNK)(UNK)(UNK)(UNK)(UNK)(UNK)(UNK)(UNK)(UNK)(UNK)(UNK)(UNK)(UNK)(UNK)(UNK)
(UNK)(UNK)(UNK)(UNK)(UNK)(UNK)(UNK)(UNK)(UNK)(UNK)(UNK)(UNK)(UNK)(UNK)(UNK)(UNK)
(UNK)(UNK)(UNK)(UNK)(UNK)(UNK)(UNK)(UNK)(UNK)(UNK)(UNK)(UNK)(UNK)(UNK)(UNK)(UNK)
(UNK)(UNK)(UNK)(UNK)(UNK)(UNK)(UNK)(UNK)(UNK)(UNK)(UNK)(UNK)(UNK)(UNK)(UNK)(UNK)
(UNK)(UNK)(UNK)(UNK)(UNK)(UNK)(UNK)(UNK)(UNK)(UNK)(UNK)(UNK)(UNK)(UNK)(UNK)(UNK)
(UNK)(UNK)(UNK)(UNK)(UNK)(UNK)(UNK)(UNK)(UNK)(UNK)(UNK)(UNK)(UNK)(UNK)(UNK)(UNK)
(UNK)(UNK)(UNK)(UNK)(UNK)(UNK)(UNK)(UNK)(UNK)(UNK)(UNK)(UNK)(UNK)(UNK)(UNK)(UNK)
(UNK)(UNK)(UNK)(UNK)(UNK)(UNK)(UNK)(UNK)(UNK)(UNK)(UNK)(UNK)(UNK)(UNK)(UNK)(UNK)
(UNK)(UNK)(UNK)(UNK)(UNK)(UNK)(UNK)(UNK)(UNK)(UNK)(UNK)(UNK)(UNK)(UNK)(UNK)(UNK)
(UNK)(UNK)(UNK)(UNK)(UNK)(UNK)(UNK)(UNK)(UNK)(UNK)(UNK)(UNK)(UNK)(UNK)(UNK)(UNK)
(UNK)(UNK)(UNK)(UNK)(UNK)(UNK)(UNK)(UNK)(UNK)(UNK)(UNK)(UNK)(UNK)(UNK)(UNK)(UNK)
(UNK)(UNK)(UNK)(UNK)(UNK)(UNK)(UNK)(UNK)(UNK)(UNK)(UNK)(UNK)(UNK)(UNK)(UNK)(UNK)
(UNK)(UNK)(UNK)(UNK)(UNK)(UNK)(UNK)(UNK)(UNK)(UNK)(UNK)(UNK)(UNK)(UNK)(UNK)(UNK)
(UNK)(UNK)(UNK)(UNK)(UNK)(UNK)(UNK)(UNK)(UNK)(UNK)(UNK)(UNK)(UNK)(UNK)(UNK)(UNK)
(UNK)(UNK)(UNK)(UNK)(UNK)(UNK)(UNK)(UNK)(UNK)(UNK)(UNK)(UNK)(UNK)(UNK)(UNK)(UNK)
(UNK)(UNK)(UNK)(UNK)(UNK)(UNK)(UNK)(UNK)(UNK)(UNK)(UNK)(UNK)(UNK)(UNK)(UNK)(UNK)
(UNK)(UNK)(UNK)(UNK)(UNK)(UNK)(UNK)(UNK)(UNK)(UNK)(UNK)(UNK)(UNK)(UNK)(UNK)(UNK)
(UNK)(UNK)(UNK)(UNK)(UNK)(UNK)(UNK)(UNK)(UNK)(UNK)(UNK)(UNK)(UNK)(UNK)(UNK)(UNK)
(UNK)(UNK)(UNK)(UNK)(UNK)(UNK)(UNK)(UNK)(UNK)(UNK)(UNK)(UNK)(UNK)(UNK)(UNK)(UNK)
(UNK)(UNK)(UNK)(UNK)(UNK)(UNK)(UNK)(UNK)(UNK)(UNK)(UNK)(UNK)(UNK)(UNK)(UNK)(UNK)
(UNK)(UNK)(UNK)(UNK)(UNK)(UNK)(UNK)(UNK)(UNK)(UNK)(UNK)(UNK)(UNK)(UNK)(UNK)(UNK)
(UNK)(UNK)(UNK)(UNK)(UNK)(UNK)(UNK)(UNK)(UNK)(UNK)(UNK)(UNK)(UNK)(UNK)(UNK)(UNK)
(UNK)(UNK)(UNK)(UNK)(UNK)(UNK)(UNK)(UNK)(UNK)(UNK)(UNK)(UNK)(UNK)(UNK)(UNK)(UNK)
(UNK)(UNK)(UNK)(UNK)(UNK)(UNK)(UNK)(UNK)(UNK)(UNK)(UNK)(UNK)(UNK)(UNK)(UNK)(UNK)
(UNK)(UNK)(UNK)(UNK)(UNK)(UNK)(UNK)(UNK)(UNK)(UNK)(UNK)(UNK)(UNK)(UNK)(UNK)(UNK)
(UNK)(UNK)(UNK)(UNK)(UNK)(UNK)(UNK)(UNK)(UNK)(UNK)(UNK)(UNK)(UNK)(UNK)(UNK)(UNK)
(UNK)(UNK)(UNK)(UNK)(UNK)(UNK)(UNK)(UNK)(UNK)(UNK)(UNK)(UNK)(UNK)(UNK)(UNK)(UNK)
(UNK)(UNK)(UNK)(UNK)(UNK)(UNK)(UNK)(UNK)(UNK)(UNK)(UNK)(UNK)(UNK)(UNK)(UNK)(UNK)
(UNK)(UNK)(UNK)(UNK)(UNK)(UNK)(UNK)(UNK)(UNK)(UNK)(UNK)(UNK)(UNK)(UNK)(UNK)(UNK)
(UNK)(UNK)(UNK)(UNK)(UNK)(UNK)(UNK)(UNK)(UNK)(UNK)
;
H
9 'polypeptide(L)'
;(UNK)(UNK)(UNK)(UNK)(UNK)(UNK)(UNK)(UNK)(UNK)(UNK)(UNK)(UNK)(UNK)(UNK)(UNK)(UNK)
(UNK)(UNK)(UNK)(UNK)(UNK)(UNK)(UNK)(UNK)(UNK)(UNK)(UNK)(UNK)(UNK)(UNK)(UNK)(UNK)
(UNK)(UNK)(UNK)(UNK)(UNK)(UNK)(UNK)(UNK)(UNK)(UNK)(UNK)(UNK)(UNK)(UNK)(UNK)(UNK)
(UNK)(UNK)(UNK)(UNK)(UNK)(UNK)(UNK)(UNK)(UNK)(UNK)(UNK)(UNK)(UNK)(UNK)(UNK)(UNK)
(UNK)(UNK)(UNK)(UNK)(UNK)(UNK)(UNK)(UNK)(UNK)(UNK)(UNK)(UNK)(UNK)(UNK)(UNK)(UNK)
(UNK)(UNK)(UNK)(UNK)(UNK)(UNK)(UNK)(UNK)(UNK)(UNK)(UNK)(UNK)(UNK)(UNK)(UNK)(UNK)
(UNK)(UNK)(UNK)(UNK)(UNK)(UNK)(UNK)(UNK)(UNK)(UNK)(UNK)(UNK)(UNK)(UNK)(UNK)(UNK)
(UNK)(UNK)(UNK)(UNK)(UNK)(UNK)(UNK)(UNK)(UNK)(UNK)(UNK)(UNK)(UNK)(UNK)(UNK)(UNK)
(UNK)(UNK)(UNK)(UNK)(UNK)(UNK)(UNK)(UNK)(UNK)(UNK)(UNK)(UNK)(UNK)(UNK)(UNK)(UNK)
(UNK)(UNK)(UNK)(UNK)(UNK)(UNK)(UNK)(UNK)(UNK)(UNK)(UNK)(UNK)(UNK)(UNK)(UNK)(UNK)
(UNK)(UNK)(UNK)(UNK)(UNK)(UNK)(UNK)(UNK)(UNK)(UNK)(UNK)(UNK)(UNK)(UNK)(UNK)(UNK)
(UNK)(UNK)(UNK)(UNK)(UNK)(UNK)(UNK)(UNK)(UNK)(UNK)(UNK)(UNK)(UNK)(UNK)(UNK)(UNK)
(UNK)(UNK)(UNK)(UNK)(UNK)(UNK)(UNK)(UNK)(UNK)(UNK)(UNK)(UNK)(UNK)(UNK)(UNK)(UNK)
(UNK)(UNK)(UNK)(UNK)(UNK)(UNK)(UNK)(UNK)(UNK)(UNK)(UNK)(UNK)(UNK)(UNK)(UNK)(UNK)
(UNK)(UNK)(UNK)(UNK)(UNK)(UNK)(UNK)(UNK)(UNK)(UNK)(UNK)(UNK)(UNK)(UNK)(UNK)(UNK)
(UNK)(UNK)(UNK)(UNK)(UNK)(UNK)(UNK)(UNK)(UNK)(UNK)(UNK)(UNK)(UNK)(UNK)(UNK)(UNK)
(UNK)(UNK)(UNK)(UNK)(UNK)(UNK)(UNK)(UNK)(UNK)(UNK)(UNK)(UNK)(UNK)(UNK)(UNK)(UNK)
(UNK)(UNK)(UNK)(UNK)(UNK)(UNK)(UNK)(UNK)(UNK)(UNK)(UNK)(UNK)(UNK)(UNK)(UNK)(UNK)
(UNK)(UNK)(UNK)(UNK)(UNK)
;
I
10 'polypeptide(L)'
;(UNK)(UNK)(UNK)(UNK)(UNK)(UNK)(UNK)(UNK)(UNK)(UNK)(UNK)(UNK)(UNK)(UNK)(UNK)(UNK)
(UNK)(UNK)(UNK)(UNK)(UNK)(UNK)(UNK)(UNK)(UNK)(UNK)(UNK)(UNK)(UNK)(UNK)(UNK)(UNK)
(UNK)(UNK)(UNK)(UNK)(UNK)(UNK)(UNK)(UNK)(UNK)(UNK)(UNK)(UNK)(UNK)(UNK)(UNK)(UNK)
(UNK)(UNK)(UNK)(UNK)(UNK)(UNK)(UNK)(UNK)(UNK)(UNK)(UNK)(UNK)(UNK)(UNK)(UNK)(UNK)
(UNK)(UNK)(UNK)(UNK)(UNK)(UNK)(UNK)(UNK)(UNK)(UNK)(UNK)(UNK)(UNK)(UNK)(UNK)(UNK)
(UNK)(UNK)(UNK)(UNK)(UNK)(UNK)(UNK)(UNK)(UNK)(UNK)(UNK)(UNK)(UNK)(UNK)(UNK)(UNK)
(UNK)(UNK)(UNK)(UNK)(UNK)(UNK)(UNK)(UNK)(UNK)(UNK)(UNK)(UNK)(UNK)(UNK)(UNK)(UNK)
(UNK)(UNK)(UNK)(UNK)(UNK)(UNK)(UNK)(UNK)(UNK)(UNK)(UNK)(UNK)(UNK)(UNK)(UNK)(UNK)
(UNK)(UNK)(UNK)(UNK)(UNK)(UNK)(UNK)(UNK)(UNK)(UNK)(UNK)(UNK)(UNK)(UNK)(UNK)(UNK)
(UNK)(UNK)(UNK)(UNK)(UNK)(UNK)(UNK)(UNK)(UNK)(UNK)(UNK)(UNK)(UNK)(UNK)(UNK)(UNK)
(UNK)(UNK)(UNK)(UNK)(UNK)(UNK)(UNK)(UNK)(UNK)(UNK)(UNK)(UNK)(UNK)(UNK)(UNK)(UNK)
(UNK)(UNK)(UNK)(UNK)(UNK)(UNK)(UNK)(UNK)(UNK)(UNK)(UNK)(UNK)(UNK)(UNK)(UNK)(UNK)
(UNK)(UNK)(UNK)(UNK)(UNK)(UNK)(UNK)(UNK)(UNK)(UNK)(UNK)(UNK)(UNK)(UNK)(UNK)(UNK)
(UNK)(UNK)(UNK)(UNK)(UNK)(UNK)(UNK)(UNK)(UNK)(UNK)(UNK)(UNK)(UNK)(UNK)(UNK)(UNK)
(UNK)(UNK)(UNK)(UNK)(UNK)(UNK)(UNK)(UNK)(UNK)(UNK)(UNK)(UNK)(UNK)(UNK)(UNK)(UNK)
(UNK)(UNK)(UNK)(UNK)(UNK)(UNK)(UNK)(UNK)(UNK)(UNK)(UNK)(UNK)(UNK)(UNK)(UNK)(UNK)
(UNK)(UNK)(UNK)(UNK)(UNK)(UNK)(UNK)(UNK)(UNK)(UNK)(UNK)(UNK)(UNK)(UNK)(UNK)(UNK)
(UNK)(UNK)(UNK)(UNK)(UNK)(UNK)(UNK)(UNK)(UNK)(UNK)(UNK)(UNK)(UNK)(UNK)(UNK)(UNK)
(UNK)(UNK)(UNK)(UNK)(UNK)(UNK)(UNK)(UNK)(UNK)(UNK)(UNK)
;
J
11 'polypeptide(L)'
;(UNK)(UNK)(UNK)(UNK)(UNK)(UNK)(UNK)(UNK)(UNK)(UNK)(UNK)(UNK)(UNK)(UNK)(UNK)(UNK)
(UNK)(UNK)(UNK)(UNK)(UNK)(UNK)(UNK)(UNK)(UNK)(UNK)(UNK)(UNK)(UNK)(UNK)(UNK)(UNK)
(UNK)(UNK)(UNK)(UNK)(UNK)(UNK)(UNK)(UNK)(UNK)(UNK)(UNK)(UNK)(UNK)(UNK)(UNK)(UNK)
(UNK)(UNK)(UNK)(UNK)(UNK)(UNK)(UNK)(UNK)(UNK)(UNK)(UNK)(UNK)(UNK)(UNK)(UNK)(UNK)
(UNK)(UNK)(UNK)(UNK)(UNK)(UNK)(UNK)(UNK)(UNK)(UNK)(UNK)(UNK)(UNK)(UNK)(UNK)(UNK)
(UNK)(UNK)(UNK)(UNK)(UNK)(UNK)(UNK)(UNK)(UNK)(UNK)(UNK)(UNK)(UNK)(UNK)(UNK)(UNK)
(UNK)(UNK)(UNK)(UNK)(UNK)(UNK)(UNK)(UNK)(UNK)(UNK)(UNK)(UNK)(UNK)(UNK)(UNK)(UNK)
(UNK)(UNK)(UNK)(UNK)(UNK)(UNK)(UNK)(UNK)(UNK)(UNK)(UNK)(UNK)(UNK)(UNK)(UNK)(UNK)
(UNK)(UNK)(UNK)(UNK)(UNK)(UNK)(UNK)(UNK)(UNK)(UNK)(UNK)(UNK)(UNK)(UNK)(UNK)(UNK)
(UNK)(UNK)(UNK)(UNK)(UNK)(UNK)(UNK)(UNK)(UNK)(UNK)(UNK)(UNK)(UNK)(UNK)(UNK)(UNK)
(UNK)(UNK)(UNK)(UNK)(UNK)(UNK)(UNK)(UNK)(UNK)(UNK)(UNK)(UNK)(UNK)(UNK)(UNK)(UNK)
(UNK)(UNK)(UNK)(UNK)(UNK)(UNK)(UNK)(UNK)(UNK)(UNK)(UNK)(UNK)(UNK)(UNK)(UNK)(UNK)
(UNK)(UNK)(UNK)(UNK)(UNK)(UNK)(UNK)(UNK)(UNK)(UNK)(UNK)(UNK)(UNK)(UNK)(UNK)(UNK)
(UNK)(UNK)(UNK)(UNK)(UNK)(UNK)(UNK)(UNK)(UNK)(UNK)(UNK)(UNK)(UNK)(UNK)(UNK)(UNK)
(UNK)(UNK)(UNK)(UNK)(UNK)(UNK)(UNK)(UNK)(UNK)(UNK)(UNK)(UNK)(UNK)(UNK)(UNK)(UNK)
(UNK)(UNK)(UNK)(UNK)(UNK)(UNK)(UNK)(UNK)(UNK)(UNK)(UNK)(UNK)(UNK)(UNK)(UNK)(UNK)
(UNK)(UNK)(UNK)(UNK)(UNK)(UNK)(UNK)(UNK)(UNK)(UNK)(UNK)(UNK)(UNK)(UNK)(UNK)(UNK)
(UNK)(UNK)(UNK)(UNK)(UNK)(UNK)(UNK)(UNK)(UNK)(UNK)(UNK)(UNK)(UNK)(UNK)(UNK)(UNK)
(UNK)(UNK)(UNK)(UNK)(UNK)(UNK)(UNK)(UNK)(UNK)(UNK)(UNK)(UNK)(UNK)(UNK)(UNK)(UNK)
(UNK)(UNK)(UNK)(UNK)(UNK)(UNK)(UNK)(UNK)(UNK)(UNK)(UNK)(UNK)(UNK)(UNK)(UNK)(UNK)
(UNK)(UNK)(UNK)(UNK)(UNK)(UNK)(UNK)(UNK)(UNK)(UNK)(UNK)(UNK)(UNK)(UNK)(UNK)(UNK)
(UNK)(UNK)(UNK)(UNK)(UNK)(UNK)(UNK)(UNK)(UNK)(UNK)(UNK)(UNK)(UNK)(UNK)(UNK)(UNK)
(UNK)(UNK)(UNK)(UNK)(UNK)(UNK)(UNK)(UNK)(UNK)(UNK)(UNK)(UNK)(UNK)(UNK)(UNK)(UNK)
(UNK)(UNK)(UNK)(UNK)(UNK)(UNK)(UNK)(UNK)(UNK)(UNK)(UNK)(UNK)(UNK)(UNK)(UNK)(UNK)
(UNK)(UNK)(UNK)(UNK)(UNK)(UNK)(UNK)(UNK)(UNK)(UNK)
;
K
12 'polypeptide(L)'
;(UNK)(UNK)(UNK)(UNK)(UNK)(UNK)(UNK)(UNK)(UNK)(UNK)(UNK)(UNK)(UNK)(UNK)(UNK)(UNK)
(UNK)(UNK)(UNK)(UNK)(UNK)(UNK)(UNK)(UNK)(UNK)(UNK)(UNK)(UNK)(UNK)(UNK)(UNK)(UNK)
(UNK)(UNK)(UNK)(UNK)(UNK)(UNK)(UNK)(UNK)(UNK)(UNK)(UNK)(UNK)(UNK)(UNK)(UNK)(UNK)
(UNK)(UNK)(UNK)(UNK)(UNK)(UNK)(UNK)(UNK)(UNK)(UNK)(UNK)(UNK)(UNK)(UNK)(UNK)(UNK)
(UNK)(UNK)(UNK)(UNK)(UNK)(UNK)(UNK)(UNK)(UNK)(UNK)(UNK)(UNK)(UNK)(UNK)(UNK)(UNK)
(UNK)(UNK)(UNK)(UNK)(UNK)(UNK)(UNK)(UNK)(UNK)(UNK)(UNK)(UNK)(UNK)(UNK)(UNK)(UNK)
(UNK)(UNK)(UNK)(UNK)(UNK)(UNK)(UNK)(UNK)(UNK)(UNK)(UNK)(UNK)(UNK)(UNK)(UNK)(UNK)
(UNK)(UNK)(UNK)(UNK)(UNK)(UNK)(UNK)(UNK)(UNK)(UNK)(UNK)(UNK)(UNK)(UNK)(UNK)(UNK)
(UNK)(UNK)(UNK)(UNK)(UNK)(UNK)(UNK)(UNK)(UNK)(UNK)(UNK)(UNK)(UNK)(UNK)(UNK)(UNK)
(UNK)(UNK)(UNK)(UNK)(UNK)(UNK)(UNK)(UNK)(UNK)(UNK)(UNK)(UNK)(UNK)(UNK)(UNK)(UNK)
(UNK)(UNK)(UNK)(UNK)(UNK)(UNK)(UNK)(UNK)(UNK)(UNK)(UNK)(UNK)(UNK)(UNK)(UNK)(UNK)
(UNK)(UNK)(UNK)(UNK)(UNK)(UNK)(UNK)(UNK)(UNK)(UNK)(UNK)(UNK)(UNK)(UNK)(UNK)(UNK)
(UNK)(UNK)(UNK)(UNK)(UNK)(UNK)(UNK)(UNK)(UNK)(UNK)(UNK)(UNK)(UNK)(UNK)(UNK)(UNK)
(UNK)(UNK)(UNK)(UNK)(UNK)(UNK)(UNK)(UNK)(UNK)(UNK)(UNK)(UNK)(UNK)(UNK)(UNK)(UNK)
(UNK)(UNK)(UNK)(UNK)(UNK)(UNK)(UNK)(UNK)(UNK)(UNK)(UNK)(UNK)(UNK)(UNK)(UNK)(UNK)
(UNK)(UNK)(UNK)(UNK)(UNK)(UNK)(UNK)(UNK)(UNK)(UNK)(UNK)(UNK)(UNK)(UNK)(UNK)(UNK)
(UNK)(UNK)(UNK)(UNK)(UNK)(UNK)(UNK)(UNK)(UNK)(UNK)(UNK)(UNK)(UNK)(UNK)(UNK)(UNK)
(UNK)(UNK)(UNK)(UNK)(UNK)(UNK)(UNK)(UNK)(UNK)(UNK)(UNK)(UNK)(UNK)(UNK)(UNK)(UNK)
(UNK)(UNK)(UNK)(UNK)(UNK)(UNK)(UNK)(UNK)(UNK)
;
L,O
13 'polypeptide(L)'
;(UNK)(UNK)(UNK)(UNK)(UNK)(UNK)(UNK)(UNK)(UNK)(UNK)(UNK)(UNK)(UNK)(UNK)(UNK)(UNK)
(UNK)(UNK)(UNK)(UNK)(UNK)(UNK)(UNK)(UNK)(UNK)(UNK)(UNK)(UNK)(UNK)(UNK)(UNK)(UNK)
(UNK)(UNK)(UNK)(UNK)(UNK)(UNK)(UNK)(UNK)(UNK)(UNK)(UNK)(UNK)(UNK)(UNK)(UNK)(UNK)
(UNK)(UNK)(UNK)(UNK)(UNK)(UNK)(UNK)(UNK)(UNK)(UNK)(UNK)(UNK)(UNK)(UNK)(UNK)(UNK)
(UNK)(UNK)(UNK)(UNK)(UNK)(UNK)(UNK)(UNK)(UNK)(UNK)(UNK)(UNK)(UNK)(UNK)(UNK)(UNK)
(UNK)(UNK)(UNK)(UNK)(UNK)(UNK)(UNK)(UNK)(UNK)(UNK)(UNK)(UNK)(UNK)(UNK)(UNK)(UNK)
(UNK)(UNK)(UNK)(UNK)(UNK)(UNK)(UNK)(UNK)(UNK)(UNK)(UNK)(UNK)(UNK)(UNK)(UNK)(UNK)
(UNK)(UNK)(UNK)(UNK)(UNK)(UNK)(UNK)(UNK)(UNK)(UNK)(UNK)(UNK)(UNK)(UNK)(UNK)(UNK)
(UNK)(UNK)(UNK)(UNK)(UNK)(UNK)(UNK)(UNK)(UNK)(UNK)(UNK)(UNK)(UNK)(UNK)(UNK)(UNK)
(UNK)(UNK)(UNK)(UNK)(UNK)(UNK)(UNK)(UNK)(UNK)(UNK)(UNK)(UNK)(UNK)(UNK)(UNK)(UNK)
(UNK)(UNK)(UNK)(UNK)(UNK)(UNK)(UNK)(UNK)(UNK)(UNK)(UNK)(UNK)(UNK)(UNK)(UNK)(UNK)
(UNK)(UNK)(UNK)(UNK)(UNK)(UNK)(UNK)(UNK)(UNK)(UNK)(UNK)(UNK)(UNK)(UNK)(UNK)(UNK)
(UNK)(UNK)(UNK)(UNK)(UNK)(UNK)(UNK)(UNK)(UNK)(UNK)(UNK)(UNK)(UNK)(UNK)(UNK)(UNK)
(UNK)(UNK)(UNK)(UNK)(UNK)(UNK)(UNK)(UNK)(UNK)(UNK)(UNK)(UNK)(UNK)(UNK)(UNK)(UNK)
(UNK)(UNK)(UNK)(UNK)(UNK)(UNK)(UNK)(UNK)(UNK)(UNK)(UNK)(UNK)(UNK)(UNK)(UNK)(UNK)
(UNK)(UNK)(UNK)(UNK)(UNK)(UNK)(UNK)(UNK)(UNK)(UNK)(UNK)(UNK)(UNK)(UNK)(UNK)(UNK)
(UNK)(UNK)(UNK)(UNK)(UNK)(UNK)(UNK)(UNK)(UNK)(UNK)(UNK)(UNK)(UNK)(UNK)(UNK)(UNK)
(UNK)(UNK)(UNK)(UNK)(UNK)(UNK)(UNK)(UNK)(UNK)(UNK)(UNK)(UNK)(UNK)(UNK)(UNK)(UNK)
(UNK)(UNK)(UNK)(UNK)(UNK)(UNK)(UNK)(UNK)(UNK)(UNK)
;
M
14 'polypeptide(L)'
;(UNK)(UNK)(UNK)(UNK)(UNK)(UNK)(UNK)(UNK)(UNK)(UNK)(UNK)(UNK)(UNK)(UNK)(UNK)(UNK)
(UNK)(UNK)(UNK)(UNK)(UNK)(UNK)(UNK)(UNK)(UNK)(UNK)(UNK)(UNK)(UNK)(UNK)(UNK)(UNK)
(UNK)(UNK)(UNK)(UNK)(UNK)(UNK)(UNK)(UNK)(UNK)(UNK)(UNK)(UNK)(UNK)(UNK)(UNK)(UNK)
(UNK)(UNK)(UNK)(UNK)(UNK)(UNK)(UNK)(UNK)(UNK)(UNK)(UNK)(UNK)(UNK)(UNK)(UNK)(UNK)
(UNK)(UNK)(UNK)(UNK)(UNK)(UNK)(UNK)(UNK)(UNK)(UNK)(UNK)(UNK)(UNK)(UNK)(UNK)(UNK)
(UNK)(UNK)(UNK)(UNK)(UNK)(UNK)(UNK)(UNK)(UNK)(UNK)(UNK)(UNK)(UNK)(UNK)(UNK)(UNK)
(UNK)(UNK)(UNK)(UNK)(UNK)(UNK)(UNK)(UNK)(UNK)(UNK)(UNK)(UNK)(UNK)(UNK)(UNK)(UNK)
(UNK)(UNK)(UNK)(UNK)(UNK)(UNK)(UNK)(UNK)(UNK)(UNK)(UNK)(UNK)(UNK)(UNK)(UNK)(UNK)
(UNK)(UNK)(UNK)(UNK)(UNK)(UNK)(UNK)(UNK)(UNK)(UNK)(UNK)(UNK)(UNK)(UNK)(UNK)(UNK)
(UNK)(UNK)(UNK)(UNK)(UNK)(UNK)(UNK)(UNK)(UNK)(UNK)(UNK)(UNK)(UNK)(UNK)(UNK)(UNK)
(UNK)(UNK)(UNK)(UNK)(UNK)(UNK)(UNK)(UNK)(UNK)(UNK)(UNK)(UNK)(UNK)(UNK)(UNK)(UNK)
(UNK)(UNK)(UNK)(UNK)(UNK)(UNK)(UNK)(UNK)(UNK)(UNK)(UNK)(UNK)(UNK)(UNK)(UNK)(UNK)
(UNK)(UNK)(UNK)(UNK)(UNK)(UNK)(UNK)(UNK)(UNK)(UNK)(UNK)(UNK)(UNK)(UNK)(UNK)(UNK)
(UNK)(UNK)(UNK)(UNK)(UNK)(UNK)(UNK)(UNK)(UNK)(UNK)(UNK)(UNK)(UNK)(UNK)(UNK)(UNK)
(UNK)(UNK)(UNK)(UNK)(UNK)(UNK)(UNK)(UNK)(UNK)(UNK)(UNK)(UNK)(UNK)(UNK)(UNK)(UNK)
(UNK)(UNK)(UNK)(UNK)(UNK)(UNK)(UNK)(UNK)(UNK)(UNK)(UNK)(UNK)(UNK)(UNK)(UNK)(UNK)
(UNK)(UNK)(UNK)(UNK)(UNK)(UNK)(UNK)(UNK)(UNK)(UNK)(UNK)(UNK)(UNK)(UNK)(UNK)(UNK)
(UNK)(UNK)(UNK)(UNK)(UNK)(UNK)(UNK)(UNK)(UNK)(UNK)(UNK)(UNK)(UNK)(UNK)(UNK)(UNK)
(UNK)
;
N
15 'polypeptide(L)'
;(UNK)(UNK)(UNK)(UNK)(UNK)(UNK)(UNK)(UNK)(UNK)(UNK)(UNK)(UNK)(UNK)(UNK)(UNK)(UNK)
(UNK)(UNK)(UNK)(UNK)(UNK)(UNK)(UNK)(UNK)(UNK)(UNK)(UNK)(UNK)(UNK)(UNK)(UNK)(UNK)
(UNK)(UNK)(UNK)(UNK)(UNK)(UNK)(UNK)(UNK)(UNK)(UNK)(UNK)(UNK)(UNK)(UNK)(UNK)(UNK)
(UNK)(UNK)(UNK)(UNK)(UNK)(UNK)(UNK)(UNK)(UNK)(UNK)(UNK)(UNK)(UNK)(UNK)(UNK)(UNK)
(UNK)(UNK)(UNK)(UNK)(UNK)(UNK)(UNK)(UNK)(UNK)(UNK)(UNK)(UNK)(UNK)(UNK)(UNK)(UNK)
(UNK)(UNK)(UNK)(UNK)(UNK)(UNK)(UNK)(UNK)(UNK)(UNK)(UNK)(UNK)(UNK)(UNK)(UNK)(UNK)
(UNK)(UNK)(UNK)(UNK)(UNK)(UNK)(UNK)(UNK)(UNK)(UNK)(UNK)(UNK)(UNK)(UNK)(UNK)(UNK)
(UNK)(UNK)(UNK)(UNK)(UNK)(UNK)(UNK)(UNK)(UNK)(UNK)(UNK)(UNK)(UNK)(UNK)(UNK)(UNK)
(UNK)(UNK)(UNK)(UNK)(UNK)(UNK)(UNK)(UNK)(UNK)(UNK)(UNK)(UNK)(UNK)(UNK)(UNK)(UNK)
(UNK)(UNK)(UNK)(UNK)(UNK)(UNK)(UNK)(UNK)(UNK)(UNK)(UNK)(UNK)(UNK)(UNK)(UNK)(UNK)
(UNK)(UNK)(UNK)(UNK)(UNK)(UNK)(UNK)(UNK)(UNK)(UNK)(UNK)(UNK)(UNK)(UNK)(UNK)(UNK)
(UNK)(UNK)(UNK)(UNK)(UNK)(UNK)(UNK)(UNK)(UNK)(UNK)(UNK)(UNK)(UNK)(UNK)(UNK)(UNK)
(UNK)(UNK)(UNK)(UNK)(UNK)(UNK)(UNK)(UNK)(UNK)(UNK)(UNK)(UNK)(UNK)(UNK)(UNK)(UNK)
(UNK)(UNK)(UNK)(UNK)(UNK)(UNK)(UNK)(UNK)(UNK)(UNK)(UNK)(UNK)(UNK)(UNK)(UNK)(UNK)
(UNK)(UNK)(UNK)(UNK)(UNK)(UNK)(UNK)(UNK)(UNK)(UNK)(UNK)(UNK)(UNK)(UNK)(UNK)(UNK)
(UNK)(UNK)(UNK)(UNK)(UNK)(UNK)(UNK)(UNK)(UNK)(UNK)(UNK)(UNK)(UNK)(UNK)(UNK)(UNK)
(UNK)(UNK)(UNK)(UNK)(UNK)(UNK)(UNK)(UNK)(UNK)(UNK)(UNK)(UNK)(UNK)(UNK)(UNK)(UNK)
(UNK)(UNK)(UNK)(UNK)(UNK)(UNK)(UNK)(UNK)(UNK)(UNK)(UNK)(UNK)(UNK)(UNK)(UNK)(UNK)
(UNK)(UNK)(UNK)(UNK)(UNK)(UNK)(UNK)(UNK)(UNK)(UNK)(UNK)(UNK)(UNK)(UNK)(UNK)(UNK)
(UNK)(UNK)(UNK)(UNK)(UNK)(UNK)(UNK)(UNK)(UNK)(UNK)(UNK)(UNK)(UNK)(UNK)(UNK)(UNK)
(UNK)(UNK)(UNK)(UNK)(UNK)(UNK)(UNK)(UNK)(UNK)(UNK)(UNK)(UNK)(UNK)(UNK)(UNK)(UNK)
(UNK)(UNK)(UNK)(UNK)(UNK)(UNK)(UNK)(UNK)(UNK)(UNK)(UNK)(UNK)(UNK)(UNK)(UNK)(UNK)
(UNK)(UNK)(UNK)(UNK)(UNK)(UNK)(UNK)(UNK)(UNK)(UNK)(UNK)(UNK)(UNK)(UNK)(UNK)(UNK)
(UNK)(UNK)(UNK)(UNK)(UNK)(UNK)(UNK)(UNK)(UNK)(UNK)(UNK)(UNK)(UNK)(UNK)(UNK)(UNK)
(UNK)(UNK)(UNK)(UNK)(UNK)(UNK)(UNK)(UNK)(UNK)(UNK)(UNK)(UNK)(UNK)(UNK)(UNK)(UNK)
(UNK)(UNK)(UNK)(UNK)(UNK)(UNK)(UNK)(UNK)(UNK)(UNK)(UNK)(UNK)(UNK)(UNK)(UNK)(UNK)
(UNK)(UNK)(UNK)(UNK)(UNK)(UNK)(UNK)(UNK)(UNK)(UNK)(UNK)(UNK)(UNK)(UNK)(UNK)(UNK)
(UNK)(UNK)(UNK)(UNK)(UNK)(UNK)(UNK)(UNK)(UNK)(UNK)(UNK)(UNK)(UNK)(UNK)(UNK)(UNK)
(UNK)(UNK)(UNK)(UNK)(UNK)(UNK)(UNK)(UNK)(UNK)(UNK)(UNK)(UNK)(UNK)(UNK)(UNK)(UNK)
(UNK)(UNK)(UNK)(UNK)(UNK)(UNK)(UNK)(UNK)(UNK)(UNK)(UNK)(UNK)(UNK)(UNK)(UNK)(UNK)
(UNK)
;
P
#
# COMPACT_ATOMS: atom_id res chain seq x y z
CA UNK A 1 -37.97 -18.15 5.57
CA UNK A 2 -34.80 -16.21 6.31
CA UNK A 3 -36.38 -14.78 9.49
CA UNK A 4 -37.61 -18.15 10.69
CA UNK A 5 -34.41 -19.86 9.88
CA UNK A 6 -32.13 -17.15 11.70
CA UNK A 7 -34.16 -16.99 14.97
CA UNK A 8 -34.28 -20.76 15.08
CA UNK A 9 -30.61 -20.99 14.88
CA UNK A 10 -30.29 -18.78 17.97
CA UNK A 11 -32.58 -20.87 20.14
CA UNK A 12 -30.72 -24.01 19.11
CA UNK A 13 -27.42 -22.34 20.18
CA UNK A 14 -28.58 -21.45 23.80
CA UNK A 15 -30.10 -24.86 24.38
CA UNK A 16 -26.69 -26.39 24.14
CA UNK A 17 -26.40 -23.63 26.83
CA UNK A 18 -28.03 -24.23 30.34
CA UNK A 19 -28.39 -28.05 30.44
CA UNK A 20 -25.34 -28.52 32.71
CA UNK A 21 -27.09 -25.96 34.96
CA UNK A 22 -28.96 -29.25 35.11
CA UNK A 23 -29.88 -28.87 38.64
CA UNK A 24 -26.91 -31.02 38.57
CA UNK A 25 -24.30 -30.41 36.01
CA UNK A 26 -22.91 -27.06 35.45
CA UNK A 27 -19.60 -25.66 34.62
CA UNK A 28 -19.41 -21.89 34.85
CA UNK A 29 -19.07 -19.38 32.21
CA UNK A 30 -16.50 -17.03 33.18
CA UNK A 31 -17.64 -13.48 32.62
CA UNK A 32 -14.82 -10.89 32.84
CA UNK A 33 -15.57 -7.06 32.93
CA UNK A 34 -13.67 -3.76 33.98
CA UNK A 35 -13.84 -3.08 37.76
CA UNK A 36 -15.62 -5.84 39.81
CA UNK A 37 -14.04 -8.42 37.55
CA UNK A 38 -14.01 -12.20 37.07
CA UNK A 39 -16.93 -14.32 37.26
CA UNK A 40 -17.87 -17.81 36.71
CA UNK A 41 -20.60 -19.99 37.94
CA UNK A 42 -23.80 -22.04 37.96
CA UNK A 43 -26.69 -21.00 40.14
CA UNK A 44 -30.16 -20.42 38.76
CA UNK A 45 -30.76 -17.77 36.29
CA UNK A 46 -28.07 -15.73 38.10
CA UNK A 47 -25.72 -16.79 35.34
CA UNK A 48 -28.01 -15.45 32.61
CA UNK A 49 -28.92 -12.23 34.37
CA UNK A 50 -25.18 -11.42 34.66
CA UNK A 51 -24.16 -12.41 31.17
CA UNK A 52 -22.28 -11.54 27.97
CA UNK A 53 -24.44 -12.26 24.68
CA UNK A 54 -24.71 -10.99 21.00
CA UNK A 55 -28.58 -11.34 19.86
CA UNK A 56 -32.29 -9.80 20.19
CA UNK A 57 -34.30 -13.10 20.15
CA UNK A 58 -31.98 -14.28 22.90
CA UNK A 59 -32.60 -11.02 24.80
CA UNK A 60 -36.27 -12.03 24.74
CA UNK A 61 -35.74 -15.53 26.34
CA UNK A 62 -33.51 -13.88 28.95
CA UNK A 63 -36.52 -11.73 29.95
CA UNK A 64 -37.93 -14.81 31.74
CA UNK A 65 -35.33 -14.17 34.47
CA UNK A 66 -37.44 -11.17 35.45
CA UNK A 67 -40.90 -12.88 35.86
CA UNK A 68 -40.63 -13.00 39.89
CA UNK A 69 -43.60 -15.44 40.46
CA UNK A 70 -41.43 -18.56 39.60
CA UNK A 71 -37.65 -18.11 38.65
CA UNK A 72 -37.77 -20.61 41.36
CA UNK A 73 -34.99 -23.12 41.18
CA UNK A 74 -34.38 -24.55 37.74
CA UNK A 75 -37.78 -23.22 36.44
CA UNK A 76 -35.80 -20.19 36.02
CA UNK A 77 -33.56 -22.79 34.38
CA UNK A 78 -35.83 -25.74 34.16
CA UNK A 79 -38.06 -23.07 32.57
CA UNK A 80 -35.23 -21.49 30.54
CA UNK A 81 -33.80 -24.77 29.31
CA UNK A 82 -37.28 -26.00 28.36
CA UNK A 83 -38.19 -22.76 26.46
CA UNK A 84 -34.97 -23.24 24.52
CA UNK A 85 -35.91 -26.79 23.68
CA UNK A 86 -39.53 -25.95 22.85
CA UNK A 87 -38.24 -23.23 20.41
CA UNK A 88 -36.41 -26.06 18.87
CA UNK A 89 -39.19 -28.69 18.78
CA UNK A 90 -40.79 -26.62 16.13
CA UNK A 91 -38.01 -26.49 13.61
CA UNK A 92 -38.20 -30.06 12.43
CA UNK A 93 -41.97 -29.88 12.01
CA UNK A 94 -41.73 -26.56 10.21
CA UNK A 95 -39.12 -28.41 8.22
CA UNK A 96 -41.14 -26.52 5.54
CA UNK A 97 -44.39 -24.24 6.47
CA UNK A 98 -47.02 -23.26 9.16
CA UNK A 99 -48.36 -20.94 11.84
CA UNK A 100 -48.82 -22.60 15.27
CA UNK A 101 -52.48 -21.53 16.33
CA UNK A 102 -52.72 -25.15 17.04
CA UNK A 103 -49.43 -25.21 18.84
CA UNK A 104 -50.45 -22.56 21.38
CA UNK A 105 -53.92 -24.18 21.56
CA UNK A 106 -52.40 -27.61 22.10
CA UNK A 107 -50.27 -26.27 24.98
CA UNK A 108 -53.36 -24.63 26.52
CA UNK A 109 -55.31 -27.92 26.32
CA UNK A 110 -52.32 -29.78 27.76
CA UNK A 111 -51.66 -27.37 30.66
CA UNK A 112 -55.36 -27.15 31.62
CA UNK A 113 -55.49 -30.94 31.76
CA UNK A 114 -52.24 -31.15 33.76
CA UNK A 115 -53.55 -28.61 36.22
CA UNK A 116 -56.16 -31.11 36.84
CA UNK A 117 -53.43 -33.99 36.92
CA UNK A 118 -50.85 -32.42 39.43
CA UNK A 119 -53.36 -31.40 42.05
CA UNK A 120 -53.74 -35.22 41.87
CA UNK A 121 -51.19 -35.85 44.51
CA UNK A 122 -51.13 -32.98 46.78
CA UNK A 123 -50.40 -33.15 50.32
CA UNK A 124 -52.07 -30.59 52.80
CA UNK A 125 -50.37 -29.53 56.42
CA UNK A 126 -48.44 -26.63 58.30
CA UNK A 127 -46.41 -28.75 60.77
CA UNK A 128 -45.49 -31.65 58.55
CA UNK A 129 -42.31 -33.73 58.27
CA UNK A 130 -43.18 -33.83 54.62
CA UNK A 131 -42.36 -30.17 55.14
CA UNK A 132 -38.71 -31.19 55.46
CA UNK A 133 -39.02 -33.16 52.23
CA UNK A 134 -40.44 -30.06 50.52
CA UNK A 135 -37.40 -27.98 51.55
CA UNK A 136 -34.84 -30.69 50.70
CA UNK A 137 -36.38 -30.82 47.25
CA UNK A 138 -36.43 -26.99 46.96
CA UNK A 139 -32.65 -26.76 47.40
CA UNK A 140 -32.12 -28.67 44.19
CA UNK A 141 -28.79 -30.39 44.13
CA UNK A 142 -26.53 -28.39 46.30
CA UNK A 143 -25.34 -31.91 47.08
CA UNK A 144 -21.88 -31.05 48.07
CA UNK A 145 -21.46 -33.09 51.23
CA UNK A 146 -23.55 -32.66 54.33
CA UNK A 147 -25.19 -29.36 53.69
CA UNK A 148 -28.11 -31.27 52.50
CA UNK A 149 -29.92 -32.98 55.37
CA UNK A 150 -28.16 -30.60 57.73
CA UNK A 151 -29.10 -27.62 55.55
CA UNK A 152 -32.68 -28.81 54.96
CA UNK A 153 -33.13 -28.91 58.74
CA UNK A 154 -31.82 -25.38 59.15
CA UNK A 155 -34.35 -24.21 56.56
CA UNK A 156 -37.41 -25.81 58.19
CA UNK A 157 -36.10 -24.52 61.45
CA UNK A 158 -36.19 -21.14 59.62
CA UNK A 159 -39.48 -20.60 57.56
CA UNK A 160 -41.65 -22.03 60.36
CA UNK A 161 -40.48 -19.21 62.65
CA UNK A 162 -41.86 -16.31 60.54
CA UNK A 163 -44.72 -18.20 58.89
CA UNK A 164 -48.02 -16.74 59.96
CA UNK A 165 -51.73 -17.54 59.52
CA UNK A 166 -54.12 -14.98 58.07
CA UNK A 167 -57.74 -15.99 57.44
CA UNK A 168 -57.19 -19.77 57.51
CA UNK A 169 -54.15 -19.54 55.23
CA UNK A 170 -50.33 -19.44 55.85
CA UNK A 171 -48.54 -16.12 54.70
CA UNK A 172 -44.71 -15.54 54.90
CA UNK A 173 -43.16 -12.15 54.33
CA UNK A 174 -39.55 -12.85 53.41
CA UNK A 175 -38.47 -9.43 54.10
CA UNK A 176 -37.94 -11.10 57.60
CA UNK A 177 -34.85 -13.13 56.84
CA UNK A 178 -32.77 -10.24 57.17
CA UNK A 179 -30.38 -13.02 56.63
CA UNK A 180 -26.64 -12.24 56.88
CA UNK A 181 -23.68 -14.68 56.29
CA UNK A 182 -20.76 -15.01 58.79
CA UNK A 183 -17.95 -17.35 58.12
CA UNK A 184 -14.53 -18.84 58.90
CA UNK A 185 -14.26 -21.17 61.99
CA UNK A 186 -15.84 -24.86 61.64
CA UNK A 187 -18.51 -26.62 59.22
CA UNK A 188 -22.31 -26.68 59.27
CA UNK A 189 -23.30 -24.70 62.35
CA UNK A 190 -25.25 -22.28 60.07
CA UNK A 191 -26.78 -20.32 62.97
CA UNK A 192 -30.42 -19.25 62.44
CA UNK A 193 -30.59 -16.48 64.88
CA UNK A 194 -33.86 -15.70 66.21
CA UNK A 195 -31.58 -12.67 66.35
CA UNK A 196 -28.88 -10.00 65.65
CA UNK A 197 -26.90 -9.50 62.47
CA UNK A 198 -24.55 -6.97 63.84
CA UNK A 199 -21.04 -6.94 62.78
CA UNK A 200 -19.17 -3.89 63.22
CA UNK A 201 -17.76 -1.73 65.76
CA UNK A 202 -14.44 -0.72 64.85
CA UNK A 203 -14.79 2.43 63.01
CA UNK A 204 -14.60 4.88 65.76
CA UNK A 205 -14.28 4.15 69.39
CA UNK A 206 -12.48 1.88 71.76
CA UNK A 207 -15.71 0.25 71.14
CA UNK A 208 -16.62 -1.94 73.87
CA UNK A 209 -18.52 -5.02 74.63
CA UNK A 210 -21.85 -3.95 76.63
CA UNK A 211 -25.55 -2.60 77.18
CA UNK A 212 -29.15 -3.86 78.52
CA UNK A 213 -32.76 -2.85 77.69
CA UNK A 214 -31.24 -0.74 74.93
CA UNK A 215 -33.60 1.59 73.15
CA UNK A 216 -32.17 2.72 69.78
CA UNK A 217 -32.78 4.08 66.28
CA UNK A 218 -31.29 7.09 64.37
CA UNK A 219 -30.04 10.70 64.99
CA UNK A 220 -27.29 12.66 67.05
CA UNK A 221 -26.02 15.28 69.79
CA UNK A 222 -23.22 17.50 71.26
CA UNK A 223 -20.56 15.09 71.69
CA UNK A 224 -18.46 17.00 69.75
CA UNK A 225 -17.16 18.51 66.75
CA UNK A 226 -19.10 17.79 63.71
CA UNK A 227 -17.62 19.84 61.15
CA UNK A 228 -20.63 21.76 60.85
CA UNK A 229 -19.25 23.32 57.81
CA UNK A 230 -17.38 26.28 59.30
CA UNK A 231 -14.88 25.84 62.07
CA UNK A 232 -15.36 29.39 63.24
CA UNK A 233 -12.62 29.52 65.92
CA UNK A 234 -12.54 28.67 69.56
CA UNK A 235 -9.02 29.77 69.88
CA UNK A 236 -6.91 30.92 72.68
CA UNK A 237 -10.08 31.97 74.27
CA UNK A 238 -13.27 34.26 74.64
CA UNK A 239 -17.19 34.15 75.56
CA UNK A 240 -19.84 36.64 76.84
CA UNK A 241 -23.60 36.66 77.31
CA UNK A 242 -22.03 35.29 80.52
CA UNK A 243 -19.54 32.44 81.24
CA UNK A 244 -22.97 30.96 80.76
CA UNK A 245 -22.04 30.42 77.10
CA UNK A 246 -18.63 28.93 78.00
CA UNK A 247 -19.40 25.78 82.39
CA UNK A 248 -22.18 25.25 79.89
CA UNK A 249 -19.52 23.35 77.94
CA UNK A 250 -18.64 21.08 80.87
CA UNK A 251 -22.36 20.51 81.64
CA UNK A 252 -22.62 19.70 78.06
CA UNK A 253 -20.09 17.12 79.49
CA UNK A 254 -20.98 15.68 82.91
CA UNK A 255 -24.62 16.17 82.36
CA UNK A 256 -23.89 14.37 79.01
CA UNK A 257 -23.81 11.49 81.30
CA UNK A 258 -26.67 12.95 83.33
CA UNK A 259 -29.36 11.42 81.07
CA UNK A 260 -27.49 8.19 81.61
CA UNK A 261 -28.39 9.34 85.05
CA UNK A 262 -31.89 9.32 83.76
CA UNK A 263 -32.19 5.38 82.89
CA UNK A 264 -29.44 2.45 82.31
CA UNK A 265 -28.12 -0.48 80.00
CA UNK A 266 -28.06 0.24 76.10
CA UNK A 267 -29.54 2.28 72.85
CA UNK A 268 -29.03 4.10 69.28
CA UNK A 269 -27.34 3.10 66.00
CA UNK A 270 -29.38 4.96 63.61
CA UNK A 271 -27.68 6.65 60.81
CA UNK A 272 -25.43 9.45 62.29
CA UNK A 273 -23.59 12.16 64.53
CA UNK A 274 -20.50 12.06 66.93
CA UNK A 275 -16.87 13.16 67.38
CA UNK A 276 -14.08 11.44 69.55
CA UNK A 277 -15.82 13.11 72.41
CA UNK A 278 -18.51 10.52 73.13
CA UNK A 279 -17.09 7.06 73.50
CA UNK A 280 -15.24 8.60 76.40
CA UNK A 281 -18.70 8.98 78.07
CA UNK A 282 -20.44 5.70 76.97
CA UNK A 283 -17.58 3.43 77.77
CA UNK A 284 -17.93 5.36 80.96
CA UNK A 285 -21.54 4.49 81.18
CA UNK A 286 -23.80 1.66 80.15
CA UNK A 287 -24.92 0.70 76.47
CA UNK A 288 -23.24 1.39 72.71
CA UNK A 289 -23.26 2.56 68.77
CA UNK A 290 -23.50 0.69 65.19
CA UNK A 291 -23.04 2.67 61.95
CA UNK A 292 -24.12 2.82 58.15
CA UNK A 293 -24.37 -0.15 55.53
CA UNK A 294 -27.54 -0.43 53.43
CA UNK A 295 -29.96 1.06 56.02
CA UNK A 296 -31.33 -2.27 55.08
CA UNK A 297 -30.13 -2.69 58.65
CA UNK A 298 -31.47 0.74 59.36
CA UNK A 299 -34.82 -0.36 58.10
CA UNK A 300 -34.77 -3.85 59.72
CA UNK A 301 -33.17 -3.36 63.61
CA UNK A 302 -36.07 -0.94 64.09
CA UNK A 303 -38.58 -3.56 63.18
CA UNK A 304 -36.84 -6.28 65.25
CA UNK A 305 -36.63 -4.39 68.52
CA UNK A 306 -39.51 -2.04 67.85
CA UNK A 307 -37.41 1.09 68.27
CA UNK A 308 -37.41 4.51 66.93
CA UNK A 309 -34.74 5.59 64.58
CA UNK A 310 -34.31 9.35 64.93
CA UNK A 311 -32.35 12.02 63.03
CA UNK A 312 -38.78 -0.22 71.06
CA UNK A 313 -37.39 -3.51 72.53
CA UNK A 314 -35.86 -6.96 73.11
CA UNK A 315 -37.92 -8.37 76.05
CA UNK A 316 -34.37 -8.35 76.87
CA UNK A 317 -30.70 -9.03 76.52
CA UNK A 318 -28.19 -11.01 74.33
CA UNK A 319 -24.29 -11.68 74.00
CA UNK A 320 -22.14 -14.45 72.27
CA UNK A 321 -20.25 -13.79 69.02
CA UNK A 322 -17.46 -16.24 68.98
CA UNK A 323 -16.04 -16.47 65.60
CA UNK A 324 -12.75 -14.69 65.42
CA UNK A 325 -13.67 -11.05 64.91
CA UNK A 326 -15.60 -11.44 68.23
CA UNK A 327 -18.84 -9.61 69.60
CA UNK A 328 -22.23 -9.91 71.74
CA UNK A 329 -25.19 -9.14 69.28
CA UNK A 330 -28.41 -10.18 70.75
CA UNK A 331 -31.88 -11.03 69.64
CA UNK A 332 -34.57 -12.67 71.72
CA UNK A 333 -36.31 -9.42 70.89
CA UNK A 334 -40.08 -9.78 69.78
CA UNK A 335 -39.17 -11.59 65.81
CA UNK A 336 -35.53 -13.72 63.88
CA UNK A 337 -32.87 -14.89 61.13
CA UNK A 338 -29.32 -14.62 59.84
CA UNK A 339 -26.65 -17.09 60.70
CA UNK A 340 -22.68 -17.12 60.15
CA UNK A 341 -20.78 -20.34 58.57
CA UNK A 342 -17.33 -22.16 58.12
CA UNK A 343 -13.93 -23.05 56.47
CA UNK A 344 -15.11 -19.82 55.10
CA UNK A 345 -12.74 -16.76 55.21
CA UNK A 346 -13.43 -13.44 53.29
CA UNK A 347 -12.52 -12.73 49.57
CA UNK A 348 -16.20 -14.35 50.25
CA UNK A 349 -17.35 -14.36 46.63
CA UNK A 350 -18.71 -17.97 47.22
CA UNK A 351 -20.09 -17.74 50.48
CA UNK A 352 -21.49 -15.56 47.79
CA UNK A 353 -22.88 -18.33 46.00
CA UNK A 354 -24.04 -20.24 49.18
CA UNK A 355 -25.98 -17.13 50.11
CA UNK A 356 -27.05 -16.97 46.52
CA UNK A 357 -28.13 -20.68 46.80
CA UNK A 358 -29.58 -20.60 50.41
CA UNK A 359 -31.69 -17.67 49.33
CA UNK A 360 -33.06 -19.70 46.43
CA UNK A 361 -33.70 -22.64 48.77
CA UNK A 362 -35.63 -20.34 51.07
CA UNK A 363 -37.66 -19.11 48.10
CA UNK A 364 -38.69 -22.53 46.72
CA UNK A 365 -39.61 -23.08 50.39
CA UNK A 366 -41.67 -19.93 51.05
CA UNK A 367 -43.64 -20.21 47.76
CA UNK A 368 -44.46 -23.87 48.35
CA UNK A 369 -45.45 -23.18 51.91
CA UNK A 370 -48.02 -20.61 50.99
CA UNK A 371 -49.85 -22.05 48.03
CA UNK A 372 -51.17 -25.38 49.38
CA UNK A 373 -52.34 -28.58 47.37
CA UNK A 374 -49.41 -30.16 45.50
CA UNK A 375 -48.85 -32.95 43.31
CA UNK A 376 -45.07 -33.94 43.33
CA UNK A 377 -44.07 -31.37 40.65
CA UNK A 378 -40.81 -31.58 38.56
CA UNK A 379 -38.69 -34.21 36.50
CA UNK A 380 -41.22 -36.80 37.39
CA UNK A 381 -44.26 -34.59 36.79
CA UNK A 382 -42.92 -33.48 33.42
CA UNK A 383 -42.47 -37.32 32.77
CA UNK A 384 -46.01 -38.49 33.53
CA UNK A 385 -47.40 -35.43 31.72
CA UNK A 386 -45.15 -35.95 28.72
CA UNK A 387 -46.44 -39.56 28.41
CA UNK A 388 -50.11 -38.71 28.80
CA UNK A 389 -50.15 -35.64 26.50
CA UNK A 390 -48.33 -37.69 23.90
CA UNK A 391 -51.47 -39.88 23.82
CA UNK A 392 -54.01 -37.06 24.23
CA UNK A 393 -52.45 -35.54 21.12
CA UNK A 394 -53.79 -38.52 19.11
CA UNK A 395 -57.37 -37.40 19.46
CA UNK A 396 -56.97 -35.53 15.97
CA UNK A 397 -60.29 -33.62 16.24
CA UNK A 398 -59.75 -32.93 12.82
CA UNK A 399 -56.86 -31.36 11.35
CA UNK A 400 -53.14 -31.03 11.77
CA UNK A 401 -52.15 -31.77 15.48
CA UNK A 402 -48.46 -31.51 14.57
CA UNK A 403 -47.58 -28.88 17.21
CA UNK A 404 -48.65 -31.21 20.04
CA UNK A 405 -46.51 -34.06 18.69
CA UNK A 406 -43.68 -31.54 18.68
CA UNK A 407 -44.00 -30.30 22.27
CA UNK A 408 -44.29 -34.06 23.03
CA UNK A 409 -40.68 -34.82 21.84
CA UNK A 410 -40.00 -31.35 24.04
CA UNK A 411 -40.40 -32.54 27.63
CA UNK A 412 -38.26 -35.43 26.30
CA UNK A 413 -35.74 -32.68 26.07
CA UNK A 414 -36.15 -32.48 29.88
CA UNK A 415 -35.21 -36.09 30.81
CA UNK A 416 -32.39 -35.82 28.27
CA UNK A 417 -31.10 -32.60 29.76
CA UNK A 418 -30.93 -34.18 33.19
CA UNK A 419 -29.03 -37.14 31.72
CA UNK A 420 -26.54 -34.94 29.95
CA UNK A 421 -25.94 -32.73 32.93
CA UNK A 422 -26.03 -35.11 35.91
CA UNK A 423 -23.70 -36.83 33.63
CA UNK A 424 -24.45 -40.12 32.28
CA UNK A 425 -26.23 -41.43 29.33
CA UNK A 426 -29.52 -40.57 27.49
CA UNK A 427 -30.73 -43.16 25.32
CA UNK A 428 -32.49 -46.13 26.62
CA UNK A 429 -32.97 -44.69 29.88
CA UNK A 430 -35.48 -42.86 27.77
CA UNK A 431 -36.47 -46.11 25.95
CA UNK A 432 -37.03 -47.50 29.37
CA UNK A 433 -38.65 -44.43 30.92
CA UNK A 434 -41.27 -44.34 28.15
CA UNK A 435 -42.22 -47.98 28.62
CA UNK A 436 -42.64 -47.72 32.42
CA UNK A 437 -44.78 -44.55 32.26
CA UNK A 438 -46.76 -46.25 29.52
CA UNK A 439 -47.25 -48.53 32.53
CA UNK A 440 -48.16 -45.59 34.81
CA UNK A 441 -44.64 -45.04 35.86
CA UNK A 442 -44.47 -42.35 38.37
CA UNK A 443 -40.95 -41.97 39.19
CA UNK A 444 -38.09 -43.77 37.76
CA UNK A 445 -35.50 -41.32 37.02
CA UNK A 446 -32.12 -40.93 37.97
CA UNK A 447 -30.73 -41.27 41.27
CA UNK A 448 -28.02 -38.98 42.55
CA UNK A 449 -26.13 -41.89 44.35
CA UNK A 450 -26.23 -44.43 41.66
CA UNK A 451 -25.04 -43.16 38.39
CA UNK A 452 -28.38 -45.37 37.56
CA UNK A 453 -32.52 -45.49 37.35
CA UNK A 454 -36.16 -45.61 39.41
CA UNK A 455 -38.92 -43.54 41.80
CA UNK A 456 -39.57 -40.00 43.65
CA UNK A 457 -42.81 -40.99 45.50
CA UNK A 458 -40.37 -42.33 48.01
CA UNK A 459 -38.00 -39.43 47.80
CA UNK A 460 -38.92 -35.94 48.89
CA UNK A 461 -37.91 -34.43 45.45
CA UNK A 462 -40.75 -33.46 43.24
CA UNK A 463 -42.38 -30.30 43.36
CA UNK A 464 -44.11 -27.19 43.33
CA UNK A 465 -47.31 -27.40 41.34
CA UNK A 466 -47.72 -23.59 41.21
CA UNK A 467 -44.24 -22.99 39.83
CA UNK A 468 -44.83 -25.54 37.02
CA UNK A 469 -48.14 -24.23 35.78
CA UNK A 470 -46.89 -20.63 35.81
CA UNK A 471 -43.68 -21.58 34.03
CA UNK A 472 -45.77 -23.12 31.25
CA UNK A 473 -47.79 -20.12 31.01
CA UNK A 474 -43.47 -19.69 30.39
CA UNK A 475 -43.39 -22.25 27.58
CA UNK A 476 -46.45 -20.80 25.92
CA UNK A 477 -45.07 -17.25 26.15
CA UNK A 478 -41.69 -18.33 24.80
CA UNK A 479 -43.53 -19.82 21.77
CA UNK A 480 -45.39 -16.70 21.39
CA UNK A 481 -41.65 -15.72 20.67
CA UNK A 482 -41.73 -17.79 17.53
CA UNK A 483 -44.91 -16.35 16.05
CA UNK A 484 -43.84 -12.78 16.69
CA UNK A 485 -40.43 -13.27 15.58
CA UNK A 486 -42.33 -14.01 12.53
CA UNK A 487 -41.99 -10.34 11.74
CA UNK A 488 -39.05 -8.41 10.82
CA UNK A 489 -36.29 -6.49 12.51
CA UNK B 1 -13.74 -28.40 24.70
CA UNK B 2 -11.20 -30.91 25.60
CA UNK B 3 -9.77 -27.85 23.94
CA UNK B 4 -10.81 -25.61 26.83
CA UNK B 5 -9.95 -28.23 29.48
CA UNK B 6 -6.72 -29.54 28.06
CA UNK B 7 -5.56 -25.84 27.76
CA UNK B 8 -6.31 -25.27 31.38
CA UNK B 9 -4.24 -28.56 32.02
CA UNK B 10 -1.07 -28.11 29.88
CA UNK B 11 -0.49 -24.73 31.54
CA UNK B 12 -0.70 -26.12 35.06
CA UNK B 13 1.82 -28.80 34.16
CA UNK B 14 4.24 -26.26 32.74
CA UNK B 15 4.45 -24.19 35.90
CA UNK B 16 4.85 -27.29 38.02
CA UNK B 17 7.82 -28.25 35.91
CA UNK B 18 9.38 -24.84 36.69
CA UNK B 19 9.73 -25.70 40.38
CA UNK B 20 9.97 -29.50 40.27
CA UNK B 21 13.77 -29.80 40.40
CA UNK B 22 15.37 -29.44 43.68
CA UNK B 23 14.43 -26.18 41.82
CA UNK B 24 15.75 -24.30 38.81
CA UNK B 25 16.00 -22.71 35.44
CA UNK B 26 14.86 -19.97 33.21
CA UNK B 27 11.60 -18.77 34.31
CA UNK B 28 9.99 -15.57 34.35
CA UNK B 29 8.28 -12.40 34.45
CA UNK B 30 6.74 -10.28 31.69
CA UNK B 31 8.20 -7.01 30.47
CA UNK B 32 5.53 -4.55 29.48
CA UNK B 33 7.19 -1.39 30.22
CA UNK B 34 7.85 -3.03 33.89
CA UNK B 35 9.29 -3.52 37.71
CA UNK B 36 12.09 -5.19 39.97
CA UNK B 37 11.27 -8.61 38.50
CA UNK B 38 14.05 -10.58 39.71
CA UNK B 39 15.80 -13.68 39.89
CA UNK B 40 14.09 -15.16 42.74
CA UNK B 41 13.59 -18.84 42.41
CA UNK B 42 13.85 -21.53 45.09
CA UNK B 43 12.93 -25.30 45.60
CA UNK B 44 9.67 -25.03 47.45
CA UNK B 45 7.40 -23.36 44.96
CA UNK B 46 5.67 -20.76 47.22
CA UNK B 47 8.29 -18.09 46.48
CA UNK B 48 8.33 -18.91 42.77
CA UNK B 49 4.53 -18.70 42.52
CA UNK B 50 3.97 -15.58 44.66
CA UNK B 51 6.68 -13.72 42.75
CA UNK B 52 6.05 -15.61 39.72
CA UNK B 53 2.53 -16.27 39.11
CA UNK B 54 1.45 -12.70 38.99
CA UNK B 55 1.06 -11.46 35.31
CA UNK B 56 -1.34 -13.83 33.03
CA UNK B 57 -5.18 -14.72 32.44
CA UNK B 58 -8.36 -16.50 33.58
CA UNK B 59 -7.03 -19.95 34.19
CA UNK B 60 -5.74 -17.78 37.02
CA UNK B 61 -8.60 -19.54 38.59
CA UNK B 62 -7.14 -22.34 40.52
CA UNK B 63 -4.58 -19.64 41.16
CA UNK B 64 -6.72 -18.50 44.12
CA UNK B 65 -5.51 -21.62 45.99
CA UNK B 66 -2.18 -19.80 46.46
CA UNK B 67 -3.94 -17.51 48.85
CA UNK B 68 -4.03 -20.85 50.39
CA UNK B 69 -2.29 -18.85 53.28
CA UNK B 70 -1.48 -22.12 55.17
CA UNK B 71 1.95 -23.57 53.82
CA UNK B 72 4.97 -23.73 51.28
CA UNK B 73 7.60 -26.15 52.55
CA UNK B 74 9.48 -28.91 50.87
CA UNK B 75 7.54 -30.55 48.18
CA UNK B 76 5.03 -27.66 48.77
CA UNK B 77 2.73 -25.47 46.88
CA UNK B 78 4.54 -27.88 44.59
CA UNK B 79 2.47 -30.72 46.09
CA UNK B 80 -0.87 -28.97 45.48
CA UNK B 81 0.04 -27.91 41.91
CA UNK B 82 1.46 -31.29 40.91
CA UNK B 83 -1.58 -33.04 42.41
CA UNK B 84 -4.10 -30.78 40.55
CA UNK B 85 -2.12 -30.34 37.40
CA UNK B 86 -2.85 -33.97 37.19
CA UNK B 87 -6.30 -35.20 37.62
CA UNK B 88 -6.26 -32.99 34.54
CA UNK B 89 -3.77 -35.40 33.20
CA UNK B 90 -5.42 -38.67 34.27
CA UNK B 91 -8.78 -37.27 33.12
CA UNK B 92 -7.50 -36.68 29.59
CA UNK B 93 -7.27 -40.48 29.20
CA UNK B 94 -10.88 -41.24 30.45
CA UNK B 95 -12.32 -38.42 28.28
CA UNK B 96 -10.90 -39.95 25.11
CA UNK B 97 -13.34 -42.59 25.75
CA UNK B 98 -16.64 -41.27 26.81
CA UNK B 99 -17.13 -42.09 30.61
CA UNK B 100 -18.82 -38.81 32.21
CA UNK B 101 -16.92 -36.16 34.43
CA UNK B 102 -19.69 -36.31 37.11
CA UNK B 103 -18.49 -39.83 37.71
CA UNK B 104 -14.71 -39.19 37.69
CA UNK B 105 -15.34 -35.99 39.67
CA UNK B 106 -17.49 -38.12 41.99
CA UNK B 107 -14.65 -40.74 42.31
CA UNK B 108 -12.01 -38.25 43.19
CA UNK B 109 -14.43 -36.46 45.45
CA UNK B 110 -15.23 -39.53 47.40
CA UNK B 111 -11.67 -40.61 46.99
CA UNK B 112 -9.60 -38.43 49.12
CA UNK B 113 -12.54 -38.89 51.51
CA UNK B 114 -11.43 -42.44 52.25
CA UNK B 115 -7.80 -41.65 51.34
CA UNK B 116 -7.80 -38.72 53.71
CA UNK B 117 -8.84 -41.16 56.40
CA UNK B 118 -6.26 -43.84 55.51
CA UNK B 119 -3.38 -41.34 55.67
CA UNK B 120 -4.33 -40.10 59.12
CA UNK B 121 -4.10 -44.14 60.03
CA UNK B 122 -0.58 -45.65 59.09
CA UNK B 123 0.14 -42.39 61.07
CA UNK B 124 3.27 -41.81 62.76
CA UNK B 125 3.00 -39.77 65.97
CA UNK B 126 5.39 -37.85 68.40
CA UNK B 127 6.57 -34.59 69.82
CA UNK B 128 9.16 -34.63 72.51
CA UNK B 129 11.69 -32.00 73.59
CA UNK B 130 14.06 -34.92 73.05
CA UNK B 131 11.45 -35.80 70.52
CA UNK B 132 11.30 -32.05 70.05
CA UNK B 133 14.97 -32.24 69.07
CA UNK B 134 14.14 -34.98 66.58
CA UNK B 135 11.41 -32.74 65.10
CA UNK B 136 13.93 -29.92 64.51
CA UNK B 137 16.69 -32.22 63.16
CA UNK B 138 14.16 -33.50 60.66
CA UNK B 139 12.93 -30.02 59.76
CA UNK B 140 16.52 -28.89 59.03
CA UNK B 141 15.49 -30.08 56.95
CA UNK B 142 14.73 -28.73 53.46
CA UNK B 143 17.70 -26.17 53.13
CA UNK B 144 21.43 -26.09 52.04
CA UNK B 145 21.08 -27.40 55.46
CA UNK B 146 24.50 -26.96 56.71
CA UNK B 147 22.53 -26.60 59.96
CA UNK B 148 22.05 -23.09 61.03
CA UNK B 149 18.26 -23.62 60.90
CA UNK B 150 19.01 -26.12 63.72
CA UNK B 151 19.77 -23.10 65.86
CA UNK B 152 16.95 -20.74 64.72
CA UNK B 153 14.62 -23.70 65.21
CA UNK B 154 16.06 -23.86 68.72
CA UNK B 155 15.55 -20.13 69.23
CA UNK B 156 11.89 -20.56 68.30
CA UNK B 157 11.15 -23.42 70.72
CA UNK B 158 13.11 -21.52 73.35
CA UNK B 159 11.10 -18.34 72.86
CA UNK B 160 7.88 -20.02 72.15
CA UNK B 161 7.62 -21.54 75.59
CA UNK B 162 7.29 -17.97 75.54
CA UNK B 163 3.71 -18.99 75.66
CA UNK B 164 1.74 -22.08 75.43
CA UNK B 165 -4.30 -19.18 74.96
CA UNK B 166 -4.52 -18.23 71.44
CA UNK B 167 -2.05 -21.18 71.61
CA UNK B 168 0.44 -19.63 69.00
CA UNK B 169 3.49 -18.76 66.54
CA UNK B 170 2.96 -15.03 65.48
CA UNK B 171 4.72 -13.94 68.82
CA UNK B 172 8.05 -14.33 66.97
CA UNK B 173 9.14 -11.00 65.67
CA UNK B 174 11.96 -12.20 63.63
CA UNK B 175 14.42 -9.80 61.94
CA UNK B 176 17.59 -10.80 59.77
CA UNK B 177 20.82 -8.90 59.60
CA UNK B 178 23.33 -10.29 57.68
CA UNK B 179 26.55 -10.42 56.08
CA UNK B 180 29.41 -11.21 58.45
CA UNK B 181 30.18 -14.89 59.24
CA UNK B 182 27.77 -17.85 58.33
CA UNK B 183 26.11 -19.62 61.24
CA UNK B 184 25.84 -16.73 63.73
CA UNK B 185 22.10 -16.17 64.00
CA UNK B 186 22.18 -13.56 66.66
CA UNK B 187 19.05 -14.54 68.51
CA UNK B 188 18.56 -11.49 70.59
CA UNK B 189 16.73 -12.57 73.63
CA UNK B 190 14.48 -9.64 73.71
CA UNK B 191 13.87 -7.23 70.99
CA UNK B 192 16.94 -7.15 69.00
CA UNK B 193 14.50 -4.68 68.37
CA UNK B 194 16.26 -3.48 65.05
CA UNK B 195 16.47 0.53 64.73
CA UNK B 196 19.16 3.02 66.14
CA UNK B 197 18.79 5.42 69.10
CA UNK B 198 17.94 9.03 67.99
CA UNK B 199 20.21 11.02 70.46
CA UNK B 200 23.94 10.39 70.04
CA UNK B 201 24.16 11.48 73.62
CA UNK B 202 21.71 8.60 74.76
CA UNK B 203 22.54 5.31 76.76
CA UNK B 204 24.13 2.54 74.77
CA UNK B 205 22.03 0.08 76.84
CA UNK B 206 18.79 0.98 78.58
CA UNK B 207 17.68 -2.22 80.11
CA UNK B 208 14.36 -2.93 81.71
CA UNK B 209 14.08 0.42 80.34
CA UNK B 210 10.62 1.67 80.90
CA UNK B 211 9.68 1.45 77.20
CA UNK B 212 7.41 4.45 76.93
CA UNK B 213 5.58 4.48 73.67
CA UNK B 214 4.53 7.32 71.48
CA UNK B 215 2.33 6.98 68.44
CA UNK B 216 2.04 10.70 68.36
CA UNK B 217 5.02 12.16 66.81
CA UNK B 218 6.90 13.93 69.58
CA UNK B 219 6.85 17.24 67.95
CA UNK B 220 4.66 20.30 68.21
CA UNK B 221 7.29 21.93 65.95
CA UNK B 222 7.34 24.73 63.42
CA UNK B 223 4.68 23.49 60.99
CA UNK B 224 5.65 21.46 57.87
CA UNK B 225 3.33 23.60 55.45
CA UNK B 226 0.03 24.94 56.79
CA UNK B 227 -1.21 27.37 59.27
CA UNK B 228 0.59 30.69 58.81
CA UNK B 229 2.89 32.72 61.03
CA UNK B 230 2.85 36.53 60.70
CA UNK B 231 5.73 38.84 62.15
CA UNK B 232 4.96 42.40 63.70
CA UNK B 233 4.36 43.31 67.52
CA UNK B 234 8.04 42.69 67.91
CA UNK B 235 8.48 41.39 71.48
CA UNK B 236 6.33 38.28 71.17
CA UNK B 237 8.57 36.71 68.56
CA UNK B 238 11.29 36.00 71.12
CA UNK B 239 8.80 34.62 73.61
CA UNK B 240 7.40 32.24 70.97
CA UNK B 241 10.90 31.19 70.07
CA UNK B 242 11.53 30.59 73.79
CA UNK B 243 8.36 28.61 74.58
CA UNK B 244 9.87 26.05 72.16
CA UNK B 245 13.19 25.87 74.03
CA UNK B 246 11.39 25.63 77.38
CA UNK B 247 9.19 22.90 75.89
CA UNK B 248 12.31 20.81 75.15
CA UNK B 249 13.74 21.68 78.57
CA UNK B 250 10.61 20.28 80.27
CA UNK B 251 10.67 17.09 78.18
CA UNK B 252 14.13 16.43 79.57
CA UNK B 253 13.07 17.50 83.09
CA UNK B 254 10.28 14.83 83.07
CA UNK B 255 12.80 12.23 81.97
CA UNK B 256 15.26 13.23 84.65
CA UNK B 257 12.57 13.31 87.32
CA UNK B 258 11.60 9.79 87.20
CA UNK B 259 13.92 7.65 85.34
CA UNK B 260 10.99 6.48 83.01
CA UNK B 261 14.26 5.93 81.04
CA UNK B 262 14.44 4.69 77.59
CA UNK B 263 10.83 5.95 77.73
CA UNK B 264 9.84 5.21 74.07
CA UNK B 265 8.08 7.15 71.00
CA UNK B 266 6.64 5.62 67.58
CA UNK B 267 6.48 8.25 64.76
CA UNK B 268 8.93 11.30 64.54
CA UNK B 269 10.80 14.73 66.45
CA UNK B 270 13.52 18.13 64.88
CA UNK B 271 17.21 19.99 64.75
CA UNK B 272 16.66 21.91 68.00
CA UNK B 273 14.99 18.77 69.34
CA UNK B 274 18.02 16.76 68.34
CA UNK B 275 20.09 19.34 70.19
CA UNK B 276 18.21 18.86 73.47
CA UNK B 277 17.86 15.06 73.09
CA UNK B 278 21.66 14.80 72.73
CA UNK B 279 22.03 17.16 75.64
CA UNK B 280 20.31 14.45 77.51
CA UNK B 281 21.97 11.40 76.32
CA UNK B 282 18.69 9.63 77.67
CA UNK B 283 17.79 7.24 74.85
CA UNK B 284 14.80 9.30 73.49
CA UNK B 285 13.78 8.69 69.68
CA UNK B 286 11.41 9.01 66.43
CA UNK B 287 10.39 7.53 62.79
CA UNK B 288 7.78 5.19 60.86
CA UNK B 289 8.63 1.35 59.94
CA UNK B 290 5.52 0.87 62.05
CA UNK B 291 5.87 -2.89 62.45
CA UNK B 292 8.12 -2.46 65.47
CA UNK B 293 5.89 0.27 66.88
CA UNK B 294 3.11 -2.31 66.85
CA UNK B 295 5.62 -5.25 67.73
CA UNK B 296 7.51 -3.30 70.40
CA UNK B 297 4.17 -2.28 71.87
CA UNK B 298 3.38 -5.96 71.92
CA UNK B 299 6.77 -6.78 73.53
CA UNK B 300 6.76 -4.91 76.70
CA UNK B 301 5.42 -1.37 75.82
CA UNK B 302 5.71 -1.59 79.53
CA UNK B 303 8.97 -3.67 80.68
CA UNK B 304 12.19 -5.84 79.74
CA UNK B 305 15.41 -5.20 81.69
CA UNK B 306 17.70 -4.26 78.97
CA UNK B 307 17.62 -1.90 76.21
CA UNK B 308 20.95 -1.83 74.50
CA UNK B 309 22.32 -0.56 71.18
CA UNK B 310 25.29 -2.32 69.72
CA UNK B 311 27.03 -2.09 66.37
CA UNK B 312 26.20 -4.91 63.97
CA UNK B 313 28.17 -4.89 60.76
CA UNK B 314 28.29 -1.22 59.82
CA UNK B 315 25.04 -0.19 61.44
CA UNK B 316 24.05 0.32 65.08
CA UNK B 317 20.92 -1.68 66.28
CA UNK B 318 18.57 -1.87 69.47
CA UNK B 319 17.91 -5.01 71.49
CA UNK B 320 15.22 -5.16 74.16
CA UNK B 321 16.11 -8.20 76.48
CA UNK B 322 13.84 -8.90 79.78
CA UNK B 323 9.88 -10.28 80.34
CA UNK B 324 7.65 -11.92 77.60
CA UNK B 325 8.72 -11.75 73.91
CA UNK B 326 12.06 -12.87 72.60
CA UNK B 327 12.30 -12.35 68.87
CA UNK B 328 14.95 -11.99 66.05
CA UNK B 329 18.58 -13.09 64.94
CA UNK B 330 21.28 -11.64 62.42
CA UNK B 331 23.46 -13.96 59.91
CA UNK B 332 26.66 -14.14 57.65
CA UNK B 333 28.86 -13.62 54.58
CA UNK B 334 25.76 -11.55 53.48
CA UNK B 335 26.17 -7.87 52.47
CA UNK B 336 23.00 -5.83 51.84
CA UNK B 337 21.51 -5.72 48.28
CA UNK B 338 18.60 -8.29 48.66
CA UNK B 339 18.74 -11.65 46.50
CA UNK B 340 19.31 -14.71 48.76
CA UNK B 341 18.44 -13.23 52.13
CA UNK B 342 15.00 -12.61 50.59
CA UNK B 343 14.17 -15.91 48.84
CA UNK B 344 14.94 -17.00 52.36
CA UNK B 345 13.41 -16.09 55.69
CA UNK B 346 10.75 -17.47 53.45
CA UNK B 347 12.14 -20.87 54.48
CA UNK B 348 12.43 -20.23 58.22
CA UNK B 349 8.95 -18.95 58.85
CA UNK B 350 8.20 -22.09 56.78
CA UNK B 351 9.51 -24.15 59.69
CA UNK B 352 8.09 -21.67 62.28
CA UNK B 353 4.67 -21.92 60.63
CA UNK B 354 4.63 -25.71 60.48
CA UNK B 355 5.90 -26.09 64.02
CA UNK B 356 3.27 -23.59 65.17
CA UNK B 357 0.37 -25.37 63.45
CA UNK B 358 1.41 -28.77 64.85
CA UNK B 359 1.82 -27.24 68.31
CA UNK B 360 -1.86 -26.27 67.85
CA UNK B 361 -2.36 -29.94 66.31
CA UNK B 362 -0.70 -33.23 68.10
CA UNK B 363 -0.32 -35.99 65.37
CA UNK B 364 1.58 -36.24 62.19
CA UNK B 365 3.32 -38.86 60.16
CA UNK B 366 5.76 -39.92 57.51
CA UNK B 367 6.19 -38.05 54.14
CA UNK B 368 8.12 -38.86 50.81
CA UNK B 369 5.97 -41.45 49.36
CA UNK B 370 5.52 -44.15 51.57
CA UNK B 371 2.06 -42.43 51.45
CA UNK B 372 1.57 -42.38 47.70
CA UNK B 373 2.76 -45.98 47.41
CA UNK B 374 0.45 -47.31 50.10
CA UNK B 375 -2.67 -45.37 49.41
CA UNK B 376 -1.63 -46.71 46.02
CA UNK B 377 -1.85 -50.31 47.33
CA UNK B 378 -5.15 -49.88 49.15
CA UNK B 379 -6.93 -47.88 46.40
CA UNK B 380 -5.81 -50.50 43.92
CA UNK B 381 -7.91 -53.03 45.85
CA UNK B 382 -10.61 -50.62 47.02
CA UNK B 383 -11.00 -50.64 43.32
CA UNK B 384 -11.96 -54.12 43.58
CA UNK B 385 -13.80 -52.52 46.24
CA UNK B 386 -16.40 -50.43 44.96
CA UNK B 387 -18.55 -50.65 41.87
CA UNK B 388 -16.73 -51.06 38.62
CA UNK B 389 -17.19 -47.18 37.76
CA UNK B 390 -15.84 -45.02 40.68
CA UNK B 391 -13.16 -47.67 41.05
CA UNK B 392 -11.94 -46.84 37.54
CA UNK B 393 -11.74 -43.14 38.42
CA UNK B 394 -9.84 -43.93 41.62
CA UNK B 395 -7.29 -46.11 39.80
CA UNK B 396 -6.89 -43.16 37.40
CA UNK B 397 -6.24 -40.83 40.29
CA UNK B 398 -3.86 -43.06 42.21
CA UNK B 399 -1.85 -42.79 39.16
CA UNK B 400 -1.98 -38.97 39.34
CA UNK B 401 -0.08 -38.79 42.66
CA UNK B 402 2.85 -40.61 41.07
CA UNK B 403 3.44 -37.52 38.91
CA UNK B 404 5.31 -36.00 41.86
CA UNK B 405 7.86 -38.76 42.51
CA UNK B 406 8.26 -39.04 38.74
CA UNK B 407 8.85 -35.27 38.41
CA UNK B 408 11.58 -35.74 41.12
CA UNK B 409 13.12 -38.67 39.18
CA UNK B 410 13.68 -36.34 36.41
CA UNK B 411 14.47 -34.39 39.61
CA UNK B 412 17.44 -35.86 41.50
CA UNK B 413 17.88 -38.53 38.54
CA UNK B 414 15.91 -41.82 37.94
CA UNK B 415 13.68 -42.52 34.96
CA UNK B 416 11.28 -43.55 37.78
CA UNK B 417 10.44 -47.02 36.62
CA UNK B 418 12.10 -49.75 38.45
CA UNK B 419 11.56 -47.25 41.24
CA UNK B 420 7.85 -48.04 41.17
CA UNK B 421 8.52 -51.78 41.19
CA UNK B 422 10.70 -51.43 44.30
CA UNK B 423 8.41 -48.93 46.01
CA UNK B 424 5.45 -51.29 45.63
CA UNK B 425 7.29 -54.22 47.19
CA UNK B 426 8.59 -52.33 50.26
CA UNK B 427 5.44 -50.22 50.81
CA UNK B 428 4.28 -53.68 51.51
CA UNK B 429 6.68 -54.01 54.53
CA UNK B 430 5.69 -50.56 56.14
CA UNK B 431 8.68 -48.06 55.80
CA UNK B 432 7.46 -44.87 54.15
CA UNK B 433 10.68 -43.17 55.05
CA UNK B 434 11.81 -44.92 51.96
CA UNK B 435 14.40 -42.27 51.29
CA UNK B 436 17.01 -42.70 48.54
CA UNK B 437 19.21 -39.92 47.01
CA UNK B 438 21.12 -37.76 44.45
CA UNK B 439 24.40 -39.30 45.24
CA UNK B 440 22.36 -42.42 45.60
CA UNK B 441 20.22 -42.80 42.59
CA UNK B 442 18.18 -45.13 45.03
CA UNK B 443 15.83 -45.69 48.44
CA UNK B 444 14.36 -47.77 51.85
CA UNK B 445 14.53 -45.64 54.98
CA UNK B 446 13.91 -42.06 55.60
CA UNK B 447 12.84 -43.36 59.05
CA UNK B 448 16.52 -43.66 59.95
CA UNK B 449 17.69 -40.52 58.19
CA UNK B 450 14.78 -38.63 59.76
CA UNK B 451 13.12 -36.84 56.67
CA UNK B 452 9.35 -36.50 57.64
CA UNK B 453 5.64 -35.91 57.11
CA UNK B 454 3.19 -34.09 59.22
CA UNK B 455 -0.46 -34.18 58.86
CA UNK B 456 -2.14 -30.73 58.66
CA UNK B 457 -0.21 -29.69 55.56
CA UNK B 458 -0.73 -33.14 53.97
CA UNK B 459 -4.46 -33.40 54.45
CA UNK B 460 -5.01 -29.88 53.18
CA UNK B 461 -2.76 -30.42 50.19
CA UNK B 462 -4.95 -33.41 49.24
CA UNK B 463 -8.20 -31.63 49.98
CA UNK B 464 -7.22 -28.42 48.06
CA UNK B 465 -6.20 -30.49 45.08
CA UNK B 466 -9.52 -32.33 45.05
CA UNK B 467 -11.73 -29.29 45.51
CA UNK B 468 -9.92 -27.40 42.72
CA UNK B 469 -9.74 -30.39 40.33
CA UNK B 470 -13.50 -30.83 40.73
CA UNK B 471 -14.29 -27.25 40.06
CA UNK B 472 -12.34 -26.97 36.87
CA UNK B 473 -14.36 -30.04 36.61
CA UNK B 474 -17.63 -28.39 35.91
CA UNK B 475 -15.40 -26.74 33.23
CA UNK B 476 -18.65 -25.48 31.84
CA UNK B 477 -18.32 -22.15 29.94
CA UNK B 478 -16.74 -18.68 29.73
CA UNK C 1 14.26 -26.97 28.78
CA UNK C 2 13.14 -24.30 26.34
CA UNK C 3 14.17 -21.56 28.81
CA UNK C 4 17.57 -23.10 29.47
CA UNK C 5 19.35 -24.16 26.02
CA UNK C 6 18.80 -21.03 23.98
CA UNK C 7 18.81 -18.91 27.16
CA UNK C 8 21.96 -20.51 28.51
CA UNK C 9 24.08 -20.76 25.37
CA UNK C 10 23.27 -17.06 24.92
CA UNK C 11 24.13 -15.88 28.51
CA UNK C 12 27.55 -17.27 27.98
CA UNK C 13 27.89 -16.12 24.24
CA UNK C 14 28.17 -12.44 25.14
CA UNK C 15 30.90 -13.05 27.70
CA UNK C 16 32.96 -14.90 25.12
CA UNK C 17 32.53 -12.15 22.61
CA UNK C 18 33.99 -10.20 25.52
CA UNK C 19 36.74 -12.30 27.17
CA UNK C 20 37.68 -12.79 23.62
CA UNK C 21 37.70 -9.09 23.78
CA UNK C 22 40.69 -9.25 25.69
CA UNK C 23 43.53 -11.04 24.69
CA UNK C 24 46.37 -9.56 26.27
CA UNK C 25 49.48 -7.75 25.62
CA UNK C 26 50.41 -6.45 28.81
CA UNK C 27 46.75 -6.93 29.27
CA UNK C 28 43.17 -6.21 30.02
CA UNK C 29 42.56 -3.57 27.12
CA UNK C 30 41.87 -4.24 23.37
CA UNK C 31 39.86 -2.94 20.59
CA UNK C 32 36.75 -1.91 21.83
CA UNK C 33 34.45 0.29 23.16
CA UNK C 34 34.09 3.74 23.46
CA UNK C 35 30.76 5.13 23.76
CA UNK C 36 28.64 8.05 23.03
CA UNK C 37 25.79 9.57 24.96
CA UNK C 38 23.67 12.69 24.27
CA UNK C 39 25.25 15.78 25.98
CA UNK C 40 28.64 15.09 27.70
CA UNK C 41 29.53 12.78 24.85
CA UNK C 42 32.36 10.47 23.80
CA UNK C 43 34.36 8.22 26.10
CA UNK C 44 37.04 5.94 24.50
CA UNK C 45 38.90 3.30 26.21
CA UNK C 46 41.31 0.75 27.42
CA UNK C 47 42.04 -1.42 30.49
CA UNK C 48 39.60 -4.07 31.87
CA UNK C 49 37.14 -3.75 34.80
CA UNK C 50 35.79 -0.30 34.32
CA UNK C 51 35.13 -1.90 30.93
CA UNK C 52 32.56 -4.10 32.70
CA UNK C 53 31.04 -1.34 34.96
CA UNK C 54 30.39 1.20 32.19
CA UNK C 55 29.73 -1.44 29.60
CA UNK C 56 26.09 -1.48 28.91
CA UNK C 57 24.34 -4.74 28.98
CA UNK C 58 20.95 -5.69 27.91
CA UNK C 59 20.77 -9.32 27.66
CA UNK C 60 19.91 -10.42 31.18
CA UNK C 61 22.36 -13.29 31.32
CA UNK C 62 24.62 -10.84 32.73
CA UNK C 63 23.86 -8.52 35.53
CA UNK C 64 24.94 -11.40 37.81
CA UNK C 65 28.19 -12.28 35.97
CA UNK C 66 28.87 -8.61 36.30
CA UNK C 67 28.73 -9.42 40.18
CA UNK C 68 32.09 -11.17 40.38
CA UNK C 69 33.59 -7.79 39.41
CA UNK C 70 32.51 -6.55 42.77
CA UNK C 71 35.70 -8.13 44.27
CA UNK C 72 38.61 -6.32 46.02
CA UNK C 73 38.81 -8.12 42.85
CA UNK C 74 41.33 -9.29 40.29
CA UNK C 75 40.73 -7.74 36.91
CA UNK C 76 44.44 -6.94 36.91
CA UNK C 77 46.21 -8.60 34.11
CA UNK C 78 43.18 -11.07 34.24
CA UNK C 79 41.79 -12.35 37.62
CA UNK C 80 38.73 -10.72 36.10
CA UNK C 81 38.35 -11.86 32.63
CA UNK C 82 39.08 -14.84 35.18
CA UNK C 83 35.46 -15.62 36.02
CA UNK C 84 34.35 -14.65 32.48
CA UNK C 85 37.01 -16.68 30.70
CA UNK C 86 36.24 -19.66 32.97
CA UNK C 87 32.45 -19.44 32.48
CA UNK C 88 33.11 -19.51 28.79
CA UNK C 89 35.28 -22.61 29.14
CA UNK C 90 32.44 -23.95 31.35
CA UNK C 91 29.55 -22.89 29.07
CA UNK C 92 31.30 -24.30 26.01
CA UNK C 93 31.96 -27.67 27.69
CA UNK C 94 28.36 -27.67 28.86
CA UNK C 95 27.02 -27.32 25.30
CA UNK C 96 28.32 -30.82 24.77
CA UNK C 97 26.59 -32.36 27.68
CA UNK C 98 23.66 -30.22 26.64
CA UNK C 99 23.77 -31.76 23.16
CA UNK C 100 24.09 -35.37 24.19
CA UNK C 101 21.80 -35.70 27.09
CA UNK C 102 24.02 -35.76 30.03
CA UNK C 103 21.97 -34.29 32.85
CA UNK C 104 23.04 -30.80 33.90
CA UNK C 105 21.46 -31.55 37.37
CA UNK C 106 24.17 -33.78 38.74
CA UNK C 107 26.42 -31.79 36.56
CA UNK C 108 26.19 -28.95 39.08
CA UNK C 109 26.99 -31.47 41.86
CA UNK C 110 29.98 -32.78 39.94
CA UNK C 111 31.35 -29.23 39.53
CA UNK C 112 30.84 -28.58 43.26
CA UNK C 113 32.76 -31.74 44.14
CA UNK C 114 35.47 -30.84 41.67
CA UNK C 115 35.88 -27.21 42.79
CA UNK C 116 35.93 -28.08 46.47
CA UNK C 117 38.59 -30.89 45.99
CA UNK C 118 41.47 -29.89 43.77
CA UNK C 119 40.90 -26.93 46.03
CA UNK C 120 43.21 -29.02 48.12
CA UNK C 121 45.81 -30.39 45.69
CA UNK C 122 46.95 -26.91 44.63
CA UNK C 123 47.50 -25.70 48.20
CA UNK C 124 49.42 -28.95 48.68
CA UNK C 125 51.51 -28.83 45.60
CA UNK C 126 52.01 -25.34 46.84
CA UNK C 127 55.46 -23.16 47.62
CA UNK C 128 56.54 -19.93 50.01
CA UNK C 129 57.30 -15.95 50.84
CA UNK C 130 58.33 -13.10 55.00
CA UNK C 131 61.61 -10.27 55.51
CA UNK C 132 64.53 -7.64 54.26
CA UNK C 133 65.91 -9.41 51.19
CA UNK C 134 62.75 -11.40 50.53
CA UNK C 135 60.70 -8.19 49.99
CA UNK C 136 63.58 -7.56 47.43
CA UNK C 137 63.55 -10.85 45.55
CA UNK C 138 59.75 -10.51 45.57
CA UNK C 139 59.91 -7.12 43.87
CA UNK C 140 62.59 -8.16 41.34
CA UNK C 141 60.31 -11.02 40.37
CA UNK C 142 57.27 -8.81 40.19
CA UNK C 143 58.79 -6.47 37.47
CA UNK C 144 60.24 -8.70 34.67
CA UNK C 145 58.45 -7.74 31.31
CA UNK C 146 56.83 -5.00 28.87
CA UNK C 147 58.55 -1.84 27.39
CA UNK C 148 59.54 -1.23 31.02
CA UNK C 149 62.97 0.25 32.16
CA UNK C 150 65.33 -1.67 34.51
CA UNK C 151 64.67 0.58 37.47
CA UNK C 152 61.56 -1.10 38.63
CA UNK C 153 63.76 -2.14 41.57
CA UNK C 154 64.11 1.54 42.39
CA UNK C 155 60.33 2.01 42.17
CA UNK C 156 59.52 -1.19 44.07
CA UNK C 157 61.67 0.11 46.93
CA UNK C 158 59.91 3.44 46.99
CA UNK C 159 56.47 2.04 47.09
CA UNK C 160 57.61 -0.21 50.01
CA UNK C 161 59.14 2.84 51.69
CA UNK C 162 55.97 4.96 51.38
CA UNK C 163 53.91 1.84 51.91
CA UNK C 164 56.49 0.18 54.35
CA UNK C 165 55.88 2.85 56.75
CA UNK C 166 52.65 3.56 54.99
CA UNK C 167 50.42 0.71 55.11
CA UNK C 168 49.93 0.55 58.73
CA UNK C 169 46.69 2.11 59.07
CA UNK C 170 44.56 1.51 55.98
CA UNK C 171 47.59 -0.18 54.82
CA UNK C 172 48.16 0.39 51.16
CA UNK C 173 45.93 2.98 49.71
CA UNK C 174 47.97 2.83 46.68
CA UNK C 175 45.87 5.98 46.16
CA UNK C 176 48.72 7.73 47.81
CA UNK C 177 50.83 7.25 44.64
CA UNK C 178 51.19 10.89 43.24
CA UNK C 179 52.66 10.01 39.81
CA UNK C 180 52.61 12.41 36.87
CA UNK C 181 54.48 12.52 33.79
CA UNK C 182 55.72 15.36 31.86
CA UNK C 183 56.33 14.93 28.13
CA UNK C 184 60.07 15.97 28.16
CA UNK C 185 62.28 13.12 26.74
CA UNK C 186 64.66 10.78 28.71
CA UNK C 187 62.88 8.30 31.22
CA UNK C 188 65.59 8.16 34.01
CA UNK C 189 63.87 11.53 35.15
CA UNK C 190 60.91 9.71 36.72
CA UNK C 191 60.87 10.66 40.40
CA UNK C 192 59.82 9.08 43.61
CA UNK C 193 58.39 11.67 45.88
CA UNK C 194 56.85 12.22 49.22
CA UNK C 195 56.74 15.33 47.26
CA UNK C 196 54.10 16.55 44.92
CA UNK C 197 55.11 17.66 41.44
CA UNK C 198 52.69 19.91 39.69
CA UNK C 199 51.94 21.11 36.26
CA UNK C 200 49.68 23.63 37.32
CA UNK C 201 50.96 27.06 37.86
CA UNK C 202 50.39 28.08 34.46
CA UNK C 203 49.15 30.81 32.15
CA UNK C 204 49.07 33.94 34.34
CA UNK C 205 52.79 32.57 34.81
CA UNK C 206 56.23 32.97 36.83
CA UNK C 207 57.20 30.32 39.67
CA UNK C 208 59.58 27.21 40.72
CA UNK C 209 61.94 25.74 43.86
CA UNK C 210 62.27 23.98 47.62
CA UNK C 211 60.74 24.59 51.37
CA UNK C 212 62.36 23.80 54.78
CA UNK C 213 59.54 24.07 57.22
CA UNK C 214 56.39 25.13 55.68
CA UNK C 215 52.98 26.31 56.47
CA UNK C 216 52.45 26.46 52.87
CA UNK C 217 49.20 27.46 53.04
CA UNK C 218 46.58 26.79 51.22
CA UNK C 219 44.05 28.05 49.11
CA UNK C 220 41.48 27.05 48.57
CA UNK C 221 38.30 26.30 46.78
CA UNK C 222 41.08 44.70 49.88
CA UNK C 223 40.42 42.87 53.17
CA UNK C 224 42.91 40.05 52.40
CA UNK C 225 45.49 42.65 51.89
CA UNK C 226 43.58 44.02 54.62
CA UNK C 227 45.48 40.97 56.07
CA UNK C 228 48.74 41.71 54.18
CA UNK C 229 48.80 45.11 55.87
CA UNK C 230 49.05 42.90 58.91
CA UNK C 231 50.72 40.17 56.89
CA UNK C 232 53.64 42.50 56.24
CA UNK C 233 53.17 43.40 59.78
CA UNK C 234 53.93 39.87 60.98
CA UNK C 235 57.10 39.69 58.87
CA UNK C 236 58.06 43.07 60.18
CA UNK C 237 58.35 40.27 62.75
CA UNK C 238 59.98 37.18 60.85
CA UNK C 239 60.77 35.22 57.38
CA UNK C 240 58.50 33.21 54.97
CA UNK C 241 57.87 30.43 52.56
CA UNK C 242 54.89 29.84 50.26
CA UNK C 243 51.12 29.30 49.74
CA UNK C 244 48.80 27.25 47.53
CA UNK C 245 45.06 27.64 47.09
CA UNK C 246 42.54 25.62 45.43
CA UNK C 247 40.62 28.80 44.56
CA UNK C 248 41.37 31.45 41.93
CA UNK C 249 43.59 34.17 43.19
CA UNK C 250 44.73 37.74 43.01
CA UNK C 251 47.28 38.41 40.33
CA UNK C 252 47.29 41.32 42.60
CA UNK C 253 48.08 38.70 45.23
CA UNK C 254 51.05 37.56 43.10
CA UNK C 255 52.07 41.21 43.04
CA UNK C 256 52.21 41.57 46.81
CA UNK C 257 53.65 38.07 47.40
CA UNK C 258 56.57 38.96 45.10
CA UNK C 259 56.80 42.33 46.75
CA UNK C 260 57.21 40.63 50.13
CA UNK C 261 59.68 38.10 48.78
CA UNK C 262 56.77 34.83 51.43
CA UNK C 263 56.26 32.08 48.49
CA UNK C 264 52.64 31.85 47.27
CA UNK C 265 50.77 29.65 44.80
CA UNK C 266 47.10 30.20 43.92
CA UNK C 267 44.24 28.25 42.08
CA UNK C 268 42.79 24.83 41.47
CA UNK C 269 44.14 22.01 39.47
CA UNK C 270 41.85 19.40 40.92
CA UNK C 271 44.21 16.39 40.83
CA UNK C 272 46.93 18.39 42.60
CA UNK C 273 44.31 20.08 44.87
CA UNK C 274 43.23 16.64 45.95
CA UNK C 275 46.83 15.25 46.43
CA UNK C 276 47.62 18.46 48.25
CA UNK C 277 44.75 18.17 50.60
CA UNK C 278 45.59 14.47 51.27
CA UNK C 279 48.29 15.08 53.36
CA UNK C 280 51.26 17.08 53.75
CA UNK C 281 49.42 17.43 57.39
CA UNK C 282 48.48 21.25 57.30
CA UNK C 283 45.35 23.73 58.22
CA UNK C 284 49.38 25.01 57.41
CA UNK C 285 51.14 22.38 55.95
CA UNK C 286 53.52 19.65 56.76
CA UNK C 287 57.32 19.91 55.60
CA UNK C 288 59.44 21.27 52.38
CA UNK C 289 58.69 21.43 48.72
CA UNK C 290 59.19 22.53 45.22
CA UNK C 291 58.21 23.70 42.00
CA UNK C 292 58.34 25.63 38.99
CA UNK C 293 57.84 24.59 35.63
CA UNK C 294 58.98 24.83 32.32
CA UNK C 295 57.64 25.97 29.09
CA UNK C 296 55.57 29.17 30.10
CA UNK C 297 53.44 29.09 33.55
CA UNK C 298 53.83 26.17 36.19
CA UNK C 299 53.23 23.19 38.57
CA UNK C 300 54.11 22.46 42.10
CA UNK C 301 56.55 20.09 43.75
CA UNK C 302 55.85 19.19 47.36
CA UNK C 303 58.27 17.71 49.08
CA UNK C 304 58.64 17.35 53.08
CA UNK C 305 56.31 16.48 55.81
CA UNK C 306 52.89 15.48 57.08
CA UNK C 307 51.99 11.88 56.20
CA UNK C 308 54.95 9.61 53.60
CA UNK C 309 54.17 9.89 49.07
CA UNK C 310 55.03 10.60 44.80
CA UNK C 311 56.76 9.96 41.03
CA UNK C 312 56.27 11.83 37.62
CA UNK C 313 57.59 10.52 34.28
CA UNK C 314 57.72 12.36 30.88
CA UNK C 315 58.37 11.45 27.35
CA UNK C 316 55.83 13.34 25.47
CA UNK C 317 52.35 12.78 24.44
CA UNK C 318 53.28 9.36 23.01
CA UNK C 319 56.01 8.90 25.61
CA UNK C 320 53.26 9.37 28.18
CA UNK C 321 51.11 7.14 26.16
CA UNK C 322 54.03 4.58 26.65
CA UNK C 323 54.48 5.41 30.44
CA UNK C 324 50.93 4.20 30.74
CA UNK C 325 51.85 0.51 30.34
CA UNK C 326 54.89 1.01 32.59
CA UNK C 327 52.62 2.34 35.27
CA UNK C 328 49.88 -0.10 34.65
CA UNK C 329 52.83 -2.40 35.34
CA UNK C 330 54.10 -0.79 38.51
CA UNK C 331 50.57 -0.98 39.92
CA UNK C 332 50.25 -4.73 39.38
CA UNK C 333 53.80 -5.19 40.69
CA UNK C 334 52.86 -3.22 43.80
CA UNK C 335 49.82 -5.42 44.28
CA UNK C 336 51.63 -8.74 43.94
CA UNK C 337 54.50 -7.59 46.15
CA UNK C 338 51.95 -6.37 48.72
CA UNK C 339 49.99 -9.68 48.75
CA UNK C 340 53.14 -11.75 49.21
CA UNK C 341 54.39 -9.38 51.92
CA UNK C 342 51.30 -10.42 53.78
CA UNK C 343 50.44 -14.11 52.68
CA UNK C 344 51.15 -17.83 53.49
CA UNK C 345 51.04 -19.88 50.31
CA UNK C 346 51.57 -18.57 47.11
CA UNK C 347 52.04 -19.20 43.70
CA UNK C 348 54.02 -18.65 40.64
CA UNK C 349 52.79 -19.77 37.52
CA UNK C 350 51.56 -18.56 34.29
CA UNK C 351 48.82 -21.08 34.09
CA UNK C 352 51.13 -23.74 35.24
CA UNK C 353 47.87 -23.99 37.32
CA UNK C 354 45.60 -25.05 34.48
CA UNK C 355 48.14 -27.65 33.48
CA UNK C 356 48.22 -29.12 36.99
CA UNK C 357 44.41 -29.12 37.17
CA UNK C 358 44.06 -30.65 33.72
CA UNK C 359 46.39 -33.50 34.76
CA UNK C 360 44.73 -34.22 38.07
CA UNK C 361 41.10 -33.98 36.86
CA UNK C 362 42.06 -36.31 34.04
CA UNK C 363 42.76 -38.92 36.75
CA UNK C 364 39.88 -37.97 39.06
CA UNK C 365 37.61 -38.73 36.18
CA UNK C 366 38.40 -42.43 36.94
CA UNK C 367 38.21 -43.36 40.69
CA UNK C 368 34.62 -42.24 40.44
CA UNK C 369 31.13 -43.50 39.23
CA UNK C 370 30.40 -42.75 35.62
CA UNK C 371 29.31 -39.55 34.08
CA UNK C 372 30.37 -36.24 35.61
CA UNK C 373 33.52 -38.13 34.90
CA UNK C 374 33.53 -36.75 31.37
CA UNK C 375 31.88 -33.68 32.69
CA UNK C 376 34.90 -33.41 34.96
CA UNK C 377 37.15 -33.87 31.93
CA UNK C 378 35.21 -31.03 30.34
CA UNK C 379 35.79 -28.83 33.40
CA UNK C 380 39.55 -29.70 33.24
CA UNK C 381 39.72 -28.67 29.61
CA UNK C 382 36.97 -26.05 30.16
CA UNK C 383 39.89 -24.85 32.04
CA UNK C 384 42.02 -25.06 28.95
CA UNK C 385 40.24 -22.06 27.39
CA UNK C 386 42.16 -19.83 29.85
CA UNK C 387 45.75 -20.93 29.06
CA UNK C 388 44.75 -20.88 25.38
CA UNK C 389 43.34 -17.36 25.60
CA UNK C 390 46.45 -16.06 27.21
CA UNK C 391 48.45 -17.74 24.42
CA UNK C 392 46.20 -16.22 21.77
CA UNK C 393 46.54 -12.66 22.96
CA UNK C 394 49.85 -13.27 21.40
CA UNK C 395 48.60 -15.74 18.80
CA UNK C 396 50.42 -19.09 18.38
CA UNK C 397 50.38 -22.94 17.97
CA UNK C 398 47.93 -23.91 20.87
CA UNK C 399 48.07 -27.74 20.21
CA UNK C 400 51.63 -27.01 21.11
CA UNK C 401 51.32 -25.04 24.32
CA UNK C 402 48.82 -27.56 25.60
CA UNK C 403 51.04 -30.49 24.59
CA UNK C 404 53.96 -29.01 26.57
CA UNK C 405 51.82 -27.93 29.51
CA UNK C 406 50.44 -31.46 29.89
CA UNK C 407 53.88 -33.02 29.98
CA UNK C 408 55.59 -30.66 32.61
CA UNK C 409 53.06 -31.06 35.29
CA UNK C 410 52.84 -34.82 34.77
CA UNK C 411 56.46 -34.28 35.33
CA UNK C 412 55.11 -33.72 38.87
CA UNK C 413 57.30 -31.01 40.39
CA UNK C 414 54.52 -28.64 41.11
CA UNK C 415 55.69 -25.62 39.00
CA UNK C 416 56.21 -26.23 35.05
CA UNK C 417 56.12 -22.77 33.24
CA UNK C 418 54.68 -20.65 30.35
CA UNK C 419 56.49 -17.43 29.18
CA UNK C 420 55.92 -14.31 26.94
CA UNK C 421 57.42 -14.99 23.47
CA UNK C 422 60.20 -17.54 23.78
CA UNK C 423 59.25 -21.03 22.94
CA UNK C 424 58.70 -21.03 26.52
CA UNK C 425 59.01 -23.29 29.38
CA UNK C 426 59.80 -20.37 31.52
CA UNK C 427 59.91 -22.97 34.05
CA UNK C 428 59.61 -19.29 34.85
CA UNK C 429 58.60 -19.48 38.57
CA UNK C 430 62.05 -17.97 38.41
CA UNK C 431 60.31 -15.38 36.34
CA UNK C 432 57.83 -16.99 38.80
CA UNK C 433 54.95 -14.80 37.77
CA UNK C 434 53.35 -15.28 41.14
CA UNK C 435 50.11 -15.38 42.88
CA UNK C 436 48.51 -14.96 46.13
CA UNK C 437 46.16 -17.86 46.75
CA UNK C 438 42.97 -15.85 47.52
CA UNK C 439 42.74 -15.17 43.80
CA UNK C 440 42.43 -18.82 42.72
CA UNK C 441 39.94 -19.96 45.35
CA UNK C 442 37.76 -16.91 44.75
CA UNK C 443 37.90 -17.32 41.00
CA UNK C 444 36.56 -20.87 41.46
CA UNK C 445 34.00 -19.87 44.06
CA UNK C 446 33.17 -17.02 40.40
CA UNK C 447 32.99 -20.64 39.17
CA UNK C 448 30.13 -21.83 41.37
CA UNK C 449 28.07 -18.72 40.55
CA UNK C 450 28.77 -19.02 36.85
CA UNK C 451 27.34 -22.55 37.02
CA UNK C 452 24.52 -22.57 39.69
CA UNK C 453 23.47 -19.76 37.49
CA UNK C 454 22.73 -21.25 34.26
CA UNK C 455 21.25 -24.06 36.08
CA UNK D 1 38.19 -8.82 11.97
CA UNK D 2 35.34 -6.95 10.31
CA UNK D 3 35.43 -4.30 13.08
CA UNK D 4 39.21 -3.87 12.90
CA UNK D 5 39.78 -3.94 9.15
CA UNK D 6 37.02 -1.36 8.93
CA UNK D 7 38.49 0.97 11.56
CA UNK D 8 41.88 0.86 9.89
CA UNK D 9 40.28 1.59 6.50
CA UNK D 10 38.54 4.62 8.02
CA UNK D 11 41.71 6.01 9.56
CA UNK D 12 43.31 5.83 6.07
CA UNK D 13 41.37 6.37 2.95
CA UNK D 14 41.42 9.69 4.84
CA UNK D 15 45.17 9.83 4.81
CA UNK D 16 45.02 9.71 1.05
CA UNK D 17 43.12 13.08 1.40
CA UNK D 18 45.67 15.77 2.83
CA UNK D 19 48.99 15.30 0.71
CA UNK D 20 48.39 18.36 -1.30
CA UNK D 21 49.20 19.88 1.97
CA UNK D 22 52.85 18.87 2.55
CA UNK D 23 54.18 21.95 4.19
CA UNK D 24 53.73 22.80 0.40
CA UNK D 25 51.13 21.68 -2.10
CA UNK D 26 47.78 21.78 -0.55
CA UNK D 27 44.56 22.43 -2.13
CA UNK D 28 42.40 24.32 0.22
CA UNK D 29 39.31 22.98 1.64
CA UNK D 30 36.46 25.20 2.33
CA UNK D 31 34.99 23.73 5.49
CA UNK D 32 31.42 24.73 6.28
CA UNK D 33 29.45 23.92 9.48
CA UNK D 34 25.99 24.97 10.50
CA UNK D 35 25.19 28.41 9.59
CA UNK D 36 28.43 30.28 10.60
CA UNK D 37 29.71 29.76 7.06
CA UNK D 38 32.83 30.43 5.05
CA UNK D 39 36.20 28.90 5.67
CA UNK D 40 39.11 28.31 3.25
CA UNK D 41 42.72 27.87 2.58
CA UNK D 42 45.76 26.80 4.33
CA UNK D 43 47.38 23.88 5.86
CA UNK D 44 47.33 20.64 7.77
CA UNK D 45 48.24 22.10 11.17
CA UNK D 46 45.43 24.56 11.61
CA UNK D 47 43.38 22.61 9.10
CA UNK D 48 42.66 19.81 11.60
CA UNK D 49 42.23 22.07 14.64
CA UNK D 50 39.60 24.02 12.64
CA UNK D 51 38.31 20.78 11.18
CA UNK D 52 35.15 19.41 12.61
CA UNK D 53 35.43 15.63 11.70
CA UNK D 54 32.63 13.01 12.66
CA UNK D 55 34.45 9.60 12.72
CA UNK D 56 34.28 7.87 16.19
CA UNK D 57 37.58 5.91 15.69
CA UNK D 58 38.77 8.66 13.43
CA UNK D 59 37.95 11.09 16.20
CA UNK D 60 40.84 9.47 18.08
CA UNK D 61 43.46 10.00 15.33
CA UNK D 62 42.21 13.49 15.29
CA UNK D 63 43.35 13.43 19.07
CA UNK D 64 47.03 13.88 18.25
CA UNK D 65 46.26 17.32 16.61
CA UNK D 66 45.46 19.21 19.76
CA UNK D 67 47.99 16.85 20.47
CA UNK D 68 51.26 17.51 18.81
CA UNK D 69 51.27 21.20 18.16
CA UNK D 70 51.97 18.82 15.29
CA UNK D 71 53.69 19.10 11.93
CA UNK D 72 55.54 21.89 10.34
CA UNK D 73 52.28 21.90 8.35
CA UNK D 74 53.66 19.07 6.42
CA UNK D 75 54.81 16.86 9.26
CA UNK D 76 51.92 16.74 11.43
CA UNK D 77 51.40 15.88 7.88
CA UNK D 78 54.15 13.81 9.49
CA UNK D 79 51.83 12.07 11.98
CA UNK D 80 49.05 11.51 9.41
CA UNK D 81 51.35 10.26 6.66
CA UNK D 82 53.10 7.93 9.12
CA UNK D 83 49.83 6.50 10.51
CA UNK D 84 48.86 5.75 6.92
CA UNK D 85 52.11 4.24 5.91
CA UNK D 86 50.66 2.33 8.88
CA UNK D 87 47.13 1.49 7.74
CA UNK D 88 48.20 0.71 4.18
CA UNK D 89 51.11 -1.47 5.28
CA UNK D 90 48.77 -3.18 7.76
CA UNK D 91 46.36 -4.23 5.01
CA UNK D 92 49.02 -6.54 3.68
CA UNK D 93 49.44 -8.25 7.05
CA UNK D 94 45.69 -8.58 7.51
CA UNK D 95 46.06 -10.56 4.33
CA UNK D 96 48.18 -13.06 6.50
CA UNK D 97 46.16 -14.10 9.59
CA UNK D 98 47.76 -13.05 12.81
CA UNK D 99 47.47 -11.72 16.31
CA UNK D 100 48.13 -8.01 15.73
CA UNK D 101 50.24 -7.79 18.90
CA UNK D 102 53.43 -9.35 17.57
CA UNK D 103 52.97 -7.05 14.58
CA UNK D 104 52.83 -4.13 16.98
CA UNK D 105 56.00 -5.49 18.67
CA UNK D 106 57.77 -5.81 15.33
CA UNK D 107 56.94 -2.18 14.48
CA UNK D 108 58.21 -1.07 17.91
CA UNK D 109 61.50 -2.94 17.37
CA UNK D 110 61.77 -1.49 13.87
CA UNK D 111 61.01 2.14 14.83
CA UNK D 112 63.35 2.07 17.84
CA UNK D 113 66.13 0.81 15.58
CA UNK D 114 65.36 3.40 12.86
CA UNK D 115 65.50 6.16 15.46
CA UNK D 116 69.32 5.51 15.72
CA UNK D 117 70.71 5.72 12.20
CA UNK D 118 69.17 9.15 11.67
CA UNK D 119 70.30 10.89 14.86
CA UNK D 120 73.51 10.66 12.80
CA UNK D 121 74.90 13.94 11.12
CA UNK D 122 74.68 17.83 11.68
CA UNK D 123 76.51 21.09 10.79
CA UNK D 124 77.12 23.24 14.03
CA UNK D 125 76.86 27.09 15.09
CA UNK D 126 75.47 29.86 17.62
CA UNK D 127 75.27 33.37 16.23
CA UNK D 128 73.47 34.62 13.25
CA UNK D 129 76.22 34.73 10.62
CA UNK D 130 75.89 31.06 9.74
CA UNK D 131 72.11 31.28 9.87
CA UNK D 132 72.36 34.03 7.26
CA UNK D 133 74.59 31.78 5.17
CA UNK D 134 71.95 29.03 5.39
CA UNK D 135 69.25 31.36 4.03
CA UNK D 136 71.46 32.87 1.28
CA UNK D 137 71.87 29.26 0.11
CA UNK D 138 68.02 29.32 0.08
CA UNK D 139 68.42 32.84 -1.28
CA UNK D 140 65.83 31.06 -3.73
CA UNK D 141 61.92 31.43 -4.48
CA UNK D 142 60.11 35.01 -4.75
CA UNK D 143 60.22 37.65 -1.82
CA UNK D 144 60.78 34.78 0.52
CA UNK D 145 64.00 35.05 2.45
CA UNK D 146 62.79 38.51 2.29
CA UNK D 147 60.49 37.86 5.25
CA UNK D 148 62.10 34.61 6.26
CA UNK D 149 65.64 36.02 6.94
CA UNK D 150 64.19 39.02 8.72
CA UNK D 151 61.44 37.80 11.16
CA UNK D 152 63.57 34.82 10.90
CA UNK D 153 66.33 36.94 12.30
CA UNK D 154 63.41 37.79 14.56
CA UNK D 155 63.35 34.61 16.42
CA UNK D 156 67.14 34.37 16.67
CA UNK D 157 67.65 37.96 17.78
CA UNK D 158 65.57 37.71 20.78
CA UNK D 159 65.35 34.00 21.23
CA UNK D 160 68.94 32.60 20.53
CA UNK D 161 68.99 35.74 22.47
CA UNK D 162 66.76 34.29 25.24
CA UNK D 163 69.21 31.51 25.76
CA UNK D 164 70.06 31.59 29.40
CA UNK D 165 68.64 29.70 32.30
CA UNK D 166 65.50 31.32 33.36
CA UNK D 167 63.82 29.84 36.45
CA UNK D 168 63.08 26.68 34.78
CA UNK D 169 65.73 26.53 32.25
CA UNK D 170 68.78 26.85 30.28
CA UNK D 171 67.98 24.88 27.30
CA UNK D 172 65.46 27.18 25.40
CA UNK D 173 61.76 27.76 26.73
CA UNK D 174 58.78 30.35 26.85
CA UNK D 175 56.99 32.97 28.81
CA UNK D 176 59.51 35.15 27.03
CA UNK D 177 58.14 36.33 23.68
CA UNK D 178 54.84 38.30 24.37
CA UNK D 179 52.42 38.39 21.26
CA UNK D 180 51.33 41.90 19.90
CA UNK D 181 49.68 43.01 16.59
CA UNK D 182 48.29 46.12 14.95
CA UNK D 183 46.45 46.65 11.67
CA UNK D 184 48.87 48.96 9.77
CA UNK D 185 49.65 47.19 6.54
CA UNK D 186 52.71 45.48 5.14
CA UNK D 187 53.83 42.55 7.43
CA UNK D 188 57.38 43.56 6.60
CA UNK D 189 56.31 46.33 8.99
CA UNK D 190 56.62 43.83 11.94
CA UNK D 191 59.27 44.69 14.55
CA UNK D 192 61.57 43.15 17.19
CA UNK D 193 61.59 44.92 20.77
CA UNK D 194 60.71 45.57 24.58
CA UNK D 195 57.54 47.78 25.11
CA UNK D 196 53.82 47.78 24.51
CA UNK D 197 51.39 49.34 22.10
CA UNK D 198 48.95 49.98 24.99
CA UNK D 199 48.04 52.12 22.71
CA UNK D 200 48.18 55.70 22.69
CA UNK D 201 51.50 55.64 22.89
CA UNK D 202 51.14 58.57 24.96
CA UNK D 203 48.62 58.41 27.48
CA UNK D 204 49.26 61.96 26.94
CA UNK D 205 50.17 64.95 24.76
CA UNK D 206 53.50 66.08 26.14
CA UNK D 207 54.54 62.62 24.77
CA UNK D 208 58.31 63.30 24.32
CA UNK D 209 60.94 61.14 22.74
CA UNK D 210 62.77 58.69 25.09
CA UNK D 211 63.29 58.58 28.84
CA UNK D 212 66.66 57.55 30.34
CA UNK D 213 67.07 56.30 33.90
CA UNK D 214 63.38 55.69 34.23
CA UNK D 215 61.17 55.64 37.05
CA UNK D 216 58.20 53.99 35.08
CA UNK D 217 55.23 53.75 37.50
CA UNK D 218 52.87 50.81 37.05
CA UNK D 219 49.49 51.57 38.57
CA UNK D 220 46.60 49.24 39.36
CA UNK D 221 43.89 51.76 40.22
CA UNK D 222 41.59 54.72 37.64
CA UNK D 223 38.48 57.91 35.34
CA UNK D 224 34.34 58.55 35.26
CA UNK D 225 31.91 59.52 38.09
CA UNK D 226 31.47 56.53 40.38
CA UNK D 227 28.36 55.95 42.43
CA UNK D 228 23.87 65.52 48.76
CA UNK D 229 23.81 70.71 48.10
CA UNK D 230 22.66 73.73 46.71
CA UNK D 231 25.87 74.29 50.03
CA UNK D 232 27.52 70.90 50.46
CA UNK D 233 27.19 70.02 46.79
CA UNK D 234 29.87 72.49 45.78
CA UNK D 235 32.18 71.38 48.56
CA UNK D 236 31.85 67.76 47.40
CA UNK D 237 32.50 68.80 43.86
CA UNK D 238 35.60 70.63 45.17
CA UNK D 239 37.03 67.88 47.33
CA UNK D 240 37.41 66.04 43.99
CA UNK D 241 39.34 68.89 42.35
CA UNK D 242 41.55 69.29 45.43
CA UNK D 243 42.11 65.53 45.40
CA UNK D 244 43.56 65.81 41.86
CA UNK D 245 45.52 68.91 42.87
CA UNK D 246 47.20 66.96 45.70
CA UNK D 247 48.02 64.01 43.44
CA UNK D 248 49.99 66.42 41.28
CA UNK D 249 51.48 68.12 44.36
CA UNK D 250 52.94 64.79 45.55
CA UNK D 251 54.42 64.19 42.12
CA UNK D 252 55.93 67.65 41.98
CA UNK D 253 57.33 67.28 45.48
CA UNK D 254 59.40 64.14 44.53
CA UNK D 255 59.81 65.05 40.96
CA UNK D 256 58.59 61.65 39.51
CA UNK D 257 56.78 59.17 36.07
CA UNK D 258 53.98 55.69 34.49
CA UNK D 259 50.24 53.65 35.46
CA UNK D 260 48.27 50.47 34.58
CA UNK D 261 44.65 49.07 36.23
CA UNK D 262 41.92 46.02 33.95
CA UNK D 263 38.47 46.91 32.22
CA UNK D 264 37.30 50.63 32.91
CA UNK D 265 39.06 54.15 31.79
CA UNK D 266 41.08 57.71 33.01
CA UNK D 267 42.29 61.68 32.57
CA UNK D 268 41.77 65.28 34.32
CA UNK D 269 45.35 64.77 35.15
CA UNK D 270 46.79 64.92 31.64
CA UNK D 271 46.40 68.63 32.19
CA UNK D 272 48.97 68.88 34.96
CA UNK D 273 51.33 66.31 33.55
CA UNK D 274 50.98 68.27 30.22
CA UNK D 275 53.71 70.30 31.69
CA UNK D 276 56.45 67.51 31.37
CA UNK D 277 56.77 63.62 30.96
CA UNK D 278 53.99 61.30 32.20
CA UNK D 279 51.08 60.81 29.88
CA UNK D 280 48.06 58.88 30.55
CA UNK D 281 47.65 55.45 29.23
CA UNK D 282 45.25 53.02 30.71
CA UNK D 283 45.17 49.69 28.83
CA UNK D 284 43.66 47.49 31.66
CA UNK D 285 47.04 46.03 31.17
CA UNK D 286 46.19 42.35 31.95
CA UNK D 287 48.94 40.60 29.95
CA UNK D 288 50.50 44.05 30.35
CA UNK D 289 49.81 44.37 34.04
CA UNK D 290 52.08 41.42 33.48
CA UNK D 291 54.80 42.68 30.99
CA UNK D 292 55.34 45.63 33.06
CA UNK D 293 55.39 43.65 36.20
CA UNK D 294 58.40 41.79 34.96
CA UNK D 295 60.71 43.55 32.25
CA UNK D 296 61.28 46.99 33.89
CA UNK D 297 61.59 45.70 37.53
CA UNK D 298 58.86 48.00 37.91
CA UNK D 299 57.54 47.85 41.33
CA UNK D 300 59.21 52.49 39.30
CA UNK D 301 60.91 50.36 36.84
CA UNK D 302 63.51 51.50 34.33
CA UNK D 303 63.95 51.81 30.51
CA UNK D 304 65.82 53.93 27.52
CA UNK D 305 64.24 54.38 23.95
CA UNK D 306 60.80 54.78 23.31
CA UNK D 307 58.42 54.69 20.54
CA UNK D 308 57.32 57.69 19.07
CA UNK D 309 57.91 55.33 16.30
CA UNK D 310 54.79 55.70 14.42
CA UNK D 311 54.10 54.77 10.93
CA UNK D 312 51.15 55.04 8.70
CA UNK D 313 48.50 56.32 11.06
CA UNK D 314 48.89 55.61 14.87
CA UNK D 315 51.14 57.18 17.52
CA UNK D 316 53.46 54.71 19.06
CA UNK D 317 55.88 54.60 21.91
CA UNK D 318 56.28 51.08 22.96
CA UNK D 319 59.84 50.73 23.90
CA UNK D 320 61.06 49.47 27.03
CA UNK D 321 64.74 49.70 27.20
CA UNK D 322 63.93 47.52 30.15
CA UNK D 323 66.78 47.29 32.59
CA UNK D 324 65.36 44.95 35.34
CA UNK D 325 65.58 42.14 32.91
CA UNK D 326 63.63 40.10 30.60
CA UNK D 327 60.61 39.26 28.78
CA UNK D 328 60.05 40.47 25.24
CA UNK D 329 57.15 40.99 22.85
CA UNK D 330 56.65 40.36 19.20
CA UNK D 331 54.54 43.32 18.48
CA UNK D 332 52.42 42.82 15.54
CA UNK D 333 51.70 44.99 12.70
CA UNK D 334 50.95 43.06 9.42
CA UNK D 335 47.61 44.70 9.62
CA UNK D 336 44.78 43.47 7.45
CA UNK D 337 42.36 42.29 10.07
CA UNK D 338 41.69 38.83 8.61
CA UNK D 339 45.31 38.82 7.87
CA UNK D 340 45.67 40.55 11.15
CA UNK D 341 45.19 36.92 12.32
CA UNK D 342 45.89 33.79 10.36
CA UNK D 343 49.16 35.45 9.40
CA UNK D 344 49.82 36.49 12.98
CA UNK D 345 49.10 32.95 14.05
CA UNK D 346 51.46 31.54 11.41
CA UNK D 347 54.15 33.87 13.02
CA UNK D 348 53.43 31.35 15.80
CA UNK D 349 54.38 28.08 14.13
CA UNK D 350 57.68 29.62 13.04
CA UNK D 351 58.35 30.65 16.62
CA UNK D 352 57.60 27.11 17.78
CA UNK D 353 59.88 25.39 15.27
CA UNK D 354 62.70 27.85 15.83
CA UNK D 355 62.29 27.39 19.59
CA UNK D 356 62.39 23.56 19.40
CA UNK D 357 65.52 23.56 17.26
CA UNK D 358 67.15 26.16 19.53
CA UNK D 359 66.73 23.55 22.24
CA UNK D 360 67.13 20.16 20.36
CA UNK D 361 70.88 20.31 21.02
CA UNK D 362 72.43 19.45 17.74
CA UNK D 363 70.55 18.79 14.42
CA UNK D 364 71.52 16.50 11.47
CA UNK D 365 69.90 16.63 8.11
CA UNK D 366 66.93 16.67 6.03
CA UNK D 367 64.00 14.96 4.67
CA UNK D 368 62.39 12.71 2.14
CA UNK D 369 65.76 11.36 2.13
CA UNK D 370 64.64 9.96 5.46
CA UNK D 371 62.65 7.13 3.93
CA UNK D 372 65.65 6.35 1.67
CA UNK D 373 68.24 5.55 4.34
CA UNK D 374 65.63 3.73 6.42
CA UNK D 375 64.80 1.34 3.60
CA UNK D 376 68.50 0.41 3.30
CA UNK D 377 69.11 -0.08 7.00
CA UNK D 378 65.89 -2.01 7.80
CA UNK D 379 66.70 -4.25 4.86
CA UNK D 380 69.55 -5.32 7.02
CA UNK D 381 67.52 -6.33 10.03
CA UNK D 382 64.84 -8.48 8.96
CA UNK D 383 66.28 -11.16 6.69
CA UNK D 384 67.25 -12.93 9.79
CA UNK D 385 64.95 -14.76 12.03
CA UNK D 386 63.08 -12.69 14.48
CA UNK D 387 61.85 -13.81 11.14
CA UNK D 388 58.12 -13.07 11.61
CA UNK D 389 57.92 -9.22 11.88
CA UNK D 390 60.96 -8.94 9.73
CA UNK D 391 58.44 -9.27 7.03
CA UNK D 392 56.27 -6.63 8.71
CA UNK D 393 59.27 -4.30 9.07
CA UNK D 394 60.20 -4.64 5.38
CA UNK D 395 56.55 -3.81 4.66
CA UNK D 396 56.75 -0.70 6.85
CA UNK D 397 59.98 0.33 5.02
CA UNK D 398 58.00 0.12 1.85
CA UNK D 399 55.42 1.94 3.98
CA UNK D 400 58.08 4.69 4.77
CA UNK D 401 58.78 5.04 1.08
CA UNK D 402 55.05 5.74 0.24
CA UNK D 403 56.04 9.32 0.78
CA UNK D 404 58.80 9.31 -1.81
CA UNK D 405 55.98 8.15 -3.99
CA UNK D 406 53.86 11.00 -2.98
CA UNK D 407 56.09 13.92 -3.95
CA UNK D 408 56.15 13.22 -6.11
CA UNK D 409 52.44 12.98 -6.68
CA UNK D 410 51.79 16.48 -5.35
CA UNK D 411 54.48 18.05 -7.53
CA UNK D 412 52.90 16.19 -10.40
CA UNK D 413 55.86 14.00 -11.18
CA UNK D 414 55.99 10.22 -11.72
CA UNK D 415 55.91 8.55 -8.27
CA UNK D 416 57.18 5.14 -9.37
CA UNK D 417 60.30 6.43 -11.14
CA UNK D 418 61.21 9.03 -8.53
CA UNK D 419 61.29 6.28 -5.93
CA UNK D 420 63.48 4.08 -8.14
CA UNK D 421 66.02 6.92 -8.53
CA UNK D 422 65.80 8.02 -4.90
CA UNK D 423 66.59 4.48 -3.71
CA UNK D 424 69.68 4.19 -5.90
CA UNK D 425 71.20 7.49 -4.79
CA UNK D 426 70.72 6.94 -1.07
CA UNK D 427 72.13 3.42 -1.55
CA UNK D 428 75.21 4.91 -3.29
CA UNK D 429 75.45 6.70 0.13
CA UNK D 430 74.11 9.84 -0.91
CA UNK D 431 71.19 12.00 -0.06
CA UNK D 432 70.78 14.65 -3.47
CA UNK D 433 70.12 14.71 -7.47
CA UNK D 434 66.63 14.14 -6.27
CA UNK D 435 63.63 16.30 -6.44
CA UNK D 436 64.60 19.96 -6.37
CA UNK D 437 62.09 22.70 -5.11
CA UNK D 438 63.73 25.11 -8.12
CA UNK D 439 65.19 23.04 -10.35
CA UNK D 440 61.80 21.83 -13.16
CA UNK D 441 62.96 17.91 -11.01
CA UNK D 442 64.86 15.39 -9.63
CA UNK D 443 68.46 17.46 -8.59
CA UNK D 444 71.24 17.98 -5.68
CA UNK D 445 70.61 20.48 -2.59
CA UNK D 446 71.71 20.26 1.10
CA UNK D 447 70.60 23.77 1.70
CA UNK D 448 66.96 22.73 2.36
CA UNK D 449 67.23 21.85 6.15
CA UNK D 450 66.91 19.65 9.34
CA UNK D 451 66.90 17.94 12.78
CA UNK D 452 64.46 15.09 13.45
CA UNK D 453 62.42 15.30 16.58
CA UNK D 454 59.27 15.87 14.55
CA UNK D 455 60.11 12.49 13.17
CA UNK D 456 60.13 11.14 16.72
CA UNK D 457 56.51 12.30 17.25
CA UNK D 458 54.98 10.80 14.14
CA UNK D 459 56.73 7.49 14.70
CA UNK D 460 55.78 7.38 18.35
CA UNK D 461 52.36 7.25 16.90
CA UNK D 462 52.77 4.88 14.04
CA UNK D 463 52.48 3.85 17.70
CA UNK D 464 49.03 5.34 18.47
CA UNK D 465 47.16 3.68 15.61
CA UNK D 466 48.84 0.34 16.38
CA UNK D 467 47.93 0.63 20.06
CA UNK D 468 44.29 1.24 18.90
CA UNK D 469 43.78 -1.33 15.95
CA UNK D 470 45.06 -3.00 19.00
CA UNK D 471 41.77 -4.59 18.50
CA UNK E 1 36.89 16.09 -9.09
CA UNK E 2 33.12 16.16 -8.81
CA UNK E 3 33.30 19.41 -6.78
CA UNK E 4 35.67 21.08 -9.21
CA UNK E 5 34.23 20.03 -12.56
CA UNK E 6 30.88 21.20 -11.19
CA UNK E 7 32.16 24.62 -10.07
CA UNK E 8 33.76 25.20 -13.47
CA UNK E 9 30.57 24.07 -15.33
CA UNK E 10 28.52 26.54 -13.31
CA UNK E 11 30.89 29.41 -14.05
CA UNK E 12 30.61 28.69 -17.76
CA UNK E 13 26.82 28.70 -17.62
CA UNK E 14 26.55 32.17 -16.15
CA UNK E 15 29.09 33.53 -18.60
CA UNK E 16 26.94 32.23 -21.42
CA UNK E 17 24.00 34.23 -19.95
CA UNK E 18 25.79 37.46 -21.07
CA UNK E 19 27.79 35.99 -23.70
CA UNK E 20 25.79 37.40 -26.61
CA UNK E 21 25.65 39.97 -24.01
CA UNK E 22 28.68 42.09 -23.82
CA UNK E 23 29.47 45.24 -25.54
CA UNK E 24 26.13 46.89 -25.50
CA UNK E 25 24.75 43.80 -27.53
CA UNK E 26 23.71 41.80 -24.56
CA UNK E 27 21.12 39.32 -23.59
CA UNK E 28 18.45 38.98 -20.93
CA UNK E 29 17.84 36.73 -17.98
CA UNK E 30 14.75 36.36 -16.00
CA UNK E 31 16.82 36.02 -12.97
CA UNK E 32 13.59 36.53 -10.98
CA UNK E 33 14.45 35.58 -7.29
CA UNK E 34 11.97 34.16 -5.11
CA UNK E 35 9.81 37.47 -4.05
CA UNK E 36 9.87 41.25 -5.42
CA UNK E 37 10.87 40.03 -8.84
CA UNK E 38 13.51 39.92 -11.46
CA UNK E 39 14.91 41.90 -14.30
CA UNK E 40 17.08 41.21 -17.50
CA UNK E 41 20.41 42.94 -18.40
CA UNK E 42 23.86 41.77 -17.47
CA UNK E 43 23.64 44.70 -15.14
CA UNK E 44 26.65 42.64 -13.76
CA UNK E 45 27.58 43.80 -10.23
CA UNK E 46 23.82 43.92 -9.49
CA UNK E 47 23.27 40.43 -10.82
CA UNK E 48 26.09 38.95 -8.72
CA UNK E 49 25.29 40.91 -5.55
CA UNK E 50 21.71 39.56 -5.80
CA UNK E 51 22.78 35.99 -6.78
CA UNK E 52 23.21 32.96 -4.28
CA UNK E 53 23.91 29.38 -5.19
CA UNK E 54 23.82 25.77 -4.39
CA UNK E 55 27.26 24.32 -3.63
CA UNK E 56 29.45 26.38 -1.16
CA UNK E 57 32.49 26.76 -3.56
CA UNK E 58 29.71 28.61 -4.99
CA UNK E 59 29.78 31.29 -2.31
CA UNK E 60 33.63 31.25 -2.53
CA UNK E 61 34.26 31.56 -6.34
CA UNK E 62 31.61 34.22 -6.43
CA UNK E 63 33.70 36.26 -3.96
CA UNK E 64 35.93 37.11 -6.92
CA UNK E 65 33.34 39.85 -7.74
CA UNK E 66 35.09 42.09 -5.25
CA UNK E 67 37.61 42.93 -7.70
CA UNK E 68 36.38 46.54 -7.37
CA UNK E 69 39.13 47.64 -9.69
CA UNK E 70 35.89 46.24 -10.91
CA UNK E 71 34.88 45.44 -14.40
CA UNK E 72 31.50 46.91 -15.72
CA UNK E 73 31.36 46.91 -19.61
CA UNK E 74 32.54 43.38 -20.54
CA UNK E 75 34.83 42.15 -17.75
CA UNK E 76 34.22 41.52 -14.11
CA UNK E 77 32.27 39.46 -16.53
CA UNK E 78 34.99 39.49 -19.10
CA UNK E 79 36.11 37.47 -16.06
CA UNK E 80 33.71 34.26 -15.66
CA UNK E 81 34.41 33.07 -19.23
CA UNK E 82 38.05 32.41 -18.30
CA UNK E 83 37.14 30.11 -15.32
CA UNK E 84 34.99 28.17 -17.74
CA UNK E 85 37.86 27.85 -20.18
CA UNK E 86 40.42 27.02 -17.48
CA UNK E 87 38.10 24.24 -16.19
CA UNK E 88 37.34 23.00 -19.59
CA UNK E 89 41.05 22.93 -20.49
CA UNK E 90 41.71 21.04 -17.24
CA UNK E 91 39.29 18.27 -18.18
CA UNK E 92 41.65 17.28 -20.93
CA UNK E 93 44.58 16.96 -18.54
CA UNK E 94 42.52 14.99 -16.05
CA UNK E 95 41.67 12.63 -18.93
CA UNK E 96 45.41 12.23 -19.46
CA UNK E 97 45.05 12.19 -15.74
CA UNK E 98 48.28 13.81 -15.53
CA UNK E 99 49.12 15.56 -12.42
CA UNK E 100 47.18 18.42 -10.99
CA UNK E 101 49.69 20.29 -8.88
CA UNK E 102 52.21 20.33 -11.65
CA UNK E 103 49.34 21.17 -14.03
CA UNK E 104 48.43 24.03 -11.67
CA UNK E 105 52.12 25.10 -11.68
CA UNK E 106 52.24 25.00 -15.47
CA UNK E 107 49.14 27.24 -15.69
CA UNK E 108 50.71 29.66 -13.18
CA UNK E 109 53.92 29.86 -15.24
CA UNK E 110 51.86 30.30 -18.41
CA UNK E 111 49.54 33.01 -17.05
CA UNK E 112 52.39 34.98 -15.46
CA UNK E 113 54.20 34.95 -18.80
CA UNK E 114 51.04 35.94 -20.71
CA UNK E 115 50.45 38.80 -18.33
CA UNK E 116 53.91 39.98 -19.22
CA UNK E 117 53.53 39.57 -23.00
CA UNK E 118 50.37 41.64 -23.09
CA UNK E 119 51.84 44.57 -21.19
CA UNK E 120 54.68 44.28 -23.69
CA UNK E 121 52.32 44.14 -26.79
CA UNK E 122 50.83 46.86 -24.86
CA UNK E 123 51.00 49.82 -27.14
CA UNK E 124 48.95 52.32 -25.02
CA UNK E 125 48.70 56.24 -25.70
CA UNK E 126 47.99 60.01 -24.21
CA UNK E 127 46.41 63.61 -25.49
CA UNK E 128 42.97 65.45 -26.49
CA UNK E 129 40.33 64.29 -29.14
CA UNK E 130 41.62 60.75 -28.40
CA UNK E 131 40.49 61.44 -24.85
CA UNK E 132 37.00 61.69 -26.36
CA UNK E 133 37.50 58.30 -27.99
CA UNK E 134 38.48 56.87 -24.58
CA UNK E 135 35.64 57.81 -24.11
CA UNK E 136 32.67 56.39 -26.06
CA UNK E 137 34.14 52.96 -25.46
CA UNK E 138 34.75 53.63 -21.82
CA UNK E 139 31.20 54.93 -20.87
CA UNK E 140 29.91 52.06 -22.87
CA UNK E 141 27.28 50.09 -20.86
CA UNK E 142 23.83 50.40 -22.91
CA UNK E 143 21.61 52.72 -25.39
CA UNK E 144 22.88 55.60 -27.53
CA UNK E 145 21.67 57.32 -24.54
CA UNK E 146 23.21 60.17 -26.54
CA UNK E 147 23.89 62.37 -23.43
CA UNK E 148 26.99 60.25 -22.72
CA UNK E 149 29.56 62.46 -24.51
CA UNK E 150 28.10 65.36 -22.55
CA UNK E 151 28.39 63.41 -19.28
CA UNK E 152 31.87 62.06 -20.07
CA UNK E 153 33.01 65.66 -20.51
CA UNK E 154 31.56 66.70 -17.16
CA UNK E 155 33.46 63.86 -15.51
CA UNK E 156 36.89 64.72 -16.98
CA UNK E 157 36.04 68.35 -16.18
CA UNK E 158 36.31 67.18 -12.59
CA UNK E 159 39.54 64.99 -12.82
CA UNK E 160 42.49 66.08 -14.99
CA UNK E 161 44.49 68.09 -12.44
CA UNK E 162 42.62 67.58 -9.17
CA UNK E 163 43.68 64.65 -7.28
CA UNK E 164 46.30 62.81 -5.35
CA UNK E 165 46.77 60.97 -10.35
CA UNK E 166 42.65 61.67 -10.01
CA UNK E 167 39.87 62.19 -7.09
CA UNK E 168 36.56 61.17 -8.66
CA UNK E 169 34.91 61.48 -5.36
CA UNK E 170 33.60 64.79 -5.95
CA UNK E 171 30.17 64.63 -7.04
CA UNK E 172 26.63 64.28 -6.39
CA UNK E 173 24.96 61.70 -8.43
CA UNK E 174 21.22 61.47 -8.37
CA UNK E 175 18.56 60.28 -10.80
CA UNK E 176 14.96 61.04 -11.68
CA UNK E 177 11.25 60.51 -12.01
CA UNK E 178 10.08 61.46 -15.55
CA UNK E 179 10.24 63.71 -18.71
CA UNK E 180 13.58 65.21 -19.99
CA UNK E 181 15.87 62.99 -22.35
CA UNK E 182 19.31 64.66 -22.74
CA UNK E 183 18.07 66.73 -19.86
CA UNK E 184 20.77 64.99 -17.82
CA UNK E 185 22.77 67.70 -16.13
CA UNK E 186 26.37 67.94 -14.94
CA UNK E 187 26.40 69.87 -11.72
CA UNK E 188 29.79 71.01 -10.95
CA UNK E 189 29.38 72.65 -7.70
CA UNK E 190 28.00 70.09 -5.44
CA UNK E 191 25.01 70.61 -7.61
CA UNK E 192 23.21 69.38 -4.89
CA UNK E 193 20.38 67.74 -4.89
CA UNK E 194 17.75 67.92 -2.98
CA UNK E 195 15.39 70.46 -3.87
CA UNK E 196 17.03 73.29 -2.48
CA UNK E 197 13.62 72.92 -0.93
CA UNK E 198 12.25 75.97 0.72
CA UNK E 199 10.32 78.93 2.40
CA UNK E 200 12.25 82.07 3.63
CA UNK E 201 14.99 82.39 0.93
CA UNK E 202 18.63 81.25 0.52
CA UNK E 203 18.77 81.28 -3.15
CA UNK E 204 21.92 80.50 -4.73
CA UNK E 205 24.55 81.51 -2.36
CA UNK E 206 27.54 82.99 -4.03
CA UNK E 207 29.80 82.22 -2.13
CA UNK E 208 29.56 79.39 0.31
CA UNK E 209 29.08 81.44 3.66
CA UNK E 210 26.71 78.49 4.21
CA UNK E 211 26.20 76.79 7.63
CA UNK E 212 26.96 73.00 7.88
CA UNK E 213 24.80 70.90 10.56
CA UNK E 214 24.98 66.93 11.80
CA UNK E 215 22.82 64.64 14.05
CA UNK E 216 19.01 64.75 14.67
CA UNK E 217 16.43 67.45 15.14
CA UNK E 218 18.84 69.51 17.06
CA UNK E 219 19.54 69.87 20.69
CA UNK E 220 10.22 73.27 39.86
CA UNK E 221 9.50 76.88 38.69
CA UNK E 222 12.68 75.91 36.95
CA UNK E 223 10.74 74.03 34.29
CA UNK E 224 10.19 77.17 32.26
CA UNK E 225 13.80 78.25 32.63
CA UNK E 226 14.96 74.86 31.34
CA UNK E 227 12.55 75.08 28.47
CA UNK E 228 13.98 78.54 27.77
CA UNK E 229 17.69 77.69 27.95
CA UNK E 230 16.89 75.51 24.90
CA UNK E 231 15.32 78.38 22.95
CA UNK E 232 18.19 80.71 23.88
CA UNK E 233 20.61 77.97 22.82
CA UNK E 234 19.09 78.01 19.31
CA UNK E 235 19.02 81.81 19.34
CA UNK E 236 22.08 82.75 20.02
CA UNK E 237 22.77 80.14 17.33
CA UNK E 238 22.14 81.45 15.14
CA UNK E 239 23.90 84.46 16.68
CA UNK E 240 27.33 82.90 15.87
CA UNK E 241 26.18 82.29 12.30
CA UNK E 242 24.92 85.84 11.94
CA UNK E 243 28.11 87.26 13.43
CA UNK E 244 30.15 85.69 10.25
CA UNK E 245 28.27 86.22 6.82
CA UNK E 246 26.69 82.88 6.10
CA UNK E 247 24.65 83.59 3.01
CA UNK E 248 23.53 80.11 3.69
CA UNK E 249 22.91 78.09 6.93
CA UNK E 250 23.52 74.31 6.78
CA UNK E 251 21.31 72.77 9.26
CA UNK E 252 21.40 69.21 10.05
CA UNK E 253 17.57 68.68 11.54
CA UNK E 254 13.69 68.14 10.41
CA UNK E 255 9.80 67.67 10.33
CA UNK E 256 8.63 71.30 9.46
CA UNK E 257 7.96 73.43 12.81
CA UNK E 258 8.66 76.54 15.41
CA UNK E 259 12.42 76.43 14.90
CA UNK E 260 11.63 76.47 11.16
CA UNK E 261 9.66 79.63 11.89
CA UNK E 262 12.55 81.49 13.43
CA UNK E 263 15.15 80.08 11.00
CA UNK E 264 13.09 81.47 8.10
CA UNK E 265 12.59 84.66 10.03
CA UNK E 266 16.33 84.80 10.41
CA UNK E 267 15.95 85.18 6.70
CA UNK E 268 18.56 83.68 4.71
CA UNK E 269 20.30 80.67 3.82
CA UNK E 270 17.83 78.13 4.96
CA UNK E 271 16.53 74.48 4.44
CA UNK E 272 16.23 70.62 5.61
CA UNK E 273 15.79 67.37 3.34
CA UNK E 274 18.76 65.16 4.80
CA UNK E 275 20.95 61.91 3.81
CA UNK E 276 24.56 60.54 5.00
CA UNK E 277 27.41 60.07 2.33
CA UNK E 278 26.05 63.44 1.20
CA UNK E 279 26.94 65.06 4.53
CA UNK E 280 30.51 64.04 3.89
CA UNK E 281 30.59 65.14 0.21
CA UNK E 282 29.08 68.47 1.17
CA UNK E 283 31.42 69.09 3.99
CA UNK E 284 34.27 67.57 2.21
CA UNK E 285 32.75 69.55 -0.78
CA UNK E 286 31.48 72.99 0.26
CA UNK E 287 34.97 72.91 0.60
CA UNK E 288 33.23 74.13 3.94
CA UNK E 289 32.66 74.17 7.50
CA UNK E 290 29.94 72.57 9.63
CA UNK E 291 29.65 70.54 12.60
CA UNK E 292 26.80 68.44 13.63
CA UNK E 293 26.42 66.51 16.89
CA UNK E 294 33.19 76.86 3.21
CA UNK E 295 32.15 78.09 0.00
CA UNK E 296 30.56 78.36 -3.13
CA UNK E 297 30.45 81.21 -5.42
CA UNK E 298 27.28 80.30 -7.24
CA UNK E 299 24.68 77.97 -5.52
CA UNK E 300 20.81 78.20 -5.37
CA UNK E 301 17.41 76.70 -6.24
CA UNK E 302 16.00 76.25 -9.75
CA UNK E 303 12.89 74.39 -10.85
CA UNK E 304 13.62 71.19 -12.83
CA UNK E 305 10.78 69.98 -14.89
CA UNK E 306 9.80 68.51 -11.55
CA UNK E 307 12.06 68.93 -8.48
CA UNK E 308 14.06 71.86 -7.16
CA UNK E 309 17.79 71.31 -6.34
CA UNK E 310 20.39 73.23 -4.29
CA UNK E 311 23.71 73.64 -6.13
CA UNK E 312 26.80 76.04 -5.62
CA UNK E 313 29.15 77.64 -8.23
CA UNK E 314 32.84 78.30 -7.74
CA UNK E 315 33.17 77.01 -4.27
CA UNK E 316 35.01 74.78 -2.06
CA UNK E 317 37.49 73.68 -4.78
CA UNK E 318 35.97 74.13 -8.19
CA UNK E 319 37.44 70.76 -7.71
CA UNK E 320 33.95 69.40 -7.74
CA UNK E 321 31.40 69.01 -10.51
CA UNK E 322 28.05 67.18 -10.90
CA UNK E 323 25.53 65.03 -12.91
CA UNK E 324 21.78 65.78 -12.90
CA UNK E 325 19.95 62.78 -14.20
CA UNK E 326 16.84 63.17 -16.23
CA UNK E 327 15.56 60.18 -17.86
CA UNK E 328 11.93 59.97 -18.85
CA UNK E 329 9.89 57.84 -16.37
CA UNK E 330 13.12 56.09 -16.30
CA UNK E 331 11.81 53.39 -14.41
CA UNK E 332 15.15 52.80 -16.16
CA UNK E 333 14.80 54.67 -12.95
CA UNK E 334 16.06 52.37 -10.25
CA UNK E 335 18.03 50.67 -13.04
CA UNK E 336 18.66 54.02 -14.73
CA UNK E 337 20.16 55.16 -11.44
CA UNK E 338 21.91 51.81 -11.28
CA UNK E 339 23.20 52.63 -14.78
CA UNK E 340 24.24 56.24 -14.16
CA UNK E 341 26.03 54.99 -10.90
CA UNK E 342 28.26 52.42 -12.61
CA UNK E 343 28.72 54.91 -15.37
CA UNK E 344 30.44 57.04 -12.76
CA UNK E 345 32.56 54.11 -11.58
CA UNK E 346 33.66 53.02 -15.04
CA UNK E 347 34.38 56.58 -16.14
CA UNK E 348 36.35 57.14 -12.94
CA UNK E 349 38.48 53.97 -13.37
CA UNK E 350 39.36 54.82 -16.95
CA UNK E 351 40.12 58.43 -16.00
CA UNK E 352 42.73 56.91 -13.74
CA UNK E 353 44.35 54.12 -15.77
CA UNK E 354 47.49 56.09 -17.02
CA UNK E 355 48.06 52.86 -18.96
CA UNK E 356 45.66 50.85 -20.79
CA UNK E 357 44.75 48.77 -23.48
CA UNK E 358 43.68 48.73 -26.99
CA UNK E 359 42.24 45.36 -27.32
CA UNK E 360 39.16 44.00 -28.95
CA UNK E 361 40.52 40.40 -28.93
CA UNK E 362 43.85 41.96 -29.69
CA UNK E 363 45.44 40.58 -26.49
CA UNK E 364 44.14 37.06 -27.05
CA UNK E 365 45.38 37.09 -30.64
CA UNK E 366 48.88 38.09 -29.57
CA UNK E 367 48.87 35.42 -26.84
CA UNK E 368 47.56 32.76 -29.20
CA UNK E 369 50.42 33.52 -31.63
CA UNK E 370 53.18 33.55 -29.05
CA UNK E 371 52.25 30.54 -26.88
CA UNK E 372 52.16 28.45 -29.91
CA UNK E 373 55.94 29.02 -30.13
CA UNK E 374 56.77 28.51 -26.44
CA UNK E 375 55.12 25.14 -26.76
CA UNK E 376 57.80 23.80 -28.98
CA UNK E 377 60.74 25.25 -26.65
CA UNK E 378 60.42 24.25 -23.06
CA UNK E 379 59.96 20.54 -23.90
CA UNK E 380 57.64 18.20 -21.85
CA UNK E 381 58.17 20.90 -19.44
CA UNK E 382 54.95 20.98 -18.02
CA UNK E 383 55.33 22.33 -21.55
CA UNK E 384 52.17 20.32 -22.23
CA UNK E 385 50.38 22.01 -19.33
CA UNK E 386 51.51 25.44 -20.53
CA UNK E 387 50.25 24.81 -24.08
CA UNK E 388 46.96 23.77 -22.42
CA UNK E 389 46.85 27.03 -20.44
CA UNK E 390 47.53 28.97 -23.70
CA UNK E 391 44.59 27.23 -25.40
CA UNK E 392 42.35 28.05 -22.39
CA UNK E 393 42.91 31.80 -22.95
CA UNK E 394 41.72 31.47 -26.58
CA UNK E 395 38.20 30.66 -25.13
CA UNK E 396 37.30 34.35 -24.60
CA UNK E 397 37.61 35.49 -28.03
CA UNK E 398 35.52 32.30 -28.38
CA UNK E 399 32.95 33.30 -25.81
CA UNK E 400 32.48 36.59 -27.58
CA UNK E 401 32.06 35.47 -31.23
CA UNK E 402 29.50 32.99 -29.86
CA UNK E 403 27.48 35.95 -28.76
CA UNK E 404 27.00 37.52 -32.31
CA UNK E 405 26.59 34.01 -33.52
CA UNK E 406 27.96 34.59 -36.84
CA UNK E 407 30.23 32.14 -38.19
CA UNK E 408 33.39 32.02 -36.26
CA UNK E 409 35.43 30.31 -38.99
CA UNK E 410 36.53 33.46 -40.77
CA UNK E 411 37.14 35.59 -37.55
CA UNK E 412 39.65 32.98 -36.42
CA UNK E 413 41.42 33.07 -39.79
CA UNK E 414 42.49 36.63 -39.43
CA UNK E 415 43.02 36.81 -35.69
CA UNK E 416 45.47 34.00 -36.26
CA UNK E 417 45.82 34.94 -39.79
CA UNK E 418 45.88 38.69 -39.55
CA UNK E 419 47.02 38.81 -35.92
CA UNK E 420 49.52 35.81 -37.32
CA UNK E 421 50.71 39.08 -38.73
CA UNK E 422 50.32 42.19 -36.86
CA UNK E 423 47.54 44.48 -37.75
CA UNK E 424 45.85 46.03 -34.79
CA UNK E 425 43.13 47.95 -36.58
CA UNK E 426 40.99 44.79 -37.10
CA UNK E 427 37.95 44.39 -35.06
CA UNK E 428 34.43 43.53 -34.32
CA UNK E 429 31.79 45.57 -36.00
CA UNK E 430 28.50 45.66 -34.29
CA UNK E 431 27.53 47.40 -37.50
CA UNK E 432 28.54 45.54 -40.72
CA UNK E 433 27.48 42.61 -38.68
CA UNK E 434 30.72 40.87 -38.23
CA UNK E 435 34.29 41.80 -38.71
CA UNK E 436 35.50 44.92 -40.59
CA UNK E 437 38.79 47.00 -40.76
CA UNK E 438 38.65 48.94 -37.52
CA UNK E 439 40.32 52.16 -38.48
CA UNK E 440 37.25 54.05 -36.61
CA UNK E 441 37.61 51.92 -33.46
CA UNK E 442 39.33 53.33 -30.38
CA UNK E 443 38.52 50.28 -28.03
CA UNK E 444 40.77 50.44 -24.99
CA UNK E 445 40.88 48.85 -21.57
CA UNK E 446 42.94 50.00 -18.58
CA UNK E 447 46.04 47.91 -17.72
CA UNK E 448 43.94 46.71 -14.71
CA UNK E 449 40.88 44.64 -15.74
CA UNK E 450 43.23 42.45 -17.81
CA UNK E 451 45.71 41.57 -15.06
CA UNK E 452 42.87 40.80 -12.65
CA UNK E 453 41.06 38.67 -15.20
CA UNK E 454 44.15 36.56 -15.65
CA UNK E 455 45.79 36.49 -12.30
CA UNK E 456 42.56 36.68 -10.47
CA UNK E 457 41.11 34.44 -13.13
CA UNK E 458 44.35 32.56 -13.53
CA UNK E 459 45.20 31.56 -10.16
CA UNK E 460 42.45 32.28 -7.97
CA UNK E 461 40.81 30.04 -10.46
CA UNK E 462 43.90 27.95 -10.89
CA UNK E 463 45.06 27.97 -7.20
CA UNK E 464 42.17 27.70 -4.83
CA UNK E 465 40.50 25.53 -7.44
CA UNK E 466 43.15 22.90 -8.37
CA UNK E 467 42.58 23.31 -4.75
CA UNK E 468 41.69 20.23 -4.01
CA UNK E 469 39.96 21.17 -1.16
CA UNK E 470 37.28 20.14 1.26
CA UNK E 471 33.94 21.53 2.27
CA UNK E 472 32.33 19.92 5.30
CA UNK F 1 18.16 27.97 -23.42
CA UNK F 2 15.90 26.14 -25.83
CA UNK F 3 13.64 24.77 -23.11
CA UNK F 4 13.20 28.29 -21.65
CA UNK F 5 12.43 29.85 -25.01
CA UNK F 6 10.16 27.24 -26.58
CA UNK F 7 8.23 27.36 -23.33
CA UNK F 8 7.86 31.15 -23.28
CA UNK F 9 6.64 31.16 -26.86
CA UNK F 10 4.17 28.37 -26.08
CA UNK F 11 2.82 30.44 -23.18
CA UNK F 12 2.37 33.58 -25.25
CA UNK F 13 0.46 31.60 -27.86
CA UNK F 14 -1.85 30.11 -25.25
CA UNK F 15 -3.01 33.46 -23.91
CA UNK F 16 -3.52 34.80 -27.41
CA UNK F 17 -5.80 31.86 -28.10
CA UNK F 18 -7.87 32.87 -25.05
CA UNK F 19 -8.97 36.12 -26.68
CA UNK F 20 -8.67 35.21 -30.38
CA UNK F 21 -12.39 34.64 -30.97
CA UNK F 22 -13.41 38.17 -29.70
CA UNK F 23 -12.09 41.51 -30.68
CA UNK F 24 -14.96 43.90 -30.68
CA UNK F 25 -18.25 42.68 -32.21
CA UNK F 26 -17.84 38.93 -32.75
CA UNK F 27 -16.31 39.14 -29.35
CA UNK F 28 -17.00 35.95 -27.65
CA UNK F 29 -15.93 37.15 -24.34
CA UNK F 30 -15.57 34.63 -21.81
CA UNK F 31 -18.18 34.74 -19.58
CA UNK F 32 -15.42 34.53 -16.93
CA UNK F 33 -15.71 32.35 -13.81
CA UNK F 34 -13.48 32.40 -10.69
CA UNK F 35 -13.72 30.64 -7.31
CA UNK F 36 -15.67 32.95 -4.82
CA UNK F 37 -17.12 36.00 -6.91
CA UNK F 38 -17.66 34.78 -10.58
CA UNK F 39 -19.10 35.86 -14.01
CA UNK F 40 -17.92 38.76 -16.18
CA UNK F 41 -19.60 39.26 -19.62
CA UNK F 42 -17.44 40.53 -22.50
CA UNK F 43 -15.95 40.90 -25.93
CA UNK F 44 -14.79 43.95 -24.40
CA UNK F 45 -11.54 42.44 -25.32
CA UNK F 46 -10.11 44.35 -22.30
CA UNK F 47 -12.16 43.23 -19.30
CA UNK F 48 -10.97 39.67 -19.63
CA UNK F 49 -7.30 40.70 -19.70
CA UNK F 50 -7.59 43.29 -16.94
CA UNK F 51 -9.09 40.57 -14.72
CA UNK F 52 -6.93 37.70 -15.81
CA UNK F 53 -4.99 36.80 -12.84
CA UNK F 54 -2.82 34.33 -14.39
CA UNK F 55 0.27 34.90 -12.36
CA UNK F 56 1.36 31.72 -13.84
CA UNK F 57 4.17 31.59 -16.30
CA UNK F 58 6.72 34.28 -16.98
CA UNK F 59 3.75 35.43 -19.05
CA UNK F 60 1.79 38.69 -18.51
CA UNK F 61 4.61 41.32 -19.00
CA UNK F 62 3.10 41.38 -22.43
CA UNK F 63 0.26 42.12 -20.02
CA UNK F 64 1.81 45.66 -19.22
CA UNK F 65 1.19 46.69 -22.81
CA UNK F 66 -2.52 46.87 -21.95
CA UNK F 67 -1.67 49.87 -19.83
CA UNK F 68 -0.40 52.36 -22.17
CA UNK F 69 -3.01 54.14 -19.96
CA UNK F 70 -2.24 55.33 -23.43
CA UNK F 71 -3.05 52.06 -25.36
CA UNK F 72 -6.28 50.02 -24.59
CA UNK F 73 -9.11 49.85 -27.02
CA UNK F 74 -11.60 48.16 -29.18
CA UNK F 75 -9.59 45.64 -31.12
CA UNK F 76 -6.59 46.88 -29.13
CA UNK F 77 -5.74 45.44 -25.79
CA UNK F 78 -6.85 42.95 -28.26
CA UNK F 79 -4.39 44.35 -30.82
CA UNK F 80 -1.37 44.02 -28.49
CA UNK F 81 -2.33 40.50 -27.33
CA UNK F 82 -3.13 39.19 -30.80
CA UNK F 83 0.12 40.66 -32.16
CA UNK F 84 2.27 39.17 -29.32
CA UNK F 85 0.73 35.83 -30.19
CA UNK F 86 1.60 36.27 -33.84
CA UNK F 87 5.11 37.58 -33.13
CA UNK F 88 5.77 34.47 -30.98
CA UNK F 89 4.14 32.19 -33.56
CA UNK F 90 6.19 33.67 -36.44
CA UNK F 91 9.30 33.34 -34.26
CA UNK F 92 8.78 29.60 -33.81
CA UNK F 93 9.52 29.14 -37.46
CA UNK F 94 12.83 30.98 -37.19
CA UNK F 95 13.82 29.07 -34.08
CA UNK F 96 13.16 25.90 -36.09
CA UNK F 97 15.49 27.02 -38.90
CA UNK F 98 18.23 27.22 -36.24
CA UNK F 99 16.85 30.54 -36.76
CA UNK F 100 18.87 32.69 -34.57
CA UNK F 101 17.52 34.61 -31.69
CA UNK F 102 19.44 37.87 -31.63
CA UNK F 103 19.88 38.49 -35.31
CA UNK F 104 16.22 37.49 -35.75
CA UNK F 105 15.39 40.08 -33.08
CA UNK F 106 17.54 42.62 -34.99
CA UNK F 107 15.79 41.82 -38.25
CA UNK F 108 12.38 42.39 -36.61
CA UNK F 109 13.62 45.72 -35.16
CA UNK F 110 14.82 46.85 -38.62
CA UNK F 111 11.53 45.71 -40.14
CA UNK F 112 9.25 47.37 -37.56
CA UNK F 113 11.18 50.65 -37.61
CA UNK F 114 10.83 50.73 -41.39
CA UNK F 115 7.13 49.80 -41.28
CA UNK F 116 6.49 52.61 -38.91
CA UNK F 117 6.18 54.32 -42.29
CA UNK F 118 3.64 53.80 -45.12
CA UNK F 119 0.68 54.38 -42.84
CA UNK F 120 2.00 57.63 -41.44
CA UNK F 121 2.59 58.58 -45.07
CA UNK F 122 -0.94 57.66 -46.14
CA UNK F 123 -2.65 58.76 -42.86
CA UNK F 124 -5.56 61.14 -43.43
CA UNK F 125 -5.95 64.66 -42.09
CA UNK F 126 -8.81 66.48 -40.17
CA UNK F 127 -8.92 68.94 -37.32
CA UNK F 128 -10.75 71.93 -36.37
CA UNK F 129 -13.74 72.04 -34.24
CA UNK F 130 -15.76 71.04 -37.31
CA UNK F 131 -13.34 68.37 -38.04
CA UNK F 132 -13.72 67.91 -34.24
CA UNK F 133 -17.44 67.29 -34.69
CA UNK F 134 -16.67 64.87 -37.50
CA UNK F 135 -14.25 63.02 -35.18
CA UNK F 136 -16.99 62.55 -32.55
CA UNK F 137 -19.71 61.59 -35.08
CA UNK F 138 -17.34 58.90 -36.33
CA UNK F 139 -16.45 57.74 -32.84
CA UNK F 140 -20.14 57.32 -31.96
CA UNK F 141 -20.98 55.42 -35.19
CA UNK F 142 -18.32 52.74 -33.15
CA UNK F 143 -19.71 51.74 -29.72
CA UNK F 144 -23.08 49.93 -29.57
CA UNK F 145 -26.10 51.74 -31.37
CA UNK F 146 -24.75 54.96 -29.72
CA UNK F 147 -25.91 58.52 -29.20
CA UNK F 148 -24.87 61.04 -26.55
CA UNK F 149 -21.48 62.43 -26.89
CA UNK F 150 -21.78 65.51 -28.99
CA UNK F 151 -22.67 67.36 -25.79
CA UNK F 152 -19.90 65.59 -23.86
CA UNK F 153 -17.32 65.92 -26.64
CA UNK F 154 -17.97 69.67 -26.66
CA UNK F 155 -17.41 69.86 -22.97
CA UNK F 156 -14.35 67.54 -22.95
CA UNK F 157 -12.84 69.83 -25.51
CA UNK F 158 -12.72 73.57 -24.26
CA UNK F 159 -11.70 71.93 -21.02
CA UNK F 160 -8.99 69.68 -22.34
CA UNK F 161 -6.49 71.56 -24.35
CA UNK F 162 -7.85 74.94 -23.54
CA UNK F 163 -5.34 73.92 -20.85
CA UNK F 164 -2.33 73.05 -23.31
CA UNK F 165 -2.27 70.90 -26.55
CA UNK F 166 1.19 71.34 -28.21
CA UNK F 167 3.10 69.23 -25.69
CA UNK F 168 2.29 66.05 -27.35
CA UNK F 169 -0.64 65.58 -24.99
CA UNK F 170 -1.15 64.05 -21.55
CA UNK F 171 -3.55 62.17 -19.17
CA UNK F 172 -4.90 62.31 -15.55
CA UNK F 173 -6.52 65.37 -17.26
CA UNK F 174 -10.27 65.27 -16.41
CA UNK F 175 -11.83 65.19 -12.98
CA UNK F 176 -14.72 62.64 -12.93
CA UNK F 177 -17.20 62.46 -9.94
CA UNK F 178 -20.80 60.77 -9.62
CA UNK F 179 -23.88 61.62 -7.50
CA UNK F 180 -26.88 59.30 -6.83
CA UNK F 181 -29.49 61.76 -8.35
CA UNK F 182 -32.19 60.20 -10.52
CA UNK F 183 -32.48 60.95 -14.20
CA UNK F 184 -28.96 60.49 -15.66
CA UNK F 185 -29.89 63.14 -18.24
CA UNK F 186 -29.39 65.24 -15.09
CA UNK F 187 -25.63 64.76 -15.42
CA UNK F 188 -24.12 68.20 -15.73
CA UNK F 189 -20.99 69.56 -17.37
CA UNK F 190 -19.27 72.32 -15.33
CA UNK F 191 -15.68 74.00 -15.18
CA UNK F 192 -12.93 74.97 -12.44
CA UNK F 193 -12.40 73.54 -8.88
CA UNK F 194 -15.17 72.11 -6.84
CA UNK F 195 -15.93 70.67 -3.58
CA UNK F 196 -18.62 68.30 -2.38
CA UNK F 197 -18.62 69.92 1.20
CA UNK F 198 -20.77 72.37 3.24
CA UNK F 199 -19.73 75.76 4.59
CA UNK F 200 -18.21 75.16 8.03
CA UNK F 201 -20.62 77.65 9.82
CA UNK F 202 -18.32 79.34 0.65
CA UNK F 203 -15.11 80.30 -0.79
CA UNK F 204 -11.71 82.05 -1.20
CA UNK F 205 -8.83 82.81 1.30
CA UNK F 206 -6.32 79.30 1.52
CA UNK F 207 -7.27 75.59 1.83
CA UNK F 208 -4.72 73.43 3.66
CA UNK F 209 -4.19 69.86 2.36
CA UNK F 210 -2.78 67.43 4.81
CA UNK F 211 -0.49 64.45 4.91
CA UNK F 212 0.77 64.50 8.72
CA UNK F 213 0.52 51.02 19.44
CA UNK F 214 -0.80 52.88 22.65
CA UNK F 215 -0.90 55.72 25.27
CA UNK F 216 -0.56 55.30 28.95
CA UNK F 217 -2.27 55.41 32.28
CA UNK F 218 -1.26 57.19 35.45
CA UNK F 219 -2.79 60.20 37.20
CA UNK F 220 -6.17 59.04 38.32
CA UNK F 221 -7.14 62.67 38.17
CA UNK F 222 -4.02 63.79 36.07
CA UNK F 223 -3.46 61.06 33.43
CA UNK F 224 -6.44 62.16 31.35
CA UNK F 225 -5.48 65.81 31.62
CA UNK F 226 -1.98 64.98 30.37
CA UNK F 227 -3.41 62.99 27.55
CA UNK F 228 -5.62 66.01 26.76
CA UNK F 229 -2.97 68.72 26.87
CA UNK F 230 -1.53 66.82 23.87
CA UNK F 231 -4.80 67.07 22.00
CA UNK F 232 -4.58 70.89 22.79
CA UNK F 233 -0.93 71.59 21.90
CA UNK F 234 -1.18 70.08 18.56
CA UNK F 235 -4.41 72.15 18.36
CA UNK F 236 -2.49 75.41 19.02
CA UNK F 237 0.24 74.53 16.50
CA UNK F 238 -2.47 74.34 13.86
CA UNK F 239 -4.18 77.48 15.20
CA UNK F 240 -0.92 79.49 14.71
CA UNK F 241 -0.65 78.17 11.17
CA UNK F 242 -4.21 79.11 10.39
CA UNK F 243 -4.37 82.48 12.21
CA UNK F 244 -1.96 84.35 10.12
CA UNK F 245 -4.17 83.89 7.05
CA UNK F 246 -5.14 80.58 5.02
CA UNK F 247 -9.00 80.39 4.02
CA UNK F 248 -10.12 76.77 3.72
CA UNK F 249 -8.28 73.93 5.62
CA UNK F 250 -7.63 70.82 3.50
CA UNK F 251 -6.66 67.65 5.25
CA UNK F 252 -5.40 64.21 4.34
CA UNK F 253 -5.63 62.89 7.87
CA UNK F 254 -7.93 62.64 10.78
CA UNK F 255 -8.91 64.86 13.60
CA UNK F 256 -9.82 63.09 16.98
CA UNK F 257 -13.11 64.91 18.04
CA UNK F 258 -12.23 68.03 20.04
CA UNK F 259 -10.91 69.65 16.87
CA UNK F 260 -14.23 68.94 15.18
CA UNK F 261 -15.84 70.62 18.15
CA UNK F 262 -13.87 73.90 17.79
CA UNK F 263 -14.04 73.87 14.01
CA UNK F 264 -18.03 73.67 14.24
CA UNK F 265 -18.36 76.85 16.13
CA UNK F 266 -15.77 78.74 14.12
CA UNK F 267 -17.83 78.37 10.86
CA UNK F 268 -14.69 77.70 8.65
CA UNK F 269 -13.91 74.98 6.11
CA UNK F 270 -11.61 71.83 5.96
CA UNK F 271 -11.68 68.02 5.93
CA UNK F 272 -9.06 65.51 6.67
CA UNK F 273 -9.08 62.45 4.23
CA UNK F 274 -11.53 60.68 1.71
CA UNK F 275 -9.52 58.67 -1.02
CA UNK F 276 -5.61 59.51 -1.43
CA UNK F 277 -5.31 59.39 -5.24
CA UNK F 278 -7.48 62.48 -5.14
CA UNK F 279 -5.19 64.17 -2.62
CA UNK F 280 -2.40 63.73 -5.11
CA UNK F 281 -4.41 64.90 -8.17
CA UNK F 282 -5.57 67.92 -6.20
CA UNK F 283 -2.04 68.80 -5.15
CA UNK F 284 -1.16 68.51 -8.82
CA UNK F 285 -3.83 70.90 -9.96
CA UNK F 286 -2.82 73.18 -7.05
CA UNK F 287 0.09 74.53 -5.03
CA UNK F 288 -2.28 76.83 -3.00
CA UNK F 289 -3.40 76.57 0.63
CA UNK F 290 -4.12 80.02 -0.24
CA UNK F 291 -6.69 80.82 -2.84
CA UNK F 292 -9.67 80.20 -4.64
CA UNK F 293 -12.39 82.29 -5.40
CA UNK F 294 -15.48 80.79 -4.15
CA UNK F 295 -17.76 78.10 -3.22
CA UNK F 296 -20.72 78.32 -5.37
CA UNK F 297 -22.17 75.45 -3.49
CA UNK F 298 -24.99 73.12 -3.60
CA UNK F 299 -26.22 70.09 -1.82
CA UNK F 300 -26.06 67.46 -4.42
CA UNK F 301 -27.43 64.65 -2.39
CA UNK F 302 -26.21 64.60 1.21
CA UNK F 303 -23.04 66.49 0.70
CA UNK F 304 -22.67 70.17 0.70
CA UNK F 305 -21.11 70.25 -2.63
CA UNK F 306 -20.17 73.85 -2.70
CA UNK F 307 -19.28 74.72 -6.32
CA UNK F 308 -16.08 76.84 -6.03
CA UNK F 309 -12.73 78.54 -6.78
CA UNK F 310 -11.40 81.21 -9.06
CA UNK F 311 -8.37 79.61 -7.81
CA UNK F 312 -5.20 79.17 -9.37
CA UNK F 313 -3.70 76.66 -11.66
CA UNK F 314 -6.78 76.35 -13.65
CA UNK F 315 -7.16 72.58 -14.23
CA UNK F 316 -11.04 73.05 -13.70
CA UNK F 317 -14.50 71.70 -14.79
CA UNK F 318 -16.62 68.93 -13.20
CA UNK F 319 -19.00 66.19 -14.00
CA UNK F 320 -21.66 65.44 -11.34
CA UNK F 321 -22.98 61.95 -12.12
CA UNK F 322 -26.30 60.79 -10.81
CA UNK F 323 -28.32 57.75 -11.82
CA UNK F 324 -28.80 54.12 -11.07
CA UNK F 325 -25.21 54.10 -9.86
CA UNK F 326 -24.40 50.88 -11.59
CA UNK F 327 -25.73 51.23 -15.09
CA UNK F 328 -26.06 54.85 -15.78
CA UNK F 329 -22.72 55.42 -14.11
CA UNK F 330 -21.40 52.17 -15.22
CA UNK F 331 -22.65 52.55 -18.80
CA UNK F 332 -23.40 56.18 -19.58
CA UNK F 333 -20.31 56.58 -17.54
CA UNK F 334 -18.44 53.55 -18.61
CA UNK F 335 -19.15 54.42 -22.27
CA UNK F 336 -18.76 58.17 -22.08
CA UNK F 337 -15.42 57.62 -20.33
CA UNK F 338 -13.99 55.43 -23.09
CA UNK F 339 -15.42 57.83 -25.69
CA UNK F 340 -13.70 60.71 -23.92
CA UNK F 341 -10.41 58.79 -23.98
CA UNK F 342 -10.52 57.89 -27.64
CA UNK F 343 -11.59 61.38 -28.67
CA UNK F 344 -8.80 62.80 -26.48
CA UNK F 345 -6.10 60.52 -28.01
CA UNK F 346 -7.12 61.38 -31.56
CA UNK F 347 -7.26 65.09 -30.69
CA UNK F 348 -3.63 64.68 -29.69
CA UNK F 349 -3.15 63.46 -33.20
CA UNK F 350 -4.34 66.81 -34.38
CA UNK F 351 -4.52 64.28 -37.27
CA UNK F 352 -5.59 61.07 -39.30
CA UNK F 353 -5.71 57.10 -38.86
CA UNK F 354 -8.24 54.85 -40.81
CA UNK F 355 -8.73 51.76 -38.55
CA UNK F 356 -9.69 48.53 -40.51
CA UNK F 357 -6.75 45.97 -41.18
CA UNK F 358 -6.05 48.45 -44.05
CA UNK F 359 -2.96 48.44 -42.04
CA UNK F 360 -2.72 44.72 -41.89
CA UNK F 361 -2.91 44.67 -45.69
CA UNK F 362 -0.57 47.53 -46.57
CA UNK F 363 2.00 46.26 -44.03
CA UNK F 364 1.81 42.69 -45.43
CA UNK F 365 2.44 44.66 -48.68
CA UNK F 366 5.07 47.16 -47.73
CA UNK F 367 7.33 44.75 -45.93
CA UNK F 368 6.88 42.19 -48.67
CA UNK F 369 8.35 44.85 -51.01
CA UNK F 370 10.91 46.24 -48.56
CA UNK F 371 12.25 42.69 -48.34
CA UNK F 372 13.37 42.92 -51.97
CA UNK F 373 15.52 46.00 -51.17
CA UNK F 374 17.42 43.82 -48.82
CA UNK F 375 20.28 41.39 -48.60
CA UNK F 376 20.14 37.90 -46.82
CA UNK F 377 19.00 39.08 -43.57
CA UNK F 378 16.64 40.66 -41.46
CA UNK F 379 15.13 40.15 -44.84
CA UNK F 380 13.90 36.52 -45.09
CA UNK F 381 13.15 37.07 -41.51
CA UNK F 382 11.39 40.17 -42.85
CA UNK F 383 9.12 38.14 -45.13
CA UNK F 384 8.34 36.06 -42.02
CA UNK F 385 7.47 39.19 -40.05
CA UNK F 386 5.20 40.34 -42.96
CA UNK F 387 3.35 37.00 -42.88
CA UNK F 388 2.96 37.23 -39.10
CA UNK F 389 1.04 40.50 -39.40
CA UNK F 390 -1.67 38.69 -41.34
CA UNK F 391 -2.53 36.76 -38.15
CA UNK F 392 -4.59 39.81 -37.05
CA UNK F 393 -6.89 40.17 -40.10
CA UNK F 394 -7.20 36.35 -40.11
CA UNK F 395 -8.50 36.90 -36.57
CA UNK F 396 -11.27 39.19 -37.48
CA UNK F 397 -12.05 37.35 -40.71
CA UNK F 398 -12.49 34.10 -38.98
CA UNK F 399 -14.50 35.84 -36.26
CA UNK F 400 -17.15 36.86 -38.64
CA UNK F 401 -17.15 33.22 -39.74
CA UNK F 402 -15.69 34.06 -43.06
CA UNK F 403 -14.00 30.87 -43.43
CA UNK F 404 -10.78 32.74 -42.75
CA UNK F 405 -8.67 31.48 -45.64
CA UNK F 406 -10.76 32.99 -48.41
CA UNK F 407 -11.42 36.27 -46.65
CA UNK F 408 -7.67 36.81 -46.41
CA UNK F 409 -7.18 35.99 -50.09
CA UNK F 410 -9.77 38.62 -51.07
CA UNK F 411 -8.59 41.18 -48.53
CA UNK F 412 -5.02 40.97 -49.86
CA UNK F 413 -6.11 41.56 -53.46
CA UNK F 414 -8.24 44.61 -52.71
CA UNK F 415 -5.59 46.35 -50.53
CA UNK F 416 -3.03 45.56 -53.24
CA UNK F 417 -5.36 47.16 -55.83
CA UNK F 418 -4.15 49.82 -53.55
CA UNK F 419 -7.36 51.29 -52.66
CA UNK F 420 -5.66 51.44 -49.31
CA UNK F 421 -9.20 50.37 -48.17
CA UNK F 422 -11.07 46.87 -48.04
CA UNK F 423 -11.82 46.11 -44.40
CA UNK F 424 -14.32 43.85 -42.62
CA UNK F 425 -17.90 44.85 -43.33
CA UNK F 426 -20.68 43.70 -41.02
CA UNK F 427 -23.31 44.87 -43.54
CA UNK F 428 -21.87 43.26 -46.66
CA UNK F 429 -21.36 40.40 -44.20
CA UNK F 430 -17.72 39.85 -44.86
CA UNK F 431 -15.35 42.29 -46.50
CA UNK F 432 -16.12 45.72 -48.00
CA UNK F 433 -14.73 49.17 -48.89
CA UNK F 434 -14.28 50.89 -45.51
CA UNK F 435 -14.20 54.42 -46.52
CA UNK F 436 -17.88 53.83 -47.22
CA UNK F 437 -18.67 51.95 -44.00
CA UNK F 438 -16.81 54.72 -42.00
CA UNK F 439 -14.59 53.34 -39.19
CA UNK F 440 -11.61 55.16 -37.98
CA UNK F 441 -8.53 55.43 -36.22
CA UNK F 442 -6.12 56.60 -33.78
CA UNK F 443 -2.90 56.84 -35.47
CA UNK F 444 -1.37 56.97 -32.02
CA UNK F 445 -3.00 53.68 -31.03
CA UNK F 446 -1.61 51.96 -34.15
CA UNK F 447 2.00 53.03 -33.81
CA UNK F 448 2.06 52.13 -30.13
CA UNK F 449 0.43 48.78 -30.74
CA UNK F 450 3.22 47.99 -33.20
CA UNK F 451 5.97 49.39 -30.98
CA UNK F 452 4.71 47.60 -27.81
CA UNK F 453 4.55 44.32 -29.70
CA UNK F 454 8.12 44.70 -30.91
CA UNK F 455 9.62 45.76 -27.61
CA UNK F 456 7.95 42.83 -25.80
CA UNK F 457 8.68 40.25 -28.49
CA UNK F 458 12.36 41.23 -28.32
CA UNK F 459 12.51 40.98 -24.53
CA UNK F 460 11.19 37.42 -24.67
CA UNK F 461 13.09 36.11 -27.60
CA UNK F 462 16.52 37.13 -26.38
CA UNK F 463 17.31 36.70 -22.89
CA UNK F 464 16.34 34.06 -20.89
CA UNK F 465 17.01 33.31 -17.30
CA UNK F 466 15.35 33.66 -13.93
CA UNK G 1 -15.33 23.38 -29.35
CA UNK G 2 -15.00 21.44 -26.11
CA UNK G 3 -16.17 24.49 -24.11
CA UNK G 4 -19.15 25.12 -26.36
CA UNK G 5 -20.43 21.60 -26.98
CA UNK G 6 -20.25 21.17 -23.23
CA UNK G 7 -22.20 24.34 -22.42
CA UNK G 8 -24.92 23.39 -24.87
CA UNK G 9 -25.09 19.87 -23.40
CA UNK G 10 -25.54 21.38 -19.95
CA UNK G 11 -28.33 23.71 -21.02
CA UNK G 12 -30.16 20.79 -22.61
CA UNK G 13 -29.87 18.71 -19.44
CA UNK G 14 -31.56 21.25 -17.21
CA UNK G 15 -34.29 21.62 -19.83
CA UNK G 16 -34.54 17.78 -20.18
CA UNK G 17 -34.90 17.53 -16.38
CA UNK G 18 -37.46 20.21 -16.44
CA UNK G 19 -38.87 20.11 -20.03
CA UNK G 20 -41.35 17.37 -19.04
CA UNK G 21 -43.07 19.82 -16.62
CA UNK G 22 -45.10 21.46 -19.45
CA UNK G 23 -48.87 21.48 -18.54
CA UNK G 24 -50.45 19.44 -15.66
CA UNK G 25 -49.36 15.79 -16.91
CA UNK G 26 -45.80 16.01 -15.74
CA UNK G 27 -46.16 14.94 -12.18
CA UNK G 28 -44.10 16.16 -9.22
CA UNK G 29 -40.38 16.20 -8.71
CA UNK G 30 -38.65 15.44 -5.43
CA UNK G 31 -35.66 17.70 -4.83
CA UNK G 32 -33.38 16.71 -2.03
CA UNK G 33 -30.27 18.51 -1.52
CA UNK G 34 -29.34 18.02 2.06
CA UNK G 35 -31.87 15.98 4.09
CA UNK G 36 -32.14 19.22 5.80
CA UNK G 37 -34.76 19.87 3.32
CA UNK G 38 -37.24 18.25 1.02
CA UNK G 39 -39.86 20.04 -1.26
CA UNK G 40 -42.66 18.38 -3.37
CA UNK G 41 -45.06 20.25 -5.55
CA UNK G 42 -44.78 21.99 -8.95
CA UNK G 43 -43.80 25.08 -11.07
CA UNK G 44 -40.41 26.23 -12.56
CA UNK G 45 -39.41 29.39 -10.58
CA UNK G 46 -39.91 27.53 -7.28
CA UNK G 47 -37.90 24.56 -8.43
CA UNK G 48 -34.96 26.72 -9.58
CA UNK G 49 -35.03 29.07 -6.59
CA UNK G 50 -34.73 26.17 -4.15
CA UNK G 51 -32.13 24.37 -6.06
CA UNK G 52 -28.41 24.55 -6.06
CA UNK G 53 -27.51 23.08 -9.59
CA UNK G 54 -24.12 21.89 -10.88
CA UNK G 55 -23.95 25.03 -12.92
CA UNK G 56 -23.34 28.69 -13.35
CA UNK G 57 -24.65 28.55 -16.92
CA UNK G 58 -27.81 26.98 -15.59
CA UNK G 59 -27.99 29.68 -12.88
CA UNK G 60 -28.08 32.13 -15.76
CA UNK G 61 -30.94 30.72 -18.00
CA UNK G 62 -31.92 31.64 -14.55
CA UNK G 63 -32.12 35.47 -14.37
CA UNK G 64 -35.03 35.33 -16.86
CA UNK G 65 -37.15 33.90 -14.02
CA UNK G 66 -37.05 37.40 -12.52
CA UNK G 67 -38.36 39.62 -15.36
CA UNK G 68 -41.82 40.14 -13.72
CA UNK G 69 -44.34 38.45 -15.87
CA UNK G 70 -43.84 34.91 -16.50
CA UNK G 71 -44.40 31.45 -15.23
CA UNK G 72 -48.04 30.29 -15.51
CA UNK G 73 -48.45 26.72 -16.84
CA UNK G 74 -45.67 27.00 -19.45
CA UNK G 75 -43.69 30.28 -19.93
CA UNK G 76 -40.51 29.17 -18.17
CA UNK G 77 -40.86 25.78 -19.80
CA UNK G 78 -41.39 27.33 -23.24
CA UNK G 79 -38.23 29.47 -23.08
CA UNK G 80 -36.07 26.62 -21.70
CA UNK G 81 -37.36 24.00 -24.12
CA UNK G 82 -36.85 26.49 -27.03
CA UNK G 83 -33.08 26.69 -26.18
CA UNK G 84 -31.86 22.96 -26.48
CA UNK G 85 -33.32 23.06 -30.02
CA UNK G 86 -31.42 26.31 -31.00
CA UNK G 87 -28.33 24.71 -29.62
CA UNK G 88 -29.25 21.18 -30.77
CA UNK G 89 -30.21 22.56 -34.16
CA UNK G 90 -26.95 24.55 -33.89
CA UNK G 91 -24.72 21.49 -33.23
CA UNK G 92 -25.49 20.32 -36.72
CA UNK G 93 -24.34 23.59 -38.25
CA UNK G 94 -21.17 23.63 -36.16
CA UNK G 95 -20.52 20.15 -37.63
CA UNK G 96 -20.70 22.34 -40.72
CA UNK G 97 -18.83 25.62 -39.47
CA UNK G 98 -21.12 28.85 -39.43
CA UNK G 99 -20.02 31.46 -36.87
CA UNK G 100 -22.04 31.51 -33.58
CA UNK G 101 -22.66 35.21 -34.18
CA UNK G 102 -24.24 34.89 -37.59
CA UNK G 103 -26.37 32.09 -36.10
CA UNK G 104 -27.35 34.51 -33.33
CA UNK G 105 -28.14 37.13 -36.01
CA UNK G 106 -30.27 34.65 -37.93
CA UNK G 107 -32.27 33.82 -34.79
CA UNK G 108 -32.88 37.58 -34.13
CA UNK G 109 -34.08 38.08 -37.74
CA UNK G 110 -36.27 34.99 -37.45
CA UNK G 111 -37.85 35.88 -34.09
CA UNK G 112 -38.50 39.50 -35.10
CA UNK G 113 -40.27 38.25 -38.22
CA UNK G 114 -42.26 35.64 -36.25
CA UNK G 115 -43.34 38.28 -33.78
CA UNK G 116 -44.70 40.19 -36.73
CA UNK G 117 -46.45 37.94 -38.92
CA UNK G 118 -48.14 37.15 -35.60
CA UNK G 119 -49.33 40.71 -35.07
CA UNK G 120 -50.62 40.50 -38.60
CA UNK G 121 -52.42 37.19 -38.04
CA UNK G 122 -53.74 36.99 -34.30
CA UNK G 123 -57.01 37.39 -32.12
CA UNK G 124 -57.27 41.70 -30.39
CA UNK G 125 -60.91 41.36 -29.49
CA UNK G 126 -63.98 42.91 -28.21
CA UNK G 127 -66.11 39.86 -28.88
CA UNK G 128 -66.90 37.12 -26.40
CA UNK G 129 -69.34 34.38 -27.28
CA UNK G 130 -66.01 32.54 -27.38
CA UNK G 131 -64.92 34.35 -24.21
CA UNK G 132 -68.00 32.87 -22.55
CA UNK G 133 -67.04 29.44 -23.86
CA UNK G 134 -63.39 29.77 -23.02
CA UNK G 135 -63.80 30.62 -19.45
CA UNK G 136 -66.13 27.57 -19.77
CA UNK G 137 -63.12 25.48 -20.73
CA UNK G 138 -60.93 26.96 -18.00
CA UNK G 139 -63.65 26.14 -15.41
CA UNK G 140 -63.52 22.71 -16.74
CA UNK G 141 -61.25 21.87 -13.95
CA UNK G 142 -63.97 19.22 -13.46
CA UNK G 143 -67.18 18.45 -11.58
CA UNK G 144 -69.81 18.81 -14.14
CA UNK G 145 -70.80 22.26 -13.31
CA UNK G 146 -71.66 24.32 -16.29
CA UNK G 147 -71.44 27.40 -13.94
CA UNK G 148 -70.35 29.53 -16.87
CA UNK G 149 -73.77 31.33 -17.52
CA UNK G 150 -73.05 33.56 -14.64
CA UNK G 151 -69.32 33.84 -14.28
CA UNK G 152 -68.68 35.59 -17.62
CA UNK G 153 -71.72 37.91 -17.01
CA UNK G 154 -69.45 38.28 -14.18
CA UNK G 155 -67.03 38.73 -17.17
CA UNK G 156 -68.92 41.52 -18.93
CA UNK G 157 -70.45 42.88 -15.84
CA UNK G 158 -67.18 43.03 -14.08
CA UNK G 159 -64.95 43.68 -16.98
CA UNK G 160 -66.39 46.25 -19.25
CA UNK G 161 -66.95 47.90 -15.87
CA UNK G 162 -63.65 46.97 -14.36
CA UNK G 163 -61.97 46.41 -17.66
CA UNK G 164 -62.68 49.68 -19.19
CA UNK G 165 -62.34 50.86 -15.64
CA UNK G 166 -59.15 52.79 -15.14
CA UNK G 167 -57.51 55.57 -16.90
CA UNK G 168 -56.52 54.36 -20.34
CA UNK G 169 -55.89 50.79 -20.92
CA UNK G 170 -57.31 47.61 -19.80
CA UNK G 171 -57.28 48.39 -16.18
CA UNK G 172 -59.41 45.99 -14.47
CA UNK G 173 -59.68 45.67 -10.87
CA UNK G 174 -61.75 42.65 -10.42
CA UNK G 175 -59.51 42.31 -7.46
CA UNK G 176 -62.41 42.78 -5.37
CA UNK G 177 -63.79 39.50 -5.07
CA UNK G 178 -65.91 39.13 -2.09
CA UNK G 179 -66.70 35.51 -1.74
CA UNK G 180 -69.02 34.69 1.09
CA UNK G 181 -70.54 31.44 2.03
CA UNK G 182 -74.08 30.11 2.05
CA UNK G 183 -75.23 26.54 2.71
CA UNK G 184 -78.43 26.09 0.67
CA UNK G 185 -80.21 23.99 -1.95
CA UNK G 186 -79.59 25.99 -5.21
CA UNK G 187 -75.93 26.91 -6.61
CA UNK G 188 -77.86 28.67 -9.36
CA UNK G 189 -78.71 30.79 -6.36
CA UNK G 190 -75.13 32.44 -6.41
CA UNK G 191 -74.58 36.22 -6.72
CA UNK G 192 -73.66 39.53 -8.20
CA UNK G 193 -76.86 41.55 -8.45
CA UNK G 194 -75.55 43.27 -5.81
CA UNK G 195 -74.18 45.28 -3.16
CA UNK G 196 -73.01 44.23 0.15
CA UNK G 197 -73.97 41.26 2.14
CA UNK G 198 -72.38 40.59 5.37
CA UNK G 199 -72.57 37.50 7.57
CA UNK G 200 -71.61 40.33 9.89
CA UNK G 201 -75.22 41.74 11.19
CA UNK G 202 -78.20 44.62 11.15
CA UNK G 203 -78.74 48.21 12.62
CA UNK G 204 -82.00 47.59 14.53
CA UNK G 205 -84.24 44.62 13.58
CA UNK G 206 -87.62 45.62 14.77
CA UNK G 207 -86.56 48.67 12.58
CA UNK G 208 -85.69 50.15 9.10
CA UNK G 209 -85.22 47.50 6.41
CA UNK G 210 -84.27 49.46 3.35
CA UNK G 211 -82.94 52.83 2.52
CA UNK G 212 -80.27 54.79 0.58
CA UNK G 213 -77.33 57.50 0.52
CA UNK G 214 -74.95 56.00 3.18
CA UNK G 215 -72.06 57.20 5.35
CA UNK G 216 -70.61 53.92 6.46
CA UNK G 217 -67.19 55.24 6.36
CA UNK G 218 -67.90 54.58 9.98
CA UNK G 219 -66.31 55.66 13.11
CA UNK G 220 -64.36 54.25 15.80
CA UNK G 221 -65.52 53.73 17.88
CA UNK G 222 -68.25 52.24 20.04
CA UNK G 223 -70.12 54.65 20.98
CA UNK G 224 -72.11 55.44 23.82
CA UNK G 225 -71.21 56.47 27.34
CA UNK G 226 -67.48 57.20 27.48
CA UNK G 227 -65.76 57.26 30.64
CA UNK G 228 -62.56 59.78 31.07
CA UNK G 229 -62.43 57.32 31.63
CA UNK G 230 -60.89 58.15 34.99
CA UNK G 231 -63.31 56.91 37.71
CA UNK G 232 -64.28 59.29 40.83
CA UNK G 233 -67.15 57.63 42.89
CA UNK G 234 -70.93 58.48 42.76
CA UNK G 235 -72.89 57.90 46.04
CA UNK G 236 -81.50 66.63 36.00
CA UNK G 237 -79.01 63.80 36.34
CA UNK G 238 -81.49 61.39 34.87
CA UNK G 239 -81.98 63.90 32.03
CA UNK G 240 -78.30 64.55 31.23
CA UNK G 241 -78.28 60.84 30.28
CA UNK G 242 -81.21 61.17 27.88
CA UNK G 243 -79.72 64.32 26.35
CA UNK G 244 -76.40 62.48 26.03
CA UNK G 245 -78.11 59.83 23.85
CA UNK G 246 -79.98 62.54 21.96
CA UNK G 247 -76.67 64.23 21.04
CA UNK G 248 -75.08 60.94 19.94
CA UNK G 249 -77.89 60.61 17.41
CA UNK G 250 -77.67 64.30 16.48
CA UNK G 251 -73.95 63.87 15.54
CA UNK G 252 -74.86 60.86 13.42
CA UNK G 253 -77.66 62.71 11.70
CA UNK G 254 -75.43 65.72 11.08
CA UNK G 255 -72.99 63.66 9.00
CA UNK G 256 -74.36 63.00 7.34
CA UNK G 257 -74.41 59.18 7.51
CA UNK G 258 -77.87 58.03 5.98
CA UNK G 259 -76.24 54.77 6.71
CA UNK G 260 -74.08 53.69 10.09
CA UNK G 261 -71.72 50.72 9.96
CA UNK G 262 -69.91 50.52 13.29
CA UNK G 263 -66.85 48.38 13.88
CA UNK G 264 -67.81 48.12 17.53
CA UNK G 265 -70.67 47.98 19.98
CA UNK G 266 -73.46 50.09 19.47
CA UNK G 267 -75.86 48.56 20.53
CA UNK G 268 -78.73 47.96 21.97
CA UNK G 269 -78.92 51.65 23.16
CA UNK G 270 -77.47 52.76 19.85
CA UNK G 271 -80.22 50.79 18.09
CA UNK G 272 -82.66 52.78 20.22
CA UNK G 273 -81.38 56.16 19.09
CA UNK G 274 -80.84 55.06 15.45
CA UNK G 275 -84.50 53.99 15.25
CA UNK G 276 -85.47 57.22 16.96
CA UNK G 277 -83.61 58.91 14.04
CA UNK G 278 -82.66 55.84 11.81
CA UNK G 279 -79.26 53.79 11.16
CA UNK G 280 -77.32 50.08 11.16
CA UNK G 281 -73.47 48.39 12.04
CA UNK G 282 -71.18 46.11 13.58
CA UNK G 283 -67.71 45.73 13.73
CA UNK G 284 -64.68 43.92 12.86
CA UNK G 285 -64.63 44.51 9.09
CA UNK G 286 -63.43 40.90 8.99
CA UNK G 287 -61.06 43.66 7.97
CA UNK G 288 -61.37 42.34 4.48
CA UNK G 289 -64.94 43.50 3.95
CA UNK G 290 -64.34 46.70 5.93
CA UNK G 291 -61.55 47.46 3.51
CA UNK G 292 -63.52 46.55 0.34
CA UNK G 293 -66.42 48.65 1.57
CA UNK G 294 -64.17 51.63 2.25
CA UNK G 295 -62.87 51.15 -1.26
CA UNK G 296 -66.33 50.91 -2.87
CA UNK G 297 -68.21 53.57 -0.86
CA UNK G 298 -65.40 55.95 -0.12
CA UNK G 299 -66.53 55.82 3.44
CA UNK G 300 -63.99 56.80 5.96
CA UNK G 301 -63.08 54.94 8.94
CA UNK G 302 -61.68 56.36 11.96
CA UNK G 303 -60.45 54.83 14.74
CA UNK G 304 -62.07 58.59 14.04
CA UNK G 305 -63.93 61.10 11.66
CA UNK G 306 -67.75 61.28 4.46
CA UNK G 307 -69.23 57.94 3.20
CA UNK G 308 -70.62 57.29 -0.39
CA UNK G 309 -73.26 54.90 -2.18
CA UNK G 310 -77.05 53.81 -3.26
CA UNK G 311 -79.61 50.62 -3.06
CA UNK G 312 -78.88 48.62 0.09
CA UNK G 313 -81.12 46.01 1.26
CA UNK G 314 -82.14 43.86 3.94
CA UNK G 315 -83.60 40.98 2.27
CA UNK G 316 -84.48 37.74 3.68
CA UNK G 317 -82.97 34.97 1.73
CA UNK G 318 -84.40 31.72 2.87
CA UNK G 319 -83.38 31.96 6.68
CA UNK G 320 -79.99 33.66 8.02
CA UNK G 321 -79.64 37.57 7.72
CA UNK G 322 -76.78 39.48 5.91
CA UNK G 323 -76.72 43.24 4.40
CA UNK G 324 -76.70 44.17 0.44
CA UNK G 325 -76.18 47.64 -1.46
CA UNK G 326 -75.65 49.44 -4.82
CA UNK G 327 -73.71 51.85 -7.13
CA UNK G 328 -70.69 52.81 -4.82
CA UNK G 329 -68.39 55.85 -5.00
CA UNK G 330 -66.94 53.30 -7.46
CA UNK G 331 -70.23 51.86 -8.98
CA UNK G 332 -67.68 49.48 -10.10
CA UNK G 333 -66.93 46.84 -7.88
CA UNK G 334 -67.85 44.19 -6.10
CA UNK G 335 -68.77 41.32 -4.23
CA UNK G 336 -69.64 37.80 -4.86
CA UNK G 337 -71.87 36.21 -2.18
CA UNK G 338 -71.28 32.44 -2.52
CA UNK G 339 -73.66 29.41 -1.48
CA UNK G 340 -74.93 25.98 -2.88
CA UNK G 341 -75.58 23.04 -0.51
CA UNK G 342 -73.71 21.36 2.54
CA UNK G 343 -71.42 24.17 4.13
CA UNK G 344 -68.79 21.53 3.98
CA UNK G 345 -68.62 20.86 0.17
CA UNK G 346 -69.12 24.43 -0.83
CA UNK G 347 -65.45 25.20 0.30
CA UNK G 348 -64.03 23.59 -2.85
CA UNK G 349 -66.75 25.39 -4.81
CA UNK G 350 -65.35 28.62 -3.40
CA UNK G 351 -61.90 27.24 -4.12
CA UNK G 352 -63.18 26.68 -7.67
CA UNK G 353 -64.91 30.00 -8.19
CA UNK G 354 -61.72 31.75 -7.07
CA UNK G 355 -59.53 30.02 -9.66
CA UNK G 356 -62.23 30.59 -12.28
CA UNK G 357 -62.47 34.28 -11.37
CA UNK G 358 -58.98 33.75 -12.38
CA UNK G 359 -58.96 32.08 -15.75
CA UNK G 360 -61.70 34.31 -16.79
CA UNK G 361 -60.34 37.52 -15.24
CA UNK G 362 -56.83 37.07 -16.75
CA UNK G 363 -58.21 36.43 -20.21
CA UNK G 364 -60.30 39.55 -19.98
CA UNK G 365 -56.81 41.53 -19.77
CA UNK G 366 -54.24 42.93 -22.59
CA UNK G 367 -56.62 41.31 -25.02
CA UNK G 368 -54.61 39.14 -27.44
CA UNK G 369 -53.79 35.60 -27.32
CA UNK G 370 -52.10 32.59 -28.21
CA UNK G 371 -53.57 29.40 -29.05
CA UNK G 372 -52.12 27.11 -26.58
CA UNK G 373 -51.75 25.06 -29.74
CA UNK G 374 -48.73 24.98 -31.99
CA UNK G 375 -50.52 26.84 -34.79
CA UNK G 376 -48.20 29.88 -34.70
CA UNK G 377 -45.03 27.81 -34.81
CA UNK G 378 -46.34 25.82 -37.77
CA UNK G 379 -47.10 28.98 -39.74
CA UNK G 380 -43.66 30.38 -38.90
CA UNK G 381 -41.90 27.14 -39.78
CA UNK G 382 -43.57 27.21 -43.22
CA UNK G 383 -43.25 31.01 -43.68
CA UNK G 384 -39.78 31.52 -42.15
CA UNK G 385 -39.17 28.43 -44.24
CA UNK G 386 -39.89 30.67 -47.27
CA UNK G 387 -38.18 33.80 -45.93
CA UNK G 388 -35.06 31.83 -45.48
CA UNK G 389 -35.20 31.15 -49.15
CA UNK G 390 -35.40 34.97 -49.51
CA UNK G 391 -31.81 35.54 -49.01
CA UNK G 392 -31.15 32.33 -50.77
CA UNK G 393 -28.48 30.05 -49.57
CA UNK G 394 -26.58 30.53 -46.42
CA UNK G 395 -27.63 32.50 -43.47
CA UNK G 396 -30.44 30.73 -45.16
CA UNK G 397 -29.26 27.59 -43.36
CA UNK G 398 -29.54 29.32 -39.99
CA UNK G 399 -33.04 30.58 -40.85
CA UNK G 400 -34.23 27.10 -41.86
CA UNK G 401 -32.83 25.94 -38.51
CA UNK G 402 -34.54 28.66 -36.57
CA UNK G 403 -37.57 27.37 -38.22
CA UNK G 404 -37.09 23.71 -37.51
CA UNK G 405 -36.01 23.56 -33.86
CA UNK G 406 -39.24 25.55 -33.91
CA UNK G 407 -41.24 22.34 -34.21
CA UNK G 408 -40.15 21.45 -30.65
CA UNK G 409 -42.88 23.74 -29.33
CA UNK G 410 -45.56 21.87 -30.93
CA UNK G 411 -43.90 18.56 -30.05
CA UNK G 412 -43.54 19.40 -26.39
CA UNK G 413 -47.20 20.35 -26.18
CA UNK G 414 -48.15 17.06 -27.87
CA UNK G 415 -46.03 15.00 -25.52
CA UNK G 416 -47.31 16.81 -22.39
CA UNK G 417 -50.25 15.03 -23.72
CA UNK G 418 -50.33 12.31 -26.12
CA UNK G 419 -47.86 10.72 -28.31
CA UNK G 420 -49.17 10.47 -31.75
CA UNK G 421 -47.34 13.64 -32.60
CA UNK G 422 -46.01 13.01 -36.11
CA UNK G 423 -49.42 12.79 -37.89
CA UNK G 424 -50.37 15.82 -35.88
CA UNK G 425 -47.33 17.86 -37.16
CA UNK G 426 -47.42 16.84 -40.85
CA UNK G 427 -51.13 17.73 -41.01
CA UNK G 428 -50.77 20.93 -39.01
CA UNK G 429 -48.07 22.20 -41.39
CA UNK G 430 -50.19 21.59 -44.48
CA UNK G 431 -53.29 23.37 -43.14
CA UNK G 432 -51.34 26.44 -41.97
CA UNK G 433 -49.81 26.40 -45.55
CA UNK G 434 -52.07 26.30 -48.67
CA UNK G 435 -53.45 28.08 -45.67
CA UNK G 436 -55.69 27.36 -42.73
CA UNK G 437 -53.82 29.49 -40.34
CA UNK G 438 -57.19 30.02 -38.89
CA UNK G 439 -55.84 27.39 -36.25
CA UNK G 440 -56.72 25.40 -32.91
CA UNK G 441 -55.79 22.17 -30.52
CA UNK G 442 -57.36 19.67 -27.86
CA UNK G 443 -58.45 17.98 -24.47
CA UNK G 444 -58.78 14.22 -25.08
CA UNK G 445 -59.68 12.89 -28.54
CA UNK G 446 -56.31 11.51 -27.92
CA UNK G 447 -56.42 13.19 -31.21
CA UNK G 448 -55.89 16.66 -32.50
CA UNK G 449 -58.65 19.07 -32.21
CA UNK G 450 -59.56 22.86 -32.46
CA UNK G 451 -59.16 25.99 -30.10
CA UNK G 452 -60.10 29.26 -31.74
CA UNK G 453 -63.25 27.26 -31.95
CA UNK G 454 -62.30 25.83 -28.54
CA UNK G 455 -61.97 29.24 -26.97
CA UNK G 456 -58.50 28.02 -25.78
CA UNK G 457 -56.61 31.23 -25.93
CA UNK G 458 -53.52 32.98 -24.69
CA UNK G 459 -51.44 36.08 -24.32
CA UNK G 460 -49.18 37.65 -26.96
CA UNK G 461 -46.31 39.23 -25.07
CA UNK G 462 -45.53 35.74 -23.67
CA UNK G 463 -44.11 34.62 -27.04
CA UNK G 464 -41.73 37.49 -27.63
CA UNK G 465 -40.41 37.31 -24.08
CA UNK G 466 -39.98 33.56 -24.25
CA UNK G 467 -37.79 34.08 -27.34
CA UNK G 468 -35.48 36.48 -26.42
CA UNK G 469 -34.96 37.16 -23.31
CA UNK G 470 -34.32 33.49 -24.18
CA UNK G 471 -32.38 34.01 -27.33
CA UNK G 472 -30.66 37.24 -26.59
CA UNK G 473 -30.58 35.21 -23.67
CA UNK G 474 -29.64 31.77 -24.66
CA UNK G 475 -27.90 32.74 -27.86
CA UNK G 476 -26.34 35.96 -26.76
CA UNK G 477 -25.19 33.92 -23.87
CA UNK G 478 -24.24 30.48 -25.17
CA UNK G 479 -22.88 31.88 -28.36
CA UNK G 480 -21.44 34.33 -25.96
CA UNK G 481 -18.63 31.78 -25.76
CA UNK G 482 -15.59 29.90 -27.08
CA UNK G 483 -13.66 29.58 -23.84
CA UNK G 484 -14.64 29.06 -20.30
CA UNK G 485 -11.95 29.91 -17.78
CA UNK H 1 -38.79 5.43 -18.17
CA UNK H 2 -35.91 4.97 -15.77
CA UNK H 3 -37.48 7.50 -13.35
CA UNK H 4 -40.91 5.90 -13.52
CA UNK H 5 -40.05 2.20 -13.42
CA UNK H 6 -37.90 3.05 -10.43
CA UNK H 7 -40.62 4.95 -8.55
CA UNK H 8 -43.07 2.11 -9.09
CA UNK H 9 -40.48 -0.41 -7.90
CA UNK H 10 -39.99 1.65 -4.74
CA UNK H 11 -43.69 1.87 -3.97
CA UNK H 12 -44.01 -1.88 -4.35
CA UNK H 13 -41.12 -2.51 -1.97
CA UNK H 14 -42.63 -0.57 0.91
CA UNK H 15 -45.97 -2.20 0.39
CA UNK H 16 -44.38 -5.62 0.63
CA UNK H 17 -42.50 -4.91 3.78
CA UNK H 18 -45.35 -3.93 6.05
CA UNK H 19 -47.38 -6.34 3.81
CA UNK H 20 -47.98 -9.52 5.61
CA UNK H 21 -47.36 -8.68 9.27
CA UNK H 22 -50.90 -7.47 8.91
CA UNK H 23 -52.96 -9.23 11.41
CA UNK H 24 -53.81 -11.18 14.53
CA UNK H 25 -50.20 -11.51 14.07
CA UNK H 26 -49.76 -8.26 12.79
CA UNK H 27 -47.04 -9.78 14.87
CA UNK H 28 -43.92 -8.83 16.45
CA UNK H 29 -41.29 -7.68 14.12
CA UNK H 30 -37.95 -6.61 15.63
CA UNK H 31 -36.90 -2.95 15.15
CA UNK H 32 -33.27 -2.83 16.18
CA UNK H 33 -31.35 0.25 15.43
CA UNK H 34 -29.58 2.11 18.13
CA UNK H 35 -30.65 4.23 21.14
CA UNK H 36 -30.24 1.79 24.05
CA UNK H 37 -31.47 -1.45 22.19
CA UNK H 38 -35.09 -2.96 21.61
CA UNK H 39 -38.44 -1.66 20.35
CA UNK H 40 -41.61 -4.26 20.23
CA UNK H 41 -45.31 -4.82 18.43
CA UNK H 42 -47.90 -3.05 15.78
CA UNK H 43 -49.01 0.30 13.85
CA UNK H 44 -45.41 1.09 13.09
CA UNK H 45 -45.70 4.93 13.25
CA UNK H 46 -42.92 4.69 15.86
CA UNK H 47 -41.18 1.93 13.97
CA UNK H 48 -41.19 3.90 10.69
CA UNK H 49 -40.26 7.23 12.21
CA UNK H 50 -37.28 5.62 13.95
CA UNK H 51 -35.97 3.11 11.38
CA UNK H 52 -33.96 4.65 8.35
CA UNK H 53 -35.89 4.55 5.06
CA UNK H 54 -33.75 5.78 2.18
CA UNK H 55 -37.02 6.86 0.62
CA UNK H 56 -39.02 9.99 0.74
CA UNK H 57 -41.93 8.35 -0.91
CA UNK H 58 -42.13 6.40 2.34
CA UNK H 59 -42.44 9.62 4.29
CA UNK H 60 -45.49 10.31 2.12
CA UNK H 61 -47.29 7.02 2.93
CA UNK H 62 -46.53 7.55 6.59
CA UNK H 63 -48.50 10.83 6.35
CA UNK H 64 -51.70 8.71 6.40
CA UNK H 65 -51.03 8.20 10.19
CA UNK H 66 -51.70 11.94 10.24
CA UNK H 67 -54.70 10.39 9.07
CA UNK H 68 -55.30 9.87 12.74
CA UNK H 69 -59.11 9.68 12.20
CA UNK H 70 -57.84 7.41 9.59
CA UNK H 71 -55.01 5.48 11.14
CA UNK H 72 -56.20 2.30 12.93
CA UNK H 73 -56.36 -1.52 13.29
CA UNK H 74 -55.15 -2.83 9.92
CA UNK H 75 -56.05 0.31 8.02
CA UNK H 76 -52.85 2.13 7.47
CA UNK H 77 -51.66 -1.33 6.42
CA UNK H 78 -54.58 -1.59 3.97
CA UNK H 79 -53.80 1.74 2.26
CA UNK H 80 -50.03 1.04 2.06
CA UNK H 81 -50.41 -2.53 0.82
CA UNK H 82 -52.98 -1.41 -1.77
CA UNK H 83 -50.79 1.50 -3.06
CA UNK H 84 -48.03 -1.05 -3.50
CA UNK H 85 -50.32 -3.32 -5.47
CA UNK H 86 -51.82 -0.49 -7.53
CA UNK H 87 -48.26 0.58 -8.53
CA UNK H 88 -47.23 -3.03 -9.14
CA UNK H 89 -50.27 -3.74 -11.33
CA UNK H 90 -49.58 -0.48 -13.17
CA UNK H 91 -46.06 -1.56 -14.12
CA UNK H 92 -47.57 -4.20 -16.34
CA UNK H 93 -49.68 -1.64 -18.19
CA UNK H 94 -46.74 0.73 -18.58
CA UNK H 95 -44.82 -2.16 -20.08
CA UNK H 96 -47.42 -1.78 -22.72
CA UNK H 97 -47.04 1.88 -23.56
CA UNK H 98 -49.57 2.51 -20.88
CA UNK H 99 -48.41 5.96 -20.90
CA UNK H 100 -48.98 6.64 -17.27
CA UNK H 101 -50.88 9.79 -16.71
CA UNK H 102 -53.68 7.65 -18.13
CA UNK H 103 -52.96 5.28 -15.23
CA UNK H 104 -53.69 8.20 -12.89
CA UNK H 105 -56.91 8.86 -14.86
CA UNK H 106 -57.94 5.21 -14.61
CA UNK H 107 -57.43 5.29 -10.81
CA UNK H 108 -59.51 8.50 -10.59
CA UNK H 109 -62.35 6.90 -12.59
CA UNK H 110 -62.11 3.77 -10.44
CA UNK H 111 -62.05 5.57 -7.06
CA UNK H 112 -64.89 7.99 -7.93
CA UNK H 113 -66.62 5.01 -9.36
CA UNK H 114 -65.75 2.93 -6.24
CA UNK H 115 -66.95 5.59 -3.81
CA UNK H 116 -70.20 5.49 -5.71
CA UNK H 117 -70.53 1.70 -5.80
CA UNK H 118 -70.11 1.40 -2.05
CA UNK H 119 -72.77 3.94 -1.24
CA UNK H 120 -74.94 2.00 -3.64
CA UNK H 121 -74.17 -1.35 -1.95
CA UNK H 122 -73.83 0.52 1.41
CA UNK H 123 -75.30 -1.35 4.85
CA UNK H 124 -77.31 -0.34 8.68
CA UNK H 125 -79.32 0.03 12.60
CA UNK H 126 -79.46 2.13 16.53
CA UNK H 127 -81.33 2.70 20.33
CA UNK H 128 -80.28 3.04 24.19
CA UNK H 129 -80.13 -0.73 24.49
CA UNK H 130 -79.09 -0.54 20.86
CA UNK H 131 -76.17 1.71 21.84
CA UNK H 132 -75.04 -1.09 24.16
CA UNK H 133 -75.34 -3.49 21.24
CA UNK H 134 -73.69 -1.37 18.52
CA UNK H 135 -70.69 -1.54 20.86
CA UNK H 136 -70.99 -5.29 21.50
CA UNK H 137 -70.93 -5.77 17.75
CA UNK H 138 -68.02 -3.40 17.26
CA UNK H 139 -66.07 -4.96 20.06
CA UNK H 140 -64.15 -7.45 17.96
CA UNK H 141 -61.86 -13.26 23.60
CA UNK H 142 -62.81 -10.55 26.30
CA UNK H 143 -65.39 -8.61 28.50
CA UNK H 144 -65.14 -4.95 30.10
CA UNK H 145 -65.48 -3.56 26.59
CA UNK H 146 -68.78 -2.49 27.76
CA UNK H 147 -67.56 -0.39 30.67
CA UNK H 148 -65.68 1.81 28.17
CA UNK H 149 -68.35 1.68 25.37
CA UNK H 150 -70.81 3.34 27.76
CA UNK H 151 -68.04 5.66 28.91
CA UNK H 152 -67.45 6.66 25.29
CA UNK H 153 -71.05 7.35 24.26
CA UNK H 154 -71.09 9.39 27.37
CA UNK H 155 -68.28 11.93 26.20
CA UNK H 156 -69.15 12.85 22.58
CA UNK H 157 -72.82 12.54 23.42
CA UNK H 158 -72.98 16.13 24.20
CA UNK H 159 -70.85 17.66 21.48
CA UNK H 160 -73.17 16.35 18.95
CA UNK H 161 -74.78 19.44 18.24
CA UNK H 162 -76.75 20.76 15.48
CA UNK H 163 -74.16 22.34 13.48
CA UNK H 164 -72.28 19.21 12.63
CA UNK H 165 -69.63 18.04 15.73
CA UNK H 166 -65.87 18.69 17.67
CA UNK H 167 -63.91 18.57 20.98
CA UNK H 168 -60.67 19.94 22.12
CA UNK H 169 -63.47 20.30 24.66
CA UNK H 170 -62.26 17.17 26.38
CA UNK H 171 -59.65 18.17 28.95
CA UNK H 172 -57.38 15.20 29.74
CA UNK H 173 -54.89 15.53 32.58
CA UNK H 174 -53.04 12.41 34.70
CA UNK H 175 -51.89 12.10 38.29
CA UNK H 176 -49.42 9.46 39.63
CA UNK H 177 -51.92 8.16 42.17
CA UNK H 178 -52.40 4.45 41.81
CA UNK H 179 -55.28 2.30 40.70
CA UNK H 180 -56.08 3.19 37.04
CA UNK H 181 -59.69 2.21 37.80
CA UNK H 182 -59.39 5.56 39.59
CA UNK H 183 -59.50 7.33 36.23
CA UNK H 184 -62.47 9.63 36.31
CA UNK H 185 -64.78 11.02 33.64
CA UNK H 186 -65.77 14.66 34.56
CA UNK H 187 -68.08 17.59 33.08
CA UNK H 188 -66.83 21.40 33.22
CA UNK H 189 -63.29 22.98 33.78
CA UNK H 190 -60.59 21.17 35.82
CA UNK H 191 -57.40 23.07 36.61
CA UNK H 192 -54.18 21.52 37.83
CA UNK H 193 -53.73 24.30 40.12
CA UNK H 194 -54.36 24.89 43.78
CA UNK H 195 -56.28 28.11 45.09
CA UNK H 196 -53.86 31.09 44.53
CA UNK H 197 -54.14 32.16 47.80
CA UNK H 198 -55.62 32.45 50.87
CA UNK H 199 -57.96 34.61 52.44
CA UNK H 200 -59.25 32.42 49.58
CA UNK H 201 -62.87 31.34 50.47
CA UNK H 202 -61.41 29.00 48.15
CA UNK H 203 -64.66 27.90 46.39
CA UNK H 204 -66.29 30.48 44.17
CA UNK H 205 -68.91 28.23 42.72
CA UNK H 206 -70.96 30.03 40.15
CA UNK H 207 -67.87 31.63 38.90
CA UNK H 208 -67.71 34.74 36.81
CA UNK H 209 -64.07 33.79 36.06
CA UNK H 210 -61.80 36.62 34.80
CA UNK H 211 -59.15 35.63 32.23
CA UNK H 212 -56.32 38.18 32.26
CA UNK H 213 -53.53 38.66 29.75
CA UNK H 214 -51.35 41.13 31.62
CA UNK H 215 -48.68 41.19 34.34
CA UNK H 216 -50.74 42.29 37.18
CA UNK H 217 -48.85 45.06 38.53
CA UNK H 218 -50.34 48.27 39.24
CA UNK H 219 -47.69 48.18 36.46
CA UNK H 220 -44.55 49.64 38.35
CA UNK H 221 -40.90 48.46 39.27
CA UNK H 222 -39.15 45.07 40.15
CA UNK H 223 -36.75 46.78 38.01
CA UNK H 224 -34.92 49.93 38.94
CA UNK H 225 -37.04 53.07 39.52
CA UNK H 226 -37.16 54.95 42.91
CA UNK H 227 -38.43 57.55 45.64
CA UNK H 228 -37.92 61.33 45.10
CA UNK H 229 -36.49 62.17 48.49
CA UNK H 230 -38.68 65.43 48.01
CA UNK H 231 -40.78 65.32 51.10
CA UNK H 232 -39.90 62.42 53.22
CA UNK H 233 -43.71 62.26 53.57
CA UNK H 234 -44.20 61.41 49.87
CA UNK H 235 -42.53 58.01 50.26
CA UNK H 236 -45.45 56.60 52.21
CA UNK H 237 -47.98 58.04 49.80
CA UNK H 238 -46.13 56.38 46.90
CA UNK H 239 -46.04 53.14 48.75
CA UNK H 240 -49.80 53.55 49.31
CA UNK H 241 -50.84 54.42 45.79
CA UNK H 242 -49.59 50.89 45.01
CA UNK H 243 -51.76 49.26 47.67
CA UNK H 244 -54.78 51.32 46.60
CA UNK H 245 -54.05 50.33 43.00
CA UNK H 246 -54.40 46.63 43.97
CA UNK H 247 -57.47 47.44 46.06
CA UNK H 248 -59.19 48.99 43.01
CA UNK H 249 -58.29 46.05 40.77
CA UNK H 250 -60.21 43.84 43.18
CA UNK H 251 -63.02 46.40 43.50
CA UNK H 252 -63.58 46.30 39.69
CA UNK H 253 -63.69 42.51 39.83
CA UNK H 254 -66.15 42.52 42.70
CA UNK H 255 -68.32 45.10 40.97
CA UNK H 256 -68.96 42.71 38.08
CA UNK H 257 -70.29 39.82 40.33
CA UNK H 258 -67.46 37.19 40.45
CA UNK H 259 -66.67 35.12 43.55
CA UNK H 260 -63.41 33.93 42.22
CA UNK H 261 -60.50 35.61 40.52
CA UNK H 262 -58.33 33.79 37.99
CA UNK H 263 -55.28 35.98 37.18
CA UNK H 264 -53.35 35.01 34.01
CA UNK H 265 -50.30 36.26 35.55
CA UNK H 266 -47.77 35.38 38.03
CA UNK H 267 -48.77 37.43 40.91
CA UNK H 268 -46.18 39.69 42.23
CA UNK H 269 -47.37 38.80 45.81
CA UNK H 270 -49.18 41.86 47.18
CA UNK H 271 -52.05 41.18 44.79
CA UNK H 272 -52.24 37.62 46.17
CA UNK H 273 -52.39 39.24 49.60
CA UNK H 274 -55.42 41.37 48.85
CA UNK H 275 -57.15 38.69 46.73
CA UNK H 276 -56.97 36.30 49.70
CA UNK H 277 -58.03 39.09 51.99
CA UNK H 278 -61.13 39.58 49.82
CA UNK H 279 -61.90 35.81 50.04
CA UNK H 280 -63.24 35.37 46.53
CA UNK H 281 -61.63 32.87 44.11
CA UNK H 282 -58.52 33.80 42.06
CA UNK H 283 -55.89 31.70 40.36
CA UNK H 284 -52.85 33.11 38.42
CA UNK H 285 -50.01 32.80 35.84
CA UNK H 286 -51.70 29.82 33.85
CA UNK H 287 -51.04 28.43 30.09
CA UNK H 288 -52.55 30.24 26.70
CA UNK H 289 -54.16 27.23 24.94
CA UNK H 290 -56.34 27.03 28.03
CA UNK H 291 -57.21 30.73 27.80
CA UNK H 292 -58.53 30.03 24.35
CA UNK H 293 -60.45 26.84 25.27
CA UNK H 294 -61.97 28.66 28.24
CA UNK H 295 -63.06 31.59 26.08
CA UNK H 296 -64.59 29.01 23.78
CA UNK H 297 -66.40 27.12 26.56
CA UNK H 298 -67.56 29.98 28.68
CA UNK H 299 -68.18 32.76 26.39
CA UNK H 300 -67.31 33.01 30.01
CA UNK H 301 -65.69 36.34 29.21
CA UNK H 302 -69.72 32.07 33.55
CA UNK H 303 -69.78 28.79 35.38
CA UNK H 304 -72.04 27.36 38.07
CA UNK H 305 -69.18 26.27 40.22
CA UNK H 306 -65.57 26.70 40.91
CA UNK H 307 -64.51 23.73 42.86
CA UNK H 308 -61.12 22.81 43.70
CA UNK H 309 -59.30 19.92 45.02
CA UNK H 310 -55.88 18.68 45.51
CA UNK H 311 -55.21 15.81 43.17
CA UNK H 312 -51.85 14.17 43.65
CA UNK H 313 -49.52 17.09 44.28
CA UNK H 314 -51.46 19.67 42.23
CA UNK H 315 -54.22 21.65 43.32
CA UNK H 316 -56.43 20.57 40.65
CA UNK H 317 -59.36 22.76 41.28
CA UNK H 318 -62.47 21.13 39.92
CA UNK H 319 -64.40 23.61 37.91
CA UNK H 320 -67.81 22.80 36.96
CA UNK H 321 -71.31 23.32 35.83
CA UNK H 322 -70.10 25.76 33.18
CA UNK H 323 -72.57 27.82 31.14
CA UNK H 324 -71.52 25.72 28.10
CA UNK H 325 -72.10 22.01 28.93
CA UNK H 326 -69.81 20.31 26.45
CA UNK H 327 -66.65 20.34 28.57
CA UNK H 328 -65.34 17.46 30.64
CA UNK H 329 -62.02 16.23 32.10
CA UNK H 330 -60.65 12.55 32.36
CA UNK H 331 -58.24 12.28 35.37
CA UNK H 332 -56.03 9.24 34.72
CA UNK H 333 -54.28 7.42 37.59
CA UNK H 334 -51.91 4.43 37.61
CA UNK H 335 -48.73 5.32 39.34
CA UNK H 336 -47.04 8.41 37.64
CA UNK H 337 -44.77 8.01 34.30
CA UNK H 338 -43.86 6.07 31.01
CA UNK H 339 -46.74 3.50 31.36
CA UNK H 340 -49.26 6.29 31.31
CA UNK H 341 -47.79 8.45 28.52
CA UNK H 342 -48.25 5.34 26.33
CA UNK H 343 -51.55 4.36 27.98
CA UNK H 344 -52.65 7.93 27.25
CA UNK H 345 -51.24 7.43 23.77
CA UNK H 346 -52.60 3.80 23.53
CA UNK H 347 -56.02 4.26 25.11
CA UNK H 348 -57.40 7.48 23.95
CA UNK H 349 -56.46 5.63 20.86
CA UNK H 350 -59.19 3.40 21.94
CA UNK H 351 -61.41 6.20 22.55
CA UNK H 352 -60.27 7.54 19.11
CA UNK H 353 -60.58 4.34 17.10
CA UNK H 354 -64.03 4.35 18.55
CA UNK H 355 -64.18 8.11 17.91
CA UNK H 356 -64.00 7.81 14.11
CA UNK H 357 -66.73 5.18 13.98
CA UNK H 358 -68.88 7.21 16.38
CA UNK H 359 -68.65 9.84 13.62
CA UNK H 360 -69.85 7.78 10.65
CA UNK H 361 -73.38 7.78 11.57
CA UNK H 362 -71.91 5.54 8.53
CA UNK H 363 -69.43 2.38 8.31
CA UNK H 364 -70.07 -1.19 6.84
CA UNK H 365 -69.66 -4.94 6.44
CA UNK H 366 -66.40 -6.24 7.46
CA UNK H 367 -63.68 -8.59 8.01
CA UNK H 368 -63.37 -8.29 4.32
CA UNK H 369 -66.58 -8.13 2.40
CA UNK H 370 -66.52 -4.61 0.94
CA UNK H 371 -63.51 -5.24 -1.26
CA UNK H 372 -65.03 -8.48 -2.55
CA UNK H 373 -68.26 -6.73 -3.52
CA UNK H 374 -66.30 -3.93 -5.22
CA UNK H 375 -64.04 -6.37 -7.04
CA UNK H 376 -67.12 -8.17 -8.44
CA UNK H 377 -68.96 -5.06 -9.53
CA UNK H 378 -65.99 -3.23 -11.08
CA UNK H 379 -65.16 -6.39 -12.95
CA UNK H 380 -68.53 -5.90 -14.71
CA UNK H 381 -68.36 -2.10 -14.96
CA UNK H 382 -65.10 -2.63 -16.83
CA UNK H 383 -67.04 -4.23 -19.69
CA UNK H 384 -69.12 -1.10 -20.06
CA UNK H 385 -65.96 0.77 -20.54
CA UNK H 386 -65.49 1.09 -24.08
CA UNK H 387 -62.21 -0.35 -24.94
CA UNK H 388 -59.05 0.40 -23.09
CA UNK H 389 -59.18 2.50 -20.01
CA UNK H 390 -60.90 -0.80 -19.65
CA UNK H 391 -57.51 -2.48 -19.22
CA UNK H 392 -56.53 0.01 -16.52
CA UNK H 393 -59.86 -0.51 -14.73
CA UNK H 394 -59.47 -4.30 -14.74
CA UNK H 395 -55.99 -3.68 -13.28
CA UNK H 396 -57.47 -1.47 -10.54
CA UNK H 397 -60.05 -4.23 -9.80
CA UNK H 398 -57.27 -6.81 -9.41
CA UNK H 399 -55.33 -4.45 -7.14
CA UNK H 400 -58.20 -4.39 -4.63
CA UNK H 401 -58.15 -8.24 -4.64
CA UNK H 402 -54.81 -7.85 -2.96
CA UNK H 403 -56.72 -7.11 0.28
CA UNK H 404 -58.84 -10.31 0.50
CA UNK H 405 -55.74 -12.23 -0.58
CA UNK H 406 -53.60 -10.64 2.11
CA UNK H 407 -56.10 -11.64 4.78
CA UNK H 408 -56.11 -15.21 3.43
CA UNK H 409 -52.47 -15.46 3.74
CA UNK H 410 -53.20 -14.28 7.31
CA UNK H 411 -54.63 -17.56 8.43
CA UNK H 412 -52.25 -19.70 6.55
CA UNK H 413 -55.24 -19.49 4.18
CA UNK H 414 -55.29 -21.93 1.40
CA UNK H 415 -55.29 -18.93 -0.95
CA UNK H 416 -56.16 -20.44 -4.39
CA UNK H 417 -59.37 -22.11 -3.25
CA UNK H 418 -60.58 -19.26 -1.05
CA UNK H 419 -60.41 -16.97 -4.06
CA UNK H 420 -62.33 -19.45 -6.22
CA UNK H 421 -65.13 -19.59 -3.62
CA UNK H 422 -65.08 -15.85 -2.90
CA UNK H 423 -65.52 -15.08 -6.61
CA UNK H 424 -68.54 -17.35 -6.98
CA UNK H 425 -70.40 -15.94 -3.98
CA UNK H 426 -69.87 -12.28 -4.88
CA UNK H 427 -70.88 -13.25 -8.48
CA UNK H 428 -74.02 -14.67 -6.93
CA UNK H 429 -73.57 -11.44 -4.75
CA UNK H 430 -74.34 -12.78 -1.24
CA UNK H 431 -70.99 -10.96 -0.83
CA UNK H 432 -70.07 -11.50 2.82
CA UNK H 433 -68.24 -14.42 4.08
CA UNK H 434 -65.66 -12.11 5.48
CA UNK H 435 -63.33 -14.65 6.99
CA UNK H 436 -62.40 -16.84 9.71
CA UNK H 437 -59.02 -18.20 10.91
CA UNK H 438 -60.70 -20.22 13.68
CA UNK H 439 -63.43 -21.90 11.65
CA UNK H 440 -60.50 -22.28 9.22
CA UNK H 441 -62.71 -20.78 6.29
CA UNK H 442 -65.83 -17.96 5.65
CA UNK H 443 -69.81 -16.44 5.17
CA UNK H 444 -72.58 -13.80 5.21
CA UNK H 445 -71.27 -11.02 7.36
CA UNK H 446 -73.39 -10.92 10.51
CA UNK H 447 -72.82 -14.26 12.11
CA UNK H 448 -69.72 -11.97 12.80
CA UNK H 449 -69.39 -7.96 12.77
CA UNK H 450 -66.89 -5.45 10.94
CA UNK H 451 -67.74 -1.91 9.69
CA UNK H 452 -65.79 0.46 7.94
CA UNK H 453 -65.89 3.94 8.51
CA UNK H 454 -66.37 4.00 4.75
CA UNK H 455 -64.56 7.30 5.02
CA UNK H 456 -61.30 5.53 5.86
CA UNK H 457 -61.55 3.39 2.68
CA UNK H 458 -62.19 6.17 0.20
CA UNK H 459 -59.40 8.29 1.66
CA UNK H 460 -56.98 5.40 1.70
CA UNK H 461 -57.53 4.92 -2.02
CA UNK H 462 -57.99 8.32 -3.46
CA UNK H 463 -55.60 9.29 -0.84
CA UNK H 464 -53.32 6.29 -1.20
CA UNK H 465 -53.98 5.85 -4.90
CA UNK H 466 -54.44 9.42 -6.02
CA UNK H 467 -51.26 10.09 -4.18
CA UNK H 468 -49.19 6.97 -4.51
CA UNK H 469 -49.84 6.60 -8.18
CA UNK H 470 -49.94 10.08 -9.51
CA UNK H 471 -47.00 11.76 -7.76
CA UNK H 472 -45.15 8.55 -8.39
CA UNK H 473 -45.94 8.68 -11.95
CA UNK H 474 -45.05 12.12 -10.80
CA UNK I 1 12.32 -41.16 17.85
CA UNK I 2 11.37 -39.97 14.39
CA UNK I 3 11.40 -43.58 13.10
CA UNK I 4 9.31 -44.88 15.98
CA UNK I 5 6.71 -42.14 16.36
CA UNK I 6 6.21 -42.48 12.63
CA UNK I 7 5.74 -46.26 12.67
CA UNK I 8 3.21 -46.00 15.48
CA UNK I 9 1.35 -43.25 13.61
CA UNK I 10 1.17 -45.50 10.56
CA UNK I 11 -0.17 -48.48 12.47
CA UNK I 12 -2.87 -46.31 14.00
CA UNK I 13 -3.92 -44.96 10.57
CA UNK I 14 -4.59 -48.41 9.11
CA UNK I 15 -6.41 -49.50 12.21
CA UNK I 16 -8.86 -46.64 11.97
CA UNK I 17 -9.08 -48.99 8.91
CA UNK I 18 -10.68 -52.20 10.28
CA UNK I 19 -11.78 -51.06 13.72
CA UNK I 20 -15.52 -50.42 13.04
CA UNK I 21 -16.15 -53.51 11.33
CA UNK I 22 -15.75 -56.76 12.81
CA UNK I 23 -18.62 -58.84 13.79
CA UNK I 24 -22.20 -59.22 12.76
CA UNK I 25 -22.42 -55.49 12.25
CA UNK I 26 -19.82 -55.51 9.47
CA UNK I 27 -18.71 -52.39 7.39
CA UNK I 28 -20.55 -50.15 5.03
CA UNK I 29 -17.46 -48.67 3.67
CA UNK I 30 -16.41 -48.05 0.10
CA UNK I 31 -13.42 -48.23 -1.85
CA UNK I 32 -13.18 -46.20 -5.04
CA UNK I 33 -10.71 -46.77 -7.92
CA UNK I 34 -10.41 -45.24 -11.42
CA UNK I 35 -13.29 -46.25 -13.93
CA UNK I 36 -15.05 -49.46 -12.66
CA UNK I 37 -15.40 -47.91 -9.34
CA UNK I 38 -16.52 -48.76 -5.95
CA UNK I 39 -16.77 -51.58 -3.59
CA UNK I 40 -17.90 -51.94 -0.07
CA UNK I 41 -18.24 -53.40 3.40
CA UNK I 42 -17.11 -57.07 3.36
CA UNK I 43 -14.76 -59.34 5.42
CA UNK I 44 -11.47 -57.47 5.51
CA UNK I 45 -8.57 -59.39 3.86
CA UNK I 46 -10.25 -58.67 0.52
CA UNK I 47 -10.59 -55.00 1.29
CA UNK I 48 -6.92 -54.64 2.23
CA UNK I 49 -5.57 -56.81 -0.58
CA UNK I 50 -7.49 -54.58 -3.03
CA UNK I 51 -6.84 -51.22 -1.36
CA UNK I 52 -4.58 -48.73 -2.99
CA UNK I 53 -2.38 -48.88 -0.13
CA UNK I 54 0.77 -47.33 -0.97
CA UNK I 55 3.11 -45.94 1.72
CA UNK I 56 5.91 -48.40 2.80
CA UNK I 57 5.52 -48.88 6.70
CA UNK I 58 2.04 -49.55 5.63
CA UNK I 59 3.42 -51.97 3.05
CA UNK I 60 4.69 -53.96 6.02
CA UNK I 61 1.26 -54.25 7.80
CA UNK I 62 -0.28 -55.22 4.46
CA UNK I 63 2.12 -58.20 4.38
CA UNK I 64 -0.15 -59.88 6.98
CA UNK I 65 -2.60 -60.54 4.11
CA UNK I 66 -0.04 -63.09 2.88
CA UNK I 67 0.05 -65.10 6.07
CA UNK I 68 -2.97 -67.28 4.97
CA UNK I 69 -1.99 -70.02 7.43
CA UNK I 70 -4.96 -68.84 8.94
CA UNK I 71 -6.89 -66.53 6.76
CA UNK I 72 -9.95 -66.99 9.01
CA UNK I 73 -13.09 -64.81 9.06
CA UNK I 74 -12.35 -61.96 11.40
CA UNK I 75 -9.13 -63.72 12.31
CA UNK I 76 -7.25 -61.55 9.87
CA UNK I 77 -8.63 -58.23 11.05
CA UNK I 78 -8.13 -59.32 14.69
CA UNK I 79 -4.45 -60.24 14.18
CA UNK I 80 -4.16 -57.98 13.57
CA UNK I 81 -6.48 -55.87 14.99
CA UNK I 82 -5.68 -56.09 18.32
CA UNK I 83 -2.15 -55.66 16.80
CA UNK I 84 -3.16 -52.09 16.03
CA UNK I 85 -4.27 -51.53 19.59
CA UNK I 86 -1.24 -53.28 21.10
CA UNK I 87 1.03 -50.98 19.03
CA UNK I 88 -1.10 -47.94 19.86
CA UNK I 89 -1.06 -48.68 23.62
CA UNK I 90 2.70 -49.25 23.36
CA UNK I 91 3.29 -45.77 21.96
CA UNK I 92 2.26 -44.35 25.27
CA UNK I 93 4.80 -46.46 27.15
CA UNK I 94 7.54 -45.56 24.72
CA UNK I 95 6.84 -41.86 24.98
CA UNK I 96 8.20 -42.39 28.51
CA UNK I 97 11.33 -44.44 27.30
CA UNK I 98 12.28 -48.30 27.03
CA UNK I 99 14.40 -50.90 25.07
CA UNK I 100 12.08 -52.48 22.56
CA UNK I 101 13.72 -55.46 24.17
CA UNK I 102 12.09 -56.21 27.41
CA UNK I 103 8.81 -55.26 25.72
CA UNK I 104 9.35 -58.13 23.28
CA UNK I 105 10.16 -60.41 26.25
CA UNK I 106 7.03 -59.31 28.03
CA UNK I 107 4.89 -60.13 24.99
CA UNK I 108 6.59 -63.55 24.71
CA UNK I 109 5.95 -64.21 28.50
CA UNK I 110 2.35 -62.98 28.27
CA UNK I 111 1.48 -65.07 25.18
CA UNK I 112 3.08 -68.24 26.59
CA UNK I 113 1.01 -67.81 29.74
CA UNK I 114 -2.19 -67.10 27.76
CA UNK I 115 -1.61 -70.18 25.67
CA UNK I 116 -1.53 -72.11 28.90
CA UNK I 117 -4.63 -70.49 30.44
CA UNK I 118 -6.75 -71.30 27.41
CA UNK I 119 -5.83 -74.97 27.33
CA UNK I 120 -6.68 -74.90 31.03
CA UNK I 121 -10.07 -73.27 30.44
CA UNK I 122 -11.45 -75.12 27.18
CA UNK I 123 -13.10 -76.29 25.13
CA UNK I 124 -12.54 -79.79 23.68
CA UNK I 125 -14.78 -82.36 22.11
CA UNK I 126 -13.43 -84.63 19.37
CA UNK I 127 -15.62 -86.14 16.62
CA UNK I 128 -18.89 -84.19 16.20
CA UNK I 129 -22.60 -84.64 15.59
CA UNK I 130 -21.61 -81.88 17.80
CA UNK I 131 -18.97 -81.76 15.12
CA UNK I 132 -21.67 -80.46 12.79
CA UNK I 133 -22.63 -77.89 15.43
CA UNK I 134 -18.96 -76.80 15.61
CA UNK I 135 -18.88 -76.16 11.83
CA UNK I 136 -22.29 -74.43 11.71
CA UNK I 137 -21.01 -72.09 14.40
CA UNK I 138 -17.76 -71.50 12.55
CA UNK I 139 -19.32 -71.71 8.95
CA UNK I 140 -19.37 -68.24 10.09
CA UNK I 141 -21.54 -66.75 7.61
CA UNK I 142 -26.93 -76.07 8.17
CA UNK I 143 -26.72 -76.19 4.30
CA UNK I 144 -23.41 -76.11 6.01
CA UNK I 145 -23.97 -78.96 8.52
CA UNK I 146 -24.60 -80.89 5.46
CA UNK I 147 -21.30 -79.46 4.20
CA UNK I 148 -19.28 -80.38 7.30
CA UNK I 149 -20.50 -83.96 6.88
CA UNK I 150 -19.46 -84.04 3.22
CA UNK I 151 -15.98 -82.90 4.24
CA UNK I 152 -15.42 -85.56 6.94
CA UNK I 153 -16.89 -88.10 4.54
CA UNK I 154 -14.52 -87.15 1.74
CA UNK I 155 -11.55 -86.93 4.05
CA UNK I 156 -12.17 -90.37 5.58
CA UNK I 157 -18.38 -64.40 -0.76
CA UNK I 158 -20.58 -67.22 0.49
CA UNK I 159 -18.21 -69.58 -1.31
CA UNK I 160 -15.37 -67.58 0.10
CA UNK I 161 -16.98 -68.11 3.50
CA UNK I 162 -17.75 -71.82 3.14
CA UNK I 163 -14.26 -72.86 2.00
CA UNK I 164 -12.92 -71.03 5.05
CA UNK I 165 -15.42 -72.84 7.26
CA UNK I 166 -14.25 -76.14 5.85
CA UNK I 167 -10.66 -75.17 6.64
CA UNK I 168 -11.28 -74.11 10.21
CA UNK I 169 -13.44 -77.14 10.93
CA UNK I 170 -10.75 -79.35 9.39
CA UNK I 171 -7.91 -77.82 11.47
CA UNK I 172 -9.84 -78.20 14.71
CA UNK I 173 -10.83 -81.76 13.79
CA UNK I 174 -7.10 -82.31 13.82
CA UNK I 175 -6.29 -80.23 17.11
CA UNK I 176 -9.15 -80.37 19.90
CA UNK I 177 -9.31 -77.17 22.29
CA UNK I 178 -11.30 -73.85 21.60
CA UNK I 179 -12.67 -70.59 23.11
CA UNK I 180 -16.00 -68.85 23.27
CA UNK I 181 -13.84 -66.54 21.34
CA UNK I 182 -12.25 -63.33 22.40
CA UNK I 183 -13.90 -62.41 25.61
CA UNK I 184 -13.84 -65.84 26.95
CA UNK I 185 -10.10 -65.93 26.65
CA UNK I 186 -8.46 -62.54 26.39
CA UNK I 187 -10.64 -60.96 29.08
CA UNK I 188 -10.13 -63.87 31.46
CA UNK I 189 -6.37 -63.83 30.80
CA UNK I 190 -6.07 -60.04 31.10
CA UNK I 191 -7.27 -60.58 34.62
CA UNK I 192 -4.40 -62.61 35.79
CA UNK I 193 -1.25 -61.40 34.10
CA UNK I 194 -1.94 -57.95 35.47
CA UNK I 195 -1.55 -59.56 38.93
CA UNK I 196 1.27 -61.95 38.01
CA UNK I 197 3.19 -58.86 36.93
CA UNK I 198 3.33 -57.72 40.56
CA UNK I 199 5.30 -60.79 41.29
CA UNK I 200 7.93 -59.69 38.27
CA UNK I 201 10.46 -57.09 35.96
CA UNK I 202 10.81 -53.05 36.54
CA UNK I 203 11.15 -51.73 33.20
CA UNK I 204 9.43 -55.16 33.06
CA UNK I 205 6.40 -54.50 35.29
CA UNK I 206 5.64 -51.41 33.21
CA UNK I 207 5.82 -53.44 30.00
CA UNK I 208 3.54 -56.11 31.48
CA UNK I 209 0.93 -53.54 32.54
CA UNK I 210 1.13 -52.26 28.96
CA UNK I 211 0.55 -55.76 27.59
CA UNK I 212 -2.46 -56.13 29.97
CA UNK I 213 -3.96 -52.88 28.65
CA UNK I 214 -3.38 -54.01 25.06
CA UNK I 215 -5.58 -57.07 25.56
CA UNK I 216 -8.55 -54.80 26.24
CA UNK I 217 -8.40 -53.69 22.59
CA UNK I 218 -10.34 -56.86 21.70
CA UNK I 219 -13.37 -56.46 24.00
CA UNK I 220 -13.36 -52.79 23.34
CA UNK I 221 -13.79 -54.18 19.94
CA UNK I 222 -16.83 -56.35 20.55
CA UNK I 223 -18.65 -53.63 22.48
CA UNK I 224 -17.92 -51.00 19.85
CA UNK I 225 -18.93 -53.26 16.98
CA UNK I 226 -22.27 -54.08 18.64
CA UNK I 227 -22.46 -50.35 19.32
CA UNK I 228 -22.69 -50.19 22.84
CA UNK I 229 -22.27 -48.82 26.10
CA UNK I 230 -18.93 -50.50 26.24
CA UNK I 231 -17.47 -48.92 29.37
CA UNK I 232 -19.84 -50.49 31.87
CA UNK I 233 -19.98 -53.90 30.22
CA UNK I 234 -16.21 -54.12 30.54
CA UNK I 235 -16.34 -53.13 34.21
CA UNK I 236 -18.85 -55.92 34.92
CA UNK I 237 -17.11 -58.47 32.71
CA UNK I 238 -13.82 -57.91 34.54
CA UNK I 239 -15.37 -58.45 37.97
CA UNK I 240 -17.11 -61.71 37.06
CA UNK I 241 -14.08 -63.30 35.38
CA UNK I 242 -12.02 -62.20 38.41
CA UNK I 243 -14.54 -63.86 40.76
CA UNK I 244 -13.71 -66.96 38.71
CA UNK I 245 -16.45 -66.95 35.86
CA UNK I 246 -15.17 -67.08 32.11
CA UNK I 247 -18.08 -67.64 29.71
CA UNK I 248 -19.81 -64.53 30.82
CA UNK I 249 -19.56 -64.01 27.37
CA UNK I 250 -20.86 -61.19 25.44
CA UNK I 251 -23.98 -61.20 23.42
CA UNK I 252 -24.91 -60.81 19.72
CA UNK I 253 -28.62 -61.19 20.47
CA UNK I 254 -28.61 -59.59 24.03
CA UNK I 255 -28.00 -57.35 22.76
CA UNK I 256 -27.07 -58.06 26.21
CA UNK I 257 -24.17 -59.66 27.94
CA UNK I 258 -24.06 -63.03 29.63
CA UNK I 259 -21.59 -65.91 30.07
CA UNK I 260 -21.54 -68.05 27.06
CA UNK I 261 -24.63 -69.29 28.71
CA UNK I 262 -24.70 -70.94 25.33
CA UNK I 263 -23.58 -73.69 23.06
CA UNK I 264 -20.33 -72.79 22.00
CA UNK I 265 -18.81 -69.90 20.56
CA UNK I 266 -15.65 -71.81 20.89
CA UNK I 267 -12.74 -70.80 18.97
CA UNK I 268 -9.52 -71.10 17.33
CA UNK I 269 -6.39 -70.33 19.11
CA UNK I 270 -3.41 -70.73 16.69
CA UNK I 271 -4.80 -67.71 14.77
CA UNK I 272 -4.61 -65.58 17.97
CA UNK I 273 -1.05 -66.35 18.97
CA UNK I 274 0.18 -65.81 15.40
CA UNK I 275 -1.71 -62.56 15.07
CA UNK I 276 0.01 -61.30 18.20
CA UNK I 277 3.39 -62.88 17.68
CA UNK I 278 3.43 -61.78 14.10
CA UNK I 279 2.03 -58.27 14.01
CA UNK I 280 3.50 -57.17 17.34
CA UNK I 281 7.03 -58.50 16.90
CA UNK I 282 7.21 -57.04 13.38
CA UNK I 283 5.87 -53.74 14.63
CA UNK I 284 8.79 -53.61 17.02
CA UNK I 285 11.30 -54.68 14.52
CA UNK I 286 9.39 -51.40 13.83
CA UNK I 287 11.55 -49.46 15.77
CA UNK I 288 14.83 -49.95 13.77
CA UNK I 289 13.93 -47.59 10.71
CA UNK I 290 14.25 -47.62 6.84
CA UNK I 291 14.52 -45.79 3.49
CA UNK I 292 13.12 -45.39 0.06
CA UNK I 293 15.44 -43.70 -2.42
CA UNK J 1 35.92 -25.97 4.07
CA UNK J 2 32.60 -26.51 2.35
CA UNK J 3 33.90 -29.78 0.82
CA UNK J 4 35.26 -31.06 4.11
CA UNK J 5 32.51 -30.08 6.53
CA UNK J 6 30.13 -31.70 4.07
CA UNK J 7 32.07 -34.98 3.82
CA UNK J 8 32.26 -35.25 7.59
CA UNK J 9 28.53 -34.54 7.88
CA UNK J 10 27.85 -37.35 5.40
CA UNK J 11 30.00 -39.87 7.23
CA UNK J 12 28.21 -39.06 10.46
CA UNK J 13 24.81 -39.54 8.87
CA UNK J 14 25.48 -43.06 7.69
CA UNK J 15 26.97 -44.01 11.05
CA UNK J 16 23.75 -42.89 12.68
CA UNK J 17 21.84 -45.21 10.41
CA UNK J 18 23.08 -48.60 11.50
CA UNK J 19 25.24 -48.28 14.46
CA UNK J 20 22.00 -49.45 15.97
CA UNK J 21 23.43 -52.35 14.30
CA UNK J 22 22.29 -52.17 17.82
CA UNK J 23 24.10 -55.23 18.19
CA UNK J 24 21.88 -57.91 19.76
CA UNK J 25 19.00 -55.85 18.36
CA UNK J 26 19.37 -55.24 14.50
CA UNK J 27 16.18 -53.56 13.43
CA UNK J 28 14.93 -53.80 9.93
CA UNK J 29 16.19 -51.43 7.45
CA UNK J 30 14.50 -50.03 4.61
CA UNK J 31 15.43 -49.51 1.22
CA UNK J 32 12.22 -50.33 0.15
CA UNK J 33 13.32 -48.31 -2.82
CA UNK J 34 11.35 -48.93 -5.95
CA UNK J 35 9.87 -51.66 -8.14
CA UNK J 36 10.02 -55.26 -6.98
CA UNK J 37 10.21 -55.17 -3.22
CA UNK J 38 12.34 -56.32 -0.32
CA UNK J 39 13.71 -54.70 2.79
CA UNK J 40 13.23 -57.90 4.51
CA UNK J 41 15.95 -56.90 6.77
CA UNK J 42 18.40 -56.14 9.62
CA UNK J 43 22.08 -56.66 8.46
CA UNK J 44 24.74 -54.31 7.12
CA UNK J 45 26.87 -56.44 4.58
CA UNK J 46 23.87 -57.47 2.54
CA UNK J 47 22.11 -54.59 4.21
CA UNK J 48 24.82 -52.13 3.15
CA UNK J 49 25.26 -53.48 -0.38
CA UNK J 50 21.48 -53.02 -0.86
CA UNK J 51 21.15 -49.71 0.92
CA UNK J 52 20.93 -46.52 -1.47
CA UNK J 53 23.17 -43.11 -1.66
CA UNK J 54 24.01 -39.77 -3.58
CA UNK J 55 27.22 -38.33 -2.10
CA UNK J 56 30.32 -39.93 -3.70
CA UNK J 57 32.39 -40.67 -0.45
CA UNK J 58 29.65 -43.15 0.61
CA UNK J 59 30.53 -45.71 -2.14
CA UNK J 60 34.07 -46.03 -0.98
CA UNK J 61 33.51 -46.82 2.70
CA UNK J 62 32.05 -49.72 0.95
CA UNK J 63 35.16 -51.16 -0.64
CA UNK J 64 35.80 -52.55 2.85
CA UNK J 65 32.77 -54.82 2.32
CA UNK J 66 34.39 -56.71 -0.53
CA UNK J 67 37.11 -57.12 1.96
CA UNK J 68 35.75 -60.70 1.85
CA UNK J 69 37.46 -60.51 5.24
CA UNK J 70 34.89 -58.62 7.67
CA UNK J 71 31.12 -59.01 9.49
CA UNK J 72 28.94 -60.08 12.69
CA UNK J 73 28.00 -57.81 15.66
CA UNK J 74 30.52 -55.12 14.51
CA UNK J 75 32.99 -56.22 11.67
CA UNK J 76 31.61 -54.05 8.88
CA UNK J 77 29.29 -51.99 10.94
CA UNK J 78 32.22 -51.88 13.32
CA UNK J 79 34.64 -50.44 10.72
CA UNK J 80 32.12 -47.86 9.42
CA UNK J 81 30.97 -46.73 12.86
CA UNK J 82 34.60 -46.47 14.00
CA UNK J 83 35.71 -44.42 10.92
CA UNK J 84 32.85 -42.08 11.70
CA UNK J 85 33.95 -41.69 15.30
CA UNK J 86 37.36 -40.39 14.43
CA UNK J 87 37.07 -37.36 12.18
CA UNK J 88 33.96 -35.44 13.16
CA UNK J 89 36.55 -35.12 15.82
CA UNK J 90 38.87 -33.80 13.13
CA UNK J 91 36.52 -30.90 12.30
CA UNK J 92 37.26 -29.45 15.69
CA UNK J 93 41.00 -29.51 15.08
CA UNK J 94 40.62 -27.99 11.63
CA UNK J 95 38.61 -25.15 13.35
CA UNK J 96 41.97 -24.12 14.73
CA UNK J 97 43.80 -25.63 11.54
CA UNK J 98 45.74 -29.22 11.80
CA UNK J 99 46.75 -31.24 8.57
CA UNK J 100 44.95 -34.73 8.14
CA UNK J 101 48.35 -36.44 7.74
CA UNK J 102 49.62 -35.78 11.24
CA UNK J 103 46.24 -37.05 12.45
CA UNK J 104 46.80 -40.16 10.37
CA UNK J 105 50.31 -40.45 11.90
CA UNK J 106 48.92 -40.08 15.41
CA UNK J 107 46.40 -42.89 14.76
CA UNK J 108 49.20 -45.10 13.38
CA UNK J 109 51.33 -44.49 16.50
CA UNK J 110 48.30 -45.15 18.70
CA UNK J 111 47.18 -48.36 16.96
CA UNK J 112 50.72 -49.79 16.83
CA UNK J 113 51.03 -49.19 20.57
CA UNK J 114 47.58 -50.68 21.29
CA UNK J 115 48.45 -53.74 19.28
CA UNK J 116 51.44 -54.13 21.55
CA UNK J 117 49.55 -53.56 24.82
CA UNK J 118 46.99 -56.23 24.01
CA UNK J 119 49.55 -58.91 23.22
CA UNK J 120 50.69 -57.98 26.56
CA UNK J 121 47.26 -59.72 26.48
CA UNK J 122 46.28 -62.05 23.39
CA UNK J 123 44.99 -65.67 24.05
CA UNK J 124 44.97 -69.33 22.98
CA UNK J 125 44.64 -71.79 23.09
CA UNK J 126 41.47 -72.46 22.71
CA UNK J 127 40.44 -71.78 26.83
CA UNK J 128 37.44 -73.73 27.50
CA UNK J 129 35.34 -72.54 30.44
CA UNK J 130 34.73 -69.14 28.83
CA UNK J 131 34.15 -70.84 25.48
CA UNK J 132 31.40 -72.84 27.18
CA UNK J 133 29.96 -69.62 28.57
CA UNK J 134 29.94 -68.16 25.03
CA UNK J 135 27.90 -71.12 23.72
CA UNK J 136 25.49 -71.19 26.69
CA UNK J 137 24.81 -67.53 26.02
CA UNK J 138 24.42 -68.06 22.28
CA UNK J 139 21.81 -70.80 22.83
CA UNK J 140 20.17 -69.00 25.77
CA UNK J 141 17.19 -71.28 25.68
CA UNK J 142 17.50 -72.62 22.12
CA UNK J 143 16.14 -74.33 19.03
CA UNK J 144 18.95 -73.05 17.33
CA UNK J 145 20.28 -74.63 20.47
CA UNK J 146 20.60 -77.51 18.25
CA UNK J 147 21.18 -74.59 16.28
CA UNK J 148 23.79 -72.09 17.07
CA UNK J 149 25.23 -74.75 19.03
CA UNK J 150 24.02 -77.19 16.62
CA UNK J 151 25.21 -74.97 13.78
CA UNK J 152 28.54 -73.92 15.44
CA UNK J 153 29.46 -77.57 16.01
CA UNK J 154 28.56 -78.28 12.39
CA UNK J 155 31.02 -75.58 11.32
CA UNK J 156 34.00 -76.89 13.33
CA UNK J 157 33.07 -80.37 12.17
CA UNK J 158 33.02 -79.39 8.51
CA UNK J 159 36.17 -77.32 8.81
CA UNK J 160 38.15 -80.13 10.50
CA UNK J 161 23.58 -65.63 5.70
CA UNK J 162 24.30 -65.32 9.38
CA UNK J 163 25.97 -68.54 8.59
CA UNK J 164 28.33 -67.68 5.75
CA UNK J 165 29.96 -64.69 7.46
CA UNK J 166 30.04 -66.64 10.72
CA UNK J 167 31.78 -69.50 8.94
CA UNK J 168 34.35 -67.06 7.53
CA UNK J 169 35.16 -65.37 10.82
CA UNK J 170 35.36 -68.66 12.68
CA UNK J 171 37.60 -70.02 9.90
CA UNK J 172 39.98 -67.01 9.99
CA UNK J 173 40.36 -67.19 13.76
CA UNK J 174 40.86 -70.99 13.58
CA UNK J 175 43.98 -69.53 11.83
CA UNK J 176 44.99 -66.88 14.57
CA UNK J 177 45.24 -67.71 18.32
CA UNK J 178 44.95 -64.25 19.84
CA UNK J 179 41.64 -63.03 21.11
CA UNK J 180 39.48 -60.06 21.30
CA UNK J 181 37.82 -60.64 24.49
CA UNK J 182 35.11 -58.24 23.56
CA UNK J 183 33.17 -55.68 25.53
CA UNK J 184 35.22 -52.56 25.04
CA UNK J 185 38.43 -53.83 26.66
CA UNK J 186 40.56 -53.03 23.64
CA UNK J 187 39.23 -49.53 23.28
CA UNK J 188 38.80 -47.11 26.07
CA UNK J 189 41.82 -48.46 27.68
CA UNK J 190 43.29 -47.04 24.45
CA UNK J 191 42.24 -43.49 25.26
CA UNK J 192 43.87 -43.81 28.72
CA UNK J 193 47.10 -45.33 27.52
CA UNK J 194 47.65 -43.06 24.49
CA UNK J 195 46.99 -40.10 26.75
CA UNK J 196 50.15 -41.18 28.63
CA UNK J 197 52.14 -42.29 25.57
CA UNK J 198 51.36 -39.01 23.84
CA UNK J 199 52.84 -36.33 25.85
CA UNK J 200 55.82 -38.35 24.43
CA UNK J 201 54.32 -36.87 21.45
CA UNK J 202 55.09 -33.60 19.80
CA UNK J 203 52.09 -31.16 19.99
CA UNK J 204 50.19 -32.53 16.92
CA UNK J 205 48.54 -35.27 18.88
CA UNK J 206 46.97 -35.84 22.32
CA UNK J 207 43.70 -34.19 21.18
CA UNK J 208 43.64 -36.15 17.96
CA UNK J 209 44.22 -39.35 19.74
CA UNK J 210 41.60 -38.60 22.44
CA UNK J 211 39.17 -37.48 19.98
CA UNK J 212 40.22 -40.84 18.56
CA UNK J 213 39.73 -42.39 21.92
CA UNK J 214 36.37 -40.87 22.05
CA UNK J 215 36.61 -42.97 18.87
CA UNK J 216 36.07 -46.45 20.23
CA UNK J 217 33.84 -45.19 22.89
CA UNK J 218 31.27 -45.16 19.97
CA UNK J 219 31.02 -48.95 20.05
CA UNK J 220 30.43 -49.39 23.83
CA UNK J 221 28.04 -46.43 23.63
CA UNK J 222 26.09 -47.96 20.77
CA UNK J 223 25.60 -51.14 22.76
CA UNK J 224 24.37 -49.14 25.72
CA UNK J 225 22.15 -46.69 23.87
CA UNK J 226 20.45 -49.73 22.37
CA UNK J 227 19.85 -51.61 25.56
CA UNK J 228 19.35 -48.78 28.01
CA UNK J 229 21.40 -48.15 31.02
CA UNK J 230 23.10 -44.76 31.24
CA UNK J 231 25.81 -45.14 28.46
CA UNK J 232 27.63 -42.29 30.11
CA UNK J 233 27.85 -44.17 33.40
CA UNK J 234 28.99 -47.46 31.91
CA UNK J 235 31.96 -45.65 30.39
CA UNK J 236 32.80 -43.98 33.70
CA UNK J 237 32.87 -47.38 35.44
CA UNK J 238 34.65 -49.15 32.60
CA UNK J 239 37.45 -46.57 32.66
CA UNK J 240 38.03 -46.95 36.38
CA UNK J 241 38.25 -50.77 36.33
CA UNK J 242 40.67 -51.16 33.38
CA UNK J 243 42.00 -47.91 34.70
CA UNK J 244 44.95 -49.17 36.60
CA UNK J 245 45.32 -52.67 34.67
CA UNK J 246 43.11 -55.99 35.05
CA UNK J 247 42.31 -56.77 31.45
CA UNK J 248 39.01 -58.88 31.87
CA UNK J 249 35.26 -57.10 32.03
CA UNK J 250 31.84 -56.55 30.24
CA UNK J 251 28.28 -56.87 31.13
CA UNK J 252 25.09 -57.52 29.58
CA UNK J 253 21.92 -56.12 28.34
CA UNK J 254 20.07 -57.54 31.31
CA UNK J 255 22.38 -56.26 34.20
CA UNK J 256 22.76 -52.64 33.43
CA UNK J 257 26.52 -53.48 34.37
CA UNK J 258 29.62 -55.45 33.30
CA UNK J 259 31.91 -58.22 33.72
CA UNK J 260 34.22 -61.18 32.76
CA UNK J 261 35.87 -62.12 29.41
CA UNK J 262 36.61 -65.69 30.01
CA UNK J 263 33.18 -66.79 30.80
CA UNK J 264 31.94 -64.08 28.57
CA UNK J 265 33.97 -65.79 25.88
CA UNK J 266 33.39 -62.73 23.64
CA UNK J 267 36.63 -62.43 21.52
CA UNK J 268 38.10 -60.33 18.74
CA UNK J 269 40.51 -62.49 16.98
CA UNK J 270 42.60 -59.52 16.28
CA UNK J 271 42.77 -59.38 12.54
CA UNK J 272 39.41 -57.61 12.21
CA UNK J 273 40.35 -55.10 14.96
CA UNK J 274 43.74 -54.07 13.64
CA UNK J 275 42.19 -53.65 10.16
CA UNK J 276 38.96 -51.82 11.25
CA UNK J 277 41.06 -49.25 13.09
CA UNK J 278 43.53 -49.03 10.19
CA UNK J 279 40.99 -49.33 7.48
CA UNK J 280 38.13 -47.28 8.82
CA UNK J 281 40.57 -44.87 10.50
CA UNK J 282 43.03 -44.78 7.68
CA UNK J 283 41.29 -45.83 4.50
CA UNK J 284 38.44 -43.79 5.88
CA UNK J 285 40.81 -41.29 7.49
CA UNK J 286 43.81 -41.30 5.24
CA UNK J 287 40.85 -41.60 3.02
CA UNK J 288 38.16 -39.47 4.58
CA UNK J 289 40.57 -37.05 6.26
CA UNK J 290 43.30 -36.83 3.64
CA UNK J 291 41.57 -38.73 1.01
CA UNK J 292 38.66 -36.74 2.29
CA UNK J 293 41.07 -34.35 3.84
CA UNK J 294 43.79 -34.09 1.39
CA UNK J 295 40.15 -34.11 0.53
CA UNK J 296 39.82 -31.08 -1.20
CA UNK J 297 37.79 -30.56 -4.29
CA UNK J 298 35.00 -32.26 -6.13
CA UNK J 299 34.36 -30.99 -9.64
CA UNK K 1 41.37 -4.90 -21.30
CA UNK K 2 44.44 -4.71 -19.16
CA UNK K 3 41.72 -4.80 -16.19
CA UNK K 4 38.77 -7.23 -16.57
CA UNK K 5 40.93 -9.68 -18.55
CA UNK K 6 43.75 -9.66 -16.04
CA UNK K 7 41.87 -9.73 -12.73
CA UNK K 8 39.92 -12.62 -14.22
CA UNK K 9 43.02 -14.61 -15.27
CA UNK K 10 44.57 -14.18 -11.85
CA UNK K 11 41.32 -15.26 -10.19
CA UNK K 12 41.32 -18.41 -12.35
CA UNK K 13 44.90 -19.32 -11.51
CA UNK K 14 44.15 -18.96 -7.82
CA UNK K 15 41.02 -21.19 -8.12
CA UNK K 16 43.53 -23.90 -9.01
CA UNK K 17 46.28 -22.96 -6.43
CA UNK K 18 44.07 -23.31 -3.45
CA UNK K 19 44.16 -26.84 -5.06
CA UNK K 20 47.63 -28.29 -5.81
CA UNK K 21 47.67 -28.14 -2.27
CA UNK K 22 49.16 -31.41 -4.02
CA UNK K 23 52.12 -30.75 -6.67
CA UNK K 24 55.54 -30.07 -4.86
CA UNK K 25 57.48 -33.37 -5.02
CA UNK K 26 55.26 -36.06 -6.68
CA UNK K 27 53.66 -36.13 -3.19
CA UNK K 28 51.14 -35.57 -0.60
CA UNK K 29 49.31 -34.06 -3.40
CA UNK K 30 46.39 -36.18 -2.36
CA UNK K 31 44.78 -37.74 -5.29
CA UNK K 32 41.78 -38.37 -7.42
CA UNK K 33 38.87 -40.77 -7.43
CA UNK K 34 36.95 -40.16 -10.73
CA UNK K 35 33.66 -42.13 -11.56
CA UNK K 36 31.42 -42.49 -14.86
CA UNK K 37 28.95 -39.94 -16.89
CA UNK K 38 28.78 -36.71 -14.73
CA UNK K 39 32.57 -36.84 -14.63
CA UNK K 40 35.44 -35.24 -12.75
CA UNK K 41 35.29 -34.09 -9.30
CA UNK K 42 37.81 -33.06 -7.82
CA UNK K 43 37.97 -34.23 -4.16
CA UNK K 44 41.92 -33.05 -3.70
CA UNK K 45 46.47 -35.53 -6.19
CA UNK K 46 48.47 -33.75 -9.15
CA UNK K 47 48.82 -32.85 -13.07
CA UNK K 48 46.47 -35.62 -14.09
CA UNK K 49 43.64 -33.53 -12.76
CA UNK K 50 44.35 -30.69 -15.20
CA UNK K 51 45.01 -32.91 -18.22
CA UNK K 52 41.59 -34.53 -17.58
CA UNK K 53 39.65 -31.40 -16.61
CA UNK K 54 37.15 -29.98 -19.09
CA UNK K 55 38.22 -26.19 -19.19
CA UNK K 56 36.36 -22.87 -20.40
CA UNK K 57 39.67 -20.97 -20.57
CA UNK K 58 42.56 -20.10 -22.96
CA UNK K 59 45.35 -19.02 -20.59
CA UNK K 60 44.83 -22.24 -18.69
CA UNK K 61 44.91 -24.18 -21.98
CA UNK K 62 48.37 -22.70 -22.43
CA UNK K 63 50.09 -23.37 -19.02
CA UNK K 64 48.92 -26.83 -18.95
CA UNK K 65 51.28 -26.80 -21.97
CA UNK K 66 54.01 -26.51 -19.46
CA UNK K 67 52.94 -30.09 -18.99
CA UNK K 68 53.87 -30.85 -22.63
CA UNK K 69 56.63 -28.69 -22.14
CA UNK K 70 57.31 -32.54 -22.71
CA UNK K 71 60.61 -32.72 -20.77
CA UNK K 72 58.50 -31.51 -17.96
CA UNK K 73 54.95 -32.35 -17.86
CA UNK K 74 56.98 -32.09 -14.79
CA UNK K 75 56.76 -32.97 -11.17
CA UNK K 76 55.62 -30.62 -8.43
CA UNK K 77 56.34 -28.94 -11.69
CA UNK K 78 53.14 -28.24 -13.38
CA UNK K 79 52.36 -27.13 -9.80
CA UNK K 80 55.43 -24.85 -8.96
CA UNK K 81 55.37 -22.99 -12.27
CA UNK K 82 51.56 -22.61 -12.22
CA UNK K 83 51.38 -21.46 -8.59
CA UNK K 84 54.23 -19.00 -9.22
CA UNK K 85 52.62 -17.52 -12.40
CA UNK K 86 49.49 -16.99 -10.34
CA UNK K 87 51.45 -15.19 -7.66
CA UNK K 88 53.61 -13.09 -9.97
CA UNK K 89 50.13 -11.74 -10.75
CA UNK K 90 48.63 -10.93 -7.34
CA UNK K 91 51.60 -8.84 -6.20
CA UNK K 92 51.50 -7.06 -9.55
CA UNK K 93 47.73 -6.08 -9.37
CA UNK K 94 48.02 -3.96 -6.39
CA UNK K 95 50.99 -2.91 -8.51
CA UNK K 96 48.75 -2.00 -11.42
CA UNK K 97 46.43 0.01 -9.10
CA UNK K 98 49.57 2.13 -9.82
CA UNK K 99 50.20 2.58 -13.73
CA UNK K 100 52.56 -0.11 -15.43
CA UNK K 101 53.59 -1.08 -19.08
CA UNK K 102 54.20 -4.92 -19.82
CA UNK K 103 57.72 -5.70 -21.32
CA UNK K 104 59.79 -4.20 -18.55
CA UNK K 105 58.47 -6.99 -16.31
CA UNK K 106 59.69 -9.44 -18.98
CA UNK K 107 63.06 -7.61 -19.00
CA UNK K 108 63.30 -7.81 -15.22
CA UNK K 109 62.66 -11.59 -15.32
CA UNK K 110 65.33 -11.95 -18.06
CA UNK K 111 67.67 -10.18 -15.68
CA UNK K 112 66.40 -12.55 -12.84
CA UNK K 113 66.43 -16.08 -14.42
CA UNK K 114 69.77 -15.44 -16.12
CA UNK K 115 71.25 -14.50 -12.76
CA UNK K 116 69.69 -17.55 -11.04
CA UNK K 117 71.08 -19.76 -13.84
CA UNK K 118 74.21 -18.42 -12.16
CA UNK K 119 72.68 -18.91 -8.64
CA UNK K 120 71.61 -22.43 -9.47
CA UNK K 121 74.83 -23.13 -11.36
CA UNK K 122 76.61 -21.82 -8.29
CA UNK K 123 74.50 -24.06 -6.22
CA UNK K 124 76.02 -26.34 -9.02
CA UNK K 125 76.11 -29.85 -7.55
CA UNK K 126 77.78 -32.89 -8.98
CA UNK K 127 78.02 -36.60 -8.79
CA UNK K 128 78.91 -39.13 -11.54
CA UNK K 129 76.29 -39.51 -14.36
CA UNK K 130 74.33 -42.66 -13.37
CA UNK K 131 76.20 -42.06 -10.11
CA UNK K 132 74.20 -38.86 -9.79
CA UNK K 133 71.37 -40.85 -11.27
CA UNK K 134 71.38 -43.38 -8.40
CA UNK K 135 72.60 -40.25 -6.91
CA UNK K 136 69.59 -38.51 -8.41
CA UNK K 137 67.56 -41.74 -8.29
CA UNK K 138 66.46 -43.02 -4.91
CA UNK K 139 66.13 -39.29 -4.22
CA UNK K 140 62.86 -38.89 -6.39
CA UNK K 141 60.46 -40.84 -4.02
CA UNK K 142 60.59 -39.64 -0.31
CA UNK K 143 61.56 -42.06 2.46
CA UNK K 144 59.08 -42.34 5.32
CA UNK K 145 55.78 -44.19 5.21
CA UNK K 146 55.64 -46.56 2.36
CA UNK K 147 57.24 -49.96 2.01
CA UNK K 148 58.72 -47.59 -0.30
CA UNK K 149 58.00 -49.28 -3.58
CA UNK K 150 59.65 -46.38 -5.23
CA UNK K 151 62.59 -47.93 -3.09
CA UNK K 152 62.51 -51.58 -4.24
C UNK K 153 63.41 -49.71 -8.12
CA UNK K 154 64.74 -48.01 -7.51
CA UNK K 155 66.18 -51.77 -6.59
CA UNK K 156 66.43 -53.74 -9.85
CA UNK K 157 66.45 -50.44 -11.43
CA UNK K 158 69.43 -50.28 -9.03
CA UNK K 159 71.59 -53.33 -9.78
CA UNK K 160 71.28 -52.88 -13.53
CA UNK K 161 71.67 -49.03 -13.44
CA UNK K 162 74.76 -49.15 -11.29
CA UNK K 163 76.62 -51.21 -13.68
CA UNK K 164 74.67 -49.50 -16.44
CA UNK K 165 74.98 -46.11 -15.85
CA UNK K 166 76.93 -45.86 -12.89
CA UNK K 167 79.04 -44.54 -15.19
CA UNK K 168 79.44 -44.40 -18.55
CA UNK K 169 82.28 -42.44 -17.02
CA UNK K 170 80.50 -39.99 -14.73
CA UNK K 171 81.51 -38.67 -18.09
CA UNK K 172 77.98 -38.69 -19.45
CA UNK K 173 79.11 -39.34 -22.92
CA UNK K 174 76.19 -41.10 -24.28
CA UNK K 175 73.97 -43.02 -26.44
CA UNK K 176 71.39 -43.77 -23.85
CA UNK K 177 71.11 -43.76 -27.60
CA UNK K 178 69.37 -47.05 -28.71
CA UNK K 179 65.69 -46.56 -28.79
CA UNK K 180 63.05 -47.66 -26.16
CA UNK K 181 60.52 -47.33 -23.31
CA UNK K 182 57.21 -49.35 -23.85
CA UNK K 183 54.63 -51.15 -22.19
CA UNK K 184 52.63 -54.00 -21.79
CA UNK K 185 50.10 -54.69 -19.60
CA UNK K 186 49.96 -58.13 -19.45
CA UNK K 187 52.51 -60.51 -18.32
CA UNK K 188 51.01 -62.66 -15.45
CA UNK K 189 53.36 -60.45 -13.57
CA UNK K 190 55.81 -60.66 -10.77
CA UNK K 191 57.59 -62.92 -13.24
CA UNK K 192 59.93 -60.11 -12.33
CA UNK K 193 63.02 -61.61 -13.85
CA UNK K 194 65.51 -58.47 -16.85
CA UNK K 195 68.60 -59.58 -18.81
CA UNK K 196 67.71 -57.02 -21.70
CA UNK K 197 64.12 -55.28 -22.23
CA UNK K 198 60.40 -53.98 -21.82
CA UNK K 199 57.76 -55.81 -19.63
CA UNK K 200 54.30 -56.11 -21.19
CA UNK K 201 56.12 -56.10 -33.21
CA UNK K 202 56.95 -54.36 -29.90
CA UNK K 203 58.88 -57.46 -28.84
CA UNK K 204 60.40 -57.86 -32.30
CA UNK K 205 61.74 -54.37 -31.95
CA UNK K 206 63.02 -54.80 -28.35
CA UNK K 207 64.68 -58.05 -29.36
CA UNK K 208 66.38 -56.44 -32.34
CA UNK K 209 67.46 -53.77 -29.96
CA UNK K 210 69.86 -56.60 -29.32
CA UNK K 211 72.08 -56.29 -32.51
CA UNK K 212 71.83 -56.04 -36.51
CA UNK K 213 68.90 -57.62 -38.64
CA UNK K 214 66.88 -55.84 -41.34
CA UNK K 215 63.13 -55.64 -40.96
CA UNK K 216 61.67 -57.43 -44.05
CA UNK K 217 58.26 -56.09 -44.65
CA UNK K 218 57.08 -59.73 -45.11
CA UNK K 219 59.58 -62.82 -45.69
CA UNK K 220 61.64 -64.10 -48.68
CA UNK K 221 64.58 -66.41 -48.22
CA UNK K 222 76.78 -66.43 -33.64
CA UNK K 223 77.23 -64.34 -30.50
CA UNK K 224 74.60 -65.68 -28.00
CA UNK K 225 70.87 -66.34 -26.71
CA UNK K 226 67.05 -67.02 -27.58
CA UNK K 227 63.95 -64.78 -27.99
CA UNK K 228 50.89 -64.34 -18.15
CA UNK K 229 52.93 -65.81 -21.37
CA UNK K 230 53.60 -66.82 -25.05
CA UNK K 231 56.36 -65.12 -27.17
CA UNK K 232 58.91 -63.68 -29.72
CA UNK K 233 62.95 -63.41 -29.80
CA UNK K 234 65.60 -60.67 -28.04
CA UNK K 235 69.36 -60.80 -27.18
CA UNK K 236 71.82 -60.85 -24.17
CA UNK K 237 75.84 -60.93 -24.23
CA UNK K 238 77.81 -61.99 -27.68
CA UNK K 239 77.80 -60.01 -31.14
CA UNK K 240 77.57 -56.39 -30.04
CA UNK K 241 77.77 -56.23 -26.17
CA UNK K 242 76.36 -52.68 -26.09
CA UNK K 243 72.75 -53.90 -25.96
CA UNK K 244 71.07 -54.99 -22.66
CA UNK K 245 67.97 -54.29 -20.70
CA UNK K 246 65.24 -53.68 -18.08
CA UNK K 247 63.03 -56.71 -17.26
CA UNK K 248 59.44 -55.75 -17.13
CA UNK K 249 57.14 -58.21 -15.18
CA UNK K 250 53.81 -56.72 -14.05
CA UNK K 251 50.18 -57.17 -12.95
CA UNK K 252 46.43 -56.71 -13.93
CA UNK K 253 44.55 -53.37 -12.76
CA UNK K 254 44.54 -49.79 -10.89
CA UNK K 255 47.18 -49.06 -8.12
CA UNK K 256 49.12 -49.62 -9.65
CA UNK K 257 48.44 -46.22 -12.22
CA UNK K 258 50.96 -43.69 -11.06
CA UNK K 259 53.57 -45.97 -9.69
CA UNK K 260 53.78 -46.95 -13.36
CA UNK K 261 52.75 -43.40 -14.18
CA UNK K 262 55.55 -42.34 -11.82
CA UNK K 263 58.25 -44.66 -13.04
CA UNK K 264 57.74 -43.61 -16.67
CA UNK K 265 58.24 -40.14 -15.58
CA UNK K 266 60.95 -40.90 -13.00
CA UNK K 267 62.98 -42.44 -15.82
CA UNK K 268 62.37 -39.30 -17.91
CA UNK K 269 63.42 -36.86 -15.21
CA UNK K 270 66.48 -38.90 -14.26
CA UNK K 271 67.39 -39.13 -17.95
CA UNK K 272 67.06 -35.37 -18.60
CA UNK K 273 69.08 -34.30 -15.65
CA UNK K 274 71.34 -36.93 -16.92
CA UNK K 275 72.21 -34.96 -19.98
CA UNK K 276 73.07 -32.03 -17.66
CA UNK K 277 75.13 -33.44 -12.89
CA UNK K 278 74.16 -30.80 -10.60
CA UNK K 279 70.87 -30.69 -9.14
CA UNK K 280 69.90 -30.02 -5.68
CA UNK K 281 68.09 -30.87 -2.46
CA UNK K 282 64.57 -32.04 -2.17
CA UNK K 283 61.96 -30.84 0.12
CA UNK K 284 61.76 -27.22 -1.29
CA UNK K 285 65.33 -26.32 -0.37
CA UNK K 286 66.10 -24.96 -3.87
CA UNK K 287 62.96 -22.85 -4.03
CA UNK K 288 63.65 -21.41 -0.58
CA UNK K 289 67.13 -20.31 -1.67
CA UNK K 290 66.24 -18.97 -5.25
CA UNK K 291 63.91 -16.96 -3.21
CA UNK K 292 66.67 -15.57 -0.99
CA UNK K 293 69.14 -14.52 -3.64
CA UNK K 294 66.62 -13.14 -6.18
CA UNK K 295 65.03 -11.20 -3.36
CA UNK K 296 68.38 -9.34 -3.19
CA UNK K 297 69.49 -9.15 -6.87
CA UNK K 298 67.95 -5.83 -6.58
CA UNK K 299 69.61 -3.00 -4.73
CA UNK K 300 72.23 -2.40 -7.35
CA UNK K 301 69.71 -1.29 -10.15
CA UNK K 302 67.98 1.85 -11.97
CA UNK K 303 63.93 1.79 -11.46
CA UNK K 304 60.80 0.42 -13.49
CA UNK K 305 62.71 -2.63 -12.80
CA UNK K 306 63.46 -2.19 -9.15
CA UNK K 307 59.78 -2.39 -8.17
CA UNK K 308 59.29 -5.44 -10.40
CA UNK K 309 62.39 -7.10 -8.94
CA UNK K 310 61.22 -6.54 -5.34
CA UNK K 311 57.91 -8.05 -6.44
CA UNK K 312 59.67 -10.94 -8.15
CA UNK K 313 60.61 -11.95 -4.61
CA UNK K 314 57.19 -11.25 -3.35
CA UNK K 315 55.98 -13.86 -5.76
CA UNK K 316 58.76 -16.30 -4.94
CA UNK K 317 57.58 -16.43 -1.35
CA UNK K 318 54.40 -18.16 -2.55
CA UNK K 319 56.38 -21.45 -2.60
CA UNK K 320 57.67 -21.46 1.01
CA UNK K 321 54.21 -20.27 2.06
CA UNK K 322 52.48 -23.03 0.18
CA UNK K 323 54.62 -25.63 1.91
CA UNK K 324 53.82 -24.07 5.29
CA UNK K 325 50.14 -24.25 4.79
CA UNK K 326 50.09 -27.18 2.47
CA UNK K 327 51.74 -29.73 4.54
CA UNK K 328 50.50 -28.25 7.63
CA UNK K 329 53.19 -26.30 8.94
CA UNK K 330 54.08 -22.86 9.96
CA UNK K 331 54.72 -20.23 7.34
CA UNK K 332 55.48 -16.71 8.71
CA UNK K 333 58.47 -17.50 10.96
CA UNK K 334 60.01 -20.17 8.74
CA UNK K 335 60.50 -17.53 6.06
CA UNK K 336 62.09 -15.12 8.53
CA UNK K 337 64.62 -17.79 9.58
CA UNK K 338 65.21 -19.06 6.05
CA UNK K 339 66.05 -15.55 4.85
CA UNK K 340 68.62 -14.97 7.59
CA UNK K 341 70.47 -18.26 7.02
CA UNK K 342 70.68 -17.82 3.21
CA UNK K 343 71.79 -14.28 3.70
CA UNK K 344 73.75 -16.63 5.96
CA UNK K 345 73.80 -20.41 4.66
CA UNK K 346 71.43 -23.41 5.53
CA UNK K 347 71.02 -24.30 1.88
CA UNK K 348 70.01 -27.92 2.08
CA UNK K 349 67.97 -27.10 5.09
CA UNK K 350 64.89 -28.11 2.97
CA UNK K 351 61.30 -28.82 4.22
CA UNK K 352 61.43 -31.70 6.67
CA UNK K 353 58.19 -33.59 6.72
CA UNK K 354 59.13 -35.16 10.06
CA UNK K 355 60.17 -32.06 12.23
CA UNK K 356 58.20 -28.85 11.57
CA UNK K 357 60.31 -28.00 8.64
CA UNK K 358 64.01 -27.83 7.77
CA UNK K 359 66.88 -30.01 7.04
CA UNK K 360 70.01 -31.04 5.49
CA UNK K 361 69.29 -33.16 2.50
CA UNK K 362 72.86 -34.08 2.67
CA UNK K 363 71.27 -36.02 5.65
CA UNK K 364 67.81 -37.28 4.66
CA UNK K 365 69.20 -37.76 1.12
CA UNK K 366 66.45 -35.98 -0.59
CA UNK K 367 68.08 -34.89 -3.76
CA UNK K 368 66.57 -33.05 -6.65
CA UNK K 369 68.06 -32.38 -10.10
CA UNK K 370 69.34 -28.94 -11.33
CA UNK K 371 67.58 -29.38 -14.75
CA UNK K 372 63.95 -29.80 -13.70
CA UNK K 373 64.13 -26.55 -11.67
CA UNK K 374 65.63 -24.33 -14.32
CA UNK K 375 63.19 -25.63 -16.96
CA UNK K 376 60.23 -25.20 -14.65
CA UNK K 377 61.14 -21.63 -14.23
CA UNK K 378 61.86 -20.58 -17.88
CA UNK K 379 59.42 -22.03 -20.09
CA UNK K 380 56.98 -21.43 -17.27
CA UNK K 381 58.58 -18.03 -16.19
CA UNK K 382 58.09 -17.83 -19.99
CA UNK K 383 54.10 -18.36 -20.14
CA UNK K 384 53.40 -15.66 -17.57
CA UNK K 385 54.69 -13.10 -20.08
CA UNK K 386 52.36 -14.29 -22.85
CA UNK K 387 49.37 -13.84 -20.60
CA UNK K 388 50.53 -10.59 -18.94
CA UNK K 389 51.00 -8.64 -22.18
CA UNK K 390 48.48 -9.74 -24.21
CA UNK K 391 46.38 -7.07 -25.40
CA UNK K 392 43.04 -8.42 -26.47
CA UNK K 393 41.45 -11.78 -26.92
CA UNK K 394 38.95 -12.70 -29.41
CA UNK L 1 24.63 12.08 -36.79
CA UNK L 2 23.81 8.72 -35.24
CA UNK L 3 25.36 6.92 -38.26
CA UNK L 4 28.51 9.02 -38.20
CA UNK L 5 29.23 9.23 -34.47
CA UNK L 6 28.80 5.48 -34.46
CA UNK L 7 31.19 4.82 -37.34
CA UNK L 8 33.84 6.99 -35.74
CA UNK L 9 33.36 5.21 -32.41
CA UNK L 10 33.86 1.87 -34.16
CA UNK L 11 37.05 2.95 -35.90
CA UNK L 12 38.47 4.14 -32.60
CA UNK L 13 37.67 0.85 -30.91
CA UNK L 14 39.63 -1.27 -33.36
CA UNK L 15 42.57 1.09 -33.26
CA UNK L 16 42.78 1.09 -29.55
CA UNK L 17 42.44 -2.56 -30.21
CA UNK L 18 44.90 -3.04 -32.10
CA UNK L 19 46.66 -0.11 -31.77
CA UNK L 20 49.97 -0.43 -30.02
CA UNK L 21 51.43 -2.70 -32.83
CA UNK L 22 53.56 -0.31 -34.67
CA UNK L 23 57.16 0.14 -34.72
CA UNK L 24 59.21 -1.46 -32.13
CA UNK L 25 56.86 -2.05 -29.21
CA UNK L 26 54.01 -3.90 -30.91
CA UNK L 27 52.50 -6.70 -29.07
CA UNK L 28 49.33 -8.05 -28.24
CA UNK L 29 45.74 -8.68 -28.65
CA UNK L 30 44.29 -12.11 -28.14
CA UNK L 31 41.72 -12.95 -30.79
CA UNK L 32 39.52 -15.98 -30.08
CA UNK L 33 37.00 -17.59 -32.48
CA UNK L 34 34.77 -20.57 -31.79
CA UNK L 35 34.66 -23.61 -33.97
CA UNK L 36 38.28 -22.74 -35.09
CA UNK L 37 40.70 -21.03 -32.38
CA UNK L 38 43.35 -18.51 -30.79
CA UNK L 39 45.67 -16.16 -32.58
CA UNK L 40 47.98 -13.66 -30.95
CA UNK L 41 48.89 -11.26 -33.75
CA UNK L 42 50.63 -8.05 -34.60
CA UNK L 43 49.90 -7.13 -38.29
CA UNK L 44 46.10 -6.27 -38.32
CA UNK L 45 45.63 -7.74 -41.84
CA UNK L 46 45.80 -11.29 -40.43
CA UNK L 47 43.31 -10.51 -37.68
CA UNK L 48 40.79 -9.03 -40.14
CA UNK L 49 41.25 -11.65 -42.85
CA UNK L 50 40.52 -14.31 -40.21
CA UNK L 51 37.77 -12.53 -38.31
CA UNK L 52 34.00 -12.83 -38.74
CA UNK L 53 33.54 -8.98 -39.53
CA UNK L 54 29.97 -8.27 -40.31
CA UNK L 55 28.85 -4.73 -40.85
CA UNK L 56 30.04 -1.81 -42.84
CA UNK L 57 33.16 0.32 -43.32
CA UNK L 58 35.44 -1.97 -41.43
CA UNK L 59 35.62 -4.49 -44.26
CA UNK L 60 36.69 -1.54 -46.42
CA UNK L 61 39.64 -0.45 -44.14
CA UNK L 62 40.72 -4.09 -43.97
CA UNK L 63 41.08 -4.05 -47.76
CA UNK L 64 44.24 -1.78 -47.54
CA UNK L 65 46.07 -4.89 -46.35
CA UNK L 66 46.15 -5.90 -50.10
CA UNK L 67 47.79 -2.85 -51.70
CA UNK L 68 50.46 -4.77 -53.73
CA UNK L 69 52.70 -1.97 -52.62
CA UNK L 70 50.48 -1.55 -49.47
CA UNK L 71 49.88 -2.45 -45.79
CA UNK L 72 53.43 -2.82 -44.33
CA UNK L 73 55.24 -3.53 -40.87
CA UNK L 74 53.33 -1.09 -38.77
CA UNK L 75 51.90 -0.21 -42.19
CA UNK L 76 48.72 -2.27 -41.82
CA UNK L 77 48.24 -0.96 -38.32
CA UNK L 78 49.04 2.55 -39.57
CA UNK L 79 46.48 2.39 -42.37
CA UNK L 80 43.88 2.07 -39.66
CA UNK L 81 45.48 4.76 -37.34
CA UNK L 82 45.37 7.92 -39.45
CA UNK L 83 41.65 6.80 -39.34
CA UNK L 84 40.59 6.38 -35.66
CA UNK L 85 42.29 9.64 -34.77
CA UNK L 86 40.99 11.47 -37.86
CA UNK L 87 37.45 10.45 -36.90
CA UNK L 88 37.85 10.84 -33.07
CA UNK L 89 38.58 14.25 -34.36
CA UNK L 90 35.72 15.05 -36.65
CA UNK L 91 33.14 15.02 -33.86
CA UNK L 92 34.86 17.72 -31.92
CA UNK L 93 34.37 19.18 -35.23
CA UNK L 94 30.69 18.18 -35.54
CA UNK L 95 30.17 19.64 -32.14
CA UNK L 96 30.61 22.48 -34.81
CA UNK L 97 28.42 22.26 -38.08
CA UNK L 98 31.10 22.24 -40.92
CA UNK L 99 31.37 21.20 -44.59
CA UNK L 100 32.60 17.74 -45.33
CA UNK L 101 33.87 18.83 -48.74
CA UNK L 102 35.92 21.78 -47.73
CA UNK L 103 37.30 19.64 -44.89
CA UNK L 104 38.17 17.02 -47.53
CA UNK L 105 39.81 19.80 -49.60
CA UNK L 106 41.80 20.99 -46.61
CA UNK L 107 43.10 17.45 -45.98
CA UNK L 108 44.05 17.13 -49.66
CA UNK L 109 45.99 20.43 -49.53
CA UNK L 110 47.63 19.33 -46.28
CA UNK L 111 48.63 15.84 -47.44
CA UNK L 112 49.96 17.08 -50.79
CA UNK L 113 52.13 19.58 -48.93
CA UNK L 114 53.30 16.96 -46.41
CA UNK L 115 54.23 14.62 -49.21
CA UNK L 116 56.39 17.41 -50.54
CA UNK L 117 58.02 18.30 -47.20
CA UNK L 118 59.09 14.73 -46.57
CA UNK L 119 60.77 14.29 -49.94
CA UNK L 120 62.47 17.60 -49.14
CA UNK L 121 63.53 15.92 -45.73
CA UNK L 122 64.29 12.06 -46.78
CA UNK L 123 67.40 10.14 -48.22
CA UNK L 124 68.24 9.82 -52.03
CA UNK L 125 71.22 7.51 -52.14
CA UNK L 126 72.64 4.20 -53.41
CA UNK L 127 75.04 3.66 -50.39
CA UNK L 128 76.26 -0.05 -50.06
CA UNK L 129 75.41 0.90 -46.52
CA UNK L 130 72.04 2.68 -46.73
CA UNK L 131 70.40 -0.52 -47.98
CA UNK L 132 71.70 -2.19 -44.82
CA UNK L 133 70.25 0.64 -42.76
CA UNK L 134 66.88 0.10 -44.48
CA UNK L 135 66.86 -3.60 -43.49
CA UNK L 136 68.08 -2.98 -39.91
CA UNK L 137 64.69 -1.13 -40.04
CA UNK L 138 62.42 -3.81 -42.13
CA UNK L 139 62.19 -6.94 -39.91
CA UNK L 140 61.92 -5.30 -36.43
CA UNK L 141 58.76 -6.77 -34.80
CA UNK L 142 59.53 -10.50 -34.87
CA UNK L 143 60.82 -10.73 -31.12
CA UNK L 144 63.45 -13.59 -31.02
CA UNK L 145 66.15 -11.23 -29.83
CA UNK L 146 68.91 -9.69 -31.95
CA UNK L 147 69.30 -12.30 -34.86
CA UNK L 148 67.94 -9.60 -37.11
CA UNK L 149 71.25 -8.39 -38.59
CA UNK L 150 71.88 -11.97 -39.67
CA UNK L 151 68.42 -12.17 -41.27
CA UNK L 152 68.63 -8.71 -42.85
CA UNK L 153 71.83 -9.84 -44.56
CA UNK L 154 70.19 -12.98 -45.90
CA UNK L 155 67.42 -10.84 -47.39
CA UNK L 156 69.70 -8.39 -49.22
CA UNK L 157 71.78 -11.36 -50.34
CA UNK L 158 68.78 -13.20 -51.75
CA UNK L 159 67.34 -10.07 -53.32
CA UNK L 160 70.62 -9.15 -55.07
CA UNK L 161 52.60 -20.20 -36.06
CA UNK L 162 55.34 -18.21 -34.33
CA UNK L 163 57.32 -20.92 -37.56
CA UNK L 164 54.00 -19.84 -39.14
CA UNK L 165 54.11 -16.22 -37.92
CA UNK L 166 57.86 -16.10 -38.56
CA UNK L 167 57.08 -17.13 -42.13
CA UNK L 168 54.23 -14.64 -42.04
CA UNK L 169 56.86 -12.10 -40.92
CA UNK L 170 59.59 -12.99 -43.39
CA UNK L 171 57.02 -12.66 -46.19
CA UNK L 172 56.01 -9.12 -45.26
CA UNK L 173 59.68 -8.24 -44.73
CA UNK L 174 60.47 -9.58 -48.19
CA UNK L 175 57.67 -7.44 -49.65
CA UNK L 176 58.70 -4.21 -47.98
CA UNK L 177 62.37 -4.73 -48.80
CA UNK L 178 61.38 -5.53 -52.40
CA UNK L 179 59.22 -2.37 -52.78
CA UNK L 180 61.94 -0.11 -51.43
CA UNK L 181 64.55 -1.83 -53.62
CA UNK L 182 62.42 -0.65 -56.48
CA UNK L 183 61.28 2.88 -55.33
CA UNK L 184 64.21 4.04 -53.12
CA UNK L 185 64.26 7.68 -52.08
CA UNK L 186 63.89 7.11 -48.44
CA UNK L 187 62.96 8.65 -45.32
CA UNK L 188 63.87 7.84 -41.97
CA UNK L 189 61.21 7.64 -39.47
CA UNK L 190 59.79 8.25 -36.03
CA UNK L 191 56.82 10.55 -36.64
CA UNK L 192 59.58 12.84 -37.45
CA UNK L 193 57.06 13.57 -40.07
CA UNK L 194 53.90 14.11 -38.07
CA UNK L 195 55.60 16.64 -35.78
CA UNK L 196 57.01 18.57 -38.73
CA UNK L 197 53.60 18.51 -40.47
CA UNK L 198 51.78 19.57 -37.33
CA UNK L 199 54.11 22.60 -37.00
CA UNK L 200 53.90 23.67 -40.63
CA UNK L 201 50.11 23.24 -41.03
CA UNK L 202 49.65 25.18 -37.83
CA UNK L 203 51.21 28.14 -39.71
CA UNK L 204 49.59 27.43 -43.09
CA UNK L 205 46.27 27.65 -41.25
CA UNK L 206 46.95 31.35 -40.58
CA UNK L 207 47.06 31.57 -44.31
CA UNK L 208 43.43 32.16 -43.82
CA UNK L 209 41.57 29.86 -41.46
CA UNK L 210 38.64 30.20 -43.59
CA UNK L 211 36.54 28.01 -41.48
CA UNK L 212 37.35 26.13 -44.52
CA UNK L 213 40.90 26.38 -43.02
CA UNK L 214 39.04 25.51 -39.88
CA UNK L 215 39.59 22.02 -38.51
CA UNK L 216 43.12 21.63 -39.79
CA UNK L 217 44.38 22.71 -36.81
CA UNK L 218 42.08 19.52 -36.57
CA UNK L 219 44.07 17.49 -39.09
CA UNK L 220 47.29 18.70 -37.38
CA UNK L 221 46.04 17.48 -33.99
CA UNK L 222 45.07 14.13 -35.50
CA UNK L 223 48.65 13.45 -36.57
CA UNK L 224 49.73 13.50 -32.94
CA UNK L 225 47.72 10.30 -32.40
CA UNK L 226 50.71 8.37 -33.82
CA UNK L 227 53.48 9.68 -31.49
CA UNK L 228 50.99 9.33 -28.63
CA UNK L 229 50.18 5.74 -29.54
CA UNK L 230 53.85 4.84 -29.49
CA UNK L 231 54.21 6.48 -26.08
CA UNK L 232 51.23 4.66 -24.64
CA UNK L 233 52.37 1.30 -26.02
CA UNK L 234 55.90 1.66 -24.64
CA UNK L 235 54.34 2.51 -21.27
CA UNK L 236 57.15 4.81 -21.10
CA UNK L 237 55.94 8.07 -19.93
CA UNK L 238 53.45 8.98 -22.46
CA UNK L 239 53.14 12.45 -20.95
CA UNK L 240 56.86 13.30 -21.05
CA UNK L 241 57.50 11.79 -24.47
CA UNK L 242 54.82 14.06 -25.91
CA UNK L 243 56.32 17.12 -24.20
CA UNK L 244 59.73 16.36 -25.74
CA UNK L 245 58.33 15.38 -29.14
CA UNK L 246 56.45 18.69 -29.39
CA UNK L 247 59.54 20.76 -28.64
CA UNK L 248 61.75 19.05 -31.20
CA UNK L 249 59.21 19.23 -34.03
CA UNK L 250 58.68 22.90 -33.11
CA UNK L 251 62.40 23.39 -33.42
CA UNK L 252 62.11 22.31 -37.02
CA UNK L 253 65.24 20.64 -36.34
CA UNK L 254 63.66 18.44 -38.91
CA UNK L 255 64.38 14.89 -37.92
CA UNK L 256 65.12 12.65 -35.06
CA UNK L 257 63.61 13.15 -32.73
CA UNK L 258 64.48 10.22 -31.05
CA UNK L 259 64.44 7.13 -29.29
CA UNK L 260 61.44 5.22 -28.64
CA UNK L 261 63.70 2.73 -26.87
CA UNK L 262 66.45 4.86 -25.18
CA UNK L 263 64.08 6.02 -22.29
CA UNK L 264 63.32 9.55 -23.39
CA UNK L 265 64.58 11.27 -26.54
CA UNK L 266 66.98 9.88 -29.08
CA UNK L 267 68.13 10.34 -32.61
CA UNK L 268 66.25 8.36 -35.16
CA UNK L 269 68.41 8.83 -38.08
CA UNK L 270 71.58 8.22 -35.99
CA UNK L 271 69.97 4.84 -35.85
CA UNK L 272 69.86 5.74 -39.44
CA UNK L 273 66.55 3.93 -39.12
CA UNK L 274 64.77 4.74 -42.29
CA UNK L 275 61.55 4.23 -44.06
CA UNK L 276 60.27 4.10 -47.66
CA UNK L 277 58.45 6.83 -49.60
CA UNK L 278 55.84 4.85 -51.55
CA UNK L 279 54.43 3.33 -48.36
CA UNK L 280 54.01 6.81 -46.81
CA UNK L 281 52.18 8.47 -49.66
CA UNK L 282 49.83 5.51 -50.07
CA UNK L 283 49.16 5.36 -46.35
CA UNK L 284 48.05 8.91 -46.45
CA UNK L 285 46.22 9.49 -49.81
CA UNK L 286 44.48 6.14 -49.50
CA UNK L 287 44.16 5.87 -45.74
CA UNK L 288 42.55 9.29 -45.62
CA UNK L 289 40.56 9.10 -48.92
CA UNK L 290 38.30 6.76 -47.18
CA UNK L 291 37.98 7.96 -43.66
CA UNK L 292 36.60 11.28 -44.79
CA UNK L 293 34.58 10.38 -47.83
CA UNK L 294 33.30 7.26 -46.33
CA UNK L 295 33.01 8.72 -42.90
CA UNK L 296 31.65 12.06 -44.07
CA UNK L 297 29.53 10.56 -46.86
CA UNK M 1 -7.44 9.59 -42.46
CA UNK M 2 -7.86 13.30 -43.00
CA UNK M 3 -5.10 15.31 -41.43
CA UNK M 4 -3.21 12.12 -40.19
CA UNK M 5 -3.21 9.76 -43.24
CA UNK M 6 -1.98 12.92 -44.88
CA UNK M 7 0.57 14.11 -42.33
CA UNK M 8 1.97 10.58 -42.49
CA UNK M 9 2.22 10.48 -46.29
CA UNK M 10 3.98 13.80 -46.42
CA UNK M 11 6.43 13.53 -43.62
CA UNK M 12 7.19 10.13 -44.81
CA UNK M 13 8.12 12.03 -47.92
CA UNK M 14 10.05 14.55 -45.99
CA UNK M 15 12.49 12.28 -44.39
CA UNK M 16 12.99 10.93 -47.92
CA UNK M 17 13.99 14.36 -49.27
CA UNK M 18 16.53 14.61 -46.48
CA UNK M 19 18.01 11.27 -47.64
CA UNK M 20 16.65 12.13 -50.00
CA UNK M 21 18.50 15.17 -50.76
CA UNK M 22 21.55 15.30 -48.91
CA UNK M 23 22.91 13.20 -51.94
CA UNK M 24 22.78 16.45 -53.70
CA UNK M 25 25.36 17.89 -55.82
CA UNK M 26 29.09 17.48 -55.95
CA UNK M 27 29.27 16.63 -52.27
CA UNK M 28 26.45 14.24 -52.68
CA UNK M 29 27.55 11.53 -50.78
CA UNK M 30 25.98 8.90 -49.73
CA UNK M 31 24.16 6.35 -48.19
CA UNK M 32 25.58 3.00 -47.60
CA UNK M 33 22.86 0.41 -48.09
CA UNK M 34 23.61 -3.07 -46.77
CA UNK M 35 21.43 -6.22 -47.20
CA UNK M 36 22.09 -9.91 -46.34
CA UNK M 37 23.68 -11.73 -49.36
CA UNK M 38 24.20 -9.45 -52.51
CA UNK M 39 25.05 -6.59 -50.23
CA UNK M 40 26.51 -3.05 -50.26
CA UNK M 41 26.19 0.21 -51.94
CA UNK M 42 27.80 3.64 -51.44
CA UNK M 43 26.38 6.59 -53.54
CA UNK M 44 24.95 9.86 -55.48
CA UNK M 45 22.45 11.99 -57.85
CA UNK M 46 22.13 8.61 -59.04
CA UNK M 47 18.58 7.94 -59.54
CA UNK M 48 20.94 4.95 -58.80
CA UNK M 49 20.72 5.36 -55.09
CA UNK M 50 16.91 5.57 -55.14
CA UNK M 51 16.39 2.78 -57.67
CA UNK M 52 18.48 0.53 -55.46
CA UNK M 53 17.13 1.38 -51.99
CA UNK M 54 15.12 -1.63 -50.86
CA UNK M 55 11.90 -0.10 -49.61
CA UNK M 56 8.68 -1.43 -48.45
CA UNK M 57 6.45 1.67 -47.85
CA UNK M 58 3.05 2.78 -49.22
CA UNK M 59 3.31 6.02 -51.45
CA UNK M 60 7.11 5.73 -51.92
CA UNK M 61 6.68 2.96 -54.49
CA UNK M 62 4.66 5.52 -56.47
CA UNK M 63 7.44 8.23 -56.54
CA UNK M 64 9.92 5.53 -57.53
CA UNK M 65 7.76 4.88 -60.63
CA UNK M 66 10.28 9.13 -60.84
CA UNK M 67 13.43 7.02 -61.39
CA UNK M 68 11.53 5.37 -64.24
CA UNK M 69 10.25 8.47 -66.01
CA UNK M 70 12.79 8.23 -68.82
CA UNK M 71 12.70 11.80 -69.93
CA UNK M 72 13.92 12.35 -66.51
CA UNK M 73 16.04 10.00 -64.69
CA UNK M 74 18.95 11.58 -66.58
CA UNK M 75 21.86 13.03 -64.56
CA UNK M 76 20.89 15.29 -61.65
CA UNK M 77 18.22 14.73 -64.03
CA UNK M 78 17.70 11.94 -61.52
CA UNK M 79 19.08 13.65 -58.45
CA UNK M 80 17.33 16.89 -59.49
CA UNK M 81 13.92 15.23 -59.90
CA UNK M 82 14.20 13.25 -56.62
CA UNK M 83 15.47 16.18 -54.57
CA UNK M 84 12.75 18.44 -55.99
CA UNK M 85 9.92 15.89 -55.30
CA UNK M 86 11.19 15.78 -51.74
CA UNK M 87 11.08 19.55 -51.47
CA UNK M 88 8.10 20.20 -53.15
CA UNK M 89 6.67 17.63 -50.69
CA UNK M 90 8.36 19.34 -47.74
CA UNK M 91 7.02 22.79 -48.72
CA UNK M 92 3.58 21.21 -49.21
CA UNK M 93 3.50 19.91 -45.64
CA UNK M 94 3.29 23.47 -44.44
CA UNK M 95 0.28 24.19 -46.62
CA UNK M 96 -1.46 21.00 -45.55
CA UNK M 97 -0.94 22.32 -42.03
CA UNK M 98 -2.93 25.41 -43.23
CA UNK M 99 -5.66 23.81 -45.17
CA UNK M 100 -8.20 24.93 -47.42
CA UNK M 101 -9.21 22.05 -49.65
CA UNK M 102 -6.51 19.62 -51.03
CA UNK M 103 -8.13 20.26 -54.40
CA UNK M 104 -7.70 23.99 -54.43
CA UNK M 105 -4.09 23.38 -53.35
CA UNK M 106 -3.78 21.02 -56.33
CA UNK M 107 -5.33 23.74 -58.54
CA UNK M 108 -2.88 26.33 -57.23
CA UNK M 109 0.07 24.03 -58.03
CA UNK M 110 -1.33 23.45 -61.54
CA UNK M 111 -1.64 27.22 -62.13
CA UNK M 112 1.85 27.74 -60.74
CA UNK M 113 3.55 24.97 -62.76
CA UNK M 114 1.83 25.97 -66.01
CA UNK M 115 3.06 29.53 -65.49
CA UNK M 116 6.59 28.36 -64.61
CA UNK M 117 6.69 26.22 -67.72
CA UNK M 118 5.92 29.36 -69.66
CA UNK M 119 8.48 31.58 -67.88
CA UNK M 120 11.30 29.06 -68.54
CA UNK M 121 10.70 29.25 -72.19
CA UNK M 122 11.71 32.89 -71.44
CA UNK M 123 15.40 32.14 -70.75
CA UNK M 124 17.59 30.31 -73.14
CA UNK M 125 20.06 30.22 -75.91
CA UNK M 126 21.79 29.17 -79.03
CA UNK M 127 24.79 27.23 -79.70
CA UNK M 128 25.33 27.15 -83.26
CA UNK M 129 29.15 27.06 -83.16
CA UNK M 130 31.09 24.09 -81.75
CA UNK M 131 31.90 26.03 -78.56
CA UNK M 132 28.61 25.89 -76.66
CA UNK M 133 28.46 22.12 -77.21
CA UNK M 134 31.85 21.93 -75.50
CA UNK M 135 30.49 24.03 -72.64
CA UNK M 136 27.55 21.59 -72.32
CA UNK M 137 29.93 18.62 -71.94
CA UNK M 138 32.32 20.43 -69.55
CA UNK M 139 29.32 21.16 -67.37
CA UNK M 140 28.04 17.56 -67.67
CA UNK M 141 31.47 16.33 -66.45
CA UNK M 142 33.23 19.76 -66.09
CA UNK M 143 35.79 21.35 -63.63
CA UNK M 144 35.67 19.50 -60.21
CA UNK M 145 38.38 16.83 -59.55
CA UNK M 146 40.59 16.47 -62.79
CA UNK M 147 39.42 13.58 -64.81
CA UNK M 148 40.59 15.83 -67.78
CA UNK M 149 38.58 13.25 -69.72
CA UNK M 150 34.95 14.05 -69.99
CA UNK M 151 36.11 16.46 -72.73
CA UNK M 152 37.70 13.48 -74.44
CA UNK M 153 34.49 11.45 -74.03
CA UNK M 154 32.20 14.33 -75.05
CA UNK M 155 34.17 14.59 -78.29
CA UNK M 156 33.80 10.88 -78.99
CA UNK M 157 30.04 11.24 -78.55
CA UNK M 158 29.58 14.17 -80.96
CA UNK M 159 31.90 12.38 -83.35
CA UNK M 160 29.90 9.16 -83.24
CA UNK M 161 26.59 10.99 -83.44
CA UNK M 162 27.63 13.06 -86.49
CA UNK M 163 33.84 1.51 -63.87
CA UNK M 164 30.15 0.56 -63.42
CA UNK M 165 29.03 3.95 -62.09
CA UNK M 166 31.27 5.72 -64.56
CA UNK M 167 29.73 3.62 -67.41
CA UNK M 168 26.24 4.30 -66.24
CA UNK M 169 27.50 7.94 -66.28
CA UNK M 170 28.42 8.15 -69.96
CA UNK M 171 24.99 6.69 -70.72
CA UNK M 172 23.11 9.36 -68.77
CA UNK M 173 25.36 12.04 -70.24
CA UNK M 174 24.59 10.76 -73.72
CA UNK M 175 20.86 10.89 -72.95
CA UNK M 176 20.87 14.44 -71.62
CA UNK M 177 23.08 15.72 -74.42
CA UNK M 178 20.81 13.97 -76.93
CA UNK M 179 17.58 15.49 -75.46
CA UNK M 180 19.02 19.00 -75.48
CA UNK M 181 20.36 18.52 -79.02
CA UNK M 182 16.68 18.01 -79.87
CA UNK M 183 15.52 20.99 -77.74
CA UNK M 184 18.66 23.18 -78.59
CA UNK M 185 17.27 26.32 -77.08
CA UNK M 186 17.40 26.09 -73.35
CA UNK M 187 18.30 26.82 -69.75
CA UNK M 188 21.46 27.04 -67.91
CA UNK M 189 22.60 28.04 -64.89
CA UNK M 190 24.71 28.72 -62.19
CA UNK M 191 21.92 27.67 -59.85
CA UNK M 192 20.55 30.62 -61.63
CA UNK M 193 17.31 29.26 -63.16
CA UNK M 194 15.74 28.45 -59.80
CA UNK M 195 16.56 31.92 -58.48
CA UNK M 196 14.89 33.58 -61.46
CA UNK M 197 11.84 31.32 -61.08
CA UNK M 198 11.63 31.89 -57.34
CA UNK M 199 11.61 35.69 -57.95
CA UNK M 200 9.00 35.65 -60.68
CA UNK M 201 6.60 33.15 -59.08
CA UNK M 202 6.81 35.19 -55.90
CA UNK M 203 5.19 38.02 -57.94
CA UNK M 204 2.83 35.82 -59.97
CA UNK M 205 1.48 34.61 -56.64
CA UNK M 206 0.09 38.10 -55.99
CA UNK M 207 -1.83 37.90 -59.24
CA UNK M 208 -2.95 34.82 -57.53
CA UNK M 209 -5.96 36.97 -56.66
CA UNK M 210 -9.25 35.02 -56.24
CA UNK M 211 -8.32 32.27 -53.73
CA UNK M 212 -5.55 29.60 -54.06
CA UNK M 213 -3.16 32.44 -53.53
CA UNK M 214 -2.05 30.60 -50.40
CA UNK M 215 -1.24 27.96 -52.91
CA UNK M 216 1.05 29.80 -55.33
CA UNK M 217 2.90 31.59 -52.51
CA UNK M 218 3.30 28.14 -50.95
CA UNK M 219 4.74 26.76 -54.20
CA UNK M 220 7.16 29.76 -54.33
CA UNK M 221 8.37 29.02 -50.78
CA UNK M 222 8.81 25.33 -51.67
CA UNK M 223 11.31 26.18 -54.40
CA UNK M 224 13.62 27.67 -51.80
CA UNK M 225 14.13 24.16 -50.37
CA UNK M 226 16.72 23.62 -53.14
CA UNK M 227 19.00 26.71 -52.98
CA UNK M 228 18.93 26.23 -49.32
CA UNK M 229 20.03 22.65 -50.12
CA UNK M 230 23.04 23.81 -52.18
CA UNK M 231 23.93 26.20 -49.40
CA UNK M 232 24.48 22.80 -47.85
CA UNK M 233 26.20 21.53 -51.10
CA UNK M 234 29.26 22.77 -49.42
CA UNK M 235 29.86 26.22 -47.72
CA UNK M 236 28.16 29.15 -45.61
CA UNK M 237 24.40 29.94 -44.62
CA UNK M 238 22.00 29.01 -47.43
CA UNK M 239 20.05 31.79 -45.71
CA UNK M 240 22.27 34.66 -46.85
CA UNK M 241 22.79 33.36 -50.38
CA UNK M 242 19.04 33.32 -50.86
CA UNK M 243 18.69 36.87 -49.55
CA UNK M 244 21.32 38.23 -51.97
CA UNK M 245 20.02 35.92 -54.55
CA UNK M 246 16.65 37.70 -54.60
CA UNK M 247 18.18 41.16 -54.80
CA UNK M 248 20.61 40.31 -57.59
CA UNK M 249 18.05 38.55 -59.81
CA UNK M 250 15.70 41.53 -59.17
CA UNK M 251 18.47 43.94 -60.27
CA UNK M 252 18.35 41.90 -63.48
CA UNK M 253 21.33 39.35 -63.71
CA UNK M 254 20.58 35.60 -64.00
CA UNK M 255 23.62 33.11 -64.62
CA UNK M 256 26.17 33.51 -61.78
CA UNK M 257 26.01 30.77 -59.11
CA UNK M 258 27.49 28.40 -56.56
CA UNK M 259 31.29 28.18 -56.81
CA UNK M 260 33.05 25.16 -55.28
CA UNK M 261 36.43 26.88 -55.81
CA UNK M 262 35.51 30.25 -54.30
CA UNK M 263 34.15 28.39 -51.46
CA UNK M 264 30.97 28.60 -53.24
CA UNK M 265 28.61 31.57 -53.38
CA UNK M 266 29.22 33.41 -56.80
CA UNK M 267 28.55 33.79 -60.80
CA UNK M 268 27.80 30.77 -63.38
CA UNK M 269 28.18 32.14 -66.90
CA UNK M 270 31.80 32.90 -66.10
CA UNK M 271 32.92 29.48 -67.31
CA UNK M 272 29.64 28.20 -67.42
CA UNK M 273 27.23 26.71 -65.06
CA UNK M 274 24.41 25.66 -67.17
CA UNK M 275 20.89 24.59 -67.16
CA UNK M 276 18.74 22.98 -69.86
CA UNK M 277 15.25 23.39 -71.40
CA UNK M 278 13.33 20.14 -71.90
CA UNK M 279 14.80 18.63 -68.74
CA UNK M 280 13.69 21.68 -66.69
CA UNK M 281 10.09 21.82 -67.83
CA UNK M 282 9.64 18.08 -67.31
CA UNK M 283 11.26 18.17 -63.91
CA UNK M 284 8.68 20.81 -62.88
CA UNK M 285 5.80 19.03 -64.55
CA UNK M 286 6.70 15.56 -63.07
CA UNK M 287 6.98 17.08 -59.61
CA UNK M 288 3.56 18.70 -59.92
CA UNK M 289 1.76 15.65 -61.33
CA UNK M 290 3.19 13.38 -58.61
CA UNK M 291 2.68 15.88 -55.74
CA UNK M 292 -0.98 16.17 -56.76
CA UNK M 293 -1.49 12.39 -56.90
CA UNK M 294 -0.25 12.04 -53.36
CA UNK M 295 -1.91 15.09 -51.88
CA UNK M 296 -5.48 14.19 -53.40
CA UNK M 297 -5.02 11.03 -51.61
CA UNK M 298 -8.47 10.19 -52.27
CA UNK N 1 -32.31 -4.65 -32.71
CA UNK N 2 -31.08 -1.49 -31.40
CA UNK N 3 -27.78 -2.35 -32.49
CA UNK N 4 -28.70 -4.16 -35.71
CA UNK N 5 -30.02 -1.13 -37.60
CA UNK N 6 -27.83 1.75 -36.44
CA UNK N 7 -24.85 -0.51 -37.17
CA UNK N 8 -25.99 -1.41 -40.72
CA UNK N 9 -26.62 2.29 -41.50
CA UNK N 10 -23.10 2.55 -40.02
CA UNK N 11 -21.00 1.01 -43.07
CA UNK N 12 -22.76 2.63 -46.06
CA UNK N 13 -21.84 6.03 -44.66
CA UNK N 14 -18.17 5.09 -44.45
CA UNK N 15 -17.85 4.21 -48.12
CA UNK N 16 -19.71 7.33 -49.14
CA UNK N 17 -17.22 9.39 -47.20
CA UNK N 18 -14.30 7.98 -49.05
CA UNK N 19 -16.01 9.03 -52.13
CA UNK N 20 -16.90 12.54 -51.82
CA UNK N 21 -14.82 13.06 -54.66
CA UNK N 22 -15.25 11.45 -57.98
CA UNK N 23 -18.57 12.85 -58.83
CA UNK N 24 -18.23 15.48 -61.41
CA UNK N 25 -14.76 15.09 -62.55
CA UNK N 26 -12.69 16.81 -59.87
CA UNK N 27 -13.73 13.33 -58.97
CA UNK N 28 -11.16 11.08 -57.40
CA UNK N 29 -8.21 8.75 -56.65
CA UNK N 30 -7.86 6.14 -53.91
CA UNK N 31 -4.93 3.78 -53.56
CA UNK N 32 -6.01 0.30 -52.53
CA UNK N 33 -3.24 -2.00 -51.34
CA UNK N 34 -3.53 -5.73 -50.47
CA UNK N 35 -0.92 -8.41 -49.62
CA UNK N 36 0.24 -10.21 -52.83
CA UNK N 37 -1.55 -7.73 -56.57
CA UNK N 38 -1.21 -4.28 -55.08
CA UNK N 39 -1.99 -0.67 -56.01
CA UNK N 40 -5.08 0.57 -57.86
CA UNK N 41 -5.59 4.21 -58.59
CA UNK N 42 -8.95 4.89 -59.80
CA UNK N 43 -9.38 8.35 -60.11
CA UNK N 44 -12.70 6.96 -59.72
CA UNK N 45 -15.40 5.74 -57.75
CA UNK N 46 -16.85 3.62 -60.34
CA UNK N 47 -14.47 1.21 -61.52
CA UNK N 48 -13.58 2.00 -57.92
CA UNK N 49 -16.59 0.17 -56.49
CA UNK N 50 -16.24 -2.70 -58.85
CA UNK N 51 -12.73 -4.13 -57.70
CA UNK N 52 -13.61 -7.20 -55.51
CA UNK N 53 -12.04 -5.46 -52.66
CA UNK N 54 -14.21 -7.29 -50.07
CA UNK N 55 -14.45 -6.74 -46.24
CA UNK N 56 -17.21 -7.57 -43.42
CA UNK N 57 -20.81 -8.11 -41.73
CA UNK N 58 -24.42 -7.68 -43.18
CA UNK N 59 -22.07 -5.55 -45.02
CA UNK N 60 -21.90 -8.18 -47.74
CA UNK N 61 -25.57 -7.38 -48.35
CA UNK N 62 -25.06 -3.57 -48.84
CA UNK N 63 -22.13 -4.35 -51.14
CA UNK N 64 -24.59 -6.28 -53.36
CA UNK N 65 -25.86 -2.89 -54.61
CA UNK N 66 -22.65 -2.66 -56.68
CA UNK N 67 -24.90 -5.18 -57.72
CA UNK N 68 -23.99 -6.10 -60.93
CA UNK N 69 -26.25 -5.28 -63.82
CA UNK N 70 -26.09 -3.21 -67.00
CA UNK N 71 -25.59 0.30 -66.64
CA UNK N 72 -23.99 0.79 -63.46
CA UNK N 73 -23.62 4.29 -63.80
CA UNK N 74 -20.38 5.90 -62.96
CA UNK N 75 -21.55 8.79 -60.85
CA UNK N 76 -24.64 6.88 -60.09
CA UNK N 77 -23.50 4.05 -58.19
CA UNK N 78 -21.28 6.98 -57.35
CA UNK N 79 -24.46 8.80 -56.91
CA UNK N 80 -26.55 5.69 -56.01
CA UNK N 81 -25.65 3.53 -53.12
CA UNK N 82 -24.93 7.24 -52.45
CA UNK N 83 -28.67 7.90 -52.06
CA UNK N 84 -29.24 4.94 -49.69
CA UNK N 85 -26.42 6.34 -47.59
CA UNK N 86 -28.03 9.76 -47.53
CA UNK N 87 -31.53 8.39 -46.88
CA UNK N 88 -30.15 6.47 -43.87
CA UNK N 89 -28.14 9.48 -42.75
CA UNK N 90 -31.09 11.86 -42.97
CA UNK N 91 -33.49 9.36 -41.45
CA UNK N 92 -31.93 7.57 -38.50
CA UNK N 93 -32.12 10.16 -35.90
CA UNK N 94 -35.73 9.27 -36.30
CA UNK N 95 -35.37 5.76 -34.75
CA UNK N 96 -34.60 7.16 -31.41
CA UNK N 97 -38.45 7.96 -31.06
CA UNK N 98 -41.28 5.57 -32.73
CA UNK N 99 -41.82 5.10 -36.74
CA UNK N 100 -41.71 2.03 -39.16
CA UNK N 101 -39.33 1.05 -41.86
CA UNK N 102 -42.39 0.14 -43.92
CA UNK N 103 -44.01 3.53 -43.92
CA UNK N 104 -40.56 4.96 -44.78
CA UNK N 105 -40.46 2.47 -47.68
CA UNK N 106 -43.98 3.62 -48.67
CA UNK N 107 -42.94 7.26 -48.55
CA UNK N 108 -39.97 6.55 -50.84
CA UNK N 109 -42.27 4.67 -53.25
CA UNK N 110 -44.69 7.63 -53.36
CA UNK N 111 -41.61 9.98 -53.67
CA UNK N 112 -39.73 8.14 -56.46
CA UNK N 113 -42.92 7.41 -58.43
CA UNK N 114 -43.78 11.11 -58.28
CA UNK N 115 -40.23 12.15 -59.27
CA UNK N 116 -40.30 9.78 -62.20
CA UNK N 117 -43.53 12.40 -62.74
CA UNK N 118 -42.18 15.79 -61.60
CA UNK N 119 -39.16 15.53 -63.86
CA UNK N 120 -41.14 14.68 -67.00
CA UNK N 121 -43.11 17.72 -65.97
CA UNK N 122 -39.71 19.64 -66.30
CA UNK N 123 -38.03 16.98 -69.43
CA UNK N 124 -36.66 18.60 -72.79
CA UNK N 125 -35.88 17.13 -79.41
CA UNK N 126 -32.40 17.79 -80.88
CA UNK N 127 -30.18 15.42 -82.88
CA UNK N 128 -27.86 18.33 -83.66
CA UNK N 129 -24.22 17.19 -83.67
CA UNK N 130 -23.53 20.33 -81.65
CA UNK N 131 -25.73 19.07 -78.81
CA UNK N 132 -24.06 15.66 -79.04
CA UNK N 133 -20.76 17.46 -78.45
CA UNK N 134 -22.32 19.23 -75.47
CA UNK N 135 -23.38 15.83 -74.10
CA UNK N 136 -19.90 14.51 -74.20
CA UNK N 137 -17.84 17.57 -73.10
CA UNK N 138 -19.88 17.08 -70.09
CA UNK N 139 -18.49 13.78 -71.03
CA UNK N 140 -15.12 12.58 -69.19
CA UNK N 141 -13.38 17.61 -78.62
CA UNK N 142 -11.05 15.33 -80.57
CA UNK N 143 -12.46 12.25 -78.78
CA UNK N 144 -16.10 13.40 -79.05
CA UNK N 145 -15.60 13.65 -82.82
CA UNK N 146 -14.15 9.90 -82.78
CA UNK N 147 -17.61 8.35 -81.10
CA UNK N 148 -20.84 9.27 -83.12
CA UNK N 149 -18.76 8.71 -86.24
CA UNK N 150 -17.68 5.24 -85.16
CA UNK N 151 -21.35 4.30 -83.94
CA UNK N 152 -24.19 3.88 -87.03
CA UNK N 153 -8.67 2.02 -68.61
CA UNK N 154 -10.97 4.52 -66.86
CA UNK N 155 -11.28 6.53 -70.06
CA UNK N 156 -12.47 3.33 -71.72
CA UNK N 157 -14.59 2.74 -68.64
CA UNK N 158 -15.95 6.27 -69.22
CA UNK N 159 -16.51 6.02 -72.97
CA UNK N 160 -18.45 2.79 -72.39
CA UNK N 161 -20.88 4.39 -69.96
CA UNK N 162 -21.09 7.43 -72.26
CA UNK N 163 -22.11 5.13 -75.10
CA UNK N 164 -24.59 3.38 -72.80
CA UNK N 165 -26.23 6.52 -71.48
CA UNK N 166 -26.44 8.08 -74.92
CA UNK N 167 -27.91 4.82 -76.25
CA UNK N 168 -30.57 4.58 -73.51
CA UNK N 169 -31.72 8.19 -74.03
CA UNK N 170 -31.49 7.77 -77.83
CA UNK N 171 -34.42 5.75 -77.04
CA UNK N 172 -35.74 9.34 -76.16
CA UNK N 173 -34.21 12.51 -77.81
CA UNK N 174 -35.29 13.85 -74.54
CA UNK N 175 -32.73 15.16 -72.13
CA UNK N 176 -32.63 16.72 -68.74
CA UNK N 177 -30.40 18.84 -66.78
CA UNK N 178 -27.16 18.14 -65.13
CA UNK N 179 -25.41 20.13 -62.34
CA UNK N 180 -26.80 18.68 -58.94
CA UNK N 181 -29.57 20.63 -60.51
CA UNK N 182 -32.06 17.75 -60.61
CA UNK N 183 -31.60 16.86 -56.95
CA UNK N 184 -32.00 20.50 -55.92
CA UNK N 185 -35.27 20.81 -57.81
CA UNK N 186 -36.52 17.54 -56.30
CA UNK N 187 -35.45 18.53 -52.80
CA UNK N 188 -37.43 21.80 -53.13
CA UNK N 189 -40.58 20.23 -54.51
CA UNK N 190 -40.73 17.21 -52.16
CA UNK N 191 -40.21 19.59 -49.28
CA UNK N 192 -43.60 21.11 -50.28
CA UNK N 193 -45.28 17.82 -51.23
CA UNK N 194 -44.48 16.68 -47.71
CA UNK N 195 -46.79 19.23 -46.14
CA UNK N 196 -49.48 18.36 -48.62
CA UNK N 197 -50.55 15.05 -47.44
CA UNK N 198 -50.83 13.36 -44.09
CA UNK N 199 -48.15 13.44 -41.24
CA UNK N 200 -44.75 12.07 -40.03
CA UNK N 201 -44.82 10.60 -43.57
CA UNK N 202 -44.54 14.26 -44.01
CA UNK N 203 -41.51 14.04 -41.72
CA UNK N 204 -39.89 11.45 -43.99
CA UNK N 205 -40.61 13.63 -47.08
CA UNK N 206 -38.80 16.26 -45.08
CA UNK N 207 -36.06 13.56 -44.72
CA UNK N 208 -35.76 11.59 -48.13
CA UNK N 209 -35.57 15.01 -49.74
CA UNK N 210 -32.89 15.82 -47.15
CA UNK N 211 -30.86 12.79 -48.24
CA UNK N 212 -30.58 14.11 -51.79
CA UNK N 213 -28.67 17.13 -50.49
CA UNK N 214 -25.80 14.78 -49.58
CA UNK N 215 -24.66 14.91 -53.24
CA UNK N 216 -25.30 18.35 -54.52
CA UNK N 217 -23.54 19.94 -51.74
CA UNK N 218 -21.67 16.64 -52.58
CA UNK N 219 -19.40 18.29 -54.96
CA UNK N 220 -20.04 21.04 -52.53
CA UNK N 221 -17.82 19.63 -49.82
CA UNK N 222 -14.99 18.55 -52.17
CA UNK N 223 -15.26 22.11 -52.95
CA UNK N 224 -15.24 22.90 -49.14
CA UNK N 225 -16.44 25.75 -51.07
CA UNK N 226 -19.42 26.64 -48.82
CA UNK N 227 -22.58 24.61 -49.32
CA UNK N 228 -25.17 26.78 -47.35
CA UNK N 229 -25.11 29.77 -49.31
CA UNK N 230 -26.00 27.31 -52.23
CA UNK N 231 -28.74 24.82 -51.23
CA UNK N 232 -30.60 27.85 -49.84
CA UNK N 233 -30.49 29.54 -53.29
CA UNK N 234 -31.31 26.19 -54.89
CA UNK N 235 -34.54 27.58 -53.38
CA UNK N 236 -34.37 31.32 -54.50
CA UNK N 237 -33.28 30.59 -58.08
CA UNK N 238 -33.91 26.84 -57.59
CA UNK N 239 -37.18 28.01 -56.05
CA UNK N 240 -38.07 29.77 -59.28
CA UNK N 241 -37.63 26.45 -61.17
CA UNK N 242 -35.77 28.03 -64.00
CA UNK N 243 -35.88 24.40 -64.81
CA UNK N 244 -32.06 24.91 -64.86
CA UNK N 245 -29.83 26.70 -62.06
CA UNK N 246 -27.05 24.30 -60.91
CA UNK N 247 -23.68 24.97 -59.30
CA UNK N 248 -20.97 26.97 -61.26
CA UNK N 249 -18.30 25.00 -59.64
CA UNK N 250 -15.49 26.99 -61.25
CA UNK N 251 -16.62 30.50 -60.32
CA UNK N 252 -17.39 28.79 -57.09
CA UNK N 253 -21.05 29.94 -56.93
CA UNK N 254 -24.24 29.02 -58.71
CA UNK N 255 -25.74 29.51 -62.01
CA UNK N 256 -27.52 27.98 -64.90
CA UNK N 257 -27.08 24.41 -66.16
CA UNK N 258 -29.48 25.25 -68.94
CA UNK N 259 -26.87 27.77 -69.97
CA UNK N 260 -23.88 25.63 -68.92
CA UNK N 261 -25.56 22.75 -70.77
CA UNK N 262 -24.49 20.43 -68.02
CA UNK N 263 -27.04 18.14 -69.12
CA UNK N 264 -27.96 14.88 -67.30
CA UNK N 265 -30.21 12.25 -69.06
CA UNK N 266 -33.76 11.09 -68.74
CA UNK N 267 -33.45 7.30 -68.51
CA UNK N 268 -30.32 7.44 -66.37
CA UNK N 269 -32.03 9.80 -63.88
CA UNK N 270 -35.23 7.86 -63.35
CA UNK N 271 -33.34 4.61 -62.89
CA UNK N 272 -30.87 6.17 -60.51
CA UNK N 273 -33.83 7.26 -58.34
CA UNK N 274 -35.66 3.98 -58.70
CA UNK N 275 -32.53 1.82 -57.92
CA UNK N 276 -31.83 3.91 -54.85
CA UNK N 277 -35.36 3.46 -53.57
CA UNK N 278 -35.62 -0.27 -54.21
CA UNK N 279 -32.26 -0.91 -52.48
CA UNK N 280 -32.90 1.47 -49.57
CA UNK N 281 -36.18 -0.35 -48.91
CA UNK N 282 -34.57 -3.78 -49.03
CA UNK N 283 -32.05 -2.73 -46.38
CA UNK N 284 -34.49 -0.68 -44.26
CA UNK N 285 -36.77 -3.73 -43.89
CA UNK N 286 -33.78 -5.72 -42.42
CA UNK N 287 -35.18 -6.86 -39.14
CA UNK N 288 -33.30 -9.80 -37.67
CA UNK N 289 -29.97 -11.41 -38.25
CA UNK O 1 -38.44 -23.75 -10.36
CA UNK O 2 -35.07 -23.00 -11.91
CA UNK O 3 -35.74 -25.55 -14.69
CA UNK O 4 -39.21 -24.22 -15.42
CA UNK O 5 -38.65 -20.46 -15.25
CA UNK O 6 -35.73 -21.07 -17.56
CA UNK O 7 -37.71 -23.09 -20.12
CA UNK O 8 -40.42 -20.46 -20.22
CA UNK O 9 -37.82 -17.71 -20.65
CA UNK O 10 -36.35 -19.63 -23.59
CA UNK O 11 -39.69 -20.10 -25.31
CA UNK O 12 -40.40 -16.40 -25.00
CA UNK O 13 -37.05 -15.48 -26.51
CA UNK O 14 -37.58 -17.43 -29.70
CA UNK O 15 -41.09 -16.07 -30.07
CA UNK O 16 -39.65 -12.58 -29.91
CA UNK O 17 -37.34 -13.49 -32.82
CA UNK O 18 -40.28 -13.88 -35.21
CA UNK O 19 -42.89 -11.62 -33.75
CA UNK O 20 -41.95 -10.31 -37.21
CA UNK O 21 -42.57 -12.81 -40.05
CA UNK O 22 -46.34 -12.88 -39.30
CA UNK O 23 -48.63 -11.75 -42.20
CA UNK O 24 -46.55 -10.53 -45.28
CA UNK O 25 -46.22 -7.22 -43.67
CA UNK O 26 -43.37 -9.20 -41.88
CA UNK O 27 -39.76 -8.18 -40.71
CA UNK O 28 -36.64 -10.09 -42.04
CA UNK O 29 -33.73 -11.67 -40.13
CA UNK O 30 -30.31 -12.30 -41.58
CA UNK O 31 -28.84 -15.58 -40.37
CA UNK O 32 -25.14 -16.07 -40.98
CA UNK O 33 -23.08 -19.24 -40.34
CA UNK O 34 -19.47 -20.21 -41.19
CA UNK O 35 -19.32 -21.94 -44.64
CA UNK O 36 -22.62 -22.08 -46.30
CA UNK O 37 -23.43 -18.65 -45.00
CA UNK O 38 -26.30 -16.14 -45.11
CA UNK O 39 -30.03 -16.21 -44.90
CA UNK O 40 -32.47 -13.24 -44.96
CA UNK O 41 -35.92 -14.24 -44.05
CA UNK O 42 -39.37 -14.50 -42.99
CA UNK O 43 -38.04 -17.77 -43.84
CA UNK O 44 -38.86 -18.72 -40.29
CA UNK O 45 -38.62 -22.49 -40.92
CA UNK O 46 -35.15 -22.08 -42.45
CA UNK O 47 -33.95 -19.90 -39.61
CA UNK O 48 -35.15 -22.35 -36.95
CA UNK O 49 -33.97 -25.49 -38.75
CA UNK O 50 -30.50 -23.90 -38.96
CA UNK O 51 -30.40 -22.31 -35.51
CA UNK O 52 -28.22 -23.87 -32.85
CA UNK O 53 -30.65 -24.15 -30.10
CA UNK O 54 -28.35 -24.40 -27.31
CA UNK O 55 -30.04 -27.77 -27.23
CA UNK O 56 -32.95 -28.54 -24.97
CA UNK O 57 -36.47 -27.37 -24.47
CA UNK O 58 -35.84 -25.27 -27.56
CA UNK O 59 -35.19 -28.44 -29.60
CA UNK O 60 -38.72 -29.45 -28.59
CA UNK O 61 -40.45 -26.25 -29.87
CA UNK O 62 -38.45 -26.56 -33.10
CA UNK O 63 -40.10 -29.98 -33.60
CA UNK O 64 -43.26 -28.10 -34.67
CA UNK O 65 -41.51 -27.34 -37.99
CA UNK O 66 -41.37 -31.06 -38.61
CA UNK O 67 -44.66 -31.13 -40.09
CA UNK O 68 -44.80 -29.42 -43.24
CA UNK O 69 -48.34 -30.30 -42.34
CA UNK O 70 -47.87 -28.21 -39.34
CA UNK O 71 -45.67 -25.84 -41.34
CA UNK O 72 -48.27 -24.80 -43.86
CA UNK O 73 -49.58 -21.32 -43.60
CA UNK O 74 -47.56 -19.62 -40.86
CA UNK O 75 -49.11 -22.15 -38.66
CA UNK O 76 -45.49 -22.00 -37.53
CA UNK O 77 -45.38 -18.41 -36.31
CA UNK O 78 -48.84 -18.84 -34.76
CA UNK O 79 -47.86 -21.96 -32.78
CA UNK O 80 -44.54 -20.47 -31.58
CA UNK O 81 -46.00 -17.09 -30.63
CA UNK O 82 -48.88 -18.80 -28.80
CA UNK O 83 -46.56 -21.20 -26.85
CA UNK O 84 -44.65 -18.13 -25.76
CA UNK O 85 -47.82 -16.44 -24.59
CA UNK O 86 -49.18 -19.58 -22.91
CA UNK O 87 -45.89 -19.88 -20.94
CA UNK O 88 -45.85 -16.14 -20.21
CA UNK O 89 -49.48 -16.14 -18.96
CA UNK O 90 -48.52 -19.23 -16.83
CA UNK O 91 -44.99 -18.45 -15.53
CA UNK O 92 -47.01 -16.38 -13.33
CA UNK O 93 -49.38 -18.90 -11.77
CA UNK O 94 -46.76 -21.42 -11.10
CA UNK O 95 -45.99 -17.83 -9.61
CA UNK O 96 -48.80 -16.81 -7.34
CA UNK O 97 -47.30 -20.45 -6.78
CA UNK O 98 -50.06 -22.42 -8.65
CA UNK O 99 -51.20 -26.16 -8.69
CA UNK O 100 -50.22 -27.19 -12.31
CA UNK O 101 -51.09 -30.70 -12.83
CA UNK O 102 -54.03 -28.33 -12.28
CA UNK O 103 -52.59 -25.73 -14.70
CA UNK O 104 -51.98 -28.60 -17.13
CA UNK O 105 -55.58 -29.75 -16.54
CA UNK O 106 -56.91 -26.27 -17.18
CA UNK O 107 -55.00 -26.07 -20.49
CA UNK O 108 -56.37 -29.51 -21.48
CA UNK O 109 -59.95 -28.39 -20.74
CA UNK O 110 -59.33 -25.15 -22.64
CA UNK O 111 -57.75 -26.74 -25.72
CA UNK O 112 -60.40 -29.47 -25.95
CA UNK O 113 -63.09 -26.79 -25.86
CA UNK O 114 -61.27 -24.63 -28.45
CA UNK O 115 -60.92 -27.60 -30.74
CA UNK O 116 -64.68 -27.92 -30.53
CA UNK O 117 -65.41 -24.16 -31.05
CA UNK O 118 -63.51 -24.42 -34.22
CA UNK O 119 -66.77 -26.29 -34.71
CA UNK O 120 -68.28 -22.76 -33.81
CA UNK O 121 -68.67 -19.51 -35.77
CA UNK O 122 -68.19 -22.33 -38.55
CA UNK O 123 -68.09 -21.05 -42.44
CA UNK O 124 -68.29 -22.41 -46.20
CA UNK O 125 -67.56 -22.05 -49.97
CA UNK O 126 -66.70 -24.16 -53.11
CA UNK O 127 -65.63 -21.08 -55.51
CA UNK O 128 -62.71 -19.90 -58.02
CA UNK O 129 -62.79 -16.13 -57.32
CA UNK O 130 -62.33 -17.02 -53.67
CA UNK O 131 -59.38 -19.24 -54.58
CA UNK O 132 -57.80 -16.16 -56.15
CA UNK O 133 -58.50 -14.21 -52.95
CA UNK O 134 -56.76 -16.98 -50.96
CA UNK O 135 -53.60 -16.67 -53.09
CA UNK O 136 -53.60 -12.84 -53.11
CA UNK O 137 -53.73 -12.98 -49.34
CA UNK O 138 -51.03 -15.63 -49.10
CA UNK O 139 -48.69 -13.60 -51.33
CA UNK O 140 -49.20 -10.49 -49.49
CA UNK O 141 -45.47 -11.05 -50.14
CA UNK O 142 -45.71 -10.08 -53.67
CA UNK O 143 -47.20 -6.85 -54.68
CA UNK O 144 -49.92 -6.11 -52.44
CA UNK O 145 -52.13 -7.68 -55.18
CA UNK O 146 -49.26 -8.65 -57.45
CA UNK O 147 -47.75 -11.56 -59.08
CA UNK O 148 -49.90 -13.42 -56.54
CA UNK O 149 -53.10 -13.48 -58.63
CA UNK O 150 -50.94 -14.65 -61.52
CA UNK O 151 -49.40 -17.37 -59.35
CA UNK O 152 -52.71 -18.40 -57.77
CA UNK O 153 -54.05 -18.98 -61.28
CA UNK O 154 -51.08 -21.14 -62.23
CA UNK O 155 -51.71 -23.27 -59.14
CA UNK O 156 -55.43 -23.90 -59.81
CA UNK O 157 -54.52 -24.53 -63.44
CA UNK O 158 -51.87 -27.10 -62.56
CA UNK O 159 -54.03 -28.74 -59.92
CA UNK O 160 -57.04 -29.09 -62.27
CA UNK O 161 -34.26 -15.84 -53.37
CA UNK O 162 -35.65 -17.19 -56.67
CA UNK O 163 -35.34 -19.58 -53.81
CA UNK O 164 -37.87 -17.80 -51.56
CA UNK O 165 -40.17 -17.24 -54.54
CA UNK O 166 -40.04 -20.99 -55.12
CA UNK O 167 -40.33 -21.29 -51.43
CA UNK O 168 -43.48 -19.11 -51.70
CA UNK O 169 -45.17 -20.89 -54.58
CA UNK O 170 -44.66 -24.17 -52.71
CA UNK O 171 -46.44 -22.98 -49.56
CA UNK O 172 -49.15 -21.40 -51.71
CA UNK O 173 -49.61 -24.71 -53.51
CA UNK O 174 -49.90 -26.62 -50.28
CA UNK O 175 -52.12 -24.56 -48.11
CA UNK O 176 -54.20 -24.70 -51.33
CA UNK O 177 -53.97 -28.50 -51.38
CA UNK O 178 -54.97 -28.93 -47.69
CA UNK O 179 -57.99 -26.66 -48.07
CA UNK O 180 -58.98 -28.38 -51.31
CA UNK O 181 -59.22 -31.47 -49.20
CA UNK O 182 -60.78 -29.88 -45.93
CA UNK O 183 -64.30 -28.68 -46.70
CA UNK O 184 -65.90 -25.74 -44.87
CA UNK O 185 -63.79 -23.41 -43.26
CA UNK O 186 -62.84 -20.22 -42.03
CA UNK O 187 -61.58 -17.40 -43.94
CA UNK O 188 -60.49 -16.71 -40.39
CA UNK O 189 -58.05 -13.96 -41.02
CA UNK O 190 -57.11 -12.45 -37.72
CA UNK O 191 -60.38 -11.85 -35.96
CA UNK O 192 -61.23 -15.19 -34.88
CA UNK O 193 -58.50 -15.08 -32.32
CA UNK O 194 -60.79 -12.23 -31.37
CA UNK O 195 -63.87 -14.42 -31.38
CA UNK O 196 -62.12 -17.00 -29.18
CA UNK O 197 -60.83 -14.36 -26.78
CA UNK O 198 -64.39 -13.03 -26.35
CA UNK O 199 -66.03 -16.39 -25.83
CA UNK O 200 -63.40 -17.90 -23.49
CA UNK O 201 -63.61 -14.71 -21.46
CA UNK O 202 -67.08 -16.30 -20.97
CA UNK O 203 -66.44 -20.22 -21.07
CA UNK O 204 -63.94 -19.97 -18.21
CA UNK O 205 -66.76 -18.80 -15.92
CA UNK O 206 -68.54 -22.10 -16.40
CA UNK O 207 -65.47 -23.79 -14.91
CA UNK O 208 -64.03 -24.35 -11.45
CA UNK O 209 -61.59 -22.02 -9.66
CA UNK O 210 -57.88 -23.01 -10.27
CA UNK O 211 -58.60 -23.87 -13.79
CA UNK O 212 -60.54 -20.65 -14.25
CA UNK O 213 -57.36 -18.64 -13.63
CA UNK O 214 -55.44 -20.77 -16.14
CA UNK O 215 -58.23 -20.36 -18.71
CA UNK O 216 -58.27 -16.56 -18.32
CA UNK O 217 -54.49 -16.74 -18.83
CA UNK O 218 -54.96 -18.78 -22.03
CA UNK O 219 -57.55 -16.19 -23.24
CA UNK O 220 -55.05 -13.36 -22.67
CA UNK O 221 -52.34 -15.32 -24.50
CA UNK O 222 -54.43 -15.44 -27.68
CA UNK O 223 -54.30 -11.65 -27.87
CA UNK O 224 -50.56 -11.90 -28.56
CA UNK O 225 -51.43 -12.60 -32.23
CA UNK O 226 -53.62 -9.53 -32.97
CA UNK O 227 -51.08 -7.48 -31.01
CA UNK O 228 -48.17 -8.82 -33.01
CA UNK O 229 -49.89 -7.86 -36.24
CA UNK O 230 -50.51 -4.36 -34.87
CA UNK O 231 -46.92 -3.93 -33.83
CA UNK O 232 -45.54 -5.18 -37.10
CA UNK O 233 -47.83 -2.86 -38.63
CA UNK O 234 -46.14 -1.67 -35.50
CA UNK O 235 -49.25 0.39 -35.10
CA UNK O 236 -50.07 1.50 -31.53
CA UNK O 237 -51.02 -1.98 -30.56
CA UNK O 238 -52.78 -0.75 -27.43
CA UNK O 239 -55.61 1.02 -29.20
CA UNK O 240 -56.17 -1.62 -31.87
CA UNK O 241 -56.74 -4.17 -29.11
CA UNK O 242 -59.19 -1.88 -27.32
CA UNK O 243 -61.24 -1.49 -30.52
CA UNK O 244 -60.95 -5.15 -31.51
CA UNK O 245 -62.30 -6.25 -28.12
CA UNK O 246 -65.34 -3.99 -28.34
CA UNK O 247 -66.36 -5.13 -31.82
CA UNK O 248 -66.03 -8.86 -31.11
CA UNK O 249 -67.99 -8.28 -27.88
CA UNK O 250 -70.78 -6.51 -29.89
CA UNK O 251 -70.11 -9.24 -32.59
CA UNK O 252 -68.39 -9.02 -36.11
CA UNK O 253 -67.07 -12.61 -36.59
CA UNK O 254 -65.14 -11.82 -39.70
CA UNK O 255 -63.94 -8.51 -38.17
CA UNK O 256 -60.81 -7.93 -39.94
CA UNK O 257 -58.00 -6.29 -38.33
CA UNK O 258 -56.89 -3.75 -40.93
CA UNK O 259 -53.18 -2.87 -41.01
CA UNK O 260 -53.89 0.14 -43.20
CA UNK O 261 -57.32 1.79 -42.28
CA UNK O 262 -55.32 1.83 -39.16
CA UNK O 263 -57.49 -0.27 -36.94
CA UNK O 264 -60.21 -2.93 -37.27
CA UNK O 265 -62.37 -3.84 -40.29
CA UNK O 266 -64.22 -6.74 -42.13
CA UNK O 267 -61.92 -9.68 -43.58
CA UNK O 268 -64.83 -11.12 -45.58
CA UNK O 269 -64.57 -8.13 -47.92
CA UNK O 270 -60.79 -8.03 -48.11
CA UNK O 271 -60.76 -11.81 -48.71
CA UNK O 272 -58.22 -12.82 -46.06
CA UNK O 273 -58.70 -16.63 -46.02
CA UNK O 274 -57.92 -18.12 -42.67
CA UNK O 275 -58.01 -21.81 -42.48
CA UNK O 276 -59.59 -24.07 -40.13
CA UNK O 277 -57.32 -27.14 -40.37
CA UNK O 278 -54.25 -24.94 -39.94
CA UNK O 279 -55.86 -23.06 -37.00
CA UNK O 280 -56.95 -26.06 -34.97
CA UNK O 281 -53.57 -27.74 -35.40
CA UNK O 282 -51.69 -24.60 -34.52
CA UNK O 283 -53.64 -24.50 -31.23
CA UNK O 284 -53.31 -28.21 -30.61
CA UNK O 285 -49.52 -28.30 -31.37
CA UNK O 286 -48.96 -25.37 -29.05
CA UNK O 287 -50.82 -27.07 -26.22
CA UNK O 288 -49.20 -30.47 -26.60
CA UNK O 289 -45.70 -28.93 -26.68
CA UNK O 290 -46.36 -26.43 -23.85
CA UNK O 291 -47.52 -29.34 -21.67
CA UNK O 292 -44.48 -31.47 -22.46
CA UNK O 293 -42.20 -28.67 -21.35
CA UNK O 294 -44.24 -27.37 -18.34
CA UNK O 295 -44.31 -30.99 -17.48
CA UNK O 296 -40.60 -30.98 -16.83
CA UNK O 297 -38.30 -30.24 -13.84
CA UNK P 1 -20.61 -38.43 10.55
CA UNK P 2 -19.15 -37.12 7.32
CA UNK P 3 -19.88 -40.46 5.60
CA UNK P 4 -23.45 -40.61 6.87
CA UNK P 5 -24.56 -37.02 6.46
CA UNK P 6 -23.23 -37.27 2.91
CA UNK P 7 -25.08 -40.52 2.08
CA UNK P 8 -28.34 -39.07 3.36
CA UNK P 9 -27.75 -35.90 1.35
CA UNK P 10 -27.26 -38.01 -1.77
CA UNK P 11 -30.42 -40.04 -1.27
CA UNK P 12 -32.42 -36.86 -0.85
CA UNK P 13 -31.01 -35.39 -4.06
CA UNK P 14 -32.12 -38.27 -6.24
CA UNK P 15 -35.55 -38.30 -4.65
CA UNK P 16 -35.91 -34.65 -5.58
CA UNK P 17 -35.18 -35.59 -9.22
CA UNK P 18 -38.40 -37.60 -9.48
CA UNK P 19 -40.54 -35.92 -6.82
CA UNK P 20 -42.57 -34.43 -9.73
CA UNK P 21 -43.43 -37.52 -11.73
CA UNK P 22 -45.85 -37.42 -8.95
CA UNK P 23 -45.87 -40.70 -10.75
CA UNK P 24 -48.28 -40.00 -13.59
CA UNK P 25 -47.12 -36.35 -13.98
CA UNK P 26 -43.66 -36.06 -15.23
CA UNK P 27 -42.21 -32.83 -14.04
CA UNK P 28 -39.50 -34.02 -16.41
CA UNK P 29 -35.77 -33.70 -16.16
CA UNK P 30 -33.48 -32.87 -18.95
CA UNK P 31 -30.34 -34.88 -18.85
CA UNK P 32 -28.24 -34.01 -21.82
CA UNK P 33 -25.81 -36.33 -23.34
CA UNK P 34 -24.26 -35.25 -26.64
CA UNK P 35 -25.90 -35.34 -30.14
CA UNK P 36 -27.72 -38.55 -29.21
CA UNK P 37 -29.32 -36.33 -26.71
CA UNK P 38 -32.53 -35.10 -25.11
CA UNK P 39 -33.80 -36.50 -22.03
CA UNK P 40 -36.88 -35.30 -20.51
CA UNK P 41 -39.35 -37.35 -18.73
CA UNK P 42 -41.67 -39.07 -16.32
CA UNK P 43 -40.31 -42.79 -16.41
CA UNK P 44 -37.52 -44.50 -14.32
CA UNK P 45 -34.71 -47.17 -14.76
CA UNK P 46 -33.67 -46.03 -18.27
CA UNK P 47 -33.26 -42.42 -17.21
CA UNK P 48 -31.03 -43.34 -14.25
CA UNK P 49 -29.00 -45.98 -16.09
CA UNK P 50 -28.24 -43.33 -18.76
CA UNK P 51 -27.75 -40.34 -16.45
CA UNK P 52 -24.27 -39.04 -15.93
CA UNK P 53 -24.48 -39.33 -12.26
CA UNK P 54 -24.11 -35.65 -12.22
CA UNK P 55 -24.07 -36.07 -8.23
CA UNK P 56 -22.18 -39.40 -6.68
CA UNK P 57 -21.89 -43.03 -4.88
CA UNK P 58 -24.57 -43.66 -7.27
CA UNK P 59 -23.58 -47.13 -8.60
CA UNK P 60 -24.99 -48.45 -5.32
CA UNK P 61 -28.35 -46.54 -5.53
CA UNK P 62 -28.66 -47.68 -9.15
CA UNK P 63 -28.81 -51.23 -7.75
CA UNK P 64 -32.70 -50.86 -7.59
CA UNK P 65 -32.98 -49.71 -11.20
CA UNK P 66 -31.10 -52.92 -12.08
CA UNK P 67 -33.21 -55.42 -10.12
CA UNK P 68 -35.07 -56.71 -13.24
CA UNK P 69 -37.93 -58.49 -11.32
CA UNK P 70 -38.26 -54.96 -10.12
CA UNK P 71 -37.01 -53.20 -13.18
CA UNK P 72 -40.63 -52.60 -12.44
CA UNK P 73 -41.24 -48.80 -12.96
CA UNK P 74 -43.70 -47.08 -10.53
CA UNK P 75 -42.18 -49.67 -8.34
CA UNK P 76 -38.79 -48.11 -9.08
CA UNK P 77 -39.73 -44.55 -8.18
CA UNK P 78 -41.53 -45.81 -5.05
CA UNK P 79 -38.51 -47.80 -3.79
CA UNK P 80 -36.02 -44.96 -4.51
CA UNK P 81 -38.19 -42.22 -3.02
CA UNK P 82 -38.85 -44.35 0.07
CA UNK P 83 -35.12 -45.19 0.60
CA UNK P 84 -34.46 -41.48 0.46
CA UNK P 85 -37.11 -40.80 3.05
CA UNK P 86 -35.64 -43.56 4.99
CA UNK P 87 -32.09 -42.17 4.98
CA UNK P 88 -33.34 -38.62 5.50
CA UNK P 89 -35.57 -39.63 8.44
CA UNK P 90 -32.64 -41.59 9.86
CA UNK P 91 -30.39 -38.50 9.91
CA UNK P 92 -32.61 -37.08 12.60
CA UNK P 93 -32.23 -40.16 14.80
CA UNK P 94 -28.48 -40.24 14.29
CA UNK P 95 -28.45 -36.60 15.46
CA UNK P 96 -30.26 -37.48 18.58
CA UNK P 97 -28.42 -40.86 18.94
CA UNK P 98 -28.73 -44.70 17.74
CA UNK P 99 -26.37 -47.01 15.56
CA UNK P 100 -27.35 -48.08 12.06
CA UNK P 101 -28.24 -51.71 13.07
CA UNK P 102 -31.20 -50.81 15.23
CA UNK P 103 -32.62 -49.01 12.17
CA UNK P 104 -32.16 -52.28 10.26
CA UNK P 105 -33.90 -54.11 13.13
CA UNK P 106 -36.78 -51.66 13.09
CA UNK P 107 -37.26 -52.19 9.34
CA UNK P 108 -37.18 -55.98 9.86
CA UNK P 109 -39.86 -55.76 12.55
CA UNK P 110 -41.90 -53.42 10.36
CA UNK P 111 -41.68 -55.53 7.18
CA UNK P 112 -42.44 -58.79 9.01
CA UNK P 113 -45.56 -57.14 10.41
CA UNK P 114 -46.68 -55.68 6.96
CA UNK P 115 -46.29 -58.90 5.01
CA UNK P 116 -48.92 -60.30 7.33
CA UNK P 117 -51.33 -57.34 7.05
CA UNK P 118 -51.06 -57.46 3.25
CA UNK P 119 -52.40 -60.92 2.99
CA UNK P 120 -54.97 -59.82 5.48
CA UNK P 121 -56.31 -57.06 3.15
CA UNK P 122 -56.00 -59.29 -0.03
CA UNK P 123 -59.11 -59.57 -2.28
CA UNK P 124 -59.52 -62.88 -3.95
CA UNK P 125 -60.23 -64.74 -7.13
CA UNK P 126 -61.33 -63.09 -10.24
CA UNK P 127 -64.12 -62.13 -12.56
CA UNK P 128 -63.01 -61.49 -16.17
CA UNK P 129 -64.57 -58.07 -15.87
CA UNK P 130 -62.26 -57.15 -12.98
CA UNK P 131 -59.29 -58.51 -14.92
CA UNK P 132 -60.21 -56.07 -17.68
CA UNK P 133 -60.35 -53.28 -15.11
CA UNK P 134 -57.09 -54.29 -13.34
CA UNK P 135 -55.26 -53.85 -16.64
CA UNK P 136 -56.84 -50.60 -17.44
CA UNK P 137 -55.24 -49.52 -14.17
CA UNK P 138 -51.76 -51.18 -14.24
CA UNK P 139 -51.30 -49.47 -17.62
CA UNK P 140 -53.16 -46.14 -16.86
CA UNK P 141 -50.00 -44.19 -17.54
CA UNK P 142 -51.04 -41.41 -20.02
CA UNK P 143 -54.00 -39.26 -21.25
CA UNK P 144 -53.99 -40.55 -24.73
CA UNK P 145 -57.56 -40.96 -23.26
CA UNK P 146 -59.95 -43.84 -22.61
CA UNK P 147 -57.81 -46.19 -24.66
CA UNK P 148 -57.27 -48.80 -21.84
CA UNK P 149 -59.03 -52.22 -22.40
CA UNK P 150 -57.62 -51.79 -25.89
CA UNK P 151 -54.06 -51.44 -24.47
CA UNK P 152 -54.61 -54.27 -21.99
CA UNK P 153 -57.76 -55.61 -23.82
CA UNK P 154 -55.17 -57.03 -26.05
CA UNK P 155 -53.14 -58.33 -23.08
CA UNK P 156 -56.18 -60.14 -22.13
CA UNK P 157 -56.68 -61.42 -25.66
CA UNK P 158 -53.13 -62.71 -26.05
CA UNK P 159 -53.12 -64.29 -22.76
CA UNK P 160 -56.12 -65.41 -24.76
CA UNK P 161 -54.70 -67.20 -27.63
CA UNK P 162 -51.53 -68.65 -26.06
CA UNK P 163 -51.34 -70.07 -22.27
CA UNK P 164 -48.64 -72.27 -20.35
CA UNK P 165 -45.27 -72.65 -19.00
CA UNK P 166 -46.00 -70.08 -16.64
CA UNK P 167 -49.15 -68.40 -16.85
CA UNK P 168 -47.05 -66.39 -19.39
CA UNK P 169 -44.18 -66.44 -21.99
CA UNK P 170 -44.47 -62.84 -23.11
CA UNK P 171 -41.81 -62.21 -25.53
CA UNK P 172 -44.89 -63.78 -27.21
CA UNK P 173 -46.15 -60.30 -28.02
CA UNK P 174 -44.17 -58.98 -30.93
CA UNK P 175 -44.24 -55.18 -30.99
CA UNK P 176 -42.81 -53.42 -33.96
CA UNK P 177 -43.11 -50.16 -35.62
CA UNK P 178 -43.05 -48.02 -38.78
CA UNK P 179 -44.62 -44.44 -39.53
CA UNK P 180 -48.00 -42.32 -39.96
CA UNK P 181 -50.99 -40.74 -38.01
CA UNK P 182 -54.39 -42.35 -36.82
CA UNK P 183 -53.85 -45.10 -34.14
CA UNK P 184 -56.74 -47.48 -33.70
CA UNK P 185 -55.39 -50.96 -33.99
CA UNK P 186 -54.38 -53.67 -31.65
CA UNK P 187 -55.78 -57.06 -33.14
CA UNK P 188 -53.45 -60.17 -34.06
CA UNK P 189 -53.71 -63.71 -35.61
CA UNK P 190 -51.67 -63.35 -38.80
CA UNK P 191 -48.09 -63.38 -37.98
CA UNK P 192 -45.68 -60.96 -39.24
CA UNK P 193 -45.32 -57.89 -41.02
CA UNK P 194 -42.42 -56.20 -42.10
CA UNK P 195 -40.98 -53.61 -44.24
CA UNK P 196 -40.89 -55.52 -47.66
CA UNK P 197 -39.42 -57.16 -46.35
CA UNK P 198 -39.19 -60.02 -48.82
CA UNK P 199 -35.71 -59.93 -50.43
CA UNK P 200 -36.54 -60.67 -54.13
CA UNK P 201 -39.54 -58.48 -55.71
CA UNK P 202 -41.86 -60.11 -58.53
CA UNK P 203 -43.64 -62.16 -55.87
CA UNK P 204 -47.28 -62.72 -55.05
CA UNK P 205 -49.06 -60.18 -52.81
CA UNK P 206 -50.82 -63.03 -51.07
CA UNK P 207 -50.35 -66.75 -50.58
CA UNK P 208 -52.31 -69.61 -49.01
CA UNK P 209 -50.65 -72.32 -46.54
CA UNK P 210 -46.86 -72.09 -45.55
CA UNK P 211 -44.18 -74.63 -44.78
CA UNK P 212 -41.73 -72.32 -42.87
CA UNK P 213 -38.26 -71.76 -44.04
CA UNK P 214 -35.81 -71.26 -40.39
CA UNK P 215 -32.30 -70.89 -41.78
CA UNK P 216 -30.96 -67.55 -40.88
CA UNK P 217 -27.98 -67.10 -43.29
CA UNK P 218 -27.83 -65.04 -46.94
CA UNK P 219 -28.32 -67.32 -50.69
CA UNK P 220 -26.54 -69.13 -54.16
CA UNK P 221 -22.67 -69.73 -54.18
CA UNK P 222 -20.95 -70.33 -57.45
CA UNK P 223 -19.70 -67.21 -55.73
CA UNK P 224 -16.43 -68.41 -54.23
CA UNK P 225 -14.98 -66.93 -51.02
CA UNK P 226 -12.00 -64.87 -51.20
CA UNK P 227 -13.08 -64.44 -54.72
CA UNK P 228 -13.35 -66.81 -57.60
CA UNK P 229 -13.89 -66.40 -61.25
CA UNK P 230 -16.15 -68.10 -63.64
CA UNK P 231 -12.54 -67.66 -64.50
CA UNK P 232 -13.47 -69.77 -67.34
CA UNK P 233 -16.23 -68.12 -69.06
CA UNK P 234 -17.16 -68.97 -72.55
CA UNK P 235 -20.16 -70.70 -73.87
CA UNK P 236 -18.78 -74.29 -73.46
CA UNK P 237 -18.48 -77.32 -71.08
CA UNK P 238 -18.83 -74.08 -69.30
CA UNK P 239 -22.49 -74.18 -70.26
CA UNK P 240 -22.90 -77.54 -68.55
CA UNK P 241 -21.34 -76.12 -65.39
CA UNK P 242 -23.57 -73.12 -65.58
CA UNK P 243 -26.49 -75.59 -66.02
CA UNK P 244 -25.72 -77.90 -63.13
CA UNK P 245 -25.82 -75.37 -60.40
CA UNK P 246 -28.93 -74.45 -62.37
CA UNK P 247 -30.31 -77.98 -62.01
CA UNK P 248 -29.55 -77.79 -58.29
CA UNK P 249 -31.82 -74.71 -58.02
CA UNK P 250 -34.42 -76.40 -60.22
CA UNK P 251 -34.55 -79.39 -57.84
CA UNK P 252 -34.89 -77.23 -54.73
CA UNK P 253 -38.02 -75.75 -56.34
CA UNK P 254 -39.20 -79.19 -57.43
CA UNK P 255 -39.09 -80.44 -53.81
CA UNK P 256 -41.07 -77.40 -52.70
CA UNK P 257 -43.64 -77.91 -55.44
CA UNK P 258 -43.83 -81.64 -54.54
CA UNK P 259 -45.30 -80.41 -51.19
CA UNK P 260 -47.81 -78.99 -53.75
CA UNK P 261 -48.97 -75.39 -54.47
CA UNK P 262 -47.94 -71.78 -53.99
CA UNK P 263 -46.32 -70.30 -50.73
CA UNK P 264 -42.83 -70.36 -48.54
CA UNK P 265 -40.81 -69.11 -46.75
CA UNK P 266 -37.17 -70.03 -46.28
CA UNK P 267 -34.96 -69.33 -43.21
CA UNK P 268 -32.40 -67.50 -45.47
CA UNK P 269 -32.11 -67.19 -49.46
CA UNK P 270 -31.87 -68.93 -52.83
CA UNK P 271 -29.31 -69.56 -55.54
CA UNK P 272 -29.79 -66.59 -57.69
CA UNK P 273 -29.55 -69.71 -59.71
CA UNK P 274 -31.52 -71.49 -56.99
CA UNK P 275 -34.15 -68.72 -57.20
CA UNK P 276 -34.18 -69.40 -60.93
CA UNK P 277 -35.01 -73.06 -60.60
CA UNK P 278 -37.39 -72.57 -57.63
CA UNK P 279 -39.43 -70.14 -59.77
CA UNK P 280 -39.14 -72.51 -62.68
CA UNK P 281 -41.76 -74.04 -60.02
CA UNK P 282 -44.58 -71.36 -58.27
CA UNK P 283 -45.32 -69.95 -54.41
CA UNK P 284 -45.74 -66.87 -51.83
CA UNK P 285 -42.46 -65.93 -49.99
CA UNK P 286 -40.95 -63.55 -47.44
CA UNK P 287 -37.24 -63.41 -46.65
CA UNK P 288 -34.70 -62.15 -44.11
CA UNK P 289 -34.99 -62.97 -40.39
CA UNK P 290 -33.78 -59.57 -38.86
CA UNK P 291 -32.60 -61.18 -35.59
CA UNK P 292 -35.62 -60.22 -33.39
CA UNK P 293 -37.98 -60.86 -36.30
CA UNK P 294 -36.06 -63.97 -37.35
CA UNK P 295 -36.64 -65.31 -33.88
CA UNK P 296 -40.35 -64.34 -33.70
CA UNK P 297 -40.88 -65.89 -37.12
CA UNK P 298 -39.18 -69.11 -36.10
CA UNK P 299 -41.45 -69.08 -33.08
CA UNK P 300 -44.65 -68.45 -35.09
CA UNK P 301 -43.78 -70.69 -38.14
CA UNK P 302 -42.55 -74.29 -36.85
CA UNK P 303 -41.05 -77.43 -38.67
CA UNK P 304 -43.17 -76.39 -41.62
CA UNK P 305 -46.82 -76.00 -42.53
CA UNK P 306 -49.30 -73.20 -43.12
CA UNK P 307 -52.78 -72.44 -44.69
CA UNK P 308 -54.46 -68.80 -45.09
CA UNK P 309 -53.19 -65.48 -46.64
CA UNK P 310 -53.47 -62.20 -48.33
CA UNK P 311 -51.20 -59.40 -48.44
CA UNK P 312 -52.24 -56.01 -47.99
CA UNK P 313 -48.92 -55.01 -49.38
CA UNK P 314 -48.94 -52.67 -46.49
CA UNK P 315 -48.00 -49.04 -47.14
CA UNK P 316 -44.34 -49.19 -48.34
CA UNK P 317 -43.07 -52.53 -47.09
CA UNK P 318 -46.14 -54.62 -46.57
CA UNK P 319 -47.65 -56.64 -43.80
CA UNK P 320 -48.70 -60.25 -44.32
CA UNK P 321 -51.37 -62.41 -42.68
CA UNK P 322 -50.43 -66.08 -42.03
CA UNK P 323 -53.48 -68.26 -41.74
CA UNK P 324 -52.48 -71.46 -40.34
CA UNK P 325 -55.95 -71.66 -39.01
CA UNK P 326 -54.52 -69.48 -36.49
CA UNK P 327 -54.29 -71.31 -33.18
CA UNK P 328 -51.01 -70.19 -32.07
CA UNK P 329 -50.29 -70.16 -28.56
CA UNK P 330 -49.15 -67.55 -31.04
CA UNK P 331 -50.07 -64.00 -32.50
CA UNK P 332 -49.10 -60.37 -31.47
CA UNK P 333 -49.79 -56.67 -30.66
CA UNK P 334 -48.78 -54.64 -33.75
CA UNK P 335 -48.80 -51.00 -32.59
CA UNK P 336 -49.32 -48.08 -35.08
CA UNK P 337 -48.63 -44.35 -34.36
CA UNK P 338 -45.92 -42.15 -36.25
CA UNK P 339 -42.70 -40.09 -35.01
CA UNK P 340 -39.89 -42.87 -34.23
CA UNK P 341 -39.12 -41.78 -30.63
CA UNK P 342 -42.78 -41.37 -30.46
CA UNK P 343 -42.63 -45.14 -31.00
CA UNK P 344 -40.40 -45.38 -28.02
CA UNK P 345 -42.25 -43.96 -25.08
CA UNK P 346 -45.47 -45.48 -26.40
CA UNK P 347 -43.62 -48.77 -26.38
CA UNK P 348 -42.23 -47.88 -23.02
CA UNK P 349 -45.60 -47.55 -21.72
CA UNK P 350 -46.79 -50.78 -23.29
CA UNK P 351 -43.77 -52.61 -21.86
CA UNK P 352 -44.39 -51.45 -18.29
CA UNK P 353 -48.11 -52.14 -18.74
CA UNK P 354 -47.29 -55.64 -19.90
CA UNK P 355 -45.11 -56.16 -16.82
CA UNK P 356 -47.65 -54.94 -14.30
CA UNK P 357 -50.46 -56.89 -15.92
CA UNK P 358 -48.21 -59.98 -15.98
CA UNK P 359 -47.08 -59.67 -12.25
CA UNK P 360 -50.60 -59.53 -11.31
CA UNK P 361 -51.33 -61.92 -14.09
CA UNK P 362 -49.04 -64.52 -12.51
CA UNK P 363 -50.15 -64.18 -8.84
CA UNK P 364 -53.53 -65.75 -7.86
CA UNK P 365 -54.36 -63.25 -5.05
CA UNK P 366 -54.51 -59.53 -5.25
CA UNK P 367 -55.73 -56.89 -3.05
CA UNK P 368 -53.98 -53.72 -2.78
CA UNK P 369 -52.01 -50.51 -2.87
CA UNK P 370 -51.86 -46.96 -4.44
CA UNK P 371 -49.93 -45.59 -1.51
CA UNK P 372 -52.73 -47.60 0.05
CA UNK P 373 -50.30 -50.16 1.53
CA UNK P 374 -47.98 -47.53 2.96
CA UNK P 375 -50.91 -45.67 4.52
CA UNK P 376 -52.16 -48.81 6.25
CA UNK P 377 -48.63 -49.59 7.49
CA UNK P 378 -48.06 -46.05 8.68
CA UNK P 379 -51.28 -46.23 10.74
CA UNK P 380 -50.62 -49.62 12.30
CA UNK P 381 -46.91 -49.05 13.12
CA UNK P 382 -48.02 -45.81 14.69
CA UNK P 383 -49.65 -47.93 17.43
CA UNK P 384 -47.61 -51.07 16.87
CA UNK P 385 -44.68 -49.06 18.20
CA UNK P 386 -46.34 -49.01 21.64
CA UNK P 387 -46.31 -52.79 21.67
CA UNK P 388 -42.57 -52.70 21.49
CA UNK P 389 -39.91 -51.38 23.50
CA UNK P 390 -37.34 -48.91 23.97
CA UNK P 391 -35.47 -48.25 20.70
CA UNK P 392 -36.61 -49.94 17.46
CA UNK P 393 -39.94 -48.18 17.86
CA UNK P 394 -38.20 -44.89 17.06
CA UNK P 395 -36.69 -46.38 13.90
CA UNK P 396 -40.09 -47.76 12.85
CA UNK P 397 -41.76 -44.33 13.36
CA UNK P 398 -38.92 -43.67 10.91
CA UNK P 399 -39.44 -46.61 8.34
CA UNK P 400 -43.18 -46.00 8.76
CA UNK P 401 -42.61 -42.25 8.24
CA UNK P 402 -40.54 -42.95 5.12
CA UNK P 403 -43.48 -44.69 3.44
CA UNK P 404 -45.45 -41.45 3.57
CA UNK P 405 -42.84 -39.78 1.35
CA UNK P 406 -45.25 -41.15 -1.16
CA UNK P 407 -48.52 -40.15 0.25
CA UNK P 408 -46.24 -37.24 0.90
CA UNK P 409 -44.86 -36.16 -2.44
CA UNK P 410 -47.93 -36.33 -4.67
CA UNK P 411 -50.35 -35.09 -2.20
CA UNK P 412 -47.59 -33.05 -3.51
CA UNK P 413 -47.22 -34.55 -7.07
CA UNK P 414 -50.21 -32.67 -8.36
CA UNK P 415 -50.08 -29.67 -6.19
CA UNK P 416 -51.90 -29.10 -2.97
CA UNK P 417 -51.41 -30.07 0.67
CA UNK P 418 -48.82 -32.40 2.09
CA UNK P 419 -49.72 -31.13 5.50
CA UNK P 420 -53.45 -31.10 4.89
CA UNK P 421 -53.61 -34.45 3.12
CA UNK P 422 -52.04 -36.04 6.19
CA UNK P 423 -54.52 -34.33 8.51
CA UNK P 424 -57.44 -35.71 6.47
CA UNK P 425 -55.89 -39.14 5.98
CA UNK P 426 -55.41 -39.53 9.74
CA UNK P 427 -59.04 -38.70 10.52
CA UNK P 428 -60.50 -41.15 8.01
CA UNK P 429 -58.32 -44.07 9.05
CA UNK P 430 -59.16 -43.28 12.64
CA UNK P 431 -62.79 -43.70 11.65
CA UNK P 432 -62.42 -47.01 9.87
CA UNK P 433 -61.57 -48.09 6.38
CA UNK P 434 -59.04 -50.01 4.37
CA UNK P 435 -60.32 -49.04 0.76
CA UNK P 436 -60.47 -45.21 1.25
CA UNK P 437 -57.50 -43.37 -0.36
CA UNK P 438 -56.71 -39.97 -1.83
CA UNK P 439 -56.96 -39.53 -5.52
CA UNK P 440 -55.83 -37.15 -8.19
CA UNK P 441 -59.33 -36.73 -9.59
CA UNK P 442 -61.33 -36.00 -6.36
CA UNK P 443 -59.08 -33.14 -5.06
CA UNK P 444 -58.86 -34.96 -1.64
CA UNK P 445 -60.11 -38.64 -0.84
CA UNK P 446 -62.61 -41.48 -2.16
CA UNK P 447 -62.89 -45.54 -1.72
CA UNK P 448 -61.07 -48.86 -3.25
CA UNK P 449 -61.53 -50.15 -6.86
CA UNK P 450 -61.62 -48.17 -10.07
CA UNK P 451 -59.92 -51.35 -9.39
CA UNK P 452 -57.68 -48.57 -8.99
CA UNK P 453 -54.67 -50.11 -7.52
CA UNK P 454 -53.64 -53.56 -6.51
CA UNK P 455 -49.98 -53.85 -7.33
CA UNK P 456 -47.68 -56.75 -7.10
CA UNK P 457 -47.08 -57.65 -3.42
CA UNK P 458 -43.80 -59.60 -3.67
CA UNK P 459 -42.08 -56.70 -5.43
CA UNK P 460 -43.38 -54.53 -2.74
CA UNK P 461 -41.92 -56.09 0.36
CA UNK P 462 -38.45 -56.33 -1.24
CA UNK P 463 -38.62 -52.77 -2.49
CA UNK P 464 -39.31 -51.61 1.07
CA UNK P 465 -36.84 -53.89 2.89
CA UNK P 466 -34.57 -54.93 0.11
CA UNK P 467 -34.72 -51.28 -0.97
CA UNK P 468 -35.37 -50.12 2.56
CA UNK P 469 -32.86 -52.36 4.41
CA UNK P 470 -30.11 -53.15 1.98
CA UNK P 471 -30.24 -49.57 0.80
CA UNK P 472 -31.06 -48.42 4.31
CA UNK P 473 -28.60 -50.51 6.19
CA UNK P 474 -26.21 -51.01 3.43
CA UNK P 475 -25.76 -47.28 3.36
CA UNK P 476 -26.70 -46.54 6.98
CA UNK P 477 -23.98 -48.86 8.27
CA UNK P 478 -21.29 -47.61 5.70
CA UNK P 479 -18.13 -46.90 7.32
CA UNK P 480 -15.85 -44.80 5.28
CA UNK P 481 -15.09 -44.70 1.59
#